data_2B0F
#
_entry.id   2B0F
#
_cell.length_a   1.000
_cell.length_b   1.000
_cell.length_c   1.000
_cell.angle_alpha   90.00
_cell.angle_beta   90.00
_cell.angle_gamma   90.00
#
_symmetry.space_group_name_H-M   'P 1'
#
loop_
_entity.id
_entity.type
_entity.pdbx_description
1 polymer 'Protease 3C'
2 polymer Ace-LEALFQ-ethylpropionate
#
loop_
_entity_poly.entity_id
_entity_poly.type
_entity_poly.pdbx_seq_one_letter_code
_entity_poly.pdbx_strand_id
1 'polypeptide(L)'
;GPNTEFALSLLRKNIMTITTSKGEFTGLGIHDRVCVIPTHAQPGDDVLVNGQKIRVKDKYKLVDPENINLELTVLTLDRN
EKFRDIRGFISEDLEGVDATLVVHSNNFTNTILEVGPVTMAGLINLSSTPTNRMIRYDYATKTGQCGGVLCATGKIFGIH
VGGNGRQGFSAQLKKQYFVEKQ
;
A
2 'polypeptide(L)' (ACE)LEALF(YTF) B
#
loop_
_chem_comp.id
_chem_comp.type
_chem_comp.name
_chem_comp.formula
ACE non-polymer 'ACETYL GROUP' 'C2 H4 O'
#
# COMPACT_ATOMS: atom_id res chain seq x y z
N GLY A 1 12.05 16.66 -8.97
CA GLY A 1 12.17 16.05 -10.34
C GLY A 1 11.01 15.16 -10.71
N PRO A 2 11.13 14.40 -11.80
CA PRO A 2 10.07 13.51 -12.29
C PRO A 2 9.62 12.47 -11.27
N ASN A 3 10.53 12.02 -10.41
CA ASN A 3 10.19 11.02 -9.41
C ASN A 3 9.24 11.61 -8.37
N THR A 4 9.60 12.78 -7.87
CA THR A 4 8.79 13.46 -6.88
C THR A 4 7.50 13.98 -7.54
N GLU A 5 7.59 14.28 -8.84
CA GLU A 5 6.43 14.72 -9.62
C GLU A 5 5.38 13.61 -9.62
N PHE A 6 5.82 12.39 -9.95
CA PHE A 6 4.95 11.22 -9.95
C PHE A 6 4.32 11.00 -8.58
N ALA A 7 5.16 11.07 -7.54
CA ALA A 7 4.72 10.88 -6.17
C ALA A 7 3.61 11.85 -5.77
N LEU A 8 3.86 13.15 -5.97
CA LEU A 8 2.90 14.19 -5.60
C LEU A 8 1.67 14.14 -6.51
N SER A 9 1.84 13.58 -7.70
CA SER A 9 0.74 13.44 -8.66
C SER A 9 -0.17 12.29 -8.24
N LEU A 10 0.44 11.14 -8.00
CA LEU A 10 -0.27 9.95 -7.57
C LEU A 10 -1.06 10.23 -6.29
N LEU A 11 -0.39 10.90 -5.37
CA LEU A 11 -0.97 11.26 -4.08
C LEU A 11 -2.28 12.02 -4.23
N ARG A 12 -2.28 13.04 -5.07
CA ARG A 12 -3.45 13.88 -5.28
C ARG A 12 -4.50 13.24 -6.18
N LYS A 13 -4.08 12.38 -7.10
CA LYS A 13 -5.02 11.75 -8.03
C LYS A 13 -5.70 10.48 -7.50
N ASN A 14 -4.92 9.50 -7.03
CA ASN A 14 -5.51 8.23 -6.58
C ASN A 14 -5.35 7.95 -5.09
N ILE A 15 -4.76 8.85 -4.35
CA ILE A 15 -4.57 8.62 -2.94
C ILE A 15 -5.54 9.47 -2.14
N MET A 16 -6.19 8.85 -1.18
CA MET A 16 -7.16 9.53 -0.33
C MET A 16 -7.20 8.88 1.04
N THR A 17 -7.39 9.69 2.07
CA THR A 17 -7.40 9.18 3.43
C THR A 17 -8.63 8.34 3.73
N ILE A 18 -8.40 7.06 3.96
CA ILE A 18 -9.47 6.15 4.33
C ILE A 18 -9.39 5.91 5.82
N THR A 19 -10.34 6.46 6.54
CA THR A 19 -10.37 6.29 7.97
C THR A 19 -11.24 5.12 8.35
N THR A 20 -10.63 4.19 9.05
CA THR A 20 -11.31 3.00 9.46
C THR A 20 -11.00 2.69 10.92
N SER A 21 -11.27 1.47 11.35
CA SER A 21 -11.10 1.08 12.74
C SER A 21 -9.71 1.39 13.34
N LYS A 22 -8.62 1.11 12.62
CA LYS A 22 -7.28 1.38 13.16
C LYS A 22 -6.83 2.81 12.94
N GLY A 23 -7.71 3.61 12.32
CA GLY A 23 -7.39 5.01 12.08
C GLY A 23 -7.37 5.42 10.62
N GLU A 24 -6.54 6.39 10.31
CA GLU A 24 -6.41 6.91 8.96
C GLU A 24 -5.36 6.15 8.17
N PHE A 25 -5.73 5.71 6.99
CA PHE A 25 -4.79 5.00 6.15
C PHE A 25 -4.78 5.53 4.74
N THR A 26 -3.67 5.26 4.10
CA THR A 26 -3.47 5.65 2.73
C THR A 26 -4.30 4.79 1.81
N GLY A 27 -5.35 5.36 1.25
CA GLY A 27 -6.18 4.61 0.33
C GLY A 27 -5.62 4.68 -1.07
N LEU A 28 -5.04 3.59 -1.53
CA LEU A 28 -4.43 3.53 -2.85
C LEU A 28 -5.43 2.98 -3.86
N GLY A 29 -6.06 3.88 -4.60
CA GLY A 29 -7.02 3.45 -5.60
C GLY A 29 -6.31 2.87 -6.80
N ILE A 30 -6.63 1.63 -7.15
CA ILE A 30 -5.98 0.99 -8.28
C ILE A 30 -6.60 1.47 -9.58
N HIS A 31 -7.92 1.29 -9.66
CA HIS A 31 -8.69 1.72 -10.83
C HIS A 31 -10.19 1.65 -10.60
N ASP A 32 -10.89 2.50 -11.33
CA ASP A 32 -12.34 2.54 -11.30
C ASP A 32 -12.93 2.67 -9.90
N ARG A 33 -13.19 1.54 -9.24
CA ARG A 33 -13.81 1.57 -7.91
C ARG A 33 -13.08 0.68 -6.92
N VAL A 34 -11.91 0.19 -7.30
CA VAL A 34 -11.17 -0.68 -6.41
C VAL A 34 -9.92 -0.02 -5.88
N CYS A 35 -9.76 -0.12 -4.56
CA CYS A 35 -8.61 0.45 -3.88
C CYS A 35 -8.03 -0.58 -2.93
N VAL A 36 -6.76 -0.43 -2.58
CA VAL A 36 -6.15 -1.36 -1.66
C VAL A 36 -5.81 -0.65 -0.36
N ILE A 37 -6.05 -1.37 0.72
CA ILE A 37 -5.80 -0.88 2.06
C ILE A 37 -5.29 -2.04 2.91
N PRO A 38 -4.33 -1.80 3.82
CA PRO A 38 -3.80 -2.87 4.66
C PRO A 38 -4.89 -3.63 5.37
N THR A 39 -4.60 -4.87 5.69
CA THR A 39 -5.53 -5.73 6.39
C THR A 39 -5.55 -5.39 7.88
N HIS A 40 -4.37 -5.06 8.41
CA HIS A 40 -4.24 -4.69 9.82
C HIS A 40 -4.95 -3.37 10.08
N ALA A 41 -5.30 -2.66 9.03
CA ALA A 41 -6.02 -1.39 9.17
C ALA A 41 -7.42 -1.66 9.69
N GLN A 42 -7.84 -2.89 9.50
CA GLN A 42 -9.16 -3.37 9.90
C GLN A 42 -10.28 -2.61 9.21
N PRO A 43 -10.43 -2.81 7.89
CA PRO A 43 -11.51 -2.23 7.12
C PRO A 43 -12.78 -3.00 7.43
N GLY A 44 -13.85 -2.30 7.74
CA GLY A 44 -15.07 -3.00 8.11
C GLY A 44 -16.16 -2.96 7.05
N ASP A 45 -17.36 -2.67 7.51
CA ASP A 45 -18.53 -2.62 6.67
C ASP A 45 -18.70 -1.24 6.06
N ASP A 46 -18.17 -0.24 6.76
CA ASP A 46 -18.25 1.13 6.29
C ASP A 46 -16.99 1.88 6.67
N VAL A 47 -16.45 2.61 5.70
CA VAL A 47 -15.23 3.37 5.92
C VAL A 47 -15.42 4.83 5.57
N LEU A 48 -14.57 5.67 6.11
CA LEU A 48 -14.62 7.10 5.85
C LEU A 48 -13.56 7.49 4.85
N VAL A 49 -13.94 7.62 3.58
CA VAL A 49 -13.00 8.01 2.55
C VAL A 49 -13.02 9.54 2.40
N ASN A 50 -11.99 10.18 2.96
CA ASN A 50 -11.89 11.64 2.93
C ASN A 50 -13.02 12.25 3.77
N GLY A 51 -13.51 11.45 4.74
CA GLY A 51 -14.58 11.92 5.60
C GLY A 51 -15.93 11.41 5.12
N GLN A 52 -15.99 11.04 3.86
CA GLN A 52 -17.22 10.53 3.28
C GLN A 52 -17.45 9.09 3.69
N LYS A 53 -18.51 8.87 4.44
CA LYS A 53 -18.86 7.53 4.90
C LYS A 53 -19.43 6.72 3.76
N ILE A 54 -18.66 5.76 3.30
CA ILE A 54 -19.09 4.91 2.20
C ILE A 54 -19.11 3.47 2.66
N ARG A 55 -20.12 2.72 2.23
CA ARG A 55 -20.23 1.33 2.64
C ARG A 55 -19.40 0.46 1.71
N VAL A 56 -18.97 -0.68 2.22
CA VAL A 56 -18.18 -1.59 1.42
C VAL A 56 -19.04 -2.32 0.40
N LYS A 57 -18.47 -2.51 -0.79
CA LYS A 57 -19.16 -3.23 -1.86
C LYS A 57 -18.65 -4.65 -1.88
N ASP A 58 -17.33 -4.76 -1.74
CA ASP A 58 -16.66 -6.05 -1.69
C ASP A 58 -15.30 -5.90 -1.03
N LYS A 59 -15.13 -6.59 0.08
CA LYS A 59 -13.88 -6.57 0.82
C LYS A 59 -13.22 -7.94 0.71
N TYR A 60 -12.17 -8.00 -0.08
CA TYR A 60 -11.46 -9.24 -0.34
C TYR A 60 -10.04 -9.17 0.20
N LYS A 61 -9.77 -9.93 1.25
CA LYS A 61 -8.44 -9.94 1.82
C LYS A 61 -7.55 -10.75 0.91
N LEU A 62 -6.71 -10.05 0.18
CA LEU A 62 -5.84 -10.70 -0.79
C LEU A 62 -4.68 -11.40 -0.12
N VAL A 63 -4.70 -12.72 -0.26
CA VAL A 63 -3.66 -13.56 0.26
C VAL A 63 -2.80 -14.02 -0.91
N ASP A 64 -1.59 -14.45 -0.62
CA ASP A 64 -0.67 -14.89 -1.66
C ASP A 64 -1.03 -16.27 -2.21
N PRO A 65 -0.72 -16.53 -3.51
CA PRO A 65 -1.00 -17.81 -4.15
C PRO A 65 -0.52 -19.03 -3.34
N GLU A 66 0.47 -18.82 -2.47
CA GLU A 66 0.99 -19.91 -1.63
C GLU A 66 0.15 -20.03 -0.34
N ASN A 67 -1.09 -19.57 -0.45
CA ASN A 67 -2.06 -19.53 0.66
C ASN A 67 -1.43 -19.10 1.98
N ILE A 68 -0.92 -17.86 1.91
CA ILE A 68 -0.30 -17.14 3.02
C ILE A 68 -0.78 -15.69 2.96
N ASN A 69 -0.78 -14.98 4.07
CA ASN A 69 -1.22 -13.59 4.06
C ASN A 69 -0.41 -12.74 3.08
N LEU A 70 -1.09 -11.96 2.24
CA LEU A 70 -0.39 -11.04 1.34
C LEU A 70 -0.57 -9.65 1.96
N GLU A 71 -1.64 -9.56 2.76
CA GLU A 71 -1.93 -8.38 3.57
C GLU A 71 -2.61 -7.24 2.81
N LEU A 72 -3.02 -7.48 1.56
CA LEU A 72 -3.70 -6.43 0.80
C LEU A 72 -5.19 -6.65 0.83
N THR A 73 -5.90 -5.80 1.53
CA THR A 73 -7.33 -5.89 1.57
C THR A 73 -7.88 -5.14 0.37
N VAL A 74 -8.37 -5.91 -0.59
CA VAL A 74 -8.95 -5.33 -1.78
C VAL A 74 -10.28 -4.75 -1.40
N LEU A 75 -10.30 -3.44 -1.26
CA LEU A 75 -11.49 -2.75 -0.85
C LEU A 75 -12.21 -2.15 -2.04
N THR A 76 -13.24 -2.86 -2.44
CA THR A 76 -14.05 -2.44 -3.56
C THR A 76 -15.29 -1.72 -3.04
N LEU A 77 -15.45 -0.47 -3.47
CA LEU A 77 -16.60 0.32 -3.07
C LEU A 77 -17.36 0.72 -4.32
N ASP A 78 -18.63 1.06 -4.18
CA ASP A 78 -19.35 1.56 -5.33
C ASP A 78 -18.95 3.01 -5.42
N ARG A 79 -17.78 3.21 -6.02
CA ARG A 79 -17.16 4.53 -6.12
C ARG A 79 -17.74 5.39 -7.23
N ASN A 80 -18.33 6.52 -6.83
CA ASN A 80 -18.90 7.46 -7.78
C ASN A 80 -17.77 8.14 -8.53
N GLU A 81 -16.84 8.71 -7.78
CA GLU A 81 -15.68 9.36 -8.37
C GLU A 81 -14.63 8.28 -8.62
N LYS A 82 -14.70 7.70 -9.82
CA LYS A 82 -13.82 6.60 -10.21
C LYS A 82 -12.35 6.97 -10.20
N PHE A 83 -11.53 6.01 -9.79
CA PHE A 83 -10.08 6.20 -9.73
C PHE A 83 -9.45 5.98 -11.10
N ARG A 84 -8.37 6.71 -11.34
CA ARG A 84 -7.62 6.57 -12.58
C ARG A 84 -6.91 5.21 -12.59
N ASP A 85 -6.80 4.57 -13.75
CA ASP A 85 -6.16 3.26 -13.84
C ASP A 85 -4.64 3.34 -13.69
N ILE A 86 -4.14 3.38 -12.46
CA ILE A 86 -2.70 3.45 -12.26
C ILE A 86 -2.12 2.05 -12.23
N ARG A 87 -2.94 1.07 -12.63
CA ARG A 87 -2.52 -0.32 -12.63
C ARG A 87 -1.38 -0.58 -13.62
N GLY A 88 -1.23 0.31 -14.61
CA GLY A 88 -0.15 0.14 -15.56
C GLY A 88 1.21 0.40 -14.93
N PHE A 89 1.21 1.21 -13.88
CA PHE A 89 2.44 1.54 -13.16
C PHE A 89 2.75 0.46 -12.12
N ILE A 90 1.73 -0.29 -11.72
CA ILE A 90 1.94 -1.38 -10.78
C ILE A 90 2.78 -2.41 -11.50
N SER A 91 3.93 -2.72 -10.95
CA SER A 91 4.86 -3.60 -11.62
C SER A 91 5.07 -4.96 -10.94
N GLU A 92 5.34 -5.96 -11.76
CA GLU A 92 5.63 -7.29 -11.26
C GLU A 92 7.15 -7.37 -11.19
N ASP A 93 7.77 -6.70 -12.14
CA ASP A 93 9.22 -6.54 -12.19
C ASP A 93 9.47 -5.09 -11.77
N LEU A 94 9.94 -4.90 -10.55
CA LEU A 94 10.14 -3.56 -10.02
C LEU A 94 11.27 -2.78 -10.72
N GLU A 95 12.48 -3.34 -10.72
CA GLU A 95 13.64 -2.68 -11.35
C GLU A 95 13.86 -1.30 -10.79
N GLY A 96 13.20 -0.99 -9.67
CA GLY A 96 13.33 0.32 -9.06
C GLY A 96 13.96 0.27 -7.68
N VAL A 97 15.24 -0.09 -7.66
CA VAL A 97 15.99 -0.19 -6.42
C VAL A 97 16.04 1.16 -5.71
N ASP A 98 15.48 2.16 -6.37
CA ASP A 98 15.38 3.52 -5.81
C ASP A 98 13.91 3.84 -5.69
N ALA A 99 13.41 3.96 -4.47
CA ALA A 99 12.00 4.20 -4.28
C ALA A 99 11.72 5.33 -3.33
N THR A 100 10.51 5.83 -3.43
CA THR A 100 10.05 6.90 -2.58
C THR A 100 8.76 6.49 -1.91
N LEU A 101 8.67 6.79 -0.63
CA LEU A 101 7.50 6.44 0.15
C LEU A 101 6.60 7.64 0.36
N VAL A 102 5.37 7.53 -0.13
CA VAL A 102 4.42 8.60 0.03
C VAL A 102 3.43 8.20 1.11
N VAL A 103 3.66 8.71 2.32
CA VAL A 103 2.80 8.40 3.44
C VAL A 103 1.61 9.34 3.50
N HIS A 104 0.45 8.76 3.62
CA HIS A 104 -0.79 9.50 3.68
C HIS A 104 -1.67 8.85 4.73
N SER A 105 -1.01 8.36 5.79
CA SER A 105 -1.68 7.65 6.89
C SER A 105 -1.75 8.42 8.22
N ASN A 106 -2.16 7.69 9.24
CA ASN A 106 -2.39 8.18 10.61
C ASN A 106 -1.31 9.12 11.18
N ASN A 107 -0.03 8.73 11.13
CA ASN A 107 1.03 9.56 11.72
C ASN A 107 1.54 10.61 10.75
N PHE A 108 1.50 10.31 9.46
CA PHE A 108 1.95 11.26 8.46
C PHE A 108 1.05 11.28 7.24
N THR A 109 0.19 12.28 7.16
CA THR A 109 -0.68 12.44 6.02
C THR A 109 -0.03 13.45 5.06
N ASN A 110 0.25 13.00 3.85
CA ASN A 110 0.93 13.81 2.85
C ASN A 110 2.36 14.05 3.26
N THR A 111 3.14 12.98 3.19
CA THR A 111 4.54 13.04 3.56
C THR A 111 5.40 12.19 2.63
N ILE A 112 6.15 12.87 1.78
CA ILE A 112 7.02 12.21 0.83
C ILE A 112 8.36 11.90 1.47
N LEU A 113 8.58 10.62 1.72
CA LEU A 113 9.83 10.17 2.34
C LEU A 113 10.60 9.27 1.38
N GLU A 114 11.69 9.76 0.81
CA GLU A 114 12.48 8.93 -0.08
C GLU A 114 13.21 7.89 0.77
N VAL A 115 13.04 6.61 0.46
CA VAL A 115 13.66 5.55 1.24
C VAL A 115 15.04 5.19 0.73
N GLY A 116 15.30 5.43 -0.55
CA GLY A 116 16.59 5.11 -1.10
C GLY A 116 16.65 3.70 -1.66
N PRO A 117 17.54 2.85 -1.12
CA PRO A 117 17.69 1.48 -1.60
C PRO A 117 16.56 0.56 -1.14
N VAL A 118 15.89 -0.04 -2.11
CA VAL A 118 14.81 -0.96 -1.82
C VAL A 118 15.11 -2.34 -2.40
N THR A 119 14.91 -3.35 -1.57
CA THR A 119 15.16 -4.75 -1.92
C THR A 119 13.98 -5.59 -1.44
N MET A 120 14.10 -6.91 -1.48
CA MET A 120 13.01 -7.75 -0.98
C MET A 120 13.56 -8.79 -0.01
N ALA A 121 12.73 -9.19 0.95
CA ALA A 121 13.12 -10.14 1.96
C ALA A 121 12.50 -11.50 1.70
N GLY A 122 11.65 -11.57 0.68
CA GLY A 122 11.00 -12.82 0.35
C GLY A 122 9.81 -13.12 1.24
N LEU A 123 9.99 -14.10 2.12
CA LEU A 123 8.96 -14.52 3.05
C LEU A 123 9.42 -14.32 4.50
N ILE A 124 8.61 -13.65 5.31
CA ILE A 124 8.94 -13.44 6.71
C ILE A 124 7.68 -13.33 7.53
N ASN A 125 7.84 -13.09 8.82
CA ASN A 125 6.69 -12.92 9.69
C ASN A 125 6.43 -11.44 9.84
N LEU A 126 5.18 -11.08 9.76
CA LEU A 126 4.75 -9.70 9.88
C LEU A 126 3.79 -9.61 11.06
N SER A 127 4.26 -9.06 12.17
CA SER A 127 3.44 -8.99 13.37
C SER A 127 3.07 -10.40 13.81
N SER A 128 4.06 -11.31 13.75
CA SER A 128 3.91 -12.72 14.12
C SER A 128 2.98 -13.45 13.16
N THR A 129 2.62 -12.78 12.08
CA THR A 129 1.76 -13.36 11.05
C THR A 129 2.55 -13.57 9.75
N PRO A 130 2.78 -14.83 9.35
CA PRO A 130 3.53 -15.10 8.13
C PRO A 130 2.92 -14.39 6.94
N THR A 131 3.73 -13.59 6.28
CA THR A 131 3.26 -12.85 5.13
C THR A 131 4.22 -13.04 3.95
N ASN A 132 3.67 -13.15 2.74
CA ASN A 132 4.48 -13.42 1.55
C ASN A 132 4.80 -12.18 0.71
N ARG A 133 5.94 -12.25 0.03
CA ARG A 133 6.43 -11.18 -0.86
C ARG A 133 6.60 -9.87 -0.12
N MET A 134 7.50 -9.89 0.87
CA MET A 134 7.80 -8.71 1.68
C MET A 134 8.98 -7.95 1.10
N ILE A 135 8.81 -6.63 1.04
CA ILE A 135 9.83 -5.72 0.52
C ILE A 135 10.66 -5.17 1.67
N ARG A 136 11.97 -5.04 1.46
CA ARG A 136 12.85 -4.51 2.50
C ARG A 136 13.65 -3.32 2.01
N TYR A 137 13.57 -2.21 2.72
CA TYR A 137 14.35 -1.05 2.36
C TYR A 137 15.13 -0.57 3.56
N ASP A 138 16.42 -0.35 3.37
CA ASP A 138 17.27 0.12 4.45
C ASP A 138 17.01 1.59 4.68
N TYR A 139 16.01 1.84 5.52
CA TYR A 139 15.59 3.19 5.85
C TYR A 139 14.76 3.12 7.12
N ALA A 140 15.25 3.71 8.18
CA ALA A 140 14.56 3.67 9.46
C ALA A 140 13.17 4.25 9.37
N THR A 141 12.20 3.39 9.61
CA THR A 141 10.80 3.79 9.59
C THR A 141 10.09 3.25 10.83
N LYS A 142 8.95 3.85 11.16
CA LYS A 142 8.19 3.43 12.34
C LYS A 142 6.71 3.35 12.06
N THR A 143 6.02 2.93 13.09
CA THR A 143 4.58 2.89 13.10
C THR A 143 4.04 4.20 12.54
N GLY A 144 2.82 4.19 12.02
CA GLY A 144 2.23 5.42 11.48
C GLY A 144 2.53 5.62 10.00
N GLN A 145 3.63 5.03 9.52
CA GLN A 145 3.96 5.16 8.11
C GLN A 145 3.36 4.00 7.33
N CYS A 146 2.75 3.02 8.02
CA CYS A 146 2.19 1.88 7.29
C CYS A 146 0.93 2.27 6.55
N GLY A 147 0.87 1.84 5.29
CA GLY A 147 -0.22 2.19 4.39
C GLY A 147 0.31 3.08 3.27
N GLY A 148 1.46 3.71 3.55
CA GLY A 148 2.08 4.61 2.59
C GLY A 148 2.43 3.92 1.28
N VAL A 149 2.40 4.68 0.21
CA VAL A 149 2.69 4.15 -1.12
C VAL A 149 4.17 4.20 -1.45
N LEU A 150 4.72 3.03 -1.73
CA LEU A 150 6.11 2.91 -2.12
C LEU A 150 6.14 2.94 -3.63
N CYS A 151 6.63 4.03 -4.19
CA CYS A 151 6.62 4.17 -5.63
C CYS A 151 7.77 5.02 -6.15
N ALA A 152 7.87 5.01 -7.46
CA ALA A 152 8.86 5.78 -8.20
C ALA A 152 8.23 6.19 -9.52
N THR A 153 8.84 7.10 -10.26
CA THR A 153 8.23 7.52 -11.49
C THR A 153 8.17 6.39 -12.51
N GLY A 154 6.97 5.80 -12.63
CA GLY A 154 6.75 4.70 -13.57
C GLY A 154 6.59 3.36 -12.89
N LYS A 155 6.94 3.28 -11.61
CA LYS A 155 6.84 2.02 -10.89
C LYS A 155 6.19 2.16 -9.53
N ILE A 156 5.11 1.42 -9.34
CA ILE A 156 4.47 1.33 -8.06
C ILE A 156 4.92 0.00 -7.48
N PHE A 157 5.63 0.03 -6.37
CA PHE A 157 6.17 -1.19 -5.80
C PHE A 157 5.20 -1.85 -4.85
N GLY A 158 4.44 -1.02 -4.17
CA GLY A 158 3.46 -1.52 -3.23
C GLY A 158 3.20 -0.52 -2.13
N ILE A 159 2.86 -1.03 -0.96
CA ILE A 159 2.59 -0.14 0.15
C ILE A 159 3.35 -0.55 1.40
N HIS A 160 3.75 0.46 2.14
CA HIS A 160 4.44 0.25 3.39
C HIS A 160 3.51 -0.53 4.30
N VAL A 161 3.96 -1.66 4.78
CA VAL A 161 3.12 -2.47 5.63
C VAL A 161 3.62 -2.50 7.07
N GLY A 162 4.93 -2.36 7.21
CA GLY A 162 5.51 -2.34 8.53
C GLY A 162 7.00 -2.10 8.48
N GLY A 163 7.69 -2.69 9.43
CA GLY A 163 9.11 -2.54 9.49
C GLY A 163 9.72 -3.39 10.56
N ASN A 164 11.01 -3.63 10.44
CA ASN A 164 11.71 -4.43 11.41
C ASN A 164 13.05 -3.76 11.72
N GLY A 165 13.13 -3.13 12.87
CA GLY A 165 14.35 -2.44 13.25
C GLY A 165 14.55 -1.16 12.46
N ARG A 166 15.61 -1.13 11.66
CA ARG A 166 15.92 0.04 10.85
C ARG A 166 15.55 -0.22 9.39
N GLN A 167 15.05 -1.42 9.13
CA GLN A 167 14.65 -1.79 7.79
C GLN A 167 13.13 -1.70 7.69
N GLY A 168 12.64 -0.95 6.73
CA GLY A 168 11.21 -0.83 6.56
C GLY A 168 10.70 -1.95 5.70
N PHE A 169 9.48 -2.38 5.92
CA PHE A 169 8.95 -3.47 5.14
C PHE A 169 7.64 -3.11 4.48
N SER A 170 7.57 -3.37 3.17
CA SER A 170 6.39 -3.09 2.38
C SER A 170 5.89 -4.36 1.73
N ALA A 171 4.67 -4.32 1.23
CA ALA A 171 4.10 -5.44 0.54
C ALA A 171 4.35 -5.25 -0.95
N GLN A 172 4.83 -6.28 -1.62
CA GLN A 172 5.12 -6.16 -3.04
C GLN A 172 3.87 -6.35 -3.87
N LEU A 173 3.36 -5.24 -4.42
CA LEU A 173 2.18 -5.29 -5.24
C LEU A 173 2.57 -5.61 -6.67
N LYS A 174 2.68 -6.91 -6.95
CA LYS A 174 3.06 -7.38 -8.28
C LYS A 174 1.89 -7.22 -9.27
N LYS A 175 2.17 -6.61 -10.41
CA LYS A 175 1.17 -6.37 -11.44
C LYS A 175 0.29 -7.61 -11.65
N GLN A 176 0.91 -8.77 -11.59
CA GLN A 176 0.23 -10.04 -11.80
C GLN A 176 -1.05 -10.21 -10.97
N TYR A 177 -1.02 -9.80 -9.72
CA TYR A 177 -2.16 -9.95 -8.83
C TYR A 177 -3.32 -9.01 -9.16
N PHE A 178 -3.03 -7.89 -9.82
CA PHE A 178 -4.06 -6.92 -10.11
C PHE A 178 -4.51 -6.91 -11.58
N VAL A 179 -3.58 -7.16 -12.49
CA VAL A 179 -3.90 -7.15 -13.92
C VAL A 179 -4.93 -8.23 -14.26
N GLU A 180 -4.93 -9.32 -13.50
CA GLU A 180 -5.85 -10.43 -13.71
C GLU A 180 -7.25 -10.15 -13.20
N LYS A 181 -7.38 -9.25 -12.24
CA LYS A 181 -8.67 -8.97 -11.65
C LYS A 181 -9.50 -7.97 -12.44
N GLN A 182 -10.78 -8.28 -12.49
CA GLN A 182 -11.76 -7.50 -13.22
C GLN A 182 -13.17 -7.75 -12.67
C ACE B 1 13.61 -13.19 9.76
O ACE B 1 14.30 -13.00 10.75
CH3 ACE B 1 13.77 -14.45 8.94
H1 ACE B 1 13.69 -15.30 9.60
H2 ACE B 1 14.74 -14.46 8.45
H3 ACE B 1 12.99 -14.49 8.19
N LEU B 2 12.53 -12.49 9.49
CA LEU B 2 12.24 -11.27 10.23
C LEU B 2 10.83 -11.29 10.75
N GLU B 3 10.63 -10.69 11.88
CA GLU B 3 9.30 -10.51 12.36
C GLU B 3 9.10 -9.02 12.38
N ALA B 4 8.80 -8.49 11.21
CA ALA B 4 8.59 -7.08 11.10
C ALA B 4 7.18 -6.81 11.56
N LEU B 5 6.96 -5.65 12.12
CA LEU B 5 5.65 -5.34 12.64
C LEU B 5 4.86 -4.40 11.76
N PHE B 6 3.54 -4.51 11.86
CA PHE B 6 2.68 -3.60 11.12
C PHE B 6 3.00 -2.20 11.62
N YTF B 7 2.95 -1.19 10.76
CA YTF B 7 3.26 0.15 11.22
CB YTF B 7 4.61 0.61 10.67
CG YTF B 7 5.79 -0.11 11.33
CD YTF B 7 7.14 0.29 10.78
OE1 YTF B 7 7.24 0.80 9.67
NE2 YTF B 7 8.21 0.06 11.55
C YTF B 7 2.11 1.17 10.99
CX6 YTF B 7 1.33 1.25 12.30
CX7 YTF B 7 0.37 2.43 12.38
OX8 YTF B 7 0.27 3.20 11.43
OX9 YTF B 7 -0.29 2.55 13.44
CJ1 YTF B 7 -1.29 3.69 13.70
CJ2 YTF B 7 -2.04 3.77 15.02
H YTF B 7 2.74 -1.34 9.82
HA YTF B 7 3.36 0.07 12.30
HB2 YTF B 7 4.64 0.41 9.62
HB3 YTF B 7 4.72 1.67 10.84
HG2 YTF B 7 5.78 0.12 12.40
HG3 YTF B 7 5.67 -1.18 11.21
HE22 YTF B 7 9.10 0.30 11.21
HE21 YTF B 7 8.06 -0.35 12.44
H1 YTF B 7 2.56 2.11 10.79
H31 YTF B 7 2.03 1.35 13.12
H3 YTF B 7 0.75 0.33 12.42
H4 YTF B 7 -2.04 3.65 12.93
H5 YTF B 7 -0.77 4.62 13.60
H7 YTF B 7 -3.09 3.72 14.84
H8 YTF B 7 -1.80 4.72 15.50
H6 YTF B 7 -1.74 2.96 15.67
N GLY A 1 12.36 16.00 -8.14
CA GLY A 1 12.37 15.76 -9.61
C GLY A 1 11.15 14.97 -10.08
N PRO A 2 11.31 14.16 -11.12
CA PRO A 2 10.21 13.35 -11.67
C PRO A 2 9.46 12.54 -10.61
N ASN A 3 10.16 11.71 -9.84
CA ASN A 3 9.51 10.88 -8.82
C ASN A 3 8.63 11.72 -7.92
N THR A 4 9.19 12.82 -7.46
CA THR A 4 8.53 13.74 -6.56
C THR A 4 7.21 14.27 -7.12
N GLU A 5 7.26 14.80 -8.32
CA GLU A 5 6.10 15.37 -8.97
C GLU A 5 5.13 14.29 -9.45
N PHE A 6 5.65 13.12 -9.80
CA PHE A 6 4.80 12.02 -10.21
C PHE A 6 3.91 11.62 -9.04
N ALA A 7 4.55 11.41 -7.89
CA ALA A 7 3.86 11.04 -6.65
C ALA A 7 2.93 12.16 -6.18
N LEU A 8 3.40 13.40 -6.29
CA LEU A 8 2.63 14.58 -5.89
C LEU A 8 1.26 14.61 -6.56
N SER A 9 1.22 14.36 -7.86
CA SER A 9 -0.04 14.36 -8.62
C SER A 9 -0.78 13.04 -8.42
N LEU A 10 -0.04 11.95 -8.25
CA LEU A 10 -0.65 10.64 -8.04
C LEU A 10 -1.49 10.62 -6.76
N LEU A 11 -0.96 11.21 -5.69
CA LEU A 11 -1.67 11.23 -4.42
C LEU A 11 -2.93 12.08 -4.50
N ARG A 12 -2.92 13.07 -5.40
CA ARG A 12 -4.08 13.94 -5.59
C ARG A 12 -5.21 13.22 -6.32
N LYS A 13 -4.84 12.24 -7.14
CA LYS A 13 -5.82 11.51 -7.93
C LYS A 13 -6.26 10.18 -7.33
N ASN A 14 -5.33 9.31 -6.94
CA ASN A 14 -5.71 7.98 -6.45
C ASN A 14 -5.40 7.71 -5.00
N ILE A 15 -5.07 8.72 -4.21
CA ILE A 15 -4.78 8.48 -2.80
C ILE A 15 -5.71 9.29 -1.91
N MET A 16 -6.50 8.59 -1.11
CA MET A 16 -7.41 9.24 -0.19
C MET A 16 -7.25 8.67 1.20
N THR A 17 -7.44 9.54 2.16
CA THR A 17 -7.29 9.20 3.56
C THR A 17 -8.41 8.32 4.07
N ILE A 18 -8.16 7.02 4.15
CA ILE A 18 -9.17 6.12 4.67
C ILE A 18 -9.01 6.00 6.17
N THR A 19 -9.83 6.76 6.87
CA THR A 19 -9.83 6.74 8.31
C THR A 19 -10.52 5.47 8.72
N THR A 20 -9.70 4.48 9.04
CA THR A 20 -10.18 3.15 9.39
C THR A 20 -10.24 2.94 10.89
N SER A 21 -10.69 1.75 11.28
CA SER A 21 -10.82 1.40 12.68
C SER A 21 -9.49 1.43 13.42
N LYS A 22 -8.40 1.22 12.69
CA LYS A 22 -7.08 1.19 13.30
C LYS A 22 -6.39 2.55 13.26
N GLY A 23 -6.56 3.27 12.15
CA GLY A 23 -5.95 4.58 12.03
C GLY A 23 -6.19 5.23 10.67
N GLU A 24 -5.29 6.11 10.28
CA GLU A 24 -5.40 6.77 9.00
C GLU A 24 -4.60 5.99 7.97
N PHE A 25 -5.27 5.46 6.96
CA PHE A 25 -4.57 4.67 5.97
C PHE A 25 -4.63 5.28 4.59
N THR A 26 -3.59 4.99 3.85
CA THR A 26 -3.46 5.45 2.50
C THR A 26 -4.30 4.60 1.57
N GLY A 27 -5.47 5.11 1.21
CA GLY A 27 -6.34 4.38 0.32
C GLY A 27 -5.91 4.59 -1.12
N LEU A 28 -5.22 3.61 -1.66
CA LEU A 28 -4.72 3.72 -3.02
C LEU A 28 -5.65 3.04 -4.01
N GLY A 29 -6.29 3.85 -4.84
CA GLY A 29 -7.17 3.29 -5.84
C GLY A 29 -6.35 2.77 -7.00
N ILE A 30 -6.63 1.55 -7.44
CA ILE A 30 -5.87 0.97 -8.53
C ILE A 30 -6.61 1.11 -9.85
N HIS A 31 -7.83 0.59 -9.90
CA HIS A 31 -8.65 0.68 -11.10
C HIS A 31 -10.14 0.84 -10.77
N ASP A 32 -10.76 1.84 -11.41
CA ASP A 32 -12.17 2.18 -11.21
C ASP A 32 -12.52 2.43 -9.75
N ARG A 33 -12.93 1.38 -9.06
CA ARG A 33 -13.34 1.51 -7.66
C ARG A 33 -12.63 0.51 -6.77
N VAL A 34 -11.66 -0.19 -7.35
CA VAL A 34 -10.87 -1.17 -6.65
C VAL A 34 -9.67 -0.49 -5.99
N CYS A 35 -9.70 -0.45 -4.67
CA CYS A 35 -8.64 0.19 -3.91
C CYS A 35 -7.96 -0.80 -2.98
N VAL A 36 -6.74 -0.49 -2.56
CA VAL A 36 -6.03 -1.36 -1.66
C VAL A 36 -5.81 -0.70 -0.31
N ILE A 37 -5.88 -1.53 0.72
CA ILE A 37 -5.70 -1.09 2.10
C ILE A 37 -5.16 -2.26 2.92
N PRO A 38 -4.23 -2.03 3.85
CA PRO A 38 -3.70 -3.12 4.67
C PRO A 38 -4.81 -3.87 5.38
N THR A 39 -4.60 -5.15 5.59
CA THR A 39 -5.59 -5.99 6.26
C THR A 39 -5.73 -5.62 7.74
N HIS A 40 -4.61 -5.34 8.39
CA HIS A 40 -4.60 -4.99 9.80
C HIS A 40 -5.25 -3.63 10.07
N ALA A 41 -5.80 -2.99 9.02
CA ALA A 41 -6.47 -1.71 9.17
C ALA A 41 -7.86 -1.96 9.78
N GLN A 42 -8.35 -3.17 9.55
CA GLN A 42 -9.66 -3.60 10.03
C GLN A 42 -10.78 -2.71 9.53
N PRO A 43 -11.08 -2.78 8.22
CA PRO A 43 -12.15 -2.01 7.60
C PRO A 43 -13.51 -2.60 7.89
N GLY A 44 -14.44 -1.75 8.33
CA GLY A 44 -15.78 -2.23 8.63
C GLY A 44 -16.65 -2.29 7.39
N ASP A 45 -17.96 -2.33 7.55
CA ASP A 45 -18.85 -2.37 6.40
C ASP A 45 -18.97 -0.97 5.80
N ASP A 46 -18.67 0.03 6.61
CA ASP A 46 -18.68 1.41 6.15
C ASP A 46 -17.41 2.11 6.62
N VAL A 47 -16.77 2.83 5.71
CA VAL A 47 -15.53 3.53 6.03
C VAL A 47 -15.58 4.96 5.54
N LEU A 48 -14.68 5.78 6.06
CA LEU A 48 -14.62 7.17 5.65
C LEU A 48 -13.48 7.39 4.68
N VAL A 49 -13.79 7.65 3.43
CA VAL A 49 -12.74 7.93 2.47
C VAL A 49 -12.50 9.44 2.43
N ASN A 50 -11.54 9.86 3.28
CA ASN A 50 -11.15 11.26 3.49
C ASN A 50 -12.29 12.02 4.19
N GLY A 51 -13.17 11.26 4.85
CA GLY A 51 -14.30 11.84 5.58
C GLY A 51 -15.64 11.59 4.93
N GLN A 52 -15.59 11.09 3.70
CA GLN A 52 -16.79 10.76 2.95
C GLN A 52 -17.14 9.30 3.22
N LYS A 53 -18.26 9.05 3.89
CA LYS A 53 -18.59 7.67 4.24
C LYS A 53 -19.12 6.92 3.03
N ILE A 54 -18.59 5.72 2.87
CA ILE A 54 -18.95 4.84 1.78
C ILE A 54 -18.93 3.40 2.30
N ARG A 55 -19.92 2.61 1.91
CA ARG A 55 -19.98 1.24 2.37
C ARG A 55 -19.31 0.31 1.39
N VAL A 56 -18.56 -0.62 1.93
CA VAL A 56 -17.79 -1.55 1.13
C VAL A 56 -18.63 -2.52 0.33
N LYS A 57 -18.19 -2.74 -0.92
CA LYS A 57 -18.84 -3.65 -1.84
C LYS A 57 -18.34 -5.06 -1.57
N ASP A 58 -17.02 -5.15 -1.50
CA ASP A 58 -16.32 -6.39 -1.23
C ASP A 58 -14.94 -6.10 -0.65
N LYS A 59 -14.56 -6.85 0.35
CA LYS A 59 -13.25 -6.66 0.97
C LYS A 59 -12.52 -7.99 0.93
N TYR A 60 -11.84 -8.24 -0.18
CA TYR A 60 -11.13 -9.49 -0.39
C TYR A 60 -9.69 -9.38 0.07
N LYS A 61 -9.32 -10.25 0.97
CA LYS A 61 -7.98 -10.27 1.52
C LYS A 61 -7.05 -10.94 0.54
N LEU A 62 -5.98 -10.25 0.21
CA LEU A 62 -5.01 -10.78 -0.72
C LEU A 62 -3.94 -11.56 0.01
N VAL A 63 -3.89 -12.84 -0.33
CA VAL A 63 -2.88 -13.71 0.19
C VAL A 63 -1.98 -14.04 -0.98
N ASP A 64 -0.78 -14.47 -0.71
CA ASP A 64 0.16 -14.79 -1.78
C ASP A 64 -0.15 -16.14 -2.43
N PRO A 65 0.08 -16.26 -3.77
CA PRO A 65 -0.19 -17.50 -4.50
C PRO A 65 0.52 -18.71 -3.92
N GLU A 66 1.37 -18.49 -2.91
CA GLU A 66 2.07 -19.59 -2.28
C GLU A 66 1.38 -19.99 -0.97
N ASN A 67 0.12 -19.55 -0.86
CA ASN A 67 -0.77 -19.84 0.27
C ASN A 67 -0.40 -19.07 1.53
N ILE A 68 0.64 -18.25 1.43
CA ILE A 68 1.06 -17.41 2.56
C ILE A 68 0.34 -16.07 2.47
N ASN A 69 0.16 -15.38 3.59
CA ASN A 69 -0.52 -14.11 3.59
C ASN A 69 0.27 -13.03 2.85
N LEU A 70 -0.45 -12.12 2.19
CA LEU A 70 0.17 -11.00 1.48
C LEU A 70 -0.12 -9.73 2.28
N GLU A 71 -1.18 -9.81 3.08
CA GLU A 71 -1.59 -8.75 4.01
C GLU A 71 -2.34 -7.60 3.36
N LEU A 72 -2.76 -7.74 2.09
CA LEU A 72 -3.51 -6.65 1.45
C LEU A 72 -4.99 -6.99 1.43
N THR A 73 -5.79 -5.96 1.45
CA THR A 73 -7.23 -6.12 1.38
C THR A 73 -7.76 -5.32 0.22
N VAL A 74 -8.41 -6.00 -0.72
CA VAL A 74 -8.98 -5.32 -1.85
C VAL A 74 -10.25 -4.64 -1.37
N LEU A 75 -10.16 -3.36 -1.14
CA LEU A 75 -11.30 -2.62 -0.67
C LEU A 75 -12.07 -2.07 -1.84
N THR A 76 -13.06 -2.82 -2.26
CA THR A 76 -13.89 -2.43 -3.36
C THR A 76 -15.03 -1.58 -2.84
N LEU A 77 -14.97 -0.30 -3.17
CA LEU A 77 -15.96 0.65 -2.73
C LEU A 77 -16.87 1.05 -3.88
N ASP A 78 -18.11 1.41 -3.57
CA ASP A 78 -19.01 1.85 -4.61
C ASP A 78 -18.63 3.26 -4.99
N ARG A 79 -17.95 3.40 -6.11
CA ARG A 79 -17.50 4.71 -6.54
C ARG A 79 -18.07 5.10 -7.90
N ASN A 80 -19.00 6.05 -7.88
CA ASN A 80 -19.53 6.57 -9.13
C ASN A 80 -18.54 7.61 -9.57
N GLU A 81 -17.91 8.20 -8.57
CA GLU A 81 -16.84 9.15 -8.76
C GLU A 81 -15.59 8.33 -8.51
N LYS A 82 -15.07 7.74 -9.58
CA LYS A 82 -13.98 6.79 -9.47
C LYS A 82 -12.58 7.33 -9.71
N PHE A 83 -11.64 6.41 -9.56
CA PHE A 83 -10.22 6.70 -9.71
C PHE A 83 -9.71 6.35 -11.10
N ARG A 84 -8.47 6.73 -11.35
CA ARG A 84 -7.83 6.46 -12.63
C ARG A 84 -7.15 5.09 -12.58
N ASP A 85 -7.26 4.30 -13.63
CA ASP A 85 -6.66 2.96 -13.62
C ASP A 85 -5.14 3.06 -13.76
N ILE A 86 -4.45 3.12 -12.61
CA ILE A 86 -3.00 3.21 -12.58
C ILE A 86 -2.38 1.82 -12.60
N ARG A 87 -3.17 0.86 -13.06
CA ARG A 87 -2.75 -0.53 -13.16
C ARG A 87 -1.49 -0.66 -14.02
N GLY A 88 -1.34 0.23 -14.98
CA GLY A 88 -0.17 0.21 -15.83
C GLY A 88 1.08 0.62 -15.10
N PHE A 89 0.90 1.33 -13.98
CA PHE A 89 2.03 1.79 -13.18
C PHE A 89 2.33 0.78 -12.08
N ILE A 90 1.46 -0.20 -11.92
CA ILE A 90 1.68 -1.24 -10.93
C ILE A 90 2.71 -2.18 -11.51
N SER A 91 3.69 -2.52 -10.72
CA SER A 91 4.78 -3.33 -11.21
C SER A 91 4.51 -4.83 -11.29
N GLU A 92 4.47 -5.33 -12.53
CA GLU A 92 4.34 -6.75 -12.79
C GLU A 92 5.72 -7.35 -12.52
N ASP A 93 6.71 -6.48 -12.73
CA ASP A 93 8.13 -6.75 -12.47
C ASP A 93 8.72 -5.44 -11.94
N LEU A 94 9.46 -5.50 -10.84
CA LEU A 94 9.97 -4.28 -10.22
C LEU A 94 11.14 -3.62 -10.96
N GLU A 95 12.35 -4.15 -10.73
CA GLU A 95 13.57 -3.56 -11.30
C GLU A 95 13.58 -2.05 -11.12
N GLY A 96 13.77 -1.67 -9.86
CA GLY A 96 13.81 -0.28 -9.42
C GLY A 96 14.47 -0.22 -8.06
N VAL A 97 15.78 -0.27 -8.05
CA VAL A 97 16.56 -0.30 -6.82
C VAL A 97 16.54 1.03 -6.07
N ASP A 98 15.69 1.95 -6.53
CA ASP A 98 15.51 3.24 -5.87
C ASP A 98 14.02 3.58 -5.86
N ALA A 99 13.48 3.85 -4.67
CA ALA A 99 12.06 4.13 -4.59
C ALA A 99 11.74 5.25 -3.63
N THR A 100 10.60 5.85 -3.89
CA THR A 100 10.09 6.94 -3.09
C THR A 100 8.90 6.45 -2.28
N LEU A 101 8.78 6.94 -1.05
CA LEU A 101 7.71 6.50 -0.17
C LEU A 101 6.75 7.64 0.16
N VAL A 102 5.54 7.53 -0.36
CA VAL A 102 4.50 8.52 -0.11
C VAL A 102 3.65 8.08 1.05
N VAL A 103 3.92 8.63 2.23
CA VAL A 103 3.18 8.28 3.41
C VAL A 103 1.98 9.21 3.61
N HIS A 104 0.81 8.60 3.66
CA HIS A 104 -0.45 9.29 3.86
C HIS A 104 -1.21 8.48 4.88
N SER A 105 -0.55 8.32 6.02
CA SER A 105 -1.05 7.52 7.13
C SER A 105 -1.19 8.33 8.42
N ASN A 106 -1.31 7.62 9.54
CA ASN A 106 -1.49 8.25 10.84
C ASN A 106 -0.26 9.07 11.26
N ASN A 107 0.94 8.51 11.07
CA ASN A 107 2.17 9.20 11.45
C ASN A 107 2.45 10.38 10.52
N PHE A 108 2.61 10.07 9.23
CA PHE A 108 2.82 11.11 8.23
C PHE A 108 1.64 11.18 7.29
N THR A 109 0.85 12.23 7.41
CA THR A 109 -0.29 12.41 6.54
C THR A 109 0.08 13.32 5.37
N ASN A 110 0.41 12.69 4.25
CA ASN A 110 0.81 13.41 3.04
C ASN A 110 2.22 13.96 3.19
N THR A 111 3.16 13.03 3.15
CA THR A 111 4.58 13.31 3.26
C THR A 111 5.36 12.38 2.35
N ILE A 112 6.11 12.96 1.44
CA ILE A 112 6.89 12.21 0.49
C ILE A 112 8.34 12.06 0.95
N LEU A 113 8.76 10.83 1.23
CA LEU A 113 10.12 10.55 1.66
C LEU A 113 10.78 9.59 0.67
N GLU A 114 12.09 9.58 0.63
CA GLU A 114 12.79 8.64 -0.25
C GLU A 114 13.42 7.55 0.61
N VAL A 115 13.38 6.31 0.15
CA VAL A 115 13.98 5.23 0.91
C VAL A 115 15.28 4.80 0.24
N GLY A 116 15.37 5.06 -1.06
CA GLY A 116 16.57 4.70 -1.80
C GLY A 116 16.63 3.24 -2.22
N PRO A 117 17.71 2.55 -1.87
CA PRO A 117 17.91 1.15 -2.26
C PRO A 117 16.93 0.17 -1.60
N VAL A 118 16.08 -0.44 -2.43
CA VAL A 118 15.14 -1.42 -1.94
C VAL A 118 15.72 -2.81 -2.09
N THR A 119 15.20 -3.71 -1.30
CA THR A 119 15.67 -5.09 -1.25
C THR A 119 14.48 -6.01 -0.98
N MET A 120 14.58 -7.29 -1.32
CA MET A 120 13.47 -8.20 -1.02
C MET A 120 13.92 -9.19 0.03
N ALA A 121 13.05 -9.52 0.98
CA ALA A 121 13.40 -10.43 2.05
C ALA A 121 12.81 -11.81 1.84
N GLY A 122 11.68 -11.86 1.14
CA GLY A 122 11.02 -13.13 0.88
C GLY A 122 9.82 -13.34 1.77
N LEU A 123 9.87 -14.42 2.54
CA LEU A 123 8.80 -14.79 3.45
C LEU A 123 9.29 -14.64 4.89
N ILE A 124 8.70 -13.70 5.62
CA ILE A 124 9.09 -13.46 7.01
C ILE A 124 7.85 -13.37 7.88
N ASN A 125 8.04 -13.23 9.19
CA ASN A 125 6.90 -13.14 10.09
C ASN A 125 6.54 -11.69 10.36
N LEU A 126 5.49 -11.26 9.70
CA LEU A 126 4.99 -9.92 9.85
C LEU A 126 4.08 -9.87 11.09
N SER A 127 4.60 -9.28 12.17
CA SER A 127 3.83 -9.22 13.41
C SER A 127 3.57 -10.65 13.93
N SER A 128 4.52 -11.55 13.65
CA SER A 128 4.44 -12.96 14.05
C SER A 128 3.56 -13.77 13.10
N THR A 129 3.04 -13.10 12.07
CA THR A 129 2.21 -13.76 11.06
C THR A 129 2.96 -13.86 9.74
N PRO A 130 3.22 -15.10 9.27
CA PRO A 130 3.95 -15.33 8.03
C PRO A 130 3.37 -14.56 6.85
N THR A 131 4.19 -13.71 6.28
CA THR A 131 3.79 -12.91 5.14
C THR A 131 4.86 -12.98 4.05
N ASN A 132 4.42 -13.19 2.81
CA ASN A 132 5.34 -13.31 1.68
C ASN A 132 5.36 -12.04 0.82
N ARG A 133 6.42 -11.88 0.01
CA ARG A 133 6.58 -10.71 -0.84
C ARG A 133 6.84 -9.48 0.00
N MET A 134 7.71 -9.62 1.00
CA MET A 134 8.06 -8.52 1.89
C MET A 134 9.28 -7.76 1.37
N ILE A 135 9.07 -6.48 1.03
CA ILE A 135 10.13 -5.63 0.52
C ILE A 135 10.90 -5.01 1.67
N ARG A 136 12.21 -5.11 1.62
CA ARG A 136 13.05 -4.59 2.69
C ARG A 136 13.86 -3.38 2.27
N TYR A 137 13.90 -2.38 3.15
CA TYR A 137 14.68 -1.17 2.92
C TYR A 137 15.16 -0.64 4.27
N ASP A 138 16.47 -0.67 4.52
CA ASP A 138 16.97 -0.22 5.81
C ASP A 138 16.91 1.28 5.90
N TYR A 139 15.84 1.70 6.54
CA TYR A 139 15.50 3.09 6.78
C TYR A 139 14.74 3.16 8.09
N ALA A 140 15.01 4.16 8.88
CA ALA A 140 14.33 4.27 10.15
C ALA A 140 12.87 4.61 9.97
N THR A 141 12.05 3.58 9.86
CA THR A 141 10.61 3.76 9.73
C THR A 141 9.95 3.38 11.05
N LYS A 142 8.75 3.87 11.29
CA LYS A 142 8.05 3.55 12.52
C LYS A 142 6.57 3.29 12.28
N THR A 143 6.00 2.61 13.22
CA THR A 143 4.58 2.36 13.24
C THR A 143 3.87 3.68 12.88
N GLY A 144 2.62 3.63 12.41
CA GLY A 144 1.92 4.85 12.06
C GLY A 144 2.09 5.20 10.59
N GLN A 145 3.09 4.59 9.97
CA GLN A 145 3.37 4.80 8.55
C GLN A 145 2.70 3.74 7.67
N CYS A 146 1.84 2.92 8.26
CA CYS A 146 1.18 1.86 7.51
C CYS A 146 0.28 2.42 6.41
N GLY A 147 0.57 2.01 5.15
CA GLY A 147 -0.23 2.47 4.01
C GLY A 147 0.60 3.25 3.00
N GLY A 148 1.74 3.78 3.45
CA GLY A 148 2.60 4.56 2.57
C GLY A 148 2.87 3.88 1.24
N VAL A 149 2.68 4.61 0.15
CA VAL A 149 2.89 4.07 -1.19
C VAL A 149 4.34 4.16 -1.63
N LEU A 150 4.94 2.99 -1.81
CA LEU A 150 6.31 2.88 -2.27
C LEU A 150 6.28 2.85 -3.78
N CYS A 151 6.73 3.93 -4.39
CA CYS A 151 6.68 4.04 -5.82
C CYS A 151 7.83 4.85 -6.39
N ALA A 152 7.83 4.91 -7.71
CA ALA A 152 8.81 5.66 -8.46
C ALA A 152 8.15 6.13 -9.75
N THR A 153 8.83 6.94 -10.51
CA THR A 153 8.23 7.42 -11.74
C THR A 153 7.98 6.27 -12.72
N GLY A 154 6.71 5.93 -12.92
CA GLY A 154 6.35 4.86 -13.85
C GLY A 154 6.08 3.53 -13.20
N LYS A 155 6.33 3.40 -11.90
CA LYS A 155 6.11 2.12 -11.26
C LYS A 155 5.87 2.23 -9.76
N ILE A 156 4.89 1.46 -9.31
CA ILE A 156 4.55 1.35 -7.90
C ILE A 156 5.03 -0.01 -7.43
N PHE A 157 5.82 -0.03 -6.37
CA PHE A 157 6.37 -1.30 -5.88
C PHE A 157 5.43 -1.98 -4.90
N GLY A 158 4.74 -1.15 -4.14
CA GLY A 158 3.82 -1.66 -3.15
C GLY A 158 3.51 -0.61 -2.11
N ILE A 159 3.03 -1.05 -0.96
CA ILE A 159 2.74 -0.11 0.11
C ILE A 159 3.36 -0.53 1.42
N HIS A 160 3.70 0.46 2.21
CA HIS A 160 4.30 0.24 3.52
C HIS A 160 3.34 -0.54 4.40
N VAL A 161 3.77 -1.71 4.86
CA VAL A 161 2.92 -2.55 5.69
C VAL A 161 3.48 -2.69 7.09
N GLY A 162 4.79 -2.56 7.22
CA GLY A 162 5.42 -2.65 8.52
C GLY A 162 6.90 -2.36 8.49
N GLY A 163 7.61 -3.00 9.39
CA GLY A 163 9.03 -2.81 9.48
C GLY A 163 9.63 -3.61 10.61
N ASN A 164 10.86 -4.04 10.42
CA ASN A 164 11.52 -4.80 11.45
C ASN A 164 12.76 -4.04 11.91
N GLY A 165 12.67 -3.46 13.09
CA GLY A 165 13.78 -2.68 13.61
C GLY A 165 13.97 -1.40 12.84
N ARG A 166 14.97 -1.39 11.98
CA ARG A 166 15.25 -0.21 11.17
C ARG A 166 15.19 -0.56 9.69
N GLN A 167 14.55 -1.67 9.40
CA GLN A 167 14.33 -2.11 8.02
C GLN A 167 12.84 -2.00 7.76
N GLY A 168 12.45 -1.04 6.95
CA GLY A 168 11.05 -0.89 6.66
C GLY A 168 10.57 -2.01 5.78
N PHE A 169 9.32 -2.42 5.94
CA PHE A 169 8.83 -3.51 5.12
C PHE A 169 7.54 -3.16 4.43
N SER A 170 7.61 -3.19 3.10
CA SER A 170 6.45 -2.92 2.26
C SER A 170 6.02 -4.20 1.59
N ALA A 171 4.77 -4.29 1.20
CA ALA A 171 4.29 -5.47 0.51
C ALA A 171 4.44 -5.28 -0.98
N GLN A 172 5.00 -6.27 -1.63
CA GLN A 172 5.22 -6.21 -3.07
C GLN A 172 3.91 -6.32 -3.82
N LEU A 173 3.43 -5.20 -4.35
CA LEU A 173 2.18 -5.20 -5.08
C LEU A 173 2.42 -5.53 -6.56
N LYS A 174 2.36 -6.81 -6.90
CA LYS A 174 2.55 -7.22 -8.28
C LYS A 174 1.26 -6.99 -9.07
N LYS A 175 1.40 -6.28 -10.18
CA LYS A 175 0.29 -5.94 -11.06
C LYS A 175 -0.67 -7.11 -11.28
N GLN A 176 -0.12 -8.31 -11.32
CA GLN A 176 -0.90 -9.53 -11.56
C GLN A 176 -2.10 -9.70 -10.62
N TYR A 177 -1.91 -9.35 -9.35
CA TYR A 177 -2.97 -9.53 -8.37
C TYR A 177 -4.15 -8.60 -8.61
N PHE A 178 -3.97 -7.61 -9.47
CA PHE A 178 -5.05 -6.67 -9.79
C PHE A 178 -5.76 -7.06 -11.08
N VAL A 179 -5.01 -7.62 -12.02
CA VAL A 179 -5.58 -8.04 -13.28
C VAL A 179 -6.49 -9.24 -13.07
N GLU A 180 -6.57 -9.70 -11.81
CA GLU A 180 -7.43 -10.83 -11.46
C GLU A 180 -8.89 -10.40 -11.59
N LYS A 181 -9.10 -9.11 -11.41
CA LYS A 181 -10.44 -8.53 -11.56
C LYS A 181 -10.49 -7.72 -12.85
N GLN A 182 -11.53 -7.90 -13.64
CA GLN A 182 -11.67 -7.14 -14.87
C GLN A 182 -12.73 -6.06 -14.67
C ACE B 1 13.78 -13.12 9.47
O ACE B 1 14.79 -12.76 10.05
CH3 ACE B 1 13.73 -14.40 8.68
H1 ACE B 1 12.72 -14.78 8.69
H2 ACE B 1 14.39 -15.12 9.13
H3 ACE B 1 14.04 -14.22 7.66
N LEU B 2 12.65 -12.44 9.49
CA LEU B 2 12.50 -11.20 10.24
C LEU B 2 11.13 -11.15 10.88
N GLU B 3 11.02 -10.59 12.05
CA GLU B 3 9.71 -10.41 12.61
C GLU B 3 9.42 -8.95 12.49
N ALA B 4 9.00 -8.56 11.29
CA ALA B 4 8.67 -7.18 11.01
C ALA B 4 7.26 -6.94 11.43
N LEU B 5 7.07 -5.92 12.22
CA LEU B 5 5.76 -5.62 12.74
C LEU B 5 4.96 -4.69 11.86
N PHE B 6 3.64 -4.83 11.93
CA PHE B 6 2.80 -3.93 11.18
C PHE B 6 3.12 -2.53 11.65
N YTF B 7 3.17 -1.59 10.74
CA YTF B 7 3.40 -0.22 11.11
CB YTF B 7 4.74 0.29 10.58
CG YTF B 7 5.93 -0.39 11.27
CD YTF B 7 7.27 0.11 10.77
OE1 YTF B 7 7.37 0.66 9.68
NE2 YTF B 7 8.32 -0.08 11.58
C YTF B 7 2.18 0.59 10.62
CX6 YTF B 7 1.18 0.70 11.78
CX7 YTF B 7 0.27 1.90 11.70
OX8 YTF B 7 0.37 2.69 10.76
OX9 YTF B 7 -0.57 2.05 12.62
CJ1 YTF B 7 -1.56 3.21 12.72
CJ2 YTF B 7 -2.53 3.27 13.89
H YTF B 7 3.05 -1.82 9.80
HA YTF B 7 3.40 -0.20 12.20
HB2 YTF B 7 4.79 0.09 9.53
HB3 YTF B 7 4.82 1.35 10.75
HG2 YTF B 7 5.86 -0.20 12.34
HG3 YTF B 7 5.88 -1.46 11.10
HE22 YTF B 7 9.20 0.23 11.27
HE21 YTF B 7 8.16 -0.50 12.44
H1 YTF B 7 2.52 1.58 10.32
H31 YTF B 7 1.72 0.77 12.71
H3 YTF B 7 0.57 -0.19 11.79
H4 YTF B 7 -2.16 3.22 11.81
H5 YTF B 7 -1.00 4.13 12.74
H7 YTF B 7 -3.51 2.96 13.57
H8 YTF B 7 -2.57 4.28 14.25
H6 YTF B 7 -2.17 2.63 14.67
N GLY A 1 11.82 16.55 -7.32
CA GLY A 1 12.21 15.97 -8.64
C GLY A 1 11.04 15.37 -9.39
N PRO A 2 11.27 14.72 -10.54
CA PRO A 2 10.20 14.12 -11.33
C PRO A 2 9.40 13.08 -10.53
N ASN A 3 10.09 12.32 -9.69
CA ASN A 3 9.42 11.31 -8.88
C ASN A 3 8.43 11.98 -7.94
N THR A 4 8.87 13.12 -7.41
CA THR A 4 8.07 13.93 -6.50
C THR A 4 6.84 14.51 -7.21
N GLU A 5 7.02 15.02 -8.42
CA GLU A 5 5.92 15.58 -9.19
C GLU A 5 4.91 14.48 -9.52
N PHE A 6 5.42 13.32 -9.90
CA PHE A 6 4.57 12.17 -10.23
C PHE A 6 3.75 11.79 -9.00
N ALA A 7 4.44 11.71 -7.86
CA ALA A 7 3.82 11.34 -6.59
C ALA A 7 2.75 12.35 -6.16
N LEU A 8 3.02 13.64 -6.38
CA LEU A 8 2.08 14.69 -5.99
C LEU A 8 0.75 14.56 -6.71
N SER A 9 0.79 14.39 -8.03
CA SER A 9 -0.43 14.24 -8.82
C SER A 9 -1.09 12.89 -8.51
N LEU A 10 -0.26 11.87 -8.36
CA LEU A 10 -0.73 10.53 -8.04
C LEU A 10 -1.48 10.52 -6.70
N LEU A 11 -0.91 11.24 -5.74
CA LEU A 11 -1.46 11.35 -4.39
C LEU A 11 -2.86 11.95 -4.37
N ARG A 12 -3.04 13.10 -5.02
CA ARG A 12 -4.32 13.80 -5.02
C ARG A 12 -5.43 13.07 -5.77
N LYS A 13 -5.10 12.27 -6.79
CA LYS A 13 -6.16 11.56 -7.54
C LYS A 13 -6.31 10.09 -7.10
N ASN A 14 -5.26 9.47 -6.58
CA ASN A 14 -5.34 8.03 -6.22
C ASN A 14 -5.01 7.72 -4.76
N ILE A 15 -4.43 8.65 -4.03
CA ILE A 15 -4.07 8.40 -2.64
C ILE A 15 -5.02 9.12 -1.70
N MET A 16 -5.69 8.35 -0.86
CA MET A 16 -6.65 8.90 0.08
C MET A 16 -6.38 8.46 1.52
N THR A 17 -6.66 9.35 2.45
CA THR A 17 -6.49 9.01 3.85
C THR A 17 -7.67 8.13 4.23
N ILE A 18 -7.42 6.85 4.38
CA ILE A 18 -8.46 5.90 4.70
C ILE A 18 -8.55 5.65 6.20
N THR A 19 -9.63 6.10 6.79
CA THR A 19 -9.84 5.92 8.20
C THR A 19 -10.61 4.65 8.46
N THR A 20 -9.92 3.73 9.12
CA THR A 20 -10.49 2.44 9.44
C THR A 20 -10.53 2.26 10.96
N SER A 21 -10.69 1.02 11.41
CA SER A 21 -10.79 0.75 12.84
C SER A 21 -9.48 0.98 13.60
N LYS A 22 -8.33 0.62 13.02
CA LYS A 22 -7.07 0.81 13.73
C LYS A 22 -6.55 2.24 13.58
N GLY A 23 -7.03 2.95 12.56
CA GLY A 23 -6.60 4.33 12.38
C GLY A 23 -6.75 4.81 10.95
N GLU A 24 -5.98 5.83 10.58
CA GLU A 24 -6.02 6.34 9.23
C GLU A 24 -4.76 5.99 8.50
N PHE A 25 -4.94 5.22 7.44
CA PHE A 25 -3.84 4.74 6.64
C PHE A 25 -3.83 5.39 5.28
N THR A 26 -2.77 5.13 4.54
CA THR A 26 -2.65 5.64 3.21
C THR A 26 -3.31 4.64 2.28
N GLY A 27 -4.45 5.03 1.73
CA GLY A 27 -5.17 4.14 0.84
C GLY A 27 -4.82 4.39 -0.60
N LEU A 28 -4.41 3.33 -1.29
CA LEU A 28 -4.03 3.42 -2.68
C LEU A 28 -5.13 2.95 -3.60
N GLY A 29 -5.81 3.90 -4.24
CA GLY A 29 -6.85 3.53 -5.18
C GLY A 29 -6.23 3.02 -6.45
N ILE A 30 -6.38 1.73 -6.71
CA ILE A 30 -5.77 1.13 -7.91
C ILE A 30 -6.53 1.48 -9.17
N HIS A 31 -7.82 1.12 -9.20
CA HIS A 31 -8.66 1.41 -10.36
C HIS A 31 -10.15 1.22 -10.06
N ASP A 32 -10.96 1.77 -10.94
CA ASP A 32 -12.41 1.68 -10.82
C ASP A 32 -12.89 1.96 -9.40
N ARG A 33 -13.21 0.89 -8.67
CA ARG A 33 -13.69 1.04 -7.30
C ARG A 33 -12.91 0.16 -6.33
N VAL A 34 -11.71 -0.25 -6.73
CA VAL A 34 -10.88 -1.07 -5.85
C VAL A 34 -9.67 -0.32 -5.37
N CYS A 35 -9.53 -0.27 -4.06
CA CYS A 35 -8.41 0.38 -3.42
C CYS A 35 -7.73 -0.62 -2.50
N VAL A 36 -6.42 -0.61 -2.44
CA VAL A 36 -5.73 -1.55 -1.60
C VAL A 36 -5.50 -0.95 -0.23
N ILE A 37 -6.04 -1.64 0.75
CA ILE A 37 -5.96 -1.24 2.14
C ILE A 37 -5.30 -2.34 2.96
N PRO A 38 -4.34 -2.01 3.82
CA PRO A 38 -3.73 -3.01 4.65
C PRO A 38 -4.80 -3.76 5.42
N THR A 39 -4.65 -5.06 5.53
CA THR A 39 -5.64 -5.88 6.21
C THR A 39 -5.72 -5.53 7.70
N HIS A 40 -4.59 -5.19 8.29
CA HIS A 40 -4.54 -4.82 9.71
C HIS A 40 -5.24 -3.49 9.99
N ALA A 41 -5.71 -2.82 8.94
CA ALA A 41 -6.43 -1.57 9.10
C ALA A 41 -7.80 -1.86 9.71
N GLN A 42 -8.29 -3.06 9.41
CA GLN A 42 -9.59 -3.52 9.88
C GLN A 42 -10.70 -2.64 9.34
N PRO A 43 -10.98 -2.74 8.02
CA PRO A 43 -12.03 -1.97 7.36
C PRO A 43 -13.41 -2.51 7.71
N GLY A 44 -14.37 -1.61 7.86
CA GLY A 44 -15.71 -2.03 8.17
C GLY A 44 -16.59 -2.09 6.93
N ASP A 45 -17.90 -2.00 7.11
CA ASP A 45 -18.83 -2.05 6.00
C ASP A 45 -19.01 -0.66 5.40
N ASP A 46 -18.69 0.34 6.21
CA ASP A 46 -18.78 1.74 5.82
C ASP A 46 -17.45 2.39 6.19
N VAL A 47 -16.73 2.89 5.18
CA VAL A 47 -15.40 3.44 5.40
C VAL A 47 -15.27 4.89 5.00
N LEU A 48 -14.46 5.61 5.76
CA LEU A 48 -14.21 7.02 5.48
C LEU A 48 -13.08 7.14 4.46
N VAL A 49 -13.44 7.44 3.22
CA VAL A 49 -12.43 7.60 2.19
C VAL A 49 -12.09 9.07 2.03
N ASN A 50 -11.09 9.51 2.80
CA ASN A 50 -10.66 10.89 2.83
C ASN A 50 -11.81 11.80 3.26
N GLY A 51 -12.33 11.51 4.46
CA GLY A 51 -13.43 12.28 5.05
C GLY A 51 -14.80 11.95 4.48
N GLN A 52 -14.86 11.58 3.22
CA GLN A 52 -16.11 11.25 2.56
C GLN A 52 -16.50 9.80 2.84
N LYS A 53 -17.81 9.54 3.01
CA LYS A 53 -18.29 8.20 3.36
C LYS A 53 -18.69 7.36 2.15
N ILE A 54 -18.12 6.16 2.09
CA ILE A 54 -18.43 5.21 1.04
C ILE A 54 -18.57 3.83 1.68
N ARG A 55 -19.63 3.11 1.32
CA ARG A 55 -19.85 1.79 1.89
C ARG A 55 -19.20 0.71 1.03
N VAL A 56 -18.67 -0.28 1.71
CA VAL A 56 -17.94 -1.36 1.07
C VAL A 56 -18.85 -2.31 0.30
N LYS A 57 -18.39 -2.66 -0.90
CA LYS A 57 -19.09 -3.56 -1.79
C LYS A 57 -18.67 -4.99 -1.49
N ASP A 58 -17.38 -5.14 -1.30
CA ASP A 58 -16.76 -6.41 -1.02
C ASP A 58 -15.30 -6.20 -0.65
N LYS A 59 -14.84 -6.80 0.42
CA LYS A 59 -13.45 -6.67 0.82
C LYS A 59 -12.79 -8.04 0.72
N TYR A 60 -11.78 -8.12 -0.14
CA TYR A 60 -11.11 -9.38 -0.42
C TYR A 60 -9.62 -9.33 -0.08
N LYS A 61 -9.18 -10.29 0.71
CA LYS A 61 -7.77 -10.36 1.11
C LYS A 61 -6.95 -10.99 0.01
N LEU A 62 -5.88 -10.31 -0.38
CA LEU A 62 -4.99 -10.88 -1.36
C LEU A 62 -3.85 -11.57 -0.64
N VAL A 63 -3.65 -12.83 -1.00
CA VAL A 63 -2.58 -13.63 -0.46
C VAL A 63 -1.78 -14.10 -1.66
N ASP A 64 -0.52 -14.43 -1.47
CA ASP A 64 0.28 -14.89 -2.60
C ASP A 64 -0.12 -16.31 -3.02
N PRO A 65 -0.13 -16.59 -4.33
CA PRO A 65 -0.47 -17.91 -4.82
C PRO A 65 0.28 -19.02 -4.07
N GLU A 66 1.25 -18.64 -3.25
CA GLU A 66 2.01 -19.59 -2.44
C GLU A 66 1.15 -20.02 -1.25
N ASN A 67 -0.01 -19.38 -1.18
CA ASN A 67 -1.01 -19.59 -0.13
C ASN A 67 -0.57 -18.91 1.17
N ILE A 68 0.38 -17.99 1.05
CA ILE A 68 0.85 -17.20 2.18
C ILE A 68 0.27 -15.80 2.08
N ASN A 69 0.00 -15.17 3.21
CA ASN A 69 -0.60 -13.84 3.23
C ASN A 69 0.23 -12.76 2.52
N LEU A 70 -0.46 -11.92 1.73
CA LEU A 70 0.17 -10.78 1.05
C LEU A 70 -0.19 -9.56 1.91
N GLU A 71 -1.28 -9.72 2.67
CA GLU A 71 -1.74 -8.72 3.63
C GLU A 71 -2.44 -7.56 2.94
N LEU A 72 -2.80 -7.75 1.67
CA LEU A 72 -3.48 -6.70 0.90
C LEU A 72 -4.98 -6.92 0.86
N THR A 73 -5.73 -6.02 1.47
CA THR A 73 -7.16 -6.10 1.44
C THR A 73 -7.68 -5.27 0.29
N VAL A 74 -8.21 -5.93 -0.73
CA VAL A 74 -8.76 -5.21 -1.85
C VAL A 74 -10.11 -4.68 -1.44
N LEU A 75 -10.14 -3.41 -1.10
CA LEU A 75 -11.37 -2.80 -0.66
C LEU A 75 -12.19 -2.37 -1.85
N THR A 76 -13.08 -3.24 -2.24
CA THR A 76 -13.99 -2.95 -3.32
C THR A 76 -15.16 -2.20 -2.73
N LEU A 77 -15.23 -0.91 -2.98
CA LEU A 77 -16.29 -0.11 -2.42
C LEU A 77 -17.30 0.32 -3.48
N ASP A 78 -18.54 0.54 -3.06
CA ASP A 78 -19.59 0.96 -3.98
C ASP A 78 -19.54 2.45 -4.17
N ARG A 79 -18.84 2.83 -5.22
CA ARG A 79 -18.66 4.22 -5.55
C ARG A 79 -18.65 4.38 -7.06
N ASN A 80 -19.46 5.29 -7.58
CA ASN A 80 -19.53 5.49 -9.02
C ASN A 80 -18.44 6.46 -9.46
N GLU A 81 -17.97 7.26 -8.51
CA GLU A 81 -16.87 8.17 -8.79
C GLU A 81 -15.61 7.34 -8.73
N LYS A 82 -15.26 6.75 -9.87
CA LYS A 82 -14.13 5.84 -9.97
C LYS A 82 -12.79 6.54 -9.91
N PHE A 83 -11.78 5.76 -9.51
CA PHE A 83 -10.41 6.23 -9.42
C PHE A 83 -9.65 5.94 -10.71
N ARG A 84 -8.72 6.81 -11.06
CA ARG A 84 -7.92 6.62 -12.25
C ARG A 84 -7.23 5.25 -12.18
N ASP A 85 -7.23 4.49 -13.28
CA ASP A 85 -6.61 3.17 -13.25
C ASP A 85 -5.10 3.25 -13.42
N ILE A 86 -4.40 3.39 -12.30
CA ILE A 86 -2.94 3.48 -12.29
C ILE A 86 -2.35 2.08 -12.25
N ARG A 87 -3.18 1.10 -12.55
CA ARG A 87 -2.76 -0.30 -12.56
C ARG A 87 -1.65 -0.53 -13.59
N GLY A 88 -1.58 0.33 -14.60
CA GLY A 88 -0.56 0.21 -15.63
C GLY A 88 0.80 0.66 -15.14
N PHE A 89 0.83 1.43 -14.06
CA PHE A 89 2.09 1.89 -13.49
C PHE A 89 2.60 0.84 -12.54
N ILE A 90 1.66 0.02 -12.06
CA ILE A 90 1.99 -1.07 -11.17
C ILE A 90 2.70 -2.13 -11.99
N SER A 91 3.75 -2.69 -11.46
CA SER A 91 4.53 -3.66 -12.21
C SER A 91 4.69 -5.00 -11.49
N GLU A 92 4.66 -6.10 -12.23
CA GLU A 92 4.86 -7.40 -11.62
C GLU A 92 6.34 -7.60 -11.44
N ASP A 93 7.10 -6.77 -12.15
CA ASP A 93 8.55 -6.75 -12.03
C ASP A 93 8.88 -5.58 -11.12
N LEU A 94 9.99 -5.61 -10.42
CA LEU A 94 10.32 -4.49 -9.58
C LEU A 94 11.35 -3.61 -10.28
N GLU A 95 12.56 -4.13 -10.44
CA GLU A 95 13.64 -3.39 -11.10
C GLU A 95 13.67 -1.96 -10.65
N GLY A 96 14.12 -1.76 -9.43
CA GLY A 96 14.21 -0.45 -8.85
C GLY A 96 14.74 -0.51 -7.44
N VAL A 97 16.05 -0.44 -7.33
CA VAL A 97 16.71 -0.48 -6.05
C VAL A 97 16.50 0.81 -5.32
N ASP A 98 16.01 1.78 -6.06
CA ASP A 98 15.70 3.11 -5.52
C ASP A 98 14.19 3.27 -5.44
N ALA A 99 13.68 3.60 -4.27
CA ALA A 99 12.26 3.74 -4.12
C ALA A 99 11.89 4.88 -3.21
N THR A 100 10.73 5.45 -3.50
CA THR A 100 10.19 6.54 -2.73
C THR A 100 8.95 6.07 -2.01
N LEU A 101 8.79 6.54 -0.79
CA LEU A 101 7.65 6.16 0.04
C LEU A 101 6.77 7.38 0.31
N VAL A 102 5.60 7.40 -0.30
CA VAL A 102 4.68 8.51 -0.14
C VAL A 102 3.66 8.21 0.96
N VAL A 103 3.74 8.97 2.03
CA VAL A 103 2.84 8.79 3.16
C VAL A 103 1.73 9.85 3.16
N HIS A 104 0.50 9.41 3.36
CA HIS A 104 -0.64 10.30 3.39
C HIS A 104 -1.57 9.86 4.50
N SER A 105 -0.96 9.30 5.55
CA SER A 105 -1.69 8.80 6.71
C SER A 105 -1.48 9.66 7.97
N ASN A 106 -1.76 9.09 9.13
CA ASN A 106 -1.67 9.77 10.43
C ASN A 106 -0.33 10.48 10.72
N ASN A 107 0.78 9.74 10.77
CA ASN A 107 2.08 10.35 11.13
C ASN A 107 2.66 11.26 10.06
N PHE A 108 2.45 10.93 8.79
CA PHE A 108 2.96 11.78 7.72
C PHE A 108 1.93 11.92 6.62
N THR A 109 1.57 13.15 6.34
CA THR A 109 0.61 13.45 5.30
C THR A 109 1.24 14.32 4.20
N ASN A 110 1.08 13.88 2.95
CA ASN A 110 1.64 14.61 1.82
C ASN A 110 3.15 14.58 1.88
N THR A 111 3.65 13.53 2.48
CA THR A 111 5.08 13.35 2.66
C THR A 111 5.69 12.41 1.63
N ILE A 112 6.37 12.99 0.65
CA ILE A 112 7.08 12.22 -0.36
C ILE A 112 8.48 12.03 0.20
N LEU A 113 8.73 10.86 0.76
CA LEU A 113 10.00 10.57 1.44
C LEU A 113 10.76 9.44 0.75
N GLU A 114 11.96 9.75 0.25
CA GLU A 114 12.79 8.74 -0.37
C GLU A 114 13.33 7.83 0.71
N VAL A 115 13.04 6.53 0.64
CA VAL A 115 13.55 5.63 1.65
C VAL A 115 14.98 5.23 1.32
N GLY A 116 15.25 5.06 0.03
CA GLY A 116 16.60 4.70 -0.39
C GLY A 116 16.70 3.34 -1.02
N PRO A 117 17.65 2.51 -0.53
CA PRO A 117 17.86 1.19 -1.08
C PRO A 117 16.83 0.19 -0.62
N VAL A 118 16.03 -0.27 -1.58
CA VAL A 118 15.00 -1.23 -1.32
C VAL A 118 15.40 -2.59 -1.91
N THR A 119 14.97 -3.65 -1.26
CA THR A 119 15.30 -5.00 -1.68
C THR A 119 14.22 -5.94 -1.14
N MET A 120 14.17 -7.18 -1.62
CA MET A 120 13.13 -8.10 -1.15
C MET A 120 13.63 -8.95 0.01
N ALA A 121 12.73 -9.19 0.97
CA ALA A 121 13.05 -9.98 2.14
C ALA A 121 12.51 -11.39 1.95
N GLY A 122 11.37 -11.48 1.27
CA GLY A 122 10.76 -12.76 1.00
C GLY A 122 9.62 -13.11 1.93
N LEU A 123 9.91 -13.96 2.89
CA LEU A 123 8.92 -14.44 3.84
C LEU A 123 9.35 -14.20 5.29
N ILE A 124 8.54 -13.46 6.05
CA ILE A 124 8.83 -13.21 7.46
C ILE A 124 7.55 -13.22 8.28
N ASN A 125 7.65 -12.93 9.56
CA ASN A 125 6.47 -12.89 10.42
C ASN A 125 6.09 -11.47 10.78
N LEU A 126 5.31 -10.85 9.91
CA LEU A 126 4.85 -9.48 10.11
C LEU A 126 3.81 -9.44 11.25
N SER A 127 4.20 -8.83 12.38
CA SER A 127 3.36 -8.79 13.59
C SER A 127 3.15 -10.21 14.13
N SER A 128 4.11 -11.07 13.79
CA SER A 128 4.11 -12.49 14.20
C SER A 128 3.32 -13.34 13.22
N THR A 129 2.71 -12.68 12.24
CA THR A 129 1.91 -13.34 11.20
C THR A 129 2.72 -13.50 9.91
N PRO A 130 2.83 -14.73 9.36
CA PRO A 130 3.62 -14.99 8.14
C PRO A 130 3.10 -14.25 6.91
N THR A 131 3.96 -13.42 6.36
CA THR A 131 3.64 -12.66 5.17
C THR A 131 4.66 -12.94 4.07
N ASN A 132 4.19 -13.10 2.83
CA ASN A 132 5.09 -13.41 1.70
C ASN A 132 5.22 -12.24 0.71
N ARG A 133 6.29 -12.28 -0.07
CA ARG A 133 6.57 -11.22 -1.04
C ARG A 133 6.85 -9.93 -0.29
N MET A 134 7.37 -10.08 0.92
CA MET A 134 7.70 -8.95 1.76
C MET A 134 8.94 -8.22 1.25
N ILE A 135 8.76 -6.95 0.96
CA ILE A 135 9.84 -6.11 0.47
C ILE A 135 10.38 -5.29 1.62
N ARG A 136 11.68 -5.04 1.65
CA ARG A 136 12.26 -4.27 2.74
C ARG A 136 13.14 -3.14 2.22
N TYR A 137 13.09 -2.01 2.92
CA TYR A 137 13.92 -0.88 2.58
C TYR A 137 14.65 -0.39 3.81
N ASP A 138 15.95 -0.19 3.66
CA ASP A 138 16.77 0.26 4.77
C ASP A 138 16.40 1.68 5.14
N TYR A 139 15.67 1.79 6.24
CA TYR A 139 15.20 3.07 6.74
C TYR A 139 14.42 2.86 8.02
N ALA A 140 14.71 3.67 9.04
CA ALA A 140 14.02 3.53 10.31
C ALA A 140 12.57 3.94 10.16
N THR A 141 11.70 2.96 10.25
CA THR A 141 10.27 3.17 10.09
C THR A 141 9.51 2.96 11.39
N LYS A 142 8.42 3.71 11.55
CA LYS A 142 7.58 3.61 12.73
C LYS A 142 6.10 3.53 12.34
N THR A 143 5.34 2.88 13.19
CA THR A 143 3.90 2.76 13.03
C THR A 143 3.31 4.12 12.60
N GLY A 144 2.11 4.12 12.05
CA GLY A 144 1.47 5.36 11.63
C GLY A 144 1.75 5.68 10.18
N GLN A 145 2.72 4.96 9.64
CA GLN A 145 3.13 5.15 8.25
C GLN A 145 2.55 4.05 7.35
N CYS A 146 1.67 3.20 7.88
CA CYS A 146 1.12 2.10 7.09
C CYS A 146 0.27 2.61 5.93
N GLY A 147 0.40 1.90 4.79
CA GLY A 147 -0.32 2.28 3.59
C GLY A 147 0.52 3.17 2.71
N GLY A 148 1.68 3.56 3.22
CA GLY A 148 2.57 4.41 2.46
C GLY A 148 2.85 3.81 1.09
N VAL A 149 2.73 4.63 0.07
CA VAL A 149 2.92 4.16 -1.30
C VAL A 149 4.39 4.11 -1.72
N LEU A 150 4.87 2.88 -1.89
CA LEU A 150 6.24 2.64 -2.33
C LEU A 150 6.22 2.71 -3.84
N CYS A 151 6.74 3.80 -4.38
CA CYS A 151 6.68 3.99 -5.81
C CYS A 151 7.91 4.69 -6.37
N ALA A 152 7.85 4.81 -7.68
CA ALA A 152 8.87 5.49 -8.45
C ALA A 152 8.19 6.21 -9.58
N THR A 153 8.95 6.95 -10.35
CA THR A 153 8.37 7.67 -11.46
C THR A 153 7.95 6.73 -12.59
N GLY A 154 6.66 6.44 -12.65
CA GLY A 154 6.13 5.56 -13.69
C GLY A 154 6.10 4.10 -13.30
N LYS A 155 6.29 3.81 -12.02
CA LYS A 155 6.26 2.43 -11.53
C LYS A 155 5.90 2.38 -10.06
N ILE A 156 4.99 1.47 -9.73
CA ILE A 156 4.56 1.27 -8.35
C ILE A 156 5.09 -0.09 -7.88
N PHE A 157 5.70 -0.12 -6.70
CA PHE A 157 6.24 -1.38 -6.18
C PHE A 157 5.28 -2.02 -5.20
N GLY A 158 4.71 -1.19 -4.33
CA GLY A 158 3.78 -1.69 -3.34
C GLY A 158 3.44 -0.66 -2.27
N ILE A 159 3.09 -1.14 -1.09
CA ILE A 159 2.74 -0.22 0.00
C ILE A 159 3.38 -0.61 1.33
N HIS A 160 3.63 0.40 2.13
CA HIS A 160 4.18 0.24 3.46
C HIS A 160 3.20 -0.57 4.32
N VAL A 161 3.61 -1.73 4.79
CA VAL A 161 2.72 -2.55 5.59
C VAL A 161 3.22 -2.65 7.02
N GLY A 162 4.51 -2.40 7.18
CA GLY A 162 5.11 -2.44 8.48
C GLY A 162 6.59 -2.16 8.42
N GLY A 163 7.31 -2.78 9.33
CA GLY A 163 8.72 -2.61 9.37
C GLY A 163 9.30 -3.24 10.59
N ASN A 164 10.58 -3.48 10.56
CA ASN A 164 11.23 -4.05 11.70
C ASN A 164 12.44 -3.21 12.06
N GLY A 165 12.16 -2.14 12.78
CA GLY A 165 13.20 -1.24 13.20
C GLY A 165 13.78 -0.40 12.07
N ARG A 166 14.99 -0.73 11.66
CA ARG A 166 15.68 0.02 10.61
C ARG A 166 15.41 -0.54 9.24
N GLN A 167 14.49 -1.49 9.16
CA GLN A 167 14.11 -2.07 7.88
C GLN A 167 12.61 -1.94 7.69
N GLY A 168 12.19 -1.10 6.77
CA GLY A 168 10.78 -0.94 6.52
C GLY A 168 10.26 -2.10 5.71
N PHE A 169 9.07 -2.56 5.99
CA PHE A 169 8.54 -3.69 5.27
C PHE A 169 7.29 -3.34 4.53
N SER A 170 7.32 -3.65 3.24
CA SER A 170 6.23 -3.36 2.33
C SER A 170 5.77 -4.61 1.61
N ALA A 171 4.58 -4.53 1.03
CA ALA A 171 4.03 -5.65 0.29
C ALA A 171 4.24 -5.45 -1.19
N GLN A 172 4.55 -6.55 -1.85
CA GLN A 172 4.81 -6.55 -3.27
C GLN A 172 3.54 -6.47 -4.09
N LEU A 173 3.27 -5.32 -4.69
CA LEU A 173 2.08 -5.18 -5.50
C LEU A 173 2.40 -5.45 -6.98
N LYS A 174 2.36 -6.73 -7.39
CA LYS A 174 2.63 -7.09 -8.79
C LYS A 174 1.40 -6.79 -9.63
N LYS A 175 1.58 -6.17 -10.81
CA LYS A 175 0.43 -5.87 -11.66
C LYS A 175 -0.36 -7.14 -11.92
N GLN A 176 0.36 -8.24 -12.05
CA GLN A 176 -0.21 -9.55 -12.31
C GLN A 176 -1.32 -9.92 -11.32
N TYR A 177 -1.17 -9.50 -10.06
CA TYR A 177 -2.16 -9.81 -9.04
C TYR A 177 -3.45 -9.00 -9.26
N PHE A 178 -3.33 -7.84 -9.91
CA PHE A 178 -4.49 -7.00 -10.18
C PHE A 178 -5.15 -7.41 -11.49
N VAL A 179 -4.52 -8.37 -12.17
CA VAL A 179 -5.05 -8.93 -13.39
C VAL A 179 -5.66 -10.28 -13.01
N GLU A 180 -5.03 -10.89 -11.99
CA GLU A 180 -5.49 -12.15 -11.42
C GLU A 180 -6.92 -11.93 -10.96
N LYS A 181 -7.11 -10.81 -10.25
CA LYS A 181 -8.42 -10.40 -9.81
C LYS A 181 -8.95 -9.44 -10.86
N GLN A 182 -10.21 -9.58 -11.23
CA GLN A 182 -10.77 -8.71 -12.24
C GLN A 182 -11.56 -7.57 -11.61
C ACE B 1 13.03 -13.32 11.52
O ACE B 1 13.44 -12.94 12.61
CH3 ACE B 1 13.20 -14.76 11.10
H1 ACE B 1 12.84 -15.39 11.91
H2 ACE B 1 14.24 -14.98 10.91
H3 ACE B 1 12.61 -14.96 10.22
N LEU B 2 12.20 -12.59 10.79
CA LEU B 2 11.98 -11.21 11.17
C LEU B 2 10.56 -11.00 11.60
N GLU B 3 10.39 -10.56 12.81
CA GLU B 3 9.08 -10.23 13.26
C GLU B 3 8.92 -8.75 13.09
N ALA B 4 8.74 -8.36 11.84
CA ALA B 4 8.52 -6.98 11.53
C ALA B 4 7.09 -6.70 11.91
N LEU B 5 6.80 -5.52 12.36
CA LEU B 5 5.45 -5.22 12.81
C LEU B 5 4.65 -4.36 11.87
N PHE B 6 3.34 -4.58 11.87
CA PHE B 6 2.49 -3.75 11.09
C PHE B 6 2.69 -2.32 11.54
N YTF B 7 2.80 -1.43 10.59
CA YTF B 7 2.95 -0.03 10.91
CB YTF B 7 4.29 0.49 10.41
CG YTF B 7 5.50 -0.06 11.16
CD YTF B 7 6.80 0.52 10.63
OE1 YTF B 7 6.81 1.56 9.96
NE2 YTF B 7 7.91 -0.14 10.93
C YTF B 7 1.78 0.73 10.26
CX6 YTF B 7 0.59 0.79 11.21
CX7 YTF B 7 -0.12 2.11 11.15
OX8 YTF B 7 0.29 2.98 10.36
OX9 YTF B 7 -1.12 2.27 11.87
CJ1 YTF B 7 -1.91 3.58 11.89
CJ2 YTF B 7 -3.10 3.72 12.81
H YTF B 7 2.78 -1.70 9.65
HA YTF B 7 2.88 0.09 11.98
HB2 YTF B 7 4.40 0.23 9.36
HB3 YTF B 7 4.31 1.57 10.49
HG2 YTF B 7 5.40 0.18 12.20
HG3 YTF B 7 5.51 -1.13 11.04
HE22 YTF B 7 8.76 0.22 10.61
HE21 YTF B 7 7.83 -0.98 11.44
H1 YTF B 7 2.12 1.74 10.04
H31 YTF B 7 0.95 0.65 12.22
H3 YTF B 7 -0.09 -0.01 10.95
H4 YTF B 7 -2.27 3.76 10.88
H5 YTF B 7 -1.24 4.38 12.13
H7 YTF B 7 -3.46 4.74 12.77
H8 YTF B 7 -2.81 3.49 13.82
H6 YTF B 7 -3.89 3.05 12.50
N GLY A 1 11.11 17.19 -8.38
CA GLY A 1 11.53 16.50 -9.64
C GLY A 1 10.47 15.55 -10.17
N PRO A 2 10.86 14.61 -11.03
CA PRO A 2 9.94 13.64 -11.63
C PRO A 2 9.21 12.77 -10.60
N ASN A 3 9.88 12.41 -9.50
CA ASN A 3 9.23 11.59 -8.49
C ASN A 3 8.22 12.42 -7.72
N THR A 4 8.57 13.69 -7.51
CA THR A 4 7.69 14.64 -6.84
C THR A 4 6.46 14.86 -7.70
N GLU A 5 6.73 15.03 -8.98
CA GLU A 5 5.72 15.23 -10.01
C GLU A 5 4.73 14.06 -10.04
N PHE A 6 5.29 12.85 -10.01
CA PHE A 6 4.49 11.64 -10.02
C PHE A 6 3.69 11.52 -8.73
N ALA A 7 4.37 11.77 -7.61
CA ALA A 7 3.75 11.69 -6.29
C ALA A 7 2.57 12.66 -6.12
N LEU A 8 2.71 13.90 -6.59
CA LEU A 8 1.65 14.89 -6.46
C LEU A 8 0.40 14.45 -7.23
N SER A 9 0.60 13.98 -8.46
CA SER A 9 -0.50 13.51 -9.27
C SER A 9 -1.13 12.27 -8.64
N LEU A 10 -0.28 11.40 -8.11
CA LEU A 10 -0.72 10.18 -7.42
C LEU A 10 -1.51 10.54 -6.16
N LEU A 11 -0.97 11.50 -5.41
CA LEU A 11 -1.57 12.00 -4.18
C LEU A 11 -3.01 12.47 -4.42
N ARG A 12 -3.20 13.24 -5.48
CA ARG A 12 -4.50 13.83 -5.81
C ARG A 12 -5.55 12.82 -6.29
N LYS A 13 -5.20 11.92 -7.20
CA LYS A 13 -6.19 11.00 -7.75
C LYS A 13 -6.10 9.55 -7.28
N ASN A 14 -5.12 9.21 -6.44
CA ASN A 14 -5.00 7.81 -6.00
C ASN A 14 -4.74 7.67 -4.53
N ILE A 15 -4.40 8.76 -3.85
CA ILE A 15 -4.11 8.69 -2.43
C ILE A 15 -5.22 9.31 -1.60
N MET A 16 -6.05 8.45 -1.01
CA MET A 16 -7.14 8.92 -0.17
C MET A 16 -6.99 8.36 1.23
N THR A 17 -7.19 9.23 2.18
CA THR A 17 -7.11 8.86 3.58
C THR A 17 -8.29 7.98 3.95
N ILE A 18 -8.07 6.68 4.05
CA ILE A 18 -9.16 5.82 4.42
C ILE A 18 -9.13 5.58 5.90
N THR A 19 -9.99 6.31 6.60
CA THR A 19 -10.06 6.19 8.03
C THR A 19 -11.15 5.23 8.38
N THR A 20 -10.81 4.28 9.24
CA THR A 20 -11.73 3.27 9.65
C THR A 20 -11.49 2.86 11.11
N SER A 21 -11.93 1.68 11.47
CA SER A 21 -11.84 1.21 12.86
C SER A 21 -10.45 1.30 13.53
N LYS A 22 -9.39 0.79 12.89
CA LYS A 22 -8.08 0.80 13.54
C LYS A 22 -7.30 2.11 13.35
N GLY A 23 -7.72 2.93 12.37
CA GLY A 23 -7.03 4.19 12.16
C GLY A 23 -7.21 4.79 10.78
N GLU A 24 -6.27 5.64 10.41
CA GLU A 24 -6.27 6.29 9.12
C GLU A 24 -5.09 5.79 8.30
N PHE A 25 -5.38 5.09 7.23
CA PHE A 25 -4.34 4.54 6.40
C PHE A 25 -4.42 5.05 4.99
N THR A 26 -3.30 4.95 4.30
CA THR A 26 -3.22 5.38 2.92
C THR A 26 -3.96 4.42 2.01
N GLY A 27 -5.12 4.85 1.54
CA GLY A 27 -5.89 4.01 0.64
C GLY A 27 -5.48 4.28 -0.79
N LEU A 28 -4.77 3.35 -1.38
CA LEU A 28 -4.30 3.53 -2.73
C LEU A 28 -5.31 3.06 -3.76
N GLY A 29 -5.95 4.01 -4.43
CA GLY A 29 -6.90 3.65 -5.45
C GLY A 29 -6.15 3.05 -6.62
N ILE A 30 -6.44 1.79 -6.93
CA ILE A 30 -5.73 1.12 -8.01
C ILE A 30 -6.42 1.31 -9.35
N HIS A 31 -7.64 0.79 -9.46
CA HIS A 31 -8.38 0.90 -10.70
C HIS A 31 -9.90 0.94 -10.51
N ASP A 32 -10.51 1.90 -11.20
CA ASP A 32 -11.95 2.08 -11.19
C ASP A 32 -12.56 2.29 -9.80
N ARG A 33 -12.90 1.20 -9.13
CA ARG A 33 -13.53 1.29 -7.81
C ARG A 33 -12.81 0.40 -6.81
N VAL A 34 -11.63 -0.02 -7.20
CA VAL A 34 -10.81 -0.90 -6.39
C VAL A 34 -9.65 -0.15 -5.75
N CYS A 35 -9.59 -0.21 -4.43
CA CYS A 35 -8.53 0.42 -3.67
C CYS A 35 -7.81 -0.61 -2.83
N VAL A 36 -6.57 -0.33 -2.48
CA VAL A 36 -5.82 -1.24 -1.64
C VAL A 36 -5.52 -0.58 -0.31
N ILE A 37 -5.71 -1.35 0.74
CA ILE A 37 -5.51 -0.88 2.10
C ILE A 37 -4.98 -2.02 2.96
N PRO A 38 -4.05 -1.75 3.89
CA PRO A 38 -3.52 -2.79 4.75
C PRO A 38 -4.65 -3.55 5.42
N THR A 39 -4.43 -4.82 5.71
CA THR A 39 -5.44 -5.64 6.34
C THR A 39 -5.60 -5.29 7.82
N HIS A 40 -4.50 -4.97 8.48
CA HIS A 40 -4.54 -4.62 9.89
C HIS A 40 -5.29 -3.31 10.14
N ALA A 41 -5.76 -2.67 9.07
CA ALA A 41 -6.52 -1.44 9.19
C ALA A 41 -7.92 -1.75 9.70
N GLN A 42 -8.32 -3.00 9.49
CA GLN A 42 -9.64 -3.48 9.90
C GLN A 42 -10.75 -2.63 9.30
N PRO A 43 -10.96 -2.76 7.99
CA PRO A 43 -11.99 -2.00 7.26
C PRO A 43 -13.40 -2.33 7.72
N GLY A 44 -14.17 -1.30 8.09
CA GLY A 44 -15.53 -1.50 8.55
C GLY A 44 -16.49 -1.79 7.42
N ASP A 45 -17.80 -1.78 7.70
CA ASP A 45 -18.80 -2.03 6.64
C ASP A 45 -18.95 -0.78 5.80
N ASP A 46 -18.46 0.32 6.37
CA ASP A 46 -18.41 1.60 5.69
C ASP A 46 -17.12 2.27 6.13
N VAL A 47 -16.42 2.86 5.21
CA VAL A 47 -15.17 3.51 5.52
C VAL A 47 -15.22 4.93 5.03
N LEU A 48 -14.42 5.81 5.61
CA LEU A 48 -14.42 7.18 5.17
C LEU A 48 -13.28 7.39 4.20
N VAL A 49 -13.58 7.44 2.91
CA VAL A 49 -12.56 7.64 1.91
C VAL A 49 -12.26 9.14 1.73
N ASN A 50 -11.15 9.55 2.34
CA ASN A 50 -10.72 10.95 2.33
C ASN A 50 -11.69 11.81 3.12
N GLY A 51 -12.48 11.16 3.99
CA GLY A 51 -13.42 11.88 4.83
C GLY A 51 -14.88 11.52 4.54
N GLN A 52 -15.15 11.01 3.34
CA GLN A 52 -16.52 10.66 2.98
C GLN A 52 -16.83 9.20 3.29
N LYS A 53 -17.76 8.98 4.21
CA LYS A 53 -18.15 7.63 4.57
C LYS A 53 -18.83 7.00 3.37
N ILE A 54 -18.36 5.83 2.99
CA ILE A 54 -18.91 5.12 1.86
C ILE A 54 -19.01 3.63 2.18
N ARG A 55 -20.11 3.02 1.79
CA ARG A 55 -20.33 1.61 2.05
C ARG A 55 -19.32 0.77 1.28
N VAL A 56 -18.79 -0.27 1.91
CA VAL A 56 -17.86 -1.14 1.23
C VAL A 56 -18.64 -2.21 0.48
N LYS A 57 -18.26 -2.50 -0.76
CA LYS A 57 -18.94 -3.51 -1.55
C LYS A 57 -18.49 -4.88 -1.08
N ASP A 58 -17.19 -5.01 -0.96
CA ASP A 58 -16.55 -6.23 -0.50
C ASP A 58 -15.08 -5.95 -0.21
N LYS A 59 -14.60 -6.41 0.93
CA LYS A 59 -13.20 -6.20 1.29
C LYS A 59 -12.48 -7.53 1.14
N TYR A 60 -11.91 -7.72 -0.03
CA TYR A 60 -11.22 -8.95 -0.33
C TYR A 60 -9.78 -8.90 0.11
N LYS A 61 -9.50 -9.63 1.19
CA LYS A 61 -8.17 -9.70 1.76
C LYS A 61 -7.31 -10.63 0.94
N LEU A 62 -6.22 -10.12 0.42
CA LEU A 62 -5.34 -10.94 -0.39
C LEU A 62 -4.28 -11.62 0.46
N VAL A 63 -4.38 -12.92 0.54
CA VAL A 63 -3.36 -13.69 1.19
C VAL A 63 -2.41 -14.10 0.09
N ASP A 64 -1.23 -14.55 0.42
CA ASP A 64 -0.30 -14.95 -0.60
C ASP A 64 -0.74 -16.25 -1.29
N PRO A 65 -0.63 -16.32 -2.63
CA PRO A 65 -1.02 -17.52 -3.38
C PRO A 65 -0.37 -18.79 -2.84
N GLU A 66 0.68 -18.65 -2.01
CA GLU A 66 1.32 -19.81 -1.42
C GLU A 66 0.65 -20.13 -0.08
N ASN A 67 -0.56 -19.55 0.10
CA ASN A 67 -1.39 -19.73 1.30
C ASN A 67 -0.81 -19.01 2.51
N ILE A 68 0.19 -18.18 2.26
CA ILE A 68 0.83 -17.38 3.30
C ILE A 68 0.14 -16.02 3.35
N ASN A 69 0.53 -15.14 4.27
CA ASN A 69 -0.11 -13.84 4.34
C ASN A 69 0.50 -12.87 3.31
N LEU A 70 -0.34 -12.02 2.74
CA LEU A 70 0.12 -11.01 1.79
C LEU A 70 -0.20 -9.63 2.40
N GLU A 71 -1.26 -9.61 3.23
CA GLU A 71 -1.64 -8.40 3.97
C GLU A 71 -2.20 -7.32 3.08
N LEU A 72 -2.47 -7.69 1.83
CA LEU A 72 -2.99 -6.78 0.83
C LEU A 72 -4.52 -6.87 0.72
N THR A 73 -5.23 -5.90 1.29
CA THR A 73 -6.68 -5.91 1.23
C THR A 73 -7.20 -5.17 0.01
N VAL A 74 -7.84 -5.92 -0.87
CA VAL A 74 -8.43 -5.35 -2.06
C VAL A 74 -9.78 -4.82 -1.69
N LEU A 75 -9.81 -3.54 -1.37
CA LEU A 75 -11.03 -2.88 -0.97
C LEU A 75 -11.85 -2.49 -2.16
N THR A 76 -12.90 -3.25 -2.37
CA THR A 76 -13.80 -3.01 -3.47
C THR A 76 -15.01 -2.25 -2.98
N LEU A 77 -15.15 -1.03 -3.47
CA LEU A 77 -16.25 -0.17 -3.08
C LEU A 77 -17.11 0.16 -4.27
N ASP A 78 -18.40 0.37 -4.05
CA ASP A 78 -19.23 0.81 -5.13
C ASP A 78 -19.03 2.31 -5.15
N ARG A 79 -18.05 2.72 -5.94
CA ARG A 79 -17.63 4.12 -6.01
C ARG A 79 -17.93 4.79 -7.34
N ASN A 80 -18.88 5.71 -7.30
CA ASN A 80 -19.28 6.47 -8.47
C ASN A 80 -18.06 7.22 -9.00
N GLU A 81 -17.43 8.00 -8.12
CA GLU A 81 -16.23 8.73 -8.50
C GLU A 81 -15.07 7.76 -8.59
N LYS A 82 -14.85 7.25 -9.79
CA LYS A 82 -13.83 6.25 -10.03
C LYS A 82 -12.41 6.80 -9.93
N PHE A 83 -11.52 5.93 -9.47
CA PHE A 83 -10.12 6.27 -9.28
C PHE A 83 -9.31 6.04 -10.55
N ARG A 84 -8.30 6.87 -10.73
CA ARG A 84 -7.42 6.76 -11.88
C ARG A 84 -6.77 5.38 -11.88
N ASP A 85 -6.96 4.58 -12.92
CA ASP A 85 -6.40 3.23 -12.93
C ASP A 85 -4.91 3.23 -13.24
N ILE A 86 -4.11 3.23 -12.17
CA ILE A 86 -2.66 3.22 -12.25
C ILE A 86 -2.19 1.77 -12.30
N ARG A 87 -3.11 0.88 -12.62
CA ARG A 87 -2.82 -0.55 -12.67
C ARG A 87 -1.70 -0.87 -13.67
N GLY A 88 -1.50 0.00 -14.67
CA GLY A 88 -0.45 -0.24 -15.66
C GLY A 88 0.91 0.24 -15.19
N PHE A 89 0.91 1.04 -14.13
CA PHE A 89 2.15 1.55 -13.55
C PHE A 89 2.58 0.66 -12.41
N ILE A 90 1.75 -0.33 -12.12
CA ILE A 90 2.02 -1.26 -11.05
C ILE A 90 2.95 -2.33 -11.54
N SER A 91 4.03 -2.51 -10.80
CA SER A 91 5.08 -3.43 -11.17
C SER A 91 4.86 -4.90 -10.79
N GLU A 92 4.64 -5.73 -11.82
CA GLU A 92 4.56 -7.16 -11.62
C GLU A 92 6.01 -7.53 -11.33
N ASP A 93 6.85 -7.04 -12.24
CA ASP A 93 8.30 -7.13 -12.11
C ASP A 93 8.72 -5.78 -11.54
N LEU A 94 9.27 -5.79 -10.34
CA LEU A 94 9.60 -4.55 -9.65
C LEU A 94 10.62 -3.64 -10.34
N GLU A 95 11.87 -4.07 -10.34
CA GLU A 95 12.95 -3.22 -10.83
C GLU A 95 12.90 -1.99 -9.96
N GLY A 96 13.22 -2.19 -8.68
CA GLY A 96 13.17 -1.14 -7.71
C GLY A 96 14.23 -1.25 -6.64
N VAL A 97 15.44 -0.91 -7.01
CA VAL A 97 16.56 -0.92 -6.08
C VAL A 97 16.76 0.50 -5.56
N ASP A 98 15.89 1.37 -6.04
CA ASP A 98 15.86 2.79 -5.68
C ASP A 98 14.41 3.27 -5.79
N ALA A 99 13.87 3.85 -4.73
CA ALA A 99 12.48 4.28 -4.79
C ALA A 99 12.16 5.42 -3.87
N THR A 100 10.91 5.84 -3.99
CA THR A 100 10.34 6.90 -3.19
C THR A 100 9.24 6.33 -2.32
N LEU A 101 9.18 6.77 -1.08
CA LEU A 101 8.16 6.31 -0.15
C LEU A 101 7.27 7.49 0.21
N VAL A 102 6.02 7.47 -0.25
CA VAL A 102 5.11 8.57 0.04
C VAL A 102 4.08 8.13 1.05
N VAL A 103 3.98 8.87 2.15
CA VAL A 103 3.04 8.53 3.22
C VAL A 103 1.93 9.57 3.40
N HIS A 104 0.75 9.04 3.63
CA HIS A 104 -0.43 9.84 3.90
C HIS A 104 -1.31 9.03 4.82
N SER A 105 -0.84 8.93 6.06
CA SER A 105 -1.52 8.16 7.09
C SER A 105 -1.81 9.01 8.33
N ASN A 106 -2.31 8.35 9.38
CA ASN A 106 -2.63 9.04 10.62
C ASN A 106 -1.40 9.71 11.24
N ASN A 107 -0.27 8.99 11.27
CA ASN A 107 0.96 9.52 11.84
C ASN A 107 1.77 10.34 10.85
N PHE A 108 1.85 9.88 9.60
CA PHE A 108 2.61 10.61 8.58
C PHE A 108 1.74 11.14 7.46
N THR A 109 1.36 12.41 7.54
CA THR A 109 0.55 13.03 6.50
C THR A 109 1.40 13.99 5.66
N ASN A 110 1.43 13.74 4.35
CA ASN A 110 2.20 14.55 3.41
C ASN A 110 3.70 14.42 3.62
N THR A 111 4.23 13.28 3.21
CA THR A 111 5.65 13.01 3.33
C THR A 111 6.18 12.22 2.13
N ILE A 112 6.85 12.95 1.25
CA ILE A 112 7.49 12.37 0.07
C ILE A 112 8.94 12.16 0.44
N LEU A 113 9.33 10.90 0.60
CA LEU A 113 10.67 10.60 1.08
C LEU A 113 11.45 9.66 0.17
N GLU A 114 12.61 10.12 -0.30
CA GLU A 114 13.48 9.29 -1.12
C GLU A 114 14.11 8.28 -0.19
N VAL A 115 13.84 7.00 -0.40
CA VAL A 115 14.39 6.01 0.49
C VAL A 115 15.74 5.49 -0.01
N GLY A 116 15.96 5.56 -1.31
CA GLY A 116 17.21 5.09 -1.86
C GLY A 116 17.25 3.60 -2.07
N PRO A 117 18.25 2.91 -1.51
CA PRO A 117 18.39 1.47 -1.67
C PRO A 117 17.23 0.69 -1.06
N VAL A 118 16.55 -0.05 -1.93
CA VAL A 118 15.45 -0.90 -1.53
C VAL A 118 15.57 -2.24 -2.24
N THR A 119 15.23 -3.32 -1.55
CA THR A 119 15.36 -4.66 -2.11
C THR A 119 14.35 -5.60 -1.44
N MET A 120 13.71 -6.49 -2.20
CA MET A 120 12.72 -7.37 -1.59
C MET A 120 13.40 -8.44 -0.77
N ALA A 121 12.79 -8.73 0.39
CA ALA A 121 13.32 -9.73 1.31
C ALA A 121 12.77 -11.11 1.01
N GLY A 122 11.47 -11.29 1.20
CA GLY A 122 10.86 -12.57 0.94
C GLY A 122 9.73 -12.93 1.90
N LEU A 123 9.92 -14.07 2.56
CA LEU A 123 8.95 -14.61 3.52
C LEU A 123 9.43 -14.36 4.95
N ILE A 124 8.67 -13.59 5.72
CA ILE A 124 9.02 -13.31 7.10
C ILE A 124 7.79 -13.36 7.99
N ASN A 125 7.94 -13.05 9.27
CA ASN A 125 6.81 -13.08 10.19
C ASN A 125 6.34 -11.69 10.53
N LEU A 126 5.50 -11.12 9.67
CA LEU A 126 4.97 -9.78 9.88
C LEU A 126 4.06 -9.77 11.12
N SER A 127 4.54 -9.14 12.19
CA SER A 127 3.79 -9.06 13.43
C SER A 127 3.51 -10.47 13.99
N SER A 128 4.47 -11.38 13.77
CA SER A 128 4.38 -12.76 14.24
C SER A 128 3.44 -13.57 13.35
N THR A 129 3.03 -12.97 12.23
CA THR A 129 2.17 -13.63 11.25
C THR A 129 2.94 -13.88 9.95
N PRO A 130 3.20 -15.16 9.60
CA PRO A 130 3.95 -15.50 8.41
C PRO A 130 3.38 -14.81 7.18
N THR A 131 4.18 -13.91 6.65
CA THR A 131 3.79 -13.13 5.48
C THR A 131 4.84 -13.28 4.38
N ASN A 132 4.38 -13.41 3.13
CA ASN A 132 5.28 -13.62 2.01
C ASN A 132 5.33 -12.44 1.03
N ARG A 133 6.41 -12.40 0.25
CA ARG A 133 6.63 -11.38 -0.76
C ARG A 133 6.59 -9.98 -0.18
N MET A 134 7.50 -9.72 0.74
CA MET A 134 7.60 -8.40 1.38
C MET A 134 8.86 -7.70 0.91
N ILE A 135 8.71 -6.43 0.54
CA ILE A 135 9.83 -5.63 0.09
C ILE A 135 10.48 -5.01 1.32
N ARG A 136 11.77 -4.83 1.26
CA ARG A 136 12.49 -4.27 2.38
C ARG A 136 13.43 -3.16 1.97
N TYR A 137 13.58 -2.18 2.84
CA TYR A 137 14.51 -1.11 2.61
C TYR A 137 15.16 -0.73 3.92
N ASP A 138 16.47 -0.54 3.91
CA ASP A 138 17.15 -0.23 5.14
C ASP A 138 17.06 1.25 5.44
N TYR A 139 16.06 1.56 6.24
CA TYR A 139 15.76 2.90 6.69
C TYR A 139 14.98 2.82 7.99
N ALA A 140 15.36 3.63 8.95
CA ALA A 140 14.70 3.61 10.25
C ALA A 140 13.23 3.94 10.11
N THR A 141 12.41 2.92 10.23
CA THR A 141 10.97 3.06 10.11
C THR A 141 10.27 2.65 11.40
N LYS A 142 9.23 3.38 11.76
CA LYS A 142 8.47 3.11 12.96
C LYS A 142 6.98 3.03 12.69
N THR A 143 6.29 2.48 13.66
CA THR A 143 4.86 2.41 13.63
C THR A 143 4.35 3.78 13.13
N GLY A 144 3.20 3.82 12.47
CA GLY A 144 2.69 5.10 11.94
C GLY A 144 3.04 5.27 10.48
N GLN A 145 4.16 4.68 10.11
CA GLN A 145 4.67 4.70 8.74
C GLN A 145 3.78 3.86 7.81
N CYS A 146 2.82 3.16 8.42
CA CYS A 146 1.90 2.28 7.68
C CYS A 146 1.09 3.00 6.61
N GLY A 147 0.97 2.35 5.44
CA GLY A 147 0.20 2.91 4.35
C GLY A 147 1.06 3.58 3.31
N GLY A 148 2.29 3.90 3.69
CA GLY A 148 3.20 4.55 2.77
C GLY A 148 3.36 3.79 1.48
N VAL A 149 3.15 4.48 0.38
CA VAL A 149 3.25 3.88 -0.94
C VAL A 149 4.66 3.92 -1.49
N LEU A 150 5.23 2.75 -1.69
CA LEU A 150 6.57 2.63 -2.26
C LEU A 150 6.43 2.74 -3.76
N CYS A 151 6.92 3.85 -4.29
CA CYS A 151 6.78 4.09 -5.70
C CYS A 151 7.96 4.85 -6.29
N ALA A 152 7.83 5.14 -7.56
CA ALA A 152 8.80 5.88 -8.32
C ALA A 152 8.11 6.43 -9.55
N THR A 153 8.74 7.35 -10.24
CA THR A 153 8.08 7.92 -11.40
C THR A 153 7.85 6.84 -12.46
N GLY A 154 6.58 6.45 -12.62
CA GLY A 154 6.21 5.43 -13.60
C GLY A 154 6.22 4.02 -13.05
N LYS A 155 6.53 3.86 -11.77
CA LYS A 155 6.57 2.52 -11.18
C LYS A 155 6.02 2.48 -9.76
N ILE A 156 4.98 1.68 -9.56
CA ILE A 156 4.40 1.47 -8.25
C ILE A 156 4.90 0.10 -7.78
N PHE A 157 5.43 0.01 -6.56
CA PHE A 157 5.98 -1.26 -6.09
C PHE A 157 5.11 -1.95 -5.06
N GLY A 158 4.75 -1.21 -4.01
CA GLY A 158 3.93 -1.78 -2.96
C GLY A 158 3.59 -0.77 -1.90
N ILE A 159 2.93 -1.24 -0.85
CA ILE A 159 2.57 -0.37 0.25
C ILE A 159 3.23 -0.83 1.53
N HIS A 160 3.69 0.14 2.30
CA HIS A 160 4.36 -0.12 3.55
C HIS A 160 3.36 -0.64 4.58
N VAL A 161 3.61 -1.83 5.13
CA VAL A 161 2.69 -2.43 6.09
C VAL A 161 3.33 -2.63 7.46
N GLY A 162 4.65 -2.45 7.52
CA GLY A 162 5.34 -2.60 8.78
C GLY A 162 6.84 -2.40 8.65
N GLY A 163 7.55 -2.88 9.64
CA GLY A 163 8.98 -2.75 9.64
C GLY A 163 9.62 -3.48 10.79
N ASN A 164 10.89 -3.80 10.63
CA ASN A 164 11.61 -4.50 11.66
C ASN A 164 12.92 -3.78 11.97
N GLY A 165 12.85 -2.86 12.93
CA GLY A 165 14.04 -2.10 13.32
C GLY A 165 14.46 -1.07 12.29
N ARG A 166 15.57 -1.36 11.61
CA ARG A 166 16.10 -0.46 10.58
C ARG A 166 15.62 -0.90 9.21
N GLN A 167 14.83 -1.95 9.21
CA GLN A 167 14.33 -2.52 7.97
C GLN A 167 12.84 -2.25 7.77
N GLY A 168 12.54 -1.39 6.80
CA GLY A 168 11.16 -1.08 6.52
C GLY A 168 10.56 -2.17 5.66
N PHE A 169 9.34 -2.59 5.95
CA PHE A 169 8.74 -3.66 5.19
C PHE A 169 7.45 -3.27 4.52
N SER A 170 7.42 -3.48 3.21
CA SER A 170 6.27 -3.19 2.38
C SER A 170 5.78 -4.45 1.68
N ALA A 171 4.50 -4.52 1.38
CA ALA A 171 3.95 -5.66 0.68
C ALA A 171 3.95 -5.35 -0.80
N GLN A 172 4.46 -6.26 -1.64
CA GLN A 172 4.52 -5.93 -3.05
C GLN A 172 3.24 -6.30 -3.80
N LEU A 173 2.51 -5.27 -4.23
CA LEU A 173 1.29 -5.49 -4.98
C LEU A 173 1.63 -5.59 -6.46
N LYS A 174 1.81 -6.83 -6.93
CA LYS A 174 2.15 -7.10 -8.33
C LYS A 174 0.94 -6.90 -9.24
N LYS A 175 1.19 -6.31 -10.41
CA LYS A 175 0.17 -6.01 -11.40
C LYS A 175 -0.82 -7.16 -11.65
N GLN A 176 -0.32 -8.39 -11.60
CA GLN A 176 -1.14 -9.57 -11.88
C GLN A 176 -2.41 -9.68 -11.02
N TYR A 177 -2.40 -9.10 -9.82
CA TYR A 177 -3.56 -9.20 -8.93
C TYR A 177 -4.65 -8.19 -9.27
N PHE A 178 -4.33 -7.18 -10.06
CA PHE A 178 -5.31 -6.16 -10.42
C PHE A 178 -5.77 -6.26 -11.86
N VAL A 179 -4.86 -6.61 -12.77
CA VAL A 179 -5.23 -6.75 -14.16
C VAL A 179 -5.93 -8.09 -14.34
N GLU A 180 -6.16 -8.72 -13.18
CA GLU A 180 -6.87 -9.98 -13.05
C GLU A 180 -8.30 -9.80 -13.49
N LYS A 181 -8.81 -8.62 -13.15
CA LYS A 181 -10.18 -8.28 -13.41
C LYS A 181 -10.45 -7.66 -14.76
N GLN A 182 -10.73 -8.53 -15.71
CA GLN A 182 -11.09 -8.13 -17.06
C GLN A 182 -12.51 -8.63 -17.33
C ACE B 1 13.47 -13.16 9.50
O ACE B 1 14.30 -13.10 10.39
CH3 ACE B 1 13.45 -14.32 8.51
H1 ACE B 1 12.44 -14.43 8.14
H2 ACE B 1 13.75 -15.22 9.02
H3 ACE B 1 14.12 -14.12 7.69
N LEU B 2 12.51 -12.27 9.31
CA LEU B 2 12.37 -11.12 10.20
C LEU B 2 10.99 -11.14 10.84
N GLU B 3 10.84 -10.54 12.00
CA GLU B 3 9.53 -10.42 12.57
C GLU B 3 9.20 -8.96 12.59
N ALA B 4 8.96 -8.44 11.39
CA ALA B 4 8.63 -7.04 11.21
C ALA B 4 7.20 -6.83 11.62
N LEU B 5 6.97 -5.80 12.39
CA LEU B 5 5.65 -5.52 12.91
C LEU B 5 4.85 -4.53 12.09
N PHE B 6 3.53 -4.67 12.16
CA PHE B 6 2.68 -3.73 11.50
C PHE B 6 3.03 -2.35 12.03
N YTF B 7 3.10 -1.38 11.15
CA YTF B 7 3.38 -0.04 11.55
CB YTF B 7 4.73 0.43 10.99
CG YTF B 7 5.91 -0.32 11.58
CD YTF B 7 7.21 0.07 10.92
OE1 YTF B 7 7.22 0.58 9.81
NE2 YTF B 7 8.33 -0.16 11.60
C YTF B 7 2.23 0.85 11.02
CX6 YTF B 7 1.07 0.85 12.02
CX7 YTF B 7 0.26 2.12 12.01
OX8 YTF B 7 0.57 3.04 11.24
OX9 YTF B 7 -0.71 2.20 12.80
CJ1 YTF B 7 -1.63 3.43 12.93
CJ2 YTF B 7 -2.78 3.40 13.91
H YTF B 7 2.96 -1.58 10.21
HA YTF B 7 3.38 0.00 12.64
HB2 YTF B 7 4.72 0.28 9.92
HB3 YTF B 7 4.86 1.49 11.19
HG2 YTF B 7 5.96 -0.08 12.64
HG3 YTF B 7 5.77 -1.38 11.46
HE22 YTF B 7 9.18 0.08 11.18
HE21 YTF B 7 8.26 -0.54 12.50
H1 YTF B 7 2.60 1.87 10.88
H31 YTF B 7 1.46 0.73 13.02
H3 YTF B 7 0.41 0.02 11.79
H4 YTF B 7 -2.05 3.66 11.95
H5 YTF B 7 -1.02 4.27 13.22
H7 YTF B 7 -3.46 2.59 13.65
H8 YTF B 7 -3.31 4.33 13.87
H6 YTF B 7 -2.40 3.24 14.91
N GLY A 1 11.09 17.01 -8.94
CA GLY A 1 11.74 15.70 -9.16
C GLY A 1 10.79 14.69 -9.81
N PRO A 2 11.31 13.81 -10.67
CA PRO A 2 10.47 12.84 -11.38
C PRO A 2 9.58 12.00 -10.48
N ASN A 3 10.16 11.37 -9.46
CA ASN A 3 9.40 10.54 -8.54
C ASN A 3 8.46 11.39 -7.71
N THR A 4 9.00 12.49 -7.20
CA THR A 4 8.25 13.43 -6.38
C THR A 4 7.03 13.96 -7.10
N GLU A 5 7.18 14.31 -8.37
CA GLU A 5 6.08 14.86 -9.16
C GLU A 5 5.10 13.78 -9.60
N PHE A 6 5.56 12.54 -9.69
CA PHE A 6 4.68 11.43 -10.03
C PHE A 6 3.83 11.14 -8.81
N ALA A 7 4.49 11.15 -7.65
CA ALA A 7 3.84 10.93 -6.37
C ALA A 7 2.77 12.00 -6.10
N LEU A 8 3.15 13.26 -6.29
CA LEU A 8 2.27 14.40 -6.08
C LEU A 8 1.05 14.30 -7.00
N SER A 9 1.29 13.85 -8.22
CA SER A 9 0.21 13.67 -9.21
C SER A 9 -0.71 12.52 -8.81
N LEU A 10 -0.10 11.39 -8.46
CA LEU A 10 -0.83 10.19 -8.03
C LEU A 10 -1.66 10.50 -6.79
N LEU A 11 -1.07 11.30 -5.90
CA LEU A 11 -1.71 11.71 -4.66
C LEU A 11 -3.05 12.38 -4.93
N ARG A 12 -3.05 13.32 -5.87
CA ARG A 12 -4.24 14.07 -6.22
C ARG A 12 -5.27 13.20 -6.93
N LYS A 13 -4.82 12.17 -7.62
CA LYS A 13 -5.73 11.28 -8.37
C LYS A 13 -6.32 10.14 -7.54
N ASN A 14 -5.46 9.23 -7.06
CA ASN A 14 -5.93 8.01 -6.39
C ASN A 14 -5.58 7.86 -4.90
N ILE A 15 -4.84 8.77 -4.32
CA ILE A 15 -4.48 8.58 -2.91
C ILE A 15 -5.34 9.39 -1.95
N MET A 16 -5.83 8.71 -0.94
CA MET A 16 -6.66 9.32 0.09
C MET A 16 -6.49 8.59 1.40
N THR A 17 -6.57 9.33 2.49
CA THR A 17 -6.44 8.74 3.81
C THR A 17 -7.65 7.86 4.09
N ILE A 18 -7.43 6.57 4.28
CA ILE A 18 -8.54 5.68 4.57
C ILE A 18 -8.64 5.41 6.05
N THR A 19 -9.54 6.16 6.66
CA THR A 19 -9.82 6.02 8.06
C THR A 19 -10.53 4.71 8.24
N THR A 20 -9.77 3.71 8.64
CA THR A 20 -10.31 2.37 8.82
C THR A 20 -10.60 2.10 10.29
N SER A 21 -11.00 0.89 10.61
CA SER A 21 -11.34 0.57 11.97
C SER A 21 -10.11 0.52 12.88
N LYS A 22 -8.95 0.18 12.33
CA LYS A 22 -7.74 0.11 13.15
C LYS A 22 -7.04 1.46 13.20
N GLY A 23 -6.91 2.09 12.03
CA GLY A 23 -6.26 3.39 11.97
C GLY A 23 -6.51 4.10 10.65
N GLU A 24 -5.77 5.17 10.40
CA GLU A 24 -5.93 5.90 9.15
C GLU A 24 -4.72 5.65 8.28
N PHE A 25 -4.92 4.80 7.29
CA PHE A 25 -3.86 4.41 6.39
C PHE A 25 -3.90 5.21 5.11
N THR A 26 -2.80 5.13 4.39
CA THR A 26 -2.71 5.76 3.10
C THR A 26 -3.33 4.79 2.11
N GLY A 27 -4.50 5.12 1.62
CA GLY A 27 -5.17 4.24 0.70
C GLY A 27 -5.08 4.71 -0.71
N LEU A 28 -4.80 3.81 -1.64
CA LEU A 28 -4.69 4.21 -3.02
C LEU A 28 -5.62 3.42 -3.91
N GLY A 29 -6.28 4.13 -4.79
CA GLY A 29 -7.15 3.47 -5.73
C GLY A 29 -6.30 2.85 -6.81
N ILE A 30 -6.67 1.69 -7.30
CA ILE A 30 -5.88 1.03 -8.32
C ILE A 30 -6.48 1.30 -9.69
N HIS A 31 -7.77 0.98 -9.81
CA HIS A 31 -8.50 1.21 -11.06
C HIS A 31 -10.01 1.04 -10.88
N ASP A 32 -10.74 1.95 -11.52
CA ASP A 32 -12.20 1.94 -11.49
C ASP A 32 -12.78 2.00 -10.08
N ARG A 33 -12.98 0.84 -9.45
CA ARG A 33 -13.56 0.80 -8.10
C ARG A 33 -12.67 0.03 -7.14
N VAL A 34 -11.50 -0.34 -7.64
CA VAL A 34 -10.53 -1.07 -6.85
C VAL A 34 -9.61 -0.15 -6.07
N CYS A 35 -9.63 -0.30 -4.77
CA CYS A 35 -8.79 0.46 -3.87
C CYS A 35 -8.13 -0.51 -2.90
N VAL A 36 -6.87 -0.31 -2.55
CA VAL A 36 -6.21 -1.25 -1.66
C VAL A 36 -5.56 -0.61 -0.44
N ILE A 37 -5.51 -1.43 0.61
CA ILE A 37 -4.88 -1.12 1.88
C ILE A 37 -4.46 -2.45 2.49
N PRO A 38 -3.64 -2.48 3.55
CA PRO A 38 -3.21 -3.74 4.15
C PRO A 38 -4.37 -4.55 4.71
N THR A 39 -4.08 -5.76 5.19
CA THR A 39 -5.10 -6.62 5.77
C THR A 39 -5.38 -6.21 7.21
N HIS A 40 -4.33 -5.79 7.93
CA HIS A 40 -4.47 -5.38 9.33
C HIS A 40 -5.17 -4.02 9.44
N ALA A 41 -5.64 -3.48 8.32
CA ALA A 41 -6.34 -2.19 8.34
C ALA A 41 -7.70 -2.36 9.02
N GLN A 42 -8.25 -3.57 8.91
CA GLN A 42 -9.55 -3.89 9.50
C GLN A 42 -10.62 -3.01 8.88
N PRO A 43 -10.97 -3.29 7.62
CA PRO A 43 -11.97 -2.54 6.89
C PRO A 43 -13.39 -2.87 7.29
N GLY A 44 -14.12 -1.85 7.70
CA GLY A 44 -15.51 -2.06 8.06
C GLY A 44 -16.35 -2.08 6.80
N ASP A 45 -17.67 -2.10 6.95
CA ASP A 45 -18.55 -2.10 5.79
C ASP A 45 -18.78 -0.67 5.31
N ASP A 46 -18.46 0.24 6.19
CA ASP A 46 -18.60 1.67 5.93
C ASP A 46 -17.34 2.35 6.44
N VAL A 47 -16.51 2.83 5.52
CA VAL A 47 -15.26 3.46 5.91
C VAL A 47 -15.28 4.95 5.68
N LEU A 48 -14.47 5.64 6.44
CA LEU A 48 -14.36 7.08 6.33
C LEU A 48 -13.14 7.43 5.51
N VAL A 49 -13.32 7.75 4.23
CA VAL A 49 -12.16 8.11 3.44
C VAL A 49 -11.84 9.57 3.66
N ASN A 50 -10.93 9.79 4.61
CA ASN A 50 -10.51 11.13 4.98
C ASN A 50 -11.66 11.91 5.61
N GLY A 51 -12.69 11.19 6.05
CA GLY A 51 -13.84 11.81 6.67
C GLY A 51 -15.14 11.51 5.95
N GLN A 52 -15.03 11.14 4.68
CA GLN A 52 -16.21 10.83 3.87
C GLN A 52 -16.65 9.38 4.12
N LYS A 53 -17.86 9.17 4.63
CA LYS A 53 -18.33 7.81 4.88
C LYS A 53 -18.86 7.20 3.61
N ILE A 54 -18.22 6.11 3.21
CA ILE A 54 -18.60 5.39 2.00
C ILE A 54 -18.70 3.91 2.33
N ARG A 55 -19.80 3.28 1.93
CA ARG A 55 -19.98 1.86 2.20
C ARG A 55 -19.32 1.03 1.12
N VAL A 56 -18.47 0.12 1.55
CA VAL A 56 -17.78 -0.74 0.61
C VAL A 56 -18.70 -1.86 0.16
N LYS A 57 -18.58 -2.24 -1.11
CA LYS A 57 -19.40 -3.31 -1.64
C LYS A 57 -18.84 -4.63 -1.20
N ASP A 58 -17.55 -4.79 -1.47
CA ASP A 58 -16.87 -6.03 -1.15
C ASP A 58 -15.45 -5.78 -0.65
N LYS A 59 -15.15 -6.34 0.52
CA LYS A 59 -13.81 -6.24 1.08
C LYS A 59 -13.17 -7.62 0.99
N TYR A 60 -12.27 -7.76 0.03
CA TYR A 60 -11.60 -9.04 -0.22
C TYR A 60 -10.18 -9.05 0.31
N LYS A 61 -9.91 -9.98 1.21
CA LYS A 61 -8.57 -10.10 1.77
C LYS A 61 -7.67 -10.74 0.74
N LEU A 62 -6.57 -10.08 0.42
CA LEU A 62 -5.66 -10.64 -0.55
C LEU A 62 -4.59 -11.49 0.11
N VAL A 63 -4.69 -12.79 -0.17
CA VAL A 63 -3.71 -13.73 0.31
C VAL A 63 -3.02 -14.26 -0.93
N ASP A 64 -1.83 -14.80 -0.78
CA ASP A 64 -1.11 -15.32 -1.92
C ASP A 64 -1.82 -16.56 -2.49
N PRO A 65 -1.91 -16.69 -3.83
CA PRO A 65 -2.57 -17.85 -4.44
C PRO A 65 -1.98 -19.18 -3.97
N GLU A 66 -0.73 -19.15 -3.49
CA GLU A 66 -0.07 -20.34 -2.99
C GLU A 66 -0.44 -20.51 -1.51
N ASN A 67 -1.26 -19.55 -1.06
CA ASN A 67 -1.83 -19.46 0.29
C ASN A 67 -0.86 -19.09 1.39
N ILE A 68 -0.48 -17.82 1.35
CA ILE A 68 0.38 -17.18 2.34
C ILE A 68 -0.22 -15.81 2.63
N ASN A 69 -0.03 -15.28 3.82
CA ASN A 69 -0.57 -13.96 4.11
C ASN A 69 0.08 -12.94 3.17
N LEU A 70 -0.72 -12.38 2.25
CA LEU A 70 -0.21 -11.39 1.31
C LEU A 70 -0.31 -10.02 1.95
N GLU A 71 -1.27 -9.90 2.87
CA GLU A 71 -1.44 -8.70 3.67
C GLU A 71 -1.96 -7.51 2.89
N LEU A 72 -2.77 -7.78 1.89
CA LEU A 72 -3.41 -6.72 1.09
C LEU A 72 -4.91 -6.93 1.14
N THR A 73 -5.65 -5.85 1.02
CA THR A 73 -7.09 -5.94 1.05
C THR A 73 -7.70 -5.15 -0.09
N VAL A 74 -8.55 -5.80 -0.86
CA VAL A 74 -9.20 -5.11 -1.94
C VAL A 74 -10.46 -4.47 -1.43
N LEU A 75 -10.41 -3.17 -1.30
CA LEU A 75 -11.56 -2.41 -0.84
C LEU A 75 -12.33 -1.99 -2.06
N THR A 76 -13.29 -2.81 -2.43
CA THR A 76 -14.07 -2.56 -3.62
C THR A 76 -15.07 -1.44 -3.38
N LEU A 77 -14.63 -0.22 -3.67
CA LEU A 77 -15.46 0.97 -3.51
C LEU A 77 -16.10 1.35 -4.84
N ASP A 78 -17.29 0.83 -5.09
CA ASP A 78 -17.96 1.11 -6.34
C ASP A 78 -18.58 2.49 -6.29
N ARG A 79 -17.73 3.50 -6.11
CA ARG A 79 -18.15 4.89 -6.05
C ARG A 79 -18.34 5.45 -7.46
N ASN A 80 -19.09 6.55 -7.57
CA ASN A 80 -19.36 7.16 -8.85
C ASN A 80 -18.07 7.64 -9.53
N GLU A 81 -17.25 8.40 -8.81
CA GLU A 81 -15.99 8.87 -9.37
C GLU A 81 -14.98 7.73 -9.30
N LYS A 82 -14.64 7.20 -10.45
CA LYS A 82 -13.74 6.06 -10.54
C LYS A 82 -12.29 6.45 -10.33
N PHE A 83 -11.51 5.49 -9.83
CA PHE A 83 -10.10 5.70 -9.61
C PHE A 83 -9.36 5.54 -10.93
N ARG A 84 -8.35 6.37 -11.16
CA ARG A 84 -7.61 6.23 -12.41
C ARG A 84 -6.90 4.88 -12.43
N ASP A 85 -6.92 4.22 -13.57
CA ASP A 85 -6.28 2.92 -13.66
C ASP A 85 -4.76 3.05 -13.69
N ILE A 86 -4.15 3.06 -12.50
CA ILE A 86 -2.71 3.16 -12.36
C ILE A 86 -2.15 1.75 -12.39
N ARG A 87 -3.05 0.86 -12.78
CA ARG A 87 -2.78 -0.57 -12.88
C ARG A 87 -1.56 -0.89 -13.74
N GLY A 88 -1.36 -0.14 -14.82
CA GLY A 88 -0.22 -0.38 -15.69
C GLY A 88 1.12 0.03 -15.08
N PHE A 89 1.07 0.88 -14.05
CA PHE A 89 2.29 1.32 -13.40
C PHE A 89 2.68 0.34 -12.30
N ILE A 90 1.74 -0.54 -11.98
CA ILE A 90 1.97 -1.55 -10.95
C ILE A 90 2.82 -2.64 -11.57
N SER A 91 3.88 -3.01 -10.89
CA SER A 91 4.83 -3.97 -11.44
C SER A 91 5.04 -5.25 -10.62
N GLU A 92 4.79 -6.41 -11.26
CA GLU A 92 5.08 -7.68 -10.60
C GLU A 92 6.58 -7.70 -10.41
N ASP A 93 7.27 -7.39 -11.51
CA ASP A 93 8.71 -7.25 -11.50
C ASP A 93 8.96 -5.76 -11.32
N LEU A 94 9.64 -5.40 -10.26
CA LEU A 94 9.82 -4.00 -9.92
C LEU A 94 10.86 -3.25 -10.76
N GLU A 95 12.06 -3.78 -10.82
CA GLU A 95 13.15 -3.11 -11.52
C GLU A 95 13.10 -1.61 -11.25
N GLY A 96 13.35 -1.29 -9.98
CA GLY A 96 13.37 0.07 -9.48
C GLY A 96 13.94 0.10 -8.06
N VAL A 97 15.26 0.06 -7.99
CA VAL A 97 15.95 0.02 -6.71
C VAL A 97 15.86 1.35 -5.95
N ASP A 98 15.31 2.35 -6.59
CA ASP A 98 15.12 3.66 -5.97
C ASP A 98 13.62 3.92 -5.79
N ALA A 99 13.21 4.15 -4.56
CA ALA A 99 11.80 4.36 -4.27
C ALA A 99 11.59 5.43 -3.22
N THR A 100 10.47 6.12 -3.36
CA THR A 100 10.10 7.17 -2.43
C THR A 100 8.81 6.76 -1.73
N LEU A 101 8.80 6.96 -0.42
CA LEU A 101 7.64 6.58 0.39
C LEU A 101 6.67 7.75 0.53
N VAL A 102 5.46 7.57 0.01
CA VAL A 102 4.44 8.60 0.08
C VAL A 102 3.47 8.31 1.21
N VAL A 103 3.61 9.02 2.32
CA VAL A 103 2.72 8.83 3.46
C VAL A 103 1.64 9.91 3.50
N HIS A 104 0.41 9.45 3.52
CA HIS A 104 -0.75 10.32 3.57
C HIS A 104 -1.73 9.70 4.57
N SER A 105 -1.17 9.38 5.75
CA SER A 105 -1.90 8.71 6.83
C SER A 105 -2.19 9.65 8.01
N ASN A 106 -2.71 9.10 9.11
CA ASN A 106 -3.05 9.94 10.26
C ASN A 106 -1.82 10.63 10.86
N ASN A 107 -0.66 9.97 10.85
CA ASN A 107 0.54 10.56 11.44
C ASN A 107 0.86 11.92 10.83
N PHE A 108 0.89 11.97 9.53
CA PHE A 108 1.21 13.21 8.82
C PHE A 108 0.69 13.16 7.41
N THR A 109 0.02 14.23 7.01
CA THR A 109 -0.51 14.31 5.67
C THR A 109 0.56 14.80 4.69
N ASN A 110 0.94 13.92 3.77
CA ASN A 110 1.93 14.26 2.75
C ASN A 110 3.36 14.24 3.25
N THR A 111 3.87 13.05 3.48
CA THR A 111 5.26 12.85 3.88
C THR A 111 5.95 12.05 2.79
N ILE A 112 6.84 12.68 2.05
CA ILE A 112 7.51 11.94 1.00
C ILE A 112 8.94 11.71 1.38
N LEU A 113 9.18 10.50 1.86
CA LEU A 113 10.49 10.08 2.31
C LEU A 113 11.21 9.31 1.22
N GLU A 114 12.32 9.85 0.76
CA GLU A 114 13.11 9.19 -0.23
C GLU A 114 14.00 8.17 0.47
N VAL A 115 13.56 6.91 0.45
CA VAL A 115 14.27 5.86 1.15
C VAL A 115 15.44 5.31 0.34
N GLY A 116 15.45 5.59 -0.96
CA GLY A 116 16.55 5.15 -1.79
C GLY A 116 16.49 3.68 -2.19
N PRO A 117 17.58 2.95 -1.97
CA PRO A 117 17.67 1.54 -2.36
C PRO A 117 16.72 0.61 -1.62
N VAL A 118 15.84 -0.03 -2.39
CA VAL A 118 14.90 -1.00 -1.86
C VAL A 118 15.28 -2.37 -2.39
N THR A 119 15.01 -3.40 -1.61
CA THR A 119 15.34 -4.78 -2.00
C THR A 119 14.34 -5.73 -1.35
N MET A 120 13.97 -6.80 -2.05
CA MET A 120 13.00 -7.72 -1.50
C MET A 120 13.66 -8.71 -0.54
N ALA A 121 12.93 -9.05 0.52
CA ALA A 121 13.43 -9.98 1.53
C ALA A 121 12.85 -11.36 1.27
N GLY A 122 11.56 -11.39 0.94
CA GLY A 122 10.89 -12.65 0.67
C GLY A 122 9.83 -12.99 1.69
N LEU A 123 9.90 -14.20 2.21
CA LEU A 123 8.95 -14.67 3.20
C LEU A 123 9.53 -14.54 4.60
N ILE A 124 8.99 -13.62 5.37
CA ILE A 124 9.44 -13.40 6.73
C ILE A 124 8.27 -13.38 7.67
N ASN A 125 8.55 -13.28 8.95
CA ASN A 125 7.50 -13.20 9.93
C ASN A 125 7.10 -11.77 10.11
N LEU A 126 5.83 -11.51 9.96
CA LEU A 126 5.28 -10.19 10.12
C LEU A 126 4.40 -10.20 11.37
N SER A 127 4.89 -9.56 12.44
CA SER A 127 4.18 -9.54 13.71
C SER A 127 3.97 -10.98 14.21
N SER A 128 4.92 -11.86 13.86
CA SER A 128 4.88 -13.28 14.25
C SER A 128 3.91 -14.08 13.39
N THR A 129 3.73 -13.62 12.16
CA THR A 129 2.85 -14.28 11.19
C THR A 129 3.52 -14.24 9.81
N PRO A 130 3.78 -15.42 9.20
CA PRO A 130 4.47 -15.51 7.91
C PRO A 130 3.80 -14.74 6.77
N THR A 131 4.52 -13.76 6.26
CA THR A 131 4.05 -12.94 5.16
C THR A 131 5.11 -12.95 4.05
N ASN A 132 4.69 -13.19 2.81
CA ASN A 132 5.66 -13.30 1.72
C ASN A 132 5.76 -12.08 0.82
N ARG A 133 6.79 -12.12 -0.02
CA ARG A 133 7.01 -11.08 -1.02
C ARG A 133 7.13 -9.70 -0.38
N MET A 134 7.88 -9.65 0.74
CA MET A 134 8.11 -8.40 1.49
C MET A 134 9.31 -7.62 0.95
N ILE A 135 9.12 -6.32 0.85
CA ILE A 135 10.15 -5.41 0.38
C ILE A 135 10.79 -4.71 1.58
N ARG A 136 12.10 -4.58 1.59
CA ARG A 136 12.75 -3.90 2.69
C ARG A 136 13.66 -2.79 2.22
N TYR A 137 13.76 -1.77 3.04
CA TYR A 137 14.62 -0.64 2.75
C TYR A 137 15.23 -0.16 4.05
N ASP A 138 16.41 0.41 3.98
CA ASP A 138 17.08 0.87 5.18
C ASP A 138 16.64 2.29 5.55
N TYR A 139 15.95 2.37 6.69
CA TYR A 139 15.45 3.63 7.21
C TYR A 139 14.80 3.35 8.55
N ALA A 140 15.11 4.16 9.56
CA ALA A 140 14.52 3.91 10.87
C ALA A 140 13.04 4.19 10.83
N THR A 141 12.27 3.11 10.74
CA THR A 141 10.83 3.19 10.64
C THR A 141 10.18 3.07 12.01
N LYS A 142 8.88 3.32 12.02
CA LYS A 142 8.11 3.26 13.24
C LYS A 142 6.62 3.12 12.99
N THR A 143 6.00 2.40 13.88
CA THR A 143 4.57 2.21 13.87
C THR A 143 3.87 3.55 13.56
N GLY A 144 2.62 3.52 13.09
CA GLY A 144 1.90 4.75 12.78
C GLY A 144 2.11 5.23 11.35
N GLN A 145 3.22 4.82 10.76
CA GLN A 145 3.57 5.20 9.39
C GLN A 145 2.96 4.25 8.35
N CYS A 146 2.12 3.33 8.83
CA CYS A 146 1.52 2.33 7.95
C CYS A 146 0.61 2.92 6.87
N GLY A 147 0.70 2.32 5.68
CA GLY A 147 -0.11 2.75 4.54
C GLY A 147 0.71 3.48 3.49
N GLY A 148 1.85 4.00 3.88
CA GLY A 148 2.69 4.73 2.94
C GLY A 148 2.94 3.99 1.65
N VAL A 149 2.73 4.68 0.52
CA VAL A 149 2.93 4.10 -0.79
C VAL A 149 4.40 4.18 -1.19
N LEU A 150 4.97 3.03 -1.51
CA LEU A 150 6.36 2.94 -1.92
C LEU A 150 6.41 2.81 -3.43
N CYS A 151 6.81 3.87 -4.11
CA CYS A 151 6.83 3.85 -5.55
C CYS A 151 7.91 4.74 -6.14
N ALA A 152 7.99 4.67 -7.46
CA ALA A 152 8.91 5.48 -8.23
C ALA A 152 8.19 6.02 -9.44
N THR A 153 8.85 6.88 -10.18
CA THR A 153 8.22 7.45 -11.34
C THR A 153 7.87 6.39 -12.40
N GLY A 154 6.56 6.13 -12.54
CA GLY A 154 6.07 5.15 -13.52
C GLY A 154 6.04 3.72 -13.03
N LYS A 155 6.51 3.47 -11.82
CA LYS A 155 6.50 2.12 -11.29
C LYS A 155 6.16 2.09 -9.81
N ILE A 156 5.05 1.45 -9.50
CA ILE A 156 4.60 1.30 -8.12
C ILE A 156 5.11 -0.04 -7.61
N PHE A 157 5.80 -0.03 -6.48
CA PHE A 157 6.37 -1.26 -5.95
C PHE A 157 5.50 -1.89 -4.87
N GLY A 158 5.00 -1.08 -3.95
CA GLY A 158 4.16 -1.61 -2.89
C GLY A 158 3.73 -0.58 -1.87
N ILE A 159 3.24 -1.05 -0.74
CA ILE A 159 2.81 -0.16 0.33
C ILE A 159 3.42 -0.56 1.65
N HIS A 160 3.74 0.45 2.46
CA HIS A 160 4.34 0.23 3.76
C HIS A 160 3.36 -0.47 4.70
N VAL A 161 3.71 -1.69 5.10
CA VAL A 161 2.86 -2.50 5.96
C VAL A 161 3.42 -2.58 7.37
N GLY A 162 4.73 -2.45 7.46
CA GLY A 162 5.39 -2.48 8.73
C GLY A 162 6.85 -2.20 8.62
N GLY A 163 7.61 -2.81 9.50
CA GLY A 163 9.02 -2.62 9.49
C GLY A 163 9.66 -3.31 10.65
N ASN A 164 10.95 -3.45 10.57
CA ASN A 164 11.68 -4.08 11.62
C ASN A 164 12.83 -3.17 12.02
N GLY A 165 12.54 -2.28 12.96
CA GLY A 165 13.52 -1.34 13.44
C GLY A 165 14.02 -0.38 12.37
N ARG A 166 15.27 -0.57 11.97
CA ARG A 166 15.88 0.30 10.99
C ARG A 166 15.65 -0.15 9.55
N GLN A 167 14.87 -1.22 9.39
CA GLN A 167 14.54 -1.71 8.06
C GLN A 167 13.02 -1.71 7.86
N GLY A 168 12.57 -0.86 6.96
CA GLY A 168 11.15 -0.75 6.71
C GLY A 168 10.67 -1.89 5.83
N PHE A 169 9.46 -2.37 6.09
CA PHE A 169 8.94 -3.47 5.30
C PHE A 169 7.64 -3.10 4.64
N SER A 170 7.64 -3.25 3.32
CA SER A 170 6.49 -2.92 2.50
C SER A 170 6.03 -4.12 1.68
N ALA A 171 4.72 -4.25 1.53
CA ALA A 171 4.17 -5.35 0.76
C ALA A 171 4.20 -5.01 -0.72
N GLN A 172 4.81 -5.88 -1.49
CA GLN A 172 4.95 -5.65 -2.93
C GLN A 172 3.63 -5.81 -3.67
N LEU A 173 3.21 -4.74 -4.32
CA LEU A 173 1.98 -4.78 -5.09
C LEU A 173 2.29 -5.26 -6.51
N LYS A 174 2.18 -6.56 -6.73
CA LYS A 174 2.46 -7.13 -8.04
C LYS A 174 1.19 -7.07 -8.90
N LYS A 175 1.33 -6.60 -10.13
CA LYS A 175 0.22 -6.44 -11.06
C LYS A 175 -0.54 -7.74 -11.34
N GLN A 176 0.06 -8.90 -11.03
CA GLN A 176 -0.59 -10.20 -11.28
C GLN A 176 -1.92 -10.35 -10.54
N TYR A 177 -2.05 -9.70 -9.39
CA TYR A 177 -3.28 -9.80 -8.61
C TYR A 177 -4.36 -8.87 -9.13
N PHE A 178 -3.95 -7.78 -9.76
CA PHE A 178 -4.88 -6.79 -10.28
C PHE A 178 -5.36 -7.13 -11.70
N VAL A 179 -4.49 -7.75 -12.50
CA VAL A 179 -4.87 -8.11 -13.86
C VAL A 179 -5.97 -9.17 -13.85
N GLU A 180 -6.07 -9.88 -12.72
CA GLU A 180 -7.06 -10.93 -12.54
C GLU A 180 -8.50 -10.39 -12.51
N LYS A 181 -8.70 -9.22 -11.89
CA LYS A 181 -10.04 -8.67 -11.78
C LYS A 181 -10.37 -7.60 -12.82
N GLN A 182 -11.41 -7.91 -13.59
CA GLN A 182 -11.93 -7.03 -14.62
C GLN A 182 -13.21 -7.62 -15.21
C ACE B 1 14.37 -12.93 8.94
O ACE B 1 15.13 -12.93 9.90
CH3 ACE B 1 14.45 -14.03 7.92
H1 ACE B 1 14.50 -13.60 6.93
H2 ACE B 1 13.56 -14.63 8.00
H3 ACE B 1 15.32 -14.65 8.11
N LEU B 2 13.20 -12.32 8.97
CA LEU B 2 12.93 -11.23 9.90
C LEU B 2 11.58 -11.40 10.57
N GLU B 3 11.37 -10.67 11.64
CA GLU B 3 10.08 -10.62 12.24
C GLU B 3 9.75 -9.16 12.32
N ALA B 4 9.36 -8.61 11.18
CA ALA B 4 9.02 -7.22 11.13
C ALA B 4 7.61 -7.08 11.63
N LEU B 5 7.30 -5.94 12.18
CA LEU B 5 6.00 -5.72 12.76
C LEU B 5 5.11 -4.80 11.97
N PHE B 6 3.80 -4.97 12.14
CA PHE B 6 2.90 -4.06 11.50
C PHE B 6 3.15 -2.70 12.09
N YTF B 7 3.09 -1.71 11.25
CA YTF B 7 3.24 -0.35 11.68
CB YTF B 7 4.55 0.26 11.16
CG YTF B 7 5.80 -0.42 11.72
CD YTF B 7 7.08 0.11 11.10
OE1 YTF B 7 7.06 0.68 10.02
NE2 YTF B 7 8.21 -0.08 11.78
C YTF B 7 2.00 0.40 11.17
CX6 YTF B 7 0.74 -0.10 11.89
CX7 YTF B 7 0.17 0.84 12.92
OX8 YTF B 7 0.70 1.95 13.11
OX9 YTF B 7 -0.88 0.48 13.52
CJ1 YTF B 7 -1.61 1.30 14.60
CJ2 YTF B 7 -2.87 0.74 15.26
H YTF B 7 2.94 -1.88 10.30
HA YTF B 7 3.24 -0.36 12.77
HB2 YTF B 7 4.55 0.18 10.09
HB3 YTF B 7 4.59 1.31 11.42
HG2 YTF B 7 5.83 -0.26 12.78
HG3 YTF B 7 5.74 -1.49 11.52
HE22 YTF B 7 9.04 0.27 11.40
HE21 YTF B 7 8.15 -0.54 12.64
H1 YTF B 7 2.13 1.46 11.33
H31 YTF B 7 0.98 -1.03 12.40
H3 YTF B 7 -0.03 -0.30 11.16
H4 YTF B 7 -1.90 2.25 14.16
H5 YTF B 7 -0.93 1.52 15.40
H7 YTF B 7 -2.81 -0.35 15.30
H8 YTF B 7 -3.74 1.02 14.67
H6 YTF B 7 -2.97 1.14 16.25
N GLY A 1 11.52 17.08 -8.97
CA GLY A 1 12.02 16.21 -10.08
C GLY A 1 10.93 15.35 -10.68
N PRO A 2 11.27 14.51 -11.67
CA PRO A 2 10.28 13.65 -12.34
C PRO A 2 9.65 12.64 -11.39
N ASN A 3 10.44 12.03 -10.52
CA ASN A 3 9.93 11.03 -9.60
C ASN A 3 9.02 11.68 -8.55
N THR A 4 9.42 12.83 -8.02
CA THR A 4 8.60 13.53 -7.04
C THR A 4 7.37 14.14 -7.71
N GLU A 5 7.50 14.45 -9.00
CA GLU A 5 6.38 14.99 -9.78
C GLU A 5 5.31 13.90 -9.94
N PHE A 6 5.77 12.69 -10.27
CA PHE A 6 4.90 11.54 -10.45
C PHE A 6 4.11 11.24 -9.18
N ALA A 7 4.80 11.26 -8.05
CA ALA A 7 4.18 10.97 -6.75
C ALA A 7 3.16 12.03 -6.33
N LEU A 8 3.50 13.30 -6.50
CA LEU A 8 2.63 14.39 -6.12
C LEU A 8 1.38 14.47 -7.00
N SER A 9 1.53 14.23 -8.29
CA SER A 9 0.39 14.24 -9.21
C SER A 9 -0.55 13.09 -8.89
N LEU A 10 0.02 11.94 -8.55
CA LEU A 10 -0.77 10.75 -8.19
C LEU A 10 -1.53 11.03 -6.88
N LEU A 11 -0.85 11.70 -5.96
CA LEU A 11 -1.40 12.08 -4.65
C LEU A 11 -2.75 12.79 -4.81
N ARG A 12 -2.80 13.77 -5.71
CA ARG A 12 -4.00 14.57 -5.96
C ARG A 12 -5.11 13.78 -6.63
N LYS A 13 -4.76 12.80 -7.45
CA LYS A 13 -5.76 12.07 -8.20
C LYS A 13 -6.32 10.82 -7.51
N ASN A 14 -5.45 9.87 -7.18
CA ASN A 14 -5.92 8.60 -6.63
C ASN A 14 -5.58 8.37 -5.16
N ILE A 15 -5.04 9.36 -4.47
CA ILE A 15 -4.70 9.16 -3.08
C ILE A 15 -5.69 9.86 -2.17
N MET A 16 -6.54 9.07 -1.54
CA MET A 16 -7.51 9.59 -0.60
C MET A 16 -7.29 8.94 0.73
N THR A 17 -7.56 9.67 1.80
CA THR A 17 -7.34 9.17 3.13
C THR A 17 -8.44 8.20 3.53
N ILE A 18 -8.08 6.92 3.67
CA ILE A 18 -9.03 5.90 4.05
C ILE A 18 -9.03 5.71 5.56
N THR A 19 -10.08 6.21 6.17
CA THR A 19 -10.25 6.10 7.61
C THR A 19 -10.68 4.70 7.96
N THR A 20 -9.71 3.90 8.38
CA THR A 20 -9.96 2.53 8.77
C THR A 20 -9.97 2.41 10.29
N SER A 21 -10.14 1.22 10.81
CA SER A 21 -10.21 1.04 12.25
C SER A 21 -8.93 1.51 12.98
N LYS A 22 -7.75 1.39 12.37
CA LYS A 22 -6.51 1.83 13.04
C LYS A 22 -6.21 3.29 12.76
N GLY A 23 -7.06 3.92 11.97
CA GLY A 23 -6.83 5.32 11.62
C GLY A 23 -6.95 5.55 10.12
N GLU A 24 -6.46 6.68 9.66
CA GLU A 24 -6.52 6.99 8.24
C GLU A 24 -5.22 6.63 7.56
N PHE A 25 -5.33 5.88 6.49
CA PHE A 25 -4.16 5.48 5.75
C PHE A 25 -4.25 5.90 4.30
N THR A 26 -3.11 5.81 3.65
CA THR A 26 -3.00 6.17 2.26
C THR A 26 -3.76 5.19 1.38
N GLY A 27 -4.95 5.59 0.97
CA GLY A 27 -5.73 4.72 0.11
C GLY A 27 -5.28 4.83 -1.33
N LEU A 28 -4.63 3.79 -1.83
CA LEU A 28 -4.13 3.81 -3.18
C LEU A 28 -5.19 3.33 -4.16
N GLY A 29 -5.90 4.29 -4.73
CA GLY A 29 -6.93 3.95 -5.69
C GLY A 29 -6.26 3.51 -6.99
N ILE A 30 -6.56 2.31 -7.45
CA ILE A 30 -5.93 1.81 -8.67
C ILE A 30 -6.82 2.08 -9.87
N HIS A 31 -8.09 1.69 -9.75
CA HIS A 31 -9.04 1.86 -10.85
C HIS A 31 -10.50 1.79 -10.39
N ASP A 32 -11.35 2.45 -11.16
CA ASP A 32 -12.79 2.46 -10.91
C ASP A 32 -13.14 2.86 -9.48
N ARG A 33 -13.23 1.84 -8.64
CA ARG A 33 -13.64 2.00 -7.25
C ARG A 33 -12.79 1.10 -6.36
N VAL A 34 -11.70 0.65 -6.93
CA VAL A 34 -10.79 -0.26 -6.25
C VAL A 34 -9.60 0.48 -5.65
N CYS A 35 -9.53 0.43 -4.34
CA CYS A 35 -8.44 1.06 -3.60
C CYS A 35 -7.72 -0.01 -2.79
N VAL A 36 -6.43 0.17 -2.58
CA VAL A 36 -5.66 -0.81 -1.84
C VAL A 36 -5.19 -0.25 -0.48
N ILE A 37 -5.45 -1.03 0.56
CA ILE A 37 -5.03 -0.71 1.92
C ILE A 37 -4.58 -2.00 2.59
N PRO A 38 -3.87 -1.94 3.72
CA PRO A 38 -3.40 -3.15 4.40
C PRO A 38 -4.53 -3.97 5.00
N THR A 39 -4.21 -5.22 5.32
CA THR A 39 -5.17 -6.14 5.91
C THR A 39 -5.29 -5.88 7.42
N HIS A 40 -4.14 -5.60 8.06
CA HIS A 40 -4.10 -5.31 9.50
C HIS A 40 -4.73 -3.96 9.84
N ALA A 41 -5.26 -3.26 8.84
CA ALA A 41 -5.89 -1.97 9.07
C ALA A 41 -7.26 -2.20 9.69
N GLN A 42 -7.70 -3.45 9.63
CA GLN A 42 -9.00 -3.85 10.16
C GLN A 42 -10.12 -3.14 9.39
N PRO A 43 -10.35 -3.57 8.14
CA PRO A 43 -11.38 -2.96 7.30
C PRO A 43 -12.78 -3.33 7.74
N GLY A 44 -13.74 -2.53 7.32
CA GLY A 44 -15.12 -2.76 7.67
C GLY A 44 -15.99 -2.74 6.43
N ASP A 45 -17.28 -2.96 6.58
CA ASP A 45 -18.16 -2.93 5.43
C ASP A 45 -18.53 -1.50 5.10
N ASP A 46 -18.36 -0.63 6.08
CA ASP A 46 -18.55 0.80 5.87
C ASP A 46 -17.43 1.52 6.58
N VAL A 47 -16.59 2.15 5.78
CA VAL A 47 -15.45 2.86 6.28
C VAL A 47 -15.61 4.32 5.96
N LEU A 48 -14.73 5.14 6.46
CA LEU A 48 -14.83 6.56 6.20
C LEU A 48 -13.68 7.03 5.34
N VAL A 49 -13.98 7.88 4.37
CA VAL A 49 -12.94 8.44 3.53
C VAL A 49 -12.63 9.84 4.05
N ASN A 50 -11.78 9.89 5.08
CA ASN A 50 -11.40 11.14 5.71
C ASN A 50 -12.61 11.84 6.34
N GLY A 51 -13.63 11.06 6.72
CA GLY A 51 -14.82 11.61 7.33
C GLY A 51 -16.11 11.06 6.75
N GLN A 52 -16.17 10.96 5.44
CA GLN A 52 -17.36 10.46 4.73
C GLN A 52 -17.49 8.95 4.86
N LYS A 53 -18.54 8.47 5.52
CA LYS A 53 -18.73 7.03 5.62
C LYS A 53 -19.26 6.51 4.29
N ILE A 54 -18.52 5.59 3.73
CA ILE A 54 -18.86 4.99 2.45
C ILE A 54 -18.90 3.49 2.63
N ARG A 55 -19.75 2.80 1.87
CA ARG A 55 -19.85 1.36 2.03
C ARG A 55 -18.99 0.63 1.02
N VAL A 56 -18.44 -0.48 1.45
CA VAL A 56 -17.62 -1.29 0.56
C VAL A 56 -18.51 -2.24 -0.20
N LYS A 57 -18.23 -2.40 -1.47
CA LYS A 57 -19.00 -3.30 -2.32
C LYS A 57 -18.49 -4.71 -2.11
N ASP A 58 -17.18 -4.80 -2.08
CA ASP A 58 -16.49 -6.05 -1.89
C ASP A 58 -15.07 -5.81 -1.36
N LYS A 59 -14.70 -6.54 -0.33
CA LYS A 59 -13.37 -6.43 0.23
C LYS A 59 -12.67 -7.76 0.07
N TYR A 60 -11.59 -7.78 -0.71
CA TYR A 60 -10.85 -9.00 -0.97
C TYR A 60 -9.45 -8.93 -0.40
N LYS A 61 -9.14 -9.85 0.50
CA LYS A 61 -7.84 -9.90 1.12
C LYS A 61 -6.87 -10.65 0.22
N LEU A 62 -5.80 -9.99 -0.16
CA LEU A 62 -4.82 -10.61 -1.02
C LEU A 62 -3.81 -11.40 -0.19
N VAL A 63 -3.70 -12.67 -0.52
CA VAL A 63 -2.74 -13.52 0.12
C VAL A 63 -1.84 -14.12 -0.94
N ASP A 64 -0.79 -14.80 -0.53
CA ASP A 64 0.15 -15.38 -1.48
C ASP A 64 -0.37 -16.68 -2.10
N PRO A 65 -0.09 -16.91 -3.40
CA PRO A 65 -0.53 -18.12 -4.10
C PRO A 65 -0.25 -19.41 -3.34
N GLU A 66 0.76 -19.41 -2.48
CA GLU A 66 1.09 -20.62 -1.71
C GLU A 66 0.36 -20.62 -0.35
N ASN A 67 -0.74 -19.86 -0.30
CA ASN A 67 -1.61 -19.76 0.89
C ASN A 67 -0.98 -18.95 2.02
N ILE A 68 0.12 -18.26 1.74
CA ILE A 68 0.76 -17.43 2.74
C ILE A 68 0.14 -16.04 2.71
N ASN A 69 0.36 -15.26 3.76
CA ASN A 69 -0.19 -13.91 3.82
C ASN A 69 0.54 -12.93 2.86
N LEU A 70 -0.23 -12.07 2.21
CA LEU A 70 0.34 -11.02 1.32
C LEU A 70 0.19 -9.71 2.09
N GLU A 71 -0.94 -9.63 2.79
CA GLU A 71 -1.27 -8.52 3.67
C GLU A 71 -1.90 -7.32 2.97
N LEU A 72 -2.51 -7.53 1.78
CA LEU A 72 -3.18 -6.42 1.09
C LEU A 72 -4.67 -6.63 1.07
N THR A 73 -5.40 -5.52 1.15
CA THR A 73 -6.85 -5.55 1.10
C THR A 73 -7.36 -4.80 -0.13
N VAL A 74 -7.98 -5.53 -1.03
CA VAL A 74 -8.56 -4.91 -2.20
C VAL A 74 -9.89 -4.34 -1.79
N LEU A 75 -9.91 -3.05 -1.54
CA LEU A 75 -11.10 -2.39 -1.07
C LEU A 75 -11.91 -1.81 -2.21
N THR A 76 -12.94 -2.54 -2.58
CA THR A 76 -13.82 -2.12 -3.64
C THR A 76 -14.97 -1.35 -3.05
N LEU A 77 -14.82 -0.04 -3.01
CA LEU A 77 -15.83 0.84 -2.44
C LEU A 77 -16.90 1.19 -3.45
N ASP A 78 -18.06 1.61 -2.96
CA ASP A 78 -19.12 2.02 -3.86
C ASP A 78 -18.79 3.42 -4.32
N ARG A 79 -18.10 3.47 -5.44
CA ARG A 79 -17.66 4.73 -6.00
C ARG A 79 -18.07 4.81 -7.47
N ASN A 80 -18.81 5.85 -7.82
CA ASN A 80 -19.26 6.02 -9.19
C ASN A 80 -18.14 6.63 -10.02
N GLU A 81 -17.68 7.79 -9.58
CA GLU A 81 -16.58 8.46 -10.26
C GLU A 81 -15.34 7.60 -10.12
N LYS A 82 -14.83 7.09 -11.22
CA LYS A 82 -13.69 6.20 -11.15
C LYS A 82 -12.39 6.91 -10.91
N PHE A 83 -11.54 6.22 -10.15
CA PHE A 83 -10.21 6.67 -9.91
C PHE A 83 -9.46 6.43 -11.21
N ARG A 84 -8.52 7.27 -11.56
CA ARG A 84 -7.80 7.05 -12.81
C ARG A 84 -7.15 5.68 -12.83
N ASP A 85 -7.49 4.88 -13.85
CA ASP A 85 -6.93 3.53 -13.96
C ASP A 85 -5.41 3.57 -14.09
N ILE A 86 -4.73 3.52 -12.95
CA ILE A 86 -3.26 3.56 -12.92
C ILE A 86 -2.71 2.15 -12.85
N ARG A 87 -3.42 1.20 -13.46
CA ARG A 87 -3.02 -0.20 -13.43
C ARG A 87 -1.70 -0.44 -14.16
N GLY A 88 -1.43 0.35 -15.18
CA GLY A 88 -0.19 0.19 -15.91
C GLY A 88 1.00 0.71 -15.14
N PHE A 89 0.73 1.56 -14.15
CA PHE A 89 1.78 2.12 -13.33
C PHE A 89 2.17 1.09 -12.28
N ILE A 90 1.29 0.10 -12.09
CA ILE A 90 1.58 -1.00 -11.18
C ILE A 90 2.55 -1.89 -11.91
N SER A 91 3.60 -2.27 -11.24
CA SER A 91 4.61 -3.09 -11.89
C SER A 91 4.38 -4.58 -11.62
N GLU A 92 4.24 -5.36 -12.70
CA GLU A 92 4.01 -6.79 -12.58
C GLU A 92 5.20 -7.45 -11.89
N ASP A 93 6.38 -6.87 -12.07
CA ASP A 93 7.58 -7.33 -11.36
C ASP A 93 8.26 -6.12 -10.74
N LEU A 94 9.15 -6.35 -9.79
CA LEU A 94 9.80 -5.24 -9.09
C LEU A 94 10.86 -4.50 -9.91
N GLU A 95 12.06 -5.05 -9.96
CA GLU A 95 13.17 -4.42 -10.66
C GLU A 95 13.09 -2.90 -10.56
N GLY A 96 13.42 -2.40 -9.35
CA GLY A 96 13.39 -0.99 -9.02
C GLY A 96 14.30 -0.71 -7.84
N VAL A 97 15.51 -0.36 -8.16
CA VAL A 97 16.55 -0.07 -7.18
C VAL A 97 16.26 1.12 -6.28
N ASP A 98 15.61 2.13 -6.82
CA ASP A 98 15.32 3.36 -6.06
C ASP A 98 13.82 3.70 -6.03
N ALA A 99 13.31 4.01 -4.84
CA ALA A 99 11.89 4.35 -4.70
C ALA A 99 11.63 5.43 -3.66
N THR A 100 10.38 5.82 -3.59
CA THR A 100 9.93 6.86 -2.68
C THR A 100 8.68 6.39 -1.92
N LEU A 101 8.56 6.84 -0.67
CA LEU A 101 7.43 6.46 0.16
C LEU A 101 6.46 7.62 0.33
N VAL A 102 5.26 7.47 -0.23
CA VAL A 102 4.26 8.52 -0.13
C VAL A 102 3.26 8.18 0.97
N VAL A 103 3.30 8.95 2.05
CA VAL A 103 2.40 8.72 3.17
C VAL A 103 1.39 9.85 3.31
N HIS A 104 0.13 9.49 3.15
CA HIS A 104 -0.98 10.41 3.30
C HIS A 104 -1.98 9.75 4.21
N SER A 105 -1.72 9.88 5.51
CA SER A 105 -2.52 9.23 6.55
C SER A 105 -2.94 10.22 7.63
N ASN A 106 -3.39 9.70 8.77
CA ASN A 106 -3.78 10.56 9.88
C ASN A 106 -2.52 10.96 10.62
N ASN A 107 -1.45 10.23 10.31
CA ASN A 107 -0.15 10.46 10.90
C ASN A 107 0.65 11.45 10.08
N PHE A 108 0.99 11.05 8.87
CA PHE A 108 1.75 11.89 7.96
C PHE A 108 0.87 12.37 6.82
N THR A 109 0.76 13.68 6.71
CA THR A 109 -0.04 14.28 5.65
C THR A 109 0.81 14.76 4.47
N ASN A 110 0.67 14.08 3.35
CA ASN A 110 1.40 14.40 2.12
C ASN A 110 2.90 14.27 2.30
N THR A 111 3.29 13.33 3.12
CA THR A 111 4.69 13.10 3.39
C THR A 111 5.31 12.23 2.31
N ILE A 112 6.04 12.89 1.42
CA ILE A 112 6.71 12.22 0.32
C ILE A 112 8.17 12.06 0.70
N LEU A 113 8.44 10.90 1.31
CA LEU A 113 9.77 10.57 1.83
C LEU A 113 10.53 9.64 0.91
N GLU A 114 11.61 10.16 0.34
CA GLU A 114 12.45 9.39 -0.54
C GLU A 114 13.20 8.35 0.28
N VAL A 115 12.90 7.07 0.09
CA VAL A 115 13.58 6.05 0.87
C VAL A 115 14.88 5.64 0.19
N GLY A 116 14.89 5.66 -1.14
CA GLY A 116 16.09 5.31 -1.87
C GLY A 116 16.18 3.85 -2.27
N PRO A 117 17.27 3.18 -1.87
CA PRO A 117 17.50 1.78 -2.22
C PRO A 117 16.47 0.82 -1.63
N VAL A 118 15.86 0.06 -2.53
CA VAL A 118 14.86 -0.93 -2.17
C VAL A 118 15.45 -2.34 -2.30
N THR A 119 15.15 -3.19 -1.33
CA THR A 119 15.63 -4.56 -1.35
C THR A 119 14.47 -5.50 -1.05
N MET A 120 14.68 -6.79 -1.20
CA MET A 120 13.61 -7.77 -0.97
C MET A 120 13.96 -8.76 0.13
N ALA A 121 12.98 -9.08 0.97
CA ALA A 121 13.20 -10.04 2.05
C ALA A 121 12.58 -11.37 1.67
N GLY A 122 11.38 -11.32 1.10
CA GLY A 122 10.69 -12.53 0.69
C GLY A 122 9.69 -13.02 1.72
N LEU A 123 9.99 -14.16 2.31
CA LEU A 123 9.14 -14.79 3.32
C LEU A 123 9.71 -14.56 4.73
N ILE A 124 8.96 -13.85 5.56
CA ILE A 124 9.36 -13.58 6.94
C ILE A 124 8.12 -13.57 7.82
N ASN A 125 8.29 -13.28 9.09
CA ASN A 125 7.15 -13.24 10.00
C ASN A 125 6.72 -11.82 10.29
N LEU A 126 5.47 -11.52 10.01
CA LEU A 126 4.91 -10.19 10.26
C LEU A 126 4.08 -10.26 11.54
N SER A 127 4.54 -9.61 12.61
CA SER A 127 3.80 -9.65 13.85
C SER A 127 3.68 -11.10 14.35
N SER A 128 4.70 -11.90 14.02
CA SER A 128 4.80 -13.31 14.39
C SER A 128 4.02 -14.22 13.43
N THR A 129 3.43 -13.63 12.40
CA THR A 129 2.67 -14.40 11.39
C THR A 129 3.39 -14.36 10.03
N PRO A 130 3.84 -15.53 9.54
CA PRO A 130 4.53 -15.62 8.26
C PRO A 130 3.79 -14.93 7.14
N THR A 131 4.49 -14.00 6.51
CA THR A 131 3.95 -13.23 5.41
C THR A 131 4.97 -13.23 4.27
N ASN A 132 4.48 -13.37 3.04
CA ASN A 132 5.36 -13.45 1.87
C ASN A 132 5.41 -12.13 1.07
N ARG A 133 6.36 -12.08 0.14
CA ARG A 133 6.52 -10.93 -0.74
C ARG A 133 6.88 -9.68 0.04
N MET A 134 7.66 -9.83 1.10
CA MET A 134 8.05 -8.68 1.90
C MET A 134 9.23 -7.93 1.29
N ILE A 135 9.03 -6.63 1.15
CA ILE A 135 10.06 -5.73 0.64
C ILE A 135 10.77 -5.13 1.85
N ARG A 136 12.05 -4.91 1.74
CA ARG A 136 12.79 -4.34 2.86
C ARG A 136 13.65 -3.19 2.40
N TYR A 137 13.69 -2.14 3.19
CA TYR A 137 14.53 -1.00 2.88
C TYR A 137 15.16 -0.46 4.14
N ASP A 138 16.47 -0.26 4.06
CA ASP A 138 17.22 0.24 5.20
C ASP A 138 16.85 1.67 5.53
N TYR A 139 15.96 1.79 6.49
CA TYR A 139 15.47 3.07 6.96
C TYR A 139 14.55 2.82 8.13
N ALA A 140 14.89 3.39 9.27
CA ALA A 140 14.11 3.17 10.47
C ALA A 140 12.72 3.78 10.36
N THR A 141 11.76 2.88 10.23
CA THR A 141 10.36 3.24 10.15
C THR A 141 9.63 2.56 11.30
N LYS A 142 8.58 3.19 11.82
CA LYS A 142 7.87 2.61 12.95
C LYS A 142 6.36 2.62 12.77
N THR A 143 5.70 2.04 13.76
CA THR A 143 4.25 1.99 13.81
C THR A 143 3.70 3.36 13.43
N GLY A 144 2.52 3.39 12.83
CA GLY A 144 1.93 4.66 12.43
C GLY A 144 2.29 5.00 10.99
N GLN A 145 3.38 4.40 10.50
CA GLN A 145 3.80 4.63 9.12
C GLN A 145 3.11 3.61 8.20
N CYS A 146 2.23 2.79 8.79
CA CYS A 146 1.49 1.78 8.02
C CYS A 146 0.66 2.43 6.91
N GLY A 147 0.71 1.86 5.71
CA GLY A 147 -0.08 2.38 4.61
C GLY A 147 0.66 3.36 3.71
N GLY A 148 1.96 3.51 3.89
CA GLY A 148 2.70 4.39 3.02
C GLY A 148 2.87 3.75 1.67
N VAL A 149 2.67 4.50 0.60
CA VAL A 149 2.79 3.94 -0.74
C VAL A 149 4.22 3.98 -1.23
N LEU A 150 4.78 2.81 -1.46
CA LEU A 150 6.14 2.69 -1.95
C LEU A 150 6.11 2.64 -3.45
N CYS A 151 6.48 3.74 -4.07
CA CYS A 151 6.46 3.83 -5.50
C CYS A 151 7.64 4.58 -6.05
N ALA A 152 7.82 4.43 -7.34
CA ALA A 152 8.89 5.09 -8.05
C ALA A 152 8.33 5.71 -9.32
N THR A 153 9.16 6.36 -10.07
CA THR A 153 8.69 6.98 -11.29
C THR A 153 8.10 5.95 -12.25
N GLY A 154 6.75 5.88 -12.28
CA GLY A 154 6.04 4.95 -13.16
C GLY A 154 6.13 3.51 -12.71
N LYS A 155 6.42 3.31 -11.44
CA LYS A 155 6.58 1.96 -10.91
C LYS A 155 6.12 1.87 -9.46
N ILE A 156 4.99 1.19 -9.25
CA ILE A 156 4.46 0.98 -7.91
C ILE A 156 4.95 -0.37 -7.39
N PHE A 157 5.62 -0.36 -6.25
CA PHE A 157 6.15 -1.59 -5.67
C PHE A 157 5.14 -2.21 -4.71
N GLY A 158 4.49 -1.34 -3.97
CA GLY A 158 3.52 -1.77 -2.99
C GLY A 158 3.30 -0.74 -1.91
N ILE A 159 2.86 -1.20 -0.75
CA ILE A 159 2.64 -0.30 0.36
C ILE A 159 3.33 -0.81 1.61
N HIS A 160 3.72 0.12 2.45
CA HIS A 160 4.41 -0.18 3.69
C HIS A 160 3.43 -0.85 4.67
N VAL A 161 3.77 -2.06 5.12
CA VAL A 161 2.89 -2.79 6.03
C VAL A 161 3.47 -2.92 7.42
N GLY A 162 4.78 -2.83 7.52
CA GLY A 162 5.43 -2.94 8.80
C GLY A 162 6.89 -2.60 8.75
N GLY A 163 7.61 -3.12 9.71
CA GLY A 163 9.02 -2.88 9.79
C GLY A 163 9.65 -3.67 10.88
N ASN A 164 10.93 -3.88 10.78
CA ASN A 164 11.62 -4.64 11.78
C ASN A 164 12.85 -3.86 12.25
N GLY A 165 12.63 -3.08 13.31
CA GLY A 165 13.69 -2.29 13.89
C GLY A 165 14.14 -1.11 13.04
N ARG A 166 15.30 -1.25 12.41
CA ARG A 166 15.91 -0.19 11.60
C ARG A 166 15.59 -0.34 10.13
N GLN A 167 14.81 -1.34 9.79
CA GLN A 167 14.50 -1.62 8.40
C GLN A 167 12.99 -1.71 8.18
N GLY A 168 12.51 -0.97 7.19
CA GLY A 168 11.09 -0.96 6.90
C GLY A 168 10.68 -2.11 6.00
N PHE A 169 9.48 -2.62 6.21
CA PHE A 169 9.00 -3.72 5.39
C PHE A 169 7.69 -3.36 4.71
N SER A 170 7.64 -3.62 3.41
CA SER A 170 6.46 -3.30 2.60
C SER A 170 5.96 -4.54 1.85
N ALA A 171 4.71 -4.50 1.43
CA ALA A 171 4.11 -5.60 0.71
C ALA A 171 4.15 -5.33 -0.80
N GLN A 172 4.42 -6.36 -1.58
CA GLN A 172 4.53 -6.19 -3.01
C GLN A 172 3.20 -6.12 -3.73
N LEU A 173 2.94 -4.98 -4.36
CA LEU A 173 1.73 -4.82 -5.16
C LEU A 173 2.13 -5.08 -6.59
N LYS A 174 2.40 -6.35 -6.90
CA LYS A 174 2.78 -6.71 -8.26
C LYS A 174 1.53 -6.79 -9.12
N LYS A 175 1.59 -6.23 -10.31
CA LYS A 175 0.43 -6.23 -11.19
C LYS A 175 -0.10 -7.64 -11.45
N GLN A 176 0.72 -8.67 -11.15
CA GLN A 176 0.29 -10.04 -11.35
C GLN A 176 -0.85 -10.42 -10.40
N TYR A 177 -1.03 -9.63 -9.34
CA TYR A 177 -2.12 -9.88 -8.39
C TYR A 177 -3.33 -9.04 -8.78
N PHE A 178 -3.12 -8.14 -9.71
CA PHE A 178 -4.18 -7.25 -10.20
C PHE A 178 -4.59 -7.62 -11.62
N VAL A 179 -4.12 -8.77 -12.09
CA VAL A 179 -4.44 -9.22 -13.44
C VAL A 179 -5.62 -10.19 -13.44
N GLU A 180 -6.08 -10.57 -12.24
CA GLU A 180 -7.25 -11.45 -12.10
C GLU A 180 -8.48 -10.56 -12.10
N LYS A 181 -8.42 -9.56 -11.21
CA LYS A 181 -9.45 -8.55 -11.15
C LYS A 181 -9.25 -7.68 -12.37
N GLN A 182 -10.29 -7.48 -13.17
CA GLN A 182 -10.13 -6.67 -14.37
C GLN A 182 -11.33 -5.76 -14.62
C ACE B 1 14.02 -13.14 9.50
O ACE B 1 14.90 -12.94 10.33
CH3 ACE B 1 14.08 -14.37 8.62
H1 ACE B 1 14.75 -15.09 9.06
H2 ACE B 1 14.41 -14.11 7.63
H3 ACE B 1 13.09 -14.80 8.58
N LEU B 2 12.84 -12.57 9.57
CA LEU B 2 12.61 -11.37 10.38
C LEU B 2 11.22 -11.43 10.98
N GLU B 3 11.07 -10.85 12.15
CA GLU B 3 9.75 -10.73 12.70
C GLU B 3 9.45 -9.27 12.64
N ALA B 4 9.08 -8.80 11.46
CA ALA B 4 8.77 -7.41 11.30
C ALA B 4 7.35 -7.22 11.73
N LEU B 5 7.11 -6.16 12.45
CA LEU B 5 5.80 -5.90 12.98
C LEU B 5 4.98 -4.98 12.12
N PHE B 6 3.69 -5.24 12.07
CA PHE B 6 2.84 -4.35 11.34
C PHE B 6 2.96 -2.99 11.97
N YTF B 7 3.04 -1.98 11.14
CA YTF B 7 3.16 -0.62 11.61
CB YTF B 7 4.45 -0.02 11.10
CG YTF B 7 5.67 -0.73 11.66
CD YTF B 7 6.99 -0.20 11.12
OE1 YTF B 7 7.04 0.35 10.03
NE2 YTF B 7 8.06 -0.40 11.88
C YTF B 7 1.92 0.17 11.22
CX6 YTF B 7 0.91 0.08 12.36
CX7 YTF B 7 0.12 1.34 12.55
OX8 YTF B 7 0.32 2.30 11.82
OX9 YTF B 7 -0.73 1.35 13.46
CJ1 YTF B 7 -1.61 2.59 13.75
CJ2 YTF B 7 -2.62 2.56 14.88
H YTF B 7 3.00 -2.14 10.17
HA YTF B 7 3.20 -0.66 12.70
HB2 YTF B 7 4.47 -0.13 10.03
HB3 YTF B 7 4.50 1.02 11.35
HG2 YTF B 7 5.68 -0.60 12.74
HG3 YTF B 7 5.60 -1.78 11.44
HE22 YTF B 7 8.93 -0.08 11.54
HE21 YTF B 7 7.94 -0.84 12.75
H1 YTF B 7 2.21 1.19 11.09
H31 YTF B 7 1.44 -0.14 13.28
H3 YTF B 7 0.23 -0.73 12.15
H4 YTF B 7 -2.16 2.82 12.86
H5 YTF B 7 -0.95 3.43 13.95
H7 YTF B 7 -2.20 3.06 15.74
H8 YTF B 7 -2.85 1.53 15.13
H6 YTF B 7 -3.50 3.07 14.56
N GLY A 1 10.80 17.25 -10.48
CA GLY A 1 11.35 15.92 -10.87
C GLY A 1 10.26 14.88 -11.07
N PRO A 2 10.38 14.04 -12.10
CA PRO A 2 9.37 13.02 -12.43
C PRO A 2 8.89 12.18 -11.24
N ASN A 3 9.79 11.76 -10.37
CA ASN A 3 9.41 10.91 -9.23
C ASN A 3 8.52 11.65 -8.25
N THR A 4 9.05 12.73 -7.72
CA THR A 4 8.34 13.55 -6.75
C THR A 4 7.00 14.05 -7.29
N GLU A 5 7.00 14.47 -8.56
CA GLU A 5 5.80 14.99 -9.20
C GLU A 5 4.83 13.88 -9.56
N PHE A 6 5.34 12.67 -9.78
CA PHE A 6 4.45 11.54 -10.07
C PHE A 6 3.65 11.25 -8.81
N ALA A 7 4.35 11.21 -7.68
CA ALA A 7 3.73 10.97 -6.38
C ALA A 7 2.72 12.08 -6.07
N LEU A 8 3.10 13.33 -6.36
CA LEU A 8 2.25 14.50 -6.14
C LEU A 8 0.98 14.39 -6.97
N SER A 9 1.13 14.04 -8.25
CA SER A 9 -0.01 13.89 -9.16
C SER A 9 -0.90 12.71 -8.74
N LEU A 10 -0.28 11.60 -8.41
CA LEU A 10 -1.00 10.40 -7.97
C LEU A 10 -1.75 10.67 -6.66
N LEU A 11 -1.09 11.38 -5.77
CA LEU A 11 -1.62 11.74 -4.46
C LEU A 11 -3.00 12.40 -4.55
N ARG A 12 -3.09 13.44 -5.39
CA ARG A 12 -4.31 14.22 -5.54
C ARG A 12 -5.51 13.43 -6.08
N LYS A 13 -5.27 12.37 -6.85
CA LYS A 13 -6.39 11.64 -7.44
C LYS A 13 -6.65 10.25 -6.85
N ASN A 14 -5.62 9.41 -6.73
CA ASN A 14 -5.83 8.04 -6.26
C ASN A 14 -5.46 7.79 -4.81
N ILE A 15 -4.86 8.77 -4.15
CA ILE A 15 -4.49 8.56 -2.76
C ILE A 15 -5.47 9.24 -1.84
N MET A 16 -6.27 8.41 -1.18
CA MET A 16 -7.28 8.89 -0.26
C MET A 16 -7.03 8.38 1.13
N THR A 17 -7.42 9.18 2.09
CA THR A 17 -7.28 8.81 3.47
C THR A 17 -8.37 7.82 3.84
N ILE A 18 -7.98 6.60 4.21
CA ILE A 18 -8.95 5.58 4.59
C ILE A 18 -9.07 5.54 6.09
N THR A 19 -10.06 6.24 6.60
CA THR A 19 -10.30 6.29 8.02
C THR A 19 -11.12 5.09 8.44
N THR A 20 -10.46 4.18 9.14
CA THR A 20 -11.11 2.97 9.58
C THR A 20 -10.87 2.75 11.08
N SER A 21 -11.23 1.58 11.59
CA SER A 21 -11.11 1.29 13.02
C SER A 21 -9.68 1.45 13.61
N LYS A 22 -8.70 0.84 12.95
CA LYS A 22 -7.31 0.87 13.43
C LYS A 22 -6.67 2.24 13.29
N GLY A 23 -7.13 3.02 12.32
CA GLY A 23 -6.60 4.35 12.09
C GLY A 23 -6.88 4.87 10.70
N GLU A 24 -6.07 5.81 10.27
CA GLU A 24 -6.23 6.38 8.95
C GLU A 24 -5.09 5.94 8.07
N PHE A 25 -5.43 5.20 7.02
CA PHE A 25 -4.44 4.68 6.13
C PHE A 25 -4.41 5.41 4.81
N THR A 26 -3.33 5.19 4.11
CA THR A 26 -3.14 5.75 2.81
C THR A 26 -3.71 4.78 1.80
N GLY A 27 -4.95 5.03 1.40
CA GLY A 27 -5.61 4.15 0.46
C GLY A 27 -5.19 4.42 -0.96
N LEU A 28 -4.58 3.42 -1.57
CA LEU A 28 -4.12 3.56 -2.93
C LEU A 28 -5.16 3.06 -3.90
N GLY A 29 -5.88 4.00 -4.50
CA GLY A 29 -6.87 3.61 -5.47
C GLY A 29 -6.17 3.07 -6.71
N ILE A 30 -6.54 1.88 -7.15
CA ILE A 30 -5.88 1.30 -8.32
C ILE A 30 -6.70 1.55 -9.57
N HIS A 31 -8.01 1.29 -9.49
CA HIS A 31 -8.90 1.48 -10.63
C HIS A 31 -10.41 1.47 -10.30
N ASP A 32 -11.18 1.93 -11.27
CA ASP A 32 -12.63 1.97 -11.17
C ASP A 32 -13.14 2.42 -9.81
N ARG A 33 -13.25 1.49 -8.87
CA ARG A 33 -13.79 1.81 -7.54
C ARG A 33 -13.08 1.04 -6.46
N VAL A 34 -11.88 0.56 -6.76
CA VAL A 34 -11.17 -0.24 -5.79
C VAL A 34 -9.84 0.36 -5.36
N CYS A 35 -9.65 0.32 -4.04
CA CYS A 35 -8.45 0.84 -3.41
C CYS A 35 -7.75 -0.29 -2.66
N VAL A 36 -6.47 -0.12 -2.39
CA VAL A 36 -5.72 -1.13 -1.66
C VAL A 36 -5.19 -0.60 -0.33
N ILE A 37 -5.41 -1.39 0.71
CA ILE A 37 -4.95 -1.07 2.06
C ILE A 37 -4.50 -2.37 2.70
N PRO A 38 -3.76 -2.32 3.81
CA PRO A 38 -3.32 -3.54 4.48
C PRO A 38 -4.47 -4.23 5.18
N THR A 39 -4.22 -5.44 5.65
CA THR A 39 -5.22 -6.22 6.34
C THR A 39 -5.31 -5.80 7.82
N HIS A 40 -4.19 -5.40 8.40
CA HIS A 40 -4.17 -4.97 9.78
C HIS A 40 -4.82 -3.60 9.93
N ALA A 41 -5.32 -3.06 8.82
CA ALA A 41 -6.01 -1.79 8.84
C ALA A 41 -7.36 -2.01 9.51
N GLN A 42 -7.77 -3.28 9.54
CA GLN A 42 -9.06 -3.66 10.08
C GLN A 42 -10.14 -2.84 9.41
N PRO A 43 -10.40 -3.13 8.13
CA PRO A 43 -11.39 -2.39 7.34
C PRO A 43 -12.82 -2.70 7.75
N GLY A 44 -13.56 -1.65 8.08
CA GLY A 44 -14.93 -1.82 8.47
C GLY A 44 -15.82 -2.10 7.27
N ASP A 45 -17.13 -1.96 7.46
CA ASP A 45 -18.09 -2.19 6.39
C ASP A 45 -18.34 -0.87 5.67
N ASP A 46 -18.23 0.20 6.43
CA ASP A 46 -18.38 1.55 5.93
C ASP A 46 -17.22 2.38 6.49
N VAL A 47 -16.39 2.91 5.61
CA VAL A 47 -15.24 3.68 6.05
C VAL A 47 -15.26 5.06 5.46
N LEU A 48 -14.54 5.98 6.08
CA LEU A 48 -14.49 7.33 5.57
C LEU A 48 -13.32 7.46 4.61
N VAL A 49 -13.66 7.57 3.34
CA VAL A 49 -12.65 7.71 2.30
C VAL A 49 -12.50 9.21 1.98
N ASN A 50 -11.45 9.81 2.52
CA ASN A 50 -11.22 11.23 2.33
C ASN A 50 -12.36 12.03 2.97
N GLY A 51 -12.90 11.49 4.07
CA GLY A 51 -13.97 12.15 4.80
C GLY A 51 -15.36 11.70 4.39
N GLN A 52 -15.47 11.03 3.24
CA GLN A 52 -16.78 10.59 2.77
C GLN A 52 -17.01 9.11 3.05
N LYS A 53 -18.12 8.81 3.72
CA LYS A 53 -18.41 7.43 4.05
C LYS A 53 -18.73 6.66 2.79
N ILE A 54 -17.83 5.74 2.47
CA ILE A 54 -17.98 4.88 1.32
C ILE A 54 -18.14 3.47 1.84
N ARG A 55 -19.27 2.86 1.57
CA ARG A 55 -19.52 1.51 2.05
C ARG A 55 -18.88 0.49 1.13
N VAL A 56 -18.29 -0.53 1.71
CA VAL A 56 -17.62 -1.55 0.93
C VAL A 56 -18.60 -2.44 0.19
N LYS A 57 -18.11 -3.08 -0.86
CA LYS A 57 -18.92 -3.96 -1.68
C LYS A 57 -18.26 -5.33 -1.72
N ASP A 58 -16.94 -5.33 -1.90
CA ASP A 58 -16.16 -6.54 -1.94
C ASP A 58 -14.80 -6.34 -1.27
N LYS A 59 -14.72 -6.68 0.00
CA LYS A 59 -13.47 -6.56 0.74
C LYS A 59 -12.76 -7.88 0.65
N TYR A 60 -11.92 -8.03 -0.36
CA TYR A 60 -11.19 -9.25 -0.58
C TYR A 60 -9.79 -9.14 -0.02
N LYS A 61 -9.51 -9.94 0.98
CA LYS A 61 -8.22 -9.95 1.63
C LYS A 61 -7.22 -10.63 0.73
N LEU A 62 -6.11 -9.98 0.48
CA LEU A 62 -5.14 -10.55 -0.41
C LEU A 62 -4.15 -11.47 0.26
N VAL A 63 -4.43 -12.74 0.08
CA VAL A 63 -3.54 -13.79 0.47
C VAL A 63 -3.05 -14.30 -0.87
N ASP A 64 -1.80 -14.69 -0.97
CA ASP A 64 -1.26 -15.13 -2.25
C ASP A 64 -1.65 -16.57 -2.59
N PRO A 65 -1.77 -16.91 -3.90
CA PRO A 65 -2.06 -18.27 -4.29
C PRO A 65 -1.20 -19.25 -3.49
N GLU A 66 -0.10 -18.73 -2.96
CA GLU A 66 0.83 -19.49 -2.13
C GLU A 66 0.11 -19.95 -0.85
N ASN A 67 -1.05 -19.34 -0.60
CA ASN A 67 -1.88 -19.62 0.56
C ASN A 67 -1.35 -18.88 1.78
N ILE A 68 -0.29 -18.10 1.57
CA ILE A 68 0.33 -17.30 2.63
C ILE A 68 -0.21 -15.87 2.58
N ASN A 69 -0.18 -15.17 3.70
CA ASN A 69 -0.70 -13.81 3.77
C ASN A 69 0.12 -12.80 2.95
N LEU A 70 -0.55 -12.07 2.07
CA LEU A 70 0.10 -11.04 1.28
C LEU A 70 -0.08 -9.73 2.03
N GLU A 71 -1.02 -9.77 2.99
CA GLU A 71 -1.32 -8.67 3.89
C GLU A 71 -1.98 -7.49 3.21
N LEU A 72 -2.47 -7.70 1.99
CA LEU A 72 -3.17 -6.65 1.25
C LEU A 72 -4.66 -6.86 1.34
N THR A 73 -5.41 -5.82 1.10
CA THR A 73 -6.85 -5.92 1.10
C THR A 73 -7.42 -5.17 -0.07
N VAL A 74 -8.07 -5.90 -0.95
CA VAL A 74 -8.70 -5.29 -2.11
C VAL A 74 -9.98 -4.67 -1.64
N LEU A 75 -9.93 -3.38 -1.37
CA LEU A 75 -11.07 -2.66 -0.87
C LEU A 75 -11.94 -2.15 -1.99
N THR A 76 -12.82 -3.03 -2.44
CA THR A 76 -13.75 -2.69 -3.49
C THR A 76 -14.89 -1.92 -2.89
N LEU A 77 -14.86 -0.62 -3.12
CA LEU A 77 -15.84 0.30 -2.57
C LEU A 77 -16.98 0.58 -3.52
N ASP A 78 -18.08 1.04 -2.95
CA ASP A 78 -19.20 1.48 -3.75
C ASP A 78 -18.88 2.92 -4.06
N ARG A 79 -18.13 3.10 -5.11
CA ARG A 79 -17.63 4.42 -5.49
C ARG A 79 -18.15 4.88 -6.85
N ASN A 80 -18.74 6.06 -6.89
CA ASN A 80 -19.25 6.60 -8.12
C ASN A 80 -18.13 7.29 -8.88
N GLU A 81 -17.38 8.17 -8.19
CA GLU A 81 -16.26 8.84 -8.85
C GLU A 81 -15.12 7.85 -9.00
N LYS A 82 -14.79 7.54 -10.23
CA LYS A 82 -13.73 6.58 -10.48
C LYS A 82 -12.36 7.19 -10.39
N PHE A 83 -11.41 6.35 -10.00
CA PHE A 83 -10.03 6.74 -9.88
C PHE A 83 -9.34 6.53 -11.21
N ARG A 84 -8.09 6.92 -11.30
CA ARG A 84 -7.33 6.69 -12.52
C ARG A 84 -6.79 5.27 -12.48
N ASP A 85 -6.98 4.48 -13.53
CA ASP A 85 -6.51 3.11 -13.48
C ASP A 85 -5.00 3.07 -13.67
N ILE A 86 -4.30 2.97 -12.54
CA ILE A 86 -2.86 2.95 -12.49
C ILE A 86 -2.35 1.52 -12.43
N ARG A 87 -3.09 0.58 -12.99
CA ARG A 87 -2.69 -0.83 -12.96
C ARG A 87 -1.42 -1.05 -13.78
N GLY A 88 -1.18 -0.21 -14.79
CA GLY A 88 0.00 -0.35 -15.60
C GLY A 88 1.23 0.28 -14.98
N PHE A 89 1.07 0.85 -13.78
CA PHE A 89 2.19 1.46 -13.08
C PHE A 89 2.60 0.57 -11.93
N ILE A 90 1.85 -0.52 -11.78
CA ILE A 90 2.13 -1.51 -10.76
C ILE A 90 3.20 -2.42 -11.28
N SER A 91 4.11 -2.81 -10.42
CA SER A 91 5.24 -3.63 -10.83
C SER A 91 5.01 -5.14 -10.68
N GLU A 92 5.08 -5.87 -11.80
CA GLU A 92 4.97 -7.31 -11.76
C GLU A 92 6.25 -7.80 -11.12
N ASP A 93 7.36 -7.25 -11.61
CA ASP A 93 8.67 -7.48 -11.05
C ASP A 93 9.12 -6.12 -10.51
N LEU A 94 9.83 -6.11 -9.40
CA LEU A 94 10.19 -4.85 -8.77
C LEU A 94 11.16 -3.94 -9.53
N GLU A 95 12.42 -4.35 -9.61
CA GLU A 95 13.44 -3.48 -10.18
C GLU A 95 13.40 -2.24 -9.32
N GLY A 96 13.89 -2.41 -8.10
CA GLY A 96 13.85 -1.38 -7.13
C GLY A 96 15.07 -1.34 -6.24
N VAL A 97 16.02 -0.56 -6.66
CA VAL A 97 17.23 -0.35 -5.89
C VAL A 97 17.08 1.00 -5.20
N ASP A 98 16.02 1.69 -5.60
CA ASP A 98 15.66 3.01 -5.08
C ASP A 98 14.14 3.14 -5.00
N ALA A 99 13.63 3.67 -3.89
CA ALA A 99 12.18 3.80 -3.73
C ALA A 99 11.82 4.99 -2.85
N THR A 100 10.62 5.49 -3.07
CA THR A 100 10.11 6.60 -2.31
C THR A 100 8.83 6.19 -1.59
N LEU A 101 8.69 6.65 -0.36
CA LEU A 101 7.53 6.35 0.47
C LEU A 101 6.66 7.60 0.60
N VAL A 102 5.41 7.52 0.18
CA VAL A 102 4.52 8.67 0.29
C VAL A 102 3.38 8.38 1.25
N VAL A 103 3.28 9.21 2.28
CA VAL A 103 2.28 9.04 3.32
C VAL A 103 1.15 10.07 3.23
N HIS A 104 -0.07 9.57 3.38
CA HIS A 104 -1.27 10.39 3.42
C HIS A 104 -2.11 9.80 4.51
N SER A 105 -1.83 10.24 5.73
CA SER A 105 -2.47 9.69 6.90
C SER A 105 -2.92 10.77 7.91
N ASN A 106 -3.12 10.35 9.16
CA ASN A 106 -3.57 11.24 10.23
C ASN A 106 -2.81 12.57 10.27
N ASN A 107 -1.51 12.52 10.55
CA ASN A 107 -0.70 13.74 10.66
C ASN A 107 0.12 13.97 9.41
N PHE A 108 0.75 12.91 8.92
CA PHE A 108 1.60 13.02 7.75
C PHE A 108 0.82 12.98 6.45
N THR A 109 0.73 14.15 5.83
CA THR A 109 0.06 14.33 4.55
C THR A 109 1.09 14.78 3.47
N ASN A 110 0.95 14.22 2.27
CA ASN A 110 1.86 14.51 1.16
C ASN A 110 3.32 14.33 1.56
N THR A 111 3.54 13.45 2.52
CA THR A 111 4.89 13.15 3.00
C THR A 111 5.65 12.29 2.00
N ILE A 112 6.34 12.95 1.09
CA ILE A 112 7.15 12.28 0.09
C ILE A 112 8.55 12.12 0.64
N LEU A 113 8.80 10.94 1.19
CA LEU A 113 10.06 10.65 1.83
C LEU A 113 10.73 9.44 1.19
N GLU A 114 11.92 9.63 0.64
CA GLU A 114 12.61 8.53 0.01
C GLU A 114 13.27 7.67 1.07
N VAL A 115 13.29 6.37 0.81
CA VAL A 115 13.92 5.43 1.70
C VAL A 115 15.27 5.06 1.12
N GLY A 116 15.40 5.30 -0.18
CA GLY A 116 16.65 5.03 -0.88
C GLY A 116 16.81 3.58 -1.28
N PRO A 117 17.89 2.95 -0.83
CA PRO A 117 18.19 1.55 -1.17
C PRO A 117 17.12 0.59 -0.67
N VAL A 118 16.42 -0.03 -1.61
CA VAL A 118 15.38 -0.99 -1.30
C VAL A 118 15.76 -2.35 -1.88
N THR A 119 15.27 -3.40 -1.23
CA THR A 119 15.55 -4.78 -1.61
C THR A 119 14.32 -5.61 -1.28
N MET A 120 14.35 -6.92 -1.50
CA MET A 120 13.21 -7.73 -1.12
C MET A 120 13.64 -8.78 -0.11
N ALA A 121 12.67 -9.38 0.59
CA ALA A 121 12.99 -10.34 1.65
C ALA A 121 12.36 -11.72 1.45
N GLY A 122 11.57 -11.89 0.41
CA GLY A 122 10.93 -13.17 0.18
C GLY A 122 9.75 -13.40 1.11
N LEU A 123 9.81 -14.48 1.89
CA LEU A 123 8.76 -14.83 2.84
C LEU A 123 9.30 -14.79 4.26
N ILE A 124 8.71 -13.95 5.08
CA ILE A 124 9.12 -13.77 6.47
C ILE A 124 7.91 -13.68 7.37
N ASN A 125 8.12 -13.36 8.62
CA ASN A 125 7.02 -13.21 9.53
C ASN A 125 6.72 -11.75 9.76
N LEU A 126 5.46 -11.42 9.72
CA LEU A 126 5.01 -10.07 9.94
C LEU A 126 4.09 -10.07 11.15
N SER A 127 4.60 -9.61 12.28
CA SER A 127 3.83 -9.60 13.51
C SER A 127 3.49 -11.04 13.94
N SER A 128 4.41 -11.97 13.63
CA SER A 128 4.27 -13.40 13.97
C SER A 128 3.41 -14.19 12.98
N THR A 129 2.93 -13.55 11.91
CA THR A 129 2.18 -14.26 10.89
C THR A 129 2.97 -14.23 9.58
N PRO A 130 3.25 -15.41 9.00
CA PRO A 130 4.04 -15.50 7.76
C PRO A 130 3.43 -14.73 6.61
N THR A 131 4.24 -13.86 6.04
CA THR A 131 3.81 -13.06 4.89
C THR A 131 4.79 -13.31 3.75
N ASN A 132 4.26 -13.45 2.54
CA ASN A 132 5.12 -13.72 1.40
C ASN A 132 5.19 -12.54 0.42
N ARG A 133 6.31 -12.46 -0.29
CA ARG A 133 6.57 -11.38 -1.24
C ARG A 133 6.70 -10.06 -0.50
N MET A 134 7.58 -10.06 0.49
CA MET A 134 7.84 -8.88 1.30
C MET A 134 9.02 -8.12 0.71
N ILE A 135 8.88 -6.82 0.61
CA ILE A 135 9.94 -5.97 0.10
C ILE A 135 10.50 -5.17 1.26
N ARG A 136 11.81 -4.96 1.29
CA ARG A 136 12.44 -4.29 2.42
C ARG A 136 13.29 -3.10 1.99
N TYR A 137 13.23 -2.02 2.74
CA TYR A 137 14.02 -0.84 2.42
C TYR A 137 14.91 -0.46 3.59
N ASP A 138 16.16 -0.15 3.26
CA ASP A 138 17.15 0.22 4.25
C ASP A 138 16.99 1.69 4.64
N TYR A 139 16.14 1.88 5.62
CA TYR A 139 15.81 3.18 6.16
C TYR A 139 14.97 2.95 7.41
N ALA A 140 15.36 3.55 8.51
CA ALA A 140 14.63 3.35 9.74
C ALA A 140 13.26 4.00 9.70
N THR A 141 12.28 3.18 9.43
CA THR A 141 10.89 3.59 9.38
C THR A 141 10.14 2.85 10.48
N LYS A 142 9.26 3.53 11.20
CA LYS A 142 8.61 2.87 12.32
C LYS A 142 7.09 2.94 12.36
N THR A 143 6.61 2.26 13.38
CA THR A 143 5.20 2.16 13.72
C THR A 143 4.49 3.51 13.58
N GLY A 144 3.18 3.47 13.32
CA GLY A 144 2.42 4.70 13.18
C GLY A 144 2.42 5.23 11.77
N GLN A 145 3.33 4.71 10.95
CA GLN A 145 3.42 5.15 9.57
C GLN A 145 3.09 4.04 8.57
N CYS A 146 2.58 2.89 9.04
CA CYS A 146 2.27 1.84 8.09
C CYS A 146 0.97 2.15 7.37
N GLY A 147 1.01 1.95 6.06
CA GLY A 147 -0.12 2.25 5.19
C GLY A 147 0.37 3.15 4.06
N GLY A 148 1.55 3.76 4.27
CA GLY A 148 2.13 4.61 3.25
C GLY A 148 2.42 3.84 1.98
N VAL A 149 2.44 4.53 0.84
CA VAL A 149 2.69 3.87 -0.44
C VAL A 149 4.16 3.96 -0.85
N LEU A 150 4.70 2.80 -1.21
CA LEU A 150 6.09 2.71 -1.67
C LEU A 150 6.10 2.73 -3.18
N CYS A 151 6.61 3.81 -3.75
CA CYS A 151 6.61 3.93 -5.18
C CYS A 151 7.81 4.71 -5.69
N ALA A 152 7.85 4.82 -7.01
CA ALA A 152 8.90 5.54 -7.69
C ALA A 152 8.33 6.17 -8.95
N THR A 153 9.16 6.85 -9.72
CA THR A 153 8.66 7.49 -10.92
C THR A 153 8.07 6.47 -11.91
N GLY A 154 6.72 6.39 -11.93
CA GLY A 154 6.03 5.47 -12.83
C GLY A 154 6.25 4.02 -12.47
N LYS A 155 6.45 3.75 -11.19
CA LYS A 155 6.71 2.41 -10.70
C LYS A 155 6.27 2.26 -9.25
N ILE A 156 5.22 1.47 -9.04
CA ILE A 156 4.71 1.23 -7.70
C ILE A 156 5.28 -0.10 -7.19
N PHE A 157 5.84 -0.07 -5.98
CA PHE A 157 6.45 -1.29 -5.42
C PHE A 157 5.50 -2.02 -4.50
N GLY A 158 4.91 -1.27 -3.58
CA GLY A 158 4.00 -1.86 -2.62
C GLY A 158 3.52 -0.85 -1.61
N ILE A 159 2.91 -1.33 -0.55
CA ILE A 159 2.45 -0.45 0.51
C ILE A 159 3.11 -0.83 1.81
N HIS A 160 3.43 0.18 2.59
CA HIS A 160 4.09 -0.01 3.87
C HIS A 160 3.18 -0.80 4.82
N VAL A 161 3.58 -2.01 5.18
CA VAL A 161 2.76 -2.80 6.09
C VAL A 161 3.39 -2.86 7.47
N GLY A 162 4.70 -2.75 7.50
CA GLY A 162 5.41 -2.76 8.77
C GLY A 162 6.88 -2.48 8.62
N GLY A 163 7.65 -3.09 9.49
CA GLY A 163 9.07 -2.90 9.46
C GLY A 163 9.74 -3.67 10.55
N ASN A 164 11.04 -3.81 10.42
CA ASN A 164 11.80 -4.53 11.42
C ASN A 164 13.10 -3.79 11.71
N GLY A 165 13.08 -2.99 12.78
CA GLY A 165 14.25 -2.23 13.16
C GLY A 165 14.53 -1.03 12.27
N ARG A 166 15.70 -1.02 11.63
CA ARG A 166 16.11 0.08 10.75
C ARG A 166 15.81 -0.25 9.31
N GLN A 167 14.92 -1.21 9.12
CA GLN A 167 14.55 -1.65 7.80
C GLN A 167 13.03 -1.78 7.70
N GLY A 168 12.43 -0.95 6.85
CA GLY A 168 11.00 -0.99 6.70
C GLY A 168 10.57 -2.16 5.86
N PHE A 169 9.40 -2.69 6.14
CA PHE A 169 8.92 -3.83 5.38
C PHE A 169 7.58 -3.54 4.77
N SER A 170 7.54 -3.65 3.46
CA SER A 170 6.35 -3.41 2.68
C SER A 170 5.94 -4.67 1.95
N ALA A 171 4.65 -4.76 1.61
CA ALA A 171 4.18 -5.91 0.87
C ALA A 171 4.17 -5.55 -0.61
N GLN A 172 4.66 -6.43 -1.45
CA GLN A 172 4.79 -6.13 -2.86
C GLN A 172 3.48 -6.06 -3.63
N LEU A 173 3.24 -4.91 -4.24
CA LEU A 173 2.08 -4.73 -5.08
C LEU A 173 2.43 -5.25 -6.47
N LYS A 174 2.12 -6.51 -6.72
CA LYS A 174 2.46 -7.10 -8.01
C LYS A 174 1.30 -6.97 -9.01
N LYS A 175 1.64 -6.45 -10.19
CA LYS A 175 0.68 -6.21 -11.26
C LYS A 175 -0.19 -7.45 -11.55
N GLN A 176 0.39 -8.62 -11.36
CA GLN A 176 -0.31 -9.90 -11.62
C GLN A 176 -1.79 -9.91 -11.26
N TYR A 177 -2.08 -9.60 -10.00
CA TYR A 177 -3.44 -9.68 -9.47
C TYR A 177 -4.35 -8.51 -9.85
N PHE A 178 -3.80 -7.47 -10.44
CA PHE A 178 -4.61 -6.33 -10.84
C PHE A 178 -4.82 -6.32 -12.35
N VAL A 179 -3.82 -6.77 -13.10
CA VAL A 179 -3.95 -6.85 -14.55
C VAL A 179 -4.72 -8.12 -14.88
N GLU A 180 -4.90 -8.94 -13.84
CA GLU A 180 -5.66 -10.18 -13.93
C GLU A 180 -7.10 -9.85 -14.27
N LYS A 181 -7.65 -8.93 -13.49
CA LYS A 181 -9.01 -8.48 -13.67
C LYS A 181 -9.14 -7.75 -15.00
N GLN A 182 -10.16 -8.12 -15.75
CA GLN A 182 -10.42 -7.52 -17.04
C GLN A 182 -11.12 -6.17 -16.90
C ACE B 1 13.92 -13.34 9.45
O ACE B 1 14.38 -13.28 10.59
CH3 ACE B 1 14.17 -14.57 8.62
H1 ACE B 1 13.64 -15.40 9.06
H2 ACE B 1 15.23 -14.79 8.61
H3 ACE B 1 13.82 -14.40 7.61
N LEU B 2 12.88 -12.63 9.06
CA LEU B 2 12.52 -11.42 9.79
C LEU B 2 11.14 -11.52 10.39
N GLU B 3 11.01 -11.02 11.61
CA GLU B 3 9.71 -10.92 12.19
C GLU B 3 9.48 -9.45 12.30
N ALA B 4 9.08 -8.86 11.19
CA ALA B 4 8.82 -7.46 11.14
C ALA B 4 7.42 -7.25 11.66
N LEU B 5 7.15 -6.10 12.19
CA LEU B 5 5.86 -5.85 12.78
C LEU B 5 4.99 -4.89 11.99
N PHE B 6 3.67 -5.06 12.12
CA PHE B 6 2.79 -4.13 11.46
C PHE B 6 3.09 -2.76 12.03
N YTF B 7 3.22 -1.76 11.19
CA YTF B 7 3.51 -0.44 11.71
CB YTF B 7 4.83 0.07 11.11
CG YTF B 7 6.06 -0.67 11.65
CD YTF B 7 7.36 -0.18 11.04
OE1 YTF B 7 7.38 0.33 9.92
NE2 YTF B 7 8.46 -0.36 11.77
C YTF B 7 2.34 0.56 11.52
CX6 YTF B 7 1.51 0.58 12.79
CX7 YTF B 7 0.63 1.79 12.87
OX8 YTF B 7 0.65 2.61 11.95
OX9 YTF B 7 -0.11 1.91 13.85
CJ1 YTF B 7 -1.05 3.11 14.04
CJ2 YTF B 7 -1.92 3.18 15.28
H YTF B 7 3.14 -1.89 10.24
HA YTF B 7 3.66 -0.56 12.77
HB2 YTF B 7 4.79 -0.06 10.05
HB3 YTF B 7 4.93 1.12 11.34
HG2 YTF B 7 6.10 -0.52 12.72
HG3 YTF B 7 5.96 -1.73 11.45
HE22 YTF B 7 9.31 -0.07 11.39
HE21 YTF B 7 8.37 -0.78 12.65
H1 YTF B 7 2.75 1.53 11.36
H31 YTF B 7 2.16 0.58 13.65
H3 YTF B 7 0.88 -0.30 12.81
H4 YTF B 7 -1.71 3.15 13.20
H5 YTF B 7 -0.46 4.01 14.03
H7 YTF B 7 -1.30 3.20 16.17
H8 YTF B 7 -2.58 2.33 15.31
H6 YTF B 7 -2.50 4.09 15.24
N GLY A 1 11.18 17.59 -9.68
CA GLY A 1 11.82 16.56 -10.55
C GLY A 1 10.97 15.33 -10.75
N PRO A 2 11.40 14.38 -11.59
CA PRO A 2 10.63 13.16 -11.85
C PRO A 2 9.93 12.60 -10.61
N ASN A 3 10.68 12.41 -9.53
CA ASN A 3 10.13 11.87 -8.28
C ASN A 3 9.01 12.77 -7.75
N THR A 4 9.33 14.05 -7.66
CA THR A 4 8.41 15.06 -7.18
C THR A 4 7.17 15.16 -8.05
N GLU A 5 7.37 15.13 -9.37
CA GLU A 5 6.27 15.25 -10.32
C GLU A 5 5.25 14.12 -10.16
N PHE A 6 5.71 12.88 -10.23
CA PHE A 6 4.83 11.72 -10.13
C PHE A 6 4.17 11.62 -8.74
N ALA A 7 4.96 11.80 -7.70
CA ALA A 7 4.44 11.70 -6.33
C ALA A 7 3.30 12.70 -6.06
N LEU A 8 3.49 13.97 -6.44
CA LEU A 8 2.48 15.00 -6.22
C LEU A 8 1.24 14.76 -7.09
N SER A 9 1.47 14.33 -8.33
CA SER A 9 0.36 14.04 -9.24
C SER A 9 -0.44 12.84 -8.75
N LEU A 10 0.26 11.81 -8.28
CA LEU A 10 -0.40 10.61 -7.76
C LEU A 10 -1.13 10.96 -6.45
N LEU A 11 -0.50 11.82 -5.64
CA LEU A 11 -1.05 12.28 -4.37
C LEU A 11 -2.48 12.79 -4.55
N ARG A 12 -2.64 13.76 -5.44
CA ARG A 12 -3.94 14.36 -5.72
C ARG A 12 -4.90 13.38 -6.42
N LYS A 13 -4.35 12.42 -7.18
CA LYS A 13 -5.21 11.48 -7.91
C LYS A 13 -5.72 10.31 -7.06
N ASN A 14 -4.83 9.39 -6.67
CA ASN A 14 -5.24 8.17 -5.96
C ASN A 14 -4.74 8.03 -4.53
N ILE A 15 -4.05 9.03 -4.01
CA ILE A 15 -3.56 8.95 -2.64
C ILE A 15 -4.50 9.69 -1.73
N MET A 16 -5.41 8.95 -1.12
CA MET A 16 -6.38 9.57 -0.24
C MET A 16 -6.38 8.90 1.11
N THR A 17 -6.60 9.71 2.11
CA THR A 17 -6.63 9.23 3.47
C THR A 17 -7.92 8.49 3.71
N ILE A 18 -7.81 7.22 4.01
CA ILE A 18 -8.98 6.40 4.26
C ILE A 18 -9.02 5.99 5.71
N THR A 19 -9.97 6.58 6.43
CA THR A 19 -10.13 6.27 7.83
C THR A 19 -10.81 4.93 7.98
N THR A 20 -10.04 4.01 8.53
CA THR A 20 -10.53 2.68 8.77
C THR A 20 -11.00 2.60 10.22
N SER A 21 -11.13 1.40 10.74
CA SER A 21 -11.55 1.25 12.11
C SER A 21 -10.40 1.69 13.02
N LYS A 22 -9.17 1.48 12.56
CA LYS A 22 -7.98 1.87 13.31
C LYS A 22 -7.78 3.37 13.22
N GLY A 23 -7.87 3.89 12.01
CA GLY A 23 -7.69 5.30 11.80
C GLY A 23 -7.36 5.67 10.37
N GLU A 24 -6.68 6.79 10.23
CA GLU A 24 -6.30 7.29 8.93
C GLU A 24 -5.14 6.52 8.33
N PHE A 25 -5.41 5.87 7.21
CA PHE A 25 -4.39 5.14 6.49
C PHE A 25 -4.35 5.64 5.08
N THR A 26 -3.19 5.55 4.47
CA THR A 26 -3.06 5.98 3.10
C THR A 26 -3.70 4.96 2.19
N GLY A 27 -4.85 5.31 1.63
CA GLY A 27 -5.54 4.39 0.76
C GLY A 27 -5.11 4.58 -0.69
N LEU A 28 -4.52 3.54 -1.24
CA LEU A 28 -4.04 3.57 -2.61
C LEU A 28 -5.11 3.07 -3.56
N GLY A 29 -5.77 3.98 -4.26
CA GLY A 29 -6.76 3.57 -5.23
C GLY A 29 -6.06 3.04 -6.46
N ILE A 30 -6.45 1.89 -6.96
CA ILE A 30 -5.79 1.33 -8.13
C ILE A 30 -6.53 1.68 -9.41
N HIS A 31 -7.80 1.28 -9.48
CA HIS A 31 -8.63 1.53 -10.65
C HIS A 31 -10.10 1.18 -10.42
N ASP A 32 -10.93 1.71 -11.29
CA ASP A 32 -12.36 1.45 -11.26
C ASP A 32 -12.99 1.52 -9.89
N ARG A 33 -13.01 0.38 -9.21
CA ARG A 33 -13.68 0.25 -7.92
C ARG A 33 -12.79 -0.32 -6.83
N VAL A 34 -11.52 -0.51 -7.13
CA VAL A 34 -10.65 -1.12 -6.14
C VAL A 34 -9.57 -0.20 -5.62
N CYS A 35 -9.46 -0.23 -4.31
CA CYS A 35 -8.46 0.52 -3.57
C CYS A 35 -7.86 -0.45 -2.57
N VAL A 36 -6.60 -0.28 -2.21
CA VAL A 36 -5.98 -1.22 -1.30
C VAL A 36 -5.70 -0.62 0.08
N ILE A 37 -6.03 -1.41 1.10
CA ILE A 37 -5.88 -1.03 2.50
C ILE A 37 -5.26 -2.18 3.31
N PRO A 38 -4.33 -1.90 4.24
CA PRO A 38 -3.74 -2.96 5.05
C PRO A 38 -4.80 -3.69 5.86
N THR A 39 -4.64 -5.00 5.99
CA THR A 39 -5.59 -5.83 6.71
C THR A 39 -5.71 -5.43 8.19
N HIS A 40 -4.57 -5.16 8.84
CA HIS A 40 -4.57 -4.78 10.24
C HIS A 40 -5.28 -3.43 10.50
N ALA A 41 -5.59 -2.69 9.44
CA ALA A 41 -6.29 -1.42 9.59
C ALA A 41 -7.76 -1.69 9.90
N GLN A 42 -8.15 -2.93 9.66
CA GLN A 42 -9.51 -3.41 9.89
C GLN A 42 -10.57 -2.67 9.09
N PRO A 43 -10.62 -2.88 7.78
CA PRO A 43 -11.66 -2.30 6.94
C PRO A 43 -12.99 -2.89 7.37
N GLY A 44 -13.87 -2.05 7.90
CA GLY A 44 -15.12 -2.56 8.39
C GLY A 44 -16.24 -2.56 7.38
N ASP A 45 -17.34 -1.91 7.74
CA ASP A 45 -18.51 -1.84 6.90
C ASP A 45 -18.51 -0.56 6.07
N ASP A 46 -17.95 0.50 6.64
CA ASP A 46 -17.83 1.77 5.95
C ASP A 46 -16.54 2.46 6.33
N VAL A 47 -15.95 3.14 5.38
CA VAL A 47 -14.71 3.83 5.61
C VAL A 47 -14.83 5.27 5.17
N LEU A 48 -14.03 6.12 5.77
CA LEU A 48 -14.02 7.52 5.45
C LEU A 48 -12.94 7.86 4.45
N VAL A 49 -13.31 8.00 3.18
CA VAL A 49 -12.33 8.35 2.19
C VAL A 49 -12.19 9.86 2.03
N ASN A 50 -11.07 10.37 2.53
CA ASN A 50 -10.77 11.79 2.47
C ASN A 50 -11.86 12.65 3.11
N GLY A 51 -12.78 12.02 3.84
CA GLY A 51 -13.83 12.76 4.54
C GLY A 51 -15.22 12.36 4.07
N GLN A 52 -15.26 11.53 3.05
CA GLN A 52 -16.51 11.07 2.51
C GLN A 52 -16.79 9.64 2.95
N LYS A 53 -17.86 9.46 3.69
CA LYS A 53 -18.24 8.14 4.17
C LYS A 53 -18.68 7.27 3.00
N ILE A 54 -17.90 6.24 2.72
CA ILE A 54 -18.22 5.32 1.65
C ILE A 54 -18.38 3.92 2.22
N ARG A 55 -19.45 3.24 1.86
CA ARG A 55 -19.71 1.92 2.40
C ARG A 55 -19.05 0.84 1.57
N VAL A 56 -18.63 -0.23 2.22
CA VAL A 56 -17.94 -1.32 1.54
C VAL A 56 -18.86 -2.16 0.66
N LYS A 57 -18.38 -2.47 -0.54
CA LYS A 57 -19.10 -3.32 -1.49
C LYS A 57 -18.71 -4.74 -1.14
N ASP A 58 -17.40 -4.92 -1.02
CA ASP A 58 -16.79 -6.17 -0.65
C ASP A 58 -15.31 -5.94 -0.36
N LYS A 59 -14.73 -6.74 0.50
CA LYS A 59 -13.32 -6.63 0.81
C LYS A 59 -12.67 -7.99 0.65
N TYR A 60 -11.54 -8.03 -0.04
CA TYR A 60 -10.88 -9.29 -0.28
C TYR A 60 -9.52 -9.36 0.39
N LYS A 61 -9.39 -10.30 1.31
CA LYS A 61 -8.13 -10.52 1.98
C LYS A 61 -7.16 -11.01 0.96
N LEU A 62 -6.22 -10.18 0.55
CA LEU A 62 -5.25 -10.62 -0.43
C LEU A 62 -4.10 -11.31 0.27
N VAL A 63 -4.13 -12.62 0.16
CA VAL A 63 -3.09 -13.46 0.71
C VAL A 63 -2.38 -14.09 -0.47
N ASP A 64 -1.22 -14.66 -0.25
CA ASP A 64 -0.52 -15.27 -1.36
C ASP A 64 -1.19 -16.60 -1.73
N PRO A 65 -1.38 -16.83 -3.04
CA PRO A 65 -2.02 -18.05 -3.54
C PRO A 65 -1.52 -19.35 -2.90
N GLU A 66 -0.44 -19.32 -2.13
CA GLU A 66 0.03 -20.54 -1.48
C GLU A 66 -0.49 -20.60 -0.04
N ASN A 67 -1.55 -19.82 0.21
CA ASN A 67 -2.22 -19.75 1.52
C ASN A 67 -1.40 -19.06 2.58
N ILE A 68 -0.55 -18.13 2.16
CA ILE A 68 0.30 -17.36 3.07
C ILE A 68 -0.20 -15.92 3.15
N ASN A 69 -0.03 -15.30 4.30
CA ASN A 69 -0.48 -13.93 4.50
C ASN A 69 0.29 -12.95 3.60
N LEU A 70 -0.45 -12.09 2.91
CA LEU A 70 0.14 -11.06 2.07
C LEU A 70 -0.20 -9.72 2.77
N GLU A 71 -1.32 -9.77 3.52
CA GLU A 71 -1.75 -8.68 4.42
C GLU A 71 -2.43 -7.52 3.73
N LEU A 72 -2.73 -7.66 2.46
CA LEU A 72 -3.40 -6.59 1.74
C LEU A 72 -4.89 -6.87 1.63
N THR A 73 -5.68 -5.87 1.93
CA THR A 73 -7.11 -6.00 1.81
C THR A 73 -7.57 -5.21 0.60
N VAL A 74 -8.04 -5.92 -0.41
CA VAL A 74 -8.53 -5.26 -1.60
C VAL A 74 -9.91 -4.73 -1.30
N LEU A 75 -9.98 -3.45 -1.02
CA LEU A 75 -11.22 -2.82 -0.67
C LEU A 75 -11.98 -2.40 -1.91
N THR A 76 -13.04 -3.13 -2.18
CA THR A 76 -13.87 -2.86 -3.33
C THR A 76 -15.01 -1.94 -2.95
N LEU A 77 -15.00 -0.76 -3.56
CA LEU A 77 -16.01 0.23 -3.28
C LEU A 77 -16.83 0.53 -4.52
N ASP A 78 -18.15 0.38 -4.41
CA ASP A 78 -19.00 0.65 -5.54
C ASP A 78 -19.24 2.14 -5.67
N ARG A 79 -18.55 2.75 -6.63
CA ARG A 79 -18.68 4.17 -6.90
C ARG A 79 -18.80 4.42 -8.39
N ASN A 80 -19.72 5.29 -8.77
CA ASN A 80 -19.93 5.59 -10.18
C ASN A 80 -18.68 6.19 -10.77
N GLU A 81 -18.02 7.05 -9.98
CA GLU A 81 -16.78 7.67 -10.43
C GLU A 81 -15.63 6.66 -10.29
N LYS A 82 -15.03 6.33 -11.42
CA LYS A 82 -13.93 5.37 -11.44
C LYS A 82 -12.65 5.94 -10.84
N PHE A 83 -11.90 5.12 -10.10
CA PHE A 83 -10.62 5.57 -9.58
C PHE A 83 -9.70 5.70 -10.80
N ARG A 84 -8.74 6.62 -10.77
CA ARG A 84 -7.85 6.74 -11.92
C ARG A 84 -7.08 5.43 -12.09
N ASP A 85 -7.17 4.88 -13.30
CA ASP A 85 -6.54 3.60 -13.64
C ASP A 85 -5.00 3.65 -13.62
N ILE A 86 -4.41 3.53 -12.44
CA ILE A 86 -2.95 3.54 -12.34
C ILE A 86 -2.45 2.11 -12.26
N ARG A 87 -3.29 1.18 -12.72
CA ARG A 87 -2.96 -0.25 -12.68
C ARG A 87 -1.75 -0.56 -13.55
N GLY A 88 -1.53 0.23 -14.61
CA GLY A 88 -0.39 0.00 -15.48
C GLY A 88 0.90 0.65 -14.97
N PHE A 89 0.78 1.43 -13.89
CA PHE A 89 1.97 2.07 -13.32
C PHE A 89 2.53 1.14 -12.27
N ILE A 90 1.78 0.08 -12.00
CA ILE A 90 2.21 -0.94 -11.06
C ILE A 90 3.12 -1.87 -11.83
N SER A 91 4.15 -2.35 -11.19
CA SER A 91 5.10 -3.19 -11.90
C SER A 91 4.91 -4.69 -11.65
N GLU A 92 4.96 -5.47 -12.73
CA GLU A 92 4.86 -6.92 -12.63
C GLU A 92 6.21 -7.39 -12.13
N ASP A 93 7.23 -6.76 -12.70
CA ASP A 93 8.62 -6.94 -12.30
C ASP A 93 9.05 -5.54 -11.87
N LEU A 94 9.64 -5.41 -10.71
CA LEU A 94 9.97 -4.09 -10.19
C LEU A 94 11.02 -3.32 -10.99
N GLU A 95 12.28 -3.73 -10.89
CA GLU A 95 13.36 -2.98 -11.54
C GLU A 95 13.28 -1.58 -10.98
N GLY A 96 13.62 -1.48 -9.69
CA GLY A 96 13.57 -0.24 -8.97
C GLY A 96 14.19 -0.39 -7.60
N VAL A 97 15.49 -0.19 -7.54
CA VAL A 97 16.21 -0.29 -6.31
C VAL A 97 16.08 0.99 -5.50
N ASP A 98 15.35 1.94 -6.07
CA ASP A 98 15.11 3.24 -5.44
C ASP A 98 13.60 3.52 -5.34
N ALA A 99 13.14 3.89 -4.14
CA ALA A 99 11.72 4.17 -3.96
C ALA A 99 11.47 5.26 -2.93
N THR A 100 10.25 5.76 -2.94
CA THR A 100 9.83 6.82 -2.02
C THR A 100 8.47 6.50 -1.43
N LEU A 101 8.27 6.81 -0.16
CA LEU A 101 6.99 6.55 0.48
C LEU A 101 6.10 7.77 0.47
N VAL A 102 4.95 7.68 -0.15
CA VAL A 102 4.01 8.77 -0.10
C VAL A 102 3.06 8.46 1.04
N VAL A 103 3.29 9.09 2.18
CA VAL A 103 2.47 8.82 3.36
C VAL A 103 1.51 9.96 3.67
N HIS A 104 0.26 9.59 3.84
CA HIS A 104 -0.82 10.51 4.16
C HIS A 104 -1.71 9.79 5.16
N SER A 105 -1.06 9.24 6.18
CA SER A 105 -1.75 8.45 7.19
C SER A 105 -1.90 9.16 8.53
N ASN A 106 -2.19 8.36 9.56
CA ASN A 106 -2.42 8.84 10.91
C ASN A 106 -1.24 9.66 11.47
N ASN A 107 -0.01 9.15 11.34
CA ASN A 107 1.15 9.87 11.86
C ASN A 107 1.73 10.85 10.85
N PHE A 108 2.21 10.33 9.72
CA PHE A 108 2.80 11.19 8.71
C PHE A 108 1.75 11.73 7.75
N THR A 109 1.53 13.04 7.82
CA THR A 109 0.55 13.72 6.99
C THR A 109 1.21 14.44 5.81
N ASN A 110 1.02 13.89 4.61
CA ASN A 110 1.59 14.47 3.38
C ASN A 110 3.10 14.54 3.46
N THR A 111 3.74 13.40 3.37
CA THR A 111 5.18 13.33 3.43
C THR A 111 5.74 12.32 2.44
N ILE A 112 6.74 12.74 1.67
CA ILE A 112 7.35 11.85 0.73
C ILE A 112 8.71 11.44 1.27
N LEU A 113 8.75 10.24 1.86
CA LEU A 113 9.98 9.75 2.47
C LEU A 113 10.78 8.91 1.50
N GLU A 114 11.85 9.51 0.99
CA GLU A 114 12.73 8.80 0.09
C GLU A 114 13.47 7.75 0.90
N VAL A 115 13.11 6.49 0.72
CA VAL A 115 13.73 5.43 1.48
C VAL A 115 15.00 4.93 0.80
N GLY A 116 15.08 5.14 -0.50
CA GLY A 116 16.26 4.74 -1.24
C GLY A 116 16.28 3.29 -1.65
N PRO A 117 17.30 2.54 -1.21
CA PRO A 117 17.47 1.14 -1.57
C PRO A 117 16.38 0.19 -1.05
N VAL A 118 15.64 -0.40 -1.98
CA VAL A 118 14.61 -1.37 -1.65
C VAL A 118 14.92 -2.71 -2.30
N THR A 119 14.75 -3.79 -1.56
CA THR A 119 15.00 -5.14 -2.07
C THR A 119 13.90 -6.08 -1.60
N MET A 120 13.72 -7.22 -2.25
CA MET A 120 12.68 -8.15 -1.83
C MET A 120 13.25 -9.11 -0.81
N ALA A 121 12.46 -9.41 0.21
CA ALA A 121 12.89 -10.31 1.27
C ALA A 121 12.39 -11.72 1.03
N GLY A 122 11.08 -11.85 0.89
CA GLY A 122 10.48 -13.15 0.66
C GLY A 122 9.39 -13.47 1.67
N LEU A 123 9.50 -14.64 2.28
CA LEU A 123 8.54 -15.07 3.28
C LEU A 123 9.13 -14.84 4.67
N ILE A 124 8.53 -13.92 5.41
CA ILE A 124 8.96 -13.61 6.74
C ILE A 124 7.75 -13.58 7.66
N ASN A 125 7.86 -12.92 8.78
CA ASN A 125 6.74 -12.85 9.69
C ASN A 125 6.39 -11.42 10.05
N LEU A 126 5.14 -11.05 9.84
CA LEU A 126 4.68 -9.72 10.17
C LEU A 126 3.94 -9.78 11.50
N SER A 127 4.48 -9.16 12.53
CA SER A 127 3.82 -9.15 13.82
C SER A 127 3.57 -10.59 14.33
N SER A 128 4.44 -11.51 13.93
CA SER A 128 4.38 -12.93 14.33
C SER A 128 3.49 -13.81 13.43
N THR A 129 2.99 -13.28 12.31
CA THR A 129 2.20 -14.08 11.37
C THR A 129 3.01 -14.28 10.08
N PRO A 130 2.97 -15.49 9.48
CA PRO A 130 3.73 -15.78 8.25
C PRO A 130 3.24 -14.95 7.08
N THR A 131 4.10 -14.05 6.65
CA THR A 131 3.78 -13.14 5.55
C THR A 131 4.78 -13.31 4.41
N ASN A 132 4.27 -13.33 3.18
CA ASN A 132 5.13 -13.50 2.00
C ASN A 132 5.08 -12.33 1.04
N ARG A 133 6.07 -12.26 0.16
CA ARG A 133 6.13 -11.22 -0.85
C ARG A 133 6.39 -9.85 -0.25
N MET A 134 7.20 -9.81 0.81
CA MET A 134 7.53 -8.56 1.47
C MET A 134 8.79 -7.91 0.95
N ILE A 135 8.72 -6.60 0.83
CA ILE A 135 9.85 -5.79 0.37
C ILE A 135 10.57 -5.25 1.60
N ARG A 136 11.87 -5.28 1.57
CA ARG A 136 12.64 -4.77 2.68
C ARG A 136 13.48 -3.60 2.22
N TYR A 137 13.60 -2.58 3.04
CA TYR A 137 14.39 -1.44 2.68
C TYR A 137 15.03 -0.83 3.92
N ASP A 138 16.23 -0.31 3.75
CA ASP A 138 16.97 0.26 4.87
C ASP A 138 16.55 1.69 5.13
N TYR A 139 15.61 1.81 6.05
CA TYR A 139 15.06 3.08 6.48
C TYR A 139 14.36 2.90 7.82
N ALA A 140 14.58 3.82 8.74
CA ALA A 140 13.96 3.69 10.05
C ALA A 140 12.51 4.13 10.03
N THR A 141 11.65 3.18 9.68
CA THR A 141 10.22 3.43 9.63
C THR A 141 9.59 3.14 10.98
N LYS A 142 8.49 3.83 11.28
CA LYS A 142 7.82 3.66 12.57
C LYS A 142 6.32 3.43 12.42
N THR A 143 5.79 2.72 13.39
CA THR A 143 4.37 2.48 13.50
C THR A 143 3.61 3.80 13.28
N GLY A 144 2.37 3.75 12.79
CA GLY A 144 1.61 4.97 12.56
C GLY A 144 1.81 5.47 11.14
N GLN A 145 2.83 4.90 10.50
CA GLN A 145 3.18 5.23 9.14
C GLN A 145 2.63 4.20 8.14
N CYS A 146 1.82 3.27 8.65
CA CYS A 146 1.26 2.22 7.81
C CYS A 146 0.40 2.80 6.69
N GLY A 147 0.56 2.26 5.48
CA GLY A 147 -0.18 2.75 4.31
C GLY A 147 0.71 3.52 3.36
N GLY A 148 1.92 3.82 3.79
CA GLY A 148 2.86 4.55 2.95
C GLY A 148 2.99 3.93 1.58
N VAL A 149 2.68 4.70 0.55
CA VAL A 149 2.77 4.19 -0.82
C VAL A 149 4.20 4.21 -1.33
N LEU A 150 4.77 3.02 -1.44
CA LEU A 150 6.13 2.86 -1.92
C LEU A 150 6.13 2.90 -3.43
N CYS A 151 6.57 4.03 -3.97
CA CYS A 151 6.57 4.21 -5.39
C CYS A 151 7.79 5.00 -5.86
N ALA A 152 7.85 5.14 -7.17
CA ALA A 152 8.92 5.88 -7.81
C ALA A 152 8.35 6.61 -9.00
N THR A 153 9.18 7.32 -9.73
CA THR A 153 8.70 8.06 -10.88
C THR A 153 8.14 7.13 -11.96
N GLY A 154 6.80 6.97 -11.97
CA GLY A 154 6.12 6.14 -12.95
C GLY A 154 6.21 4.65 -12.62
N LYS A 155 6.30 4.35 -11.33
CA LYS A 155 6.42 2.97 -10.89
C LYS A 155 5.94 2.80 -9.46
N ILE A 156 5.06 1.83 -9.25
CA ILE A 156 4.53 1.54 -7.92
C ILE A 156 5.03 0.17 -7.47
N PHE A 157 5.59 0.11 -6.28
CA PHE A 157 6.12 -1.15 -5.75
C PHE A 157 5.14 -1.82 -4.82
N GLY A 158 4.50 -1.00 -3.99
CA GLY A 158 3.52 -1.51 -3.05
C GLY A 158 3.23 -0.51 -1.95
N ILE A 159 2.77 -1.00 -0.81
CA ILE A 159 2.49 -0.09 0.29
C ILE A 159 3.17 -0.56 1.57
N HIS A 160 3.48 0.43 2.40
CA HIS A 160 4.13 0.20 3.67
C HIS A 160 3.20 -0.58 4.60
N VAL A 161 3.66 -1.72 5.08
CA VAL A 161 2.85 -2.56 5.95
C VAL A 161 3.43 -2.65 7.35
N GLY A 162 4.74 -2.52 7.44
CA GLY A 162 5.40 -2.57 8.73
C GLY A 162 6.87 -2.28 8.66
N GLY A 163 7.60 -2.84 9.60
CA GLY A 163 9.02 -2.63 9.65
C GLY A 163 9.66 -3.44 10.74
N ASN A 164 10.92 -3.74 10.55
CA ASN A 164 11.66 -4.50 11.52
C ASN A 164 12.98 -3.81 11.81
N GLY A 165 13.04 -3.10 12.92
CA GLY A 165 14.25 -2.38 13.27
C GLY A 165 14.45 -1.14 12.43
N ARG A 166 15.57 -1.07 11.74
CA ARG A 166 15.90 0.05 10.88
C ARG A 166 15.65 -0.31 9.44
N GLN A 167 14.78 -1.29 9.27
CA GLN A 167 14.41 -1.81 7.96
C GLN A 167 12.90 -1.82 7.80
N GLY A 168 12.40 -1.03 6.87
CA GLY A 168 10.97 -0.95 6.65
C GLY A 168 10.46 -2.09 5.79
N PHE A 169 9.23 -2.52 6.03
CA PHE A 169 8.68 -3.60 5.25
C PHE A 169 7.42 -3.18 4.54
N SER A 170 7.38 -3.51 3.25
CA SER A 170 6.28 -3.14 2.37
C SER A 170 5.84 -4.34 1.54
N ALA A 171 4.54 -4.47 1.32
CA ALA A 171 4.03 -5.57 0.52
C ALA A 171 4.20 -5.28 -0.96
N GLN A 172 4.81 -6.21 -1.67
CA GLN A 172 5.03 -6.02 -3.09
C GLN A 172 3.74 -6.21 -3.87
N LEU A 173 3.23 -5.11 -4.39
CA LEU A 173 2.01 -5.17 -5.16
C LEU A 173 2.35 -5.44 -6.61
N LYS A 174 2.31 -6.71 -7.00
CA LYS A 174 2.63 -7.08 -8.37
C LYS A 174 1.46 -6.84 -9.30
N LYS A 175 1.75 -6.17 -10.39
CA LYS A 175 0.76 -5.85 -11.42
C LYS A 175 0.00 -7.11 -11.84
N GLN A 176 0.68 -8.24 -11.73
CA GLN A 176 0.11 -9.54 -12.10
C GLN A 176 -1.32 -9.73 -11.60
N TYR A 177 -1.56 -9.34 -10.35
CA TYR A 177 -2.87 -9.50 -9.74
C TYR A 177 -3.84 -8.40 -10.18
N PHE A 178 -3.37 -7.16 -10.13
CA PHE A 178 -4.19 -6.00 -10.44
C PHE A 178 -4.48 -5.81 -11.93
N VAL A 179 -3.73 -6.46 -12.81
CA VAL A 179 -3.99 -6.30 -14.24
C VAL A 179 -5.06 -7.29 -14.71
N GLU A 180 -5.14 -8.45 -14.06
CA GLU A 180 -6.14 -9.46 -14.42
C GLU A 180 -7.40 -9.33 -13.57
N LYS A 181 -7.22 -9.00 -12.30
CA LYS A 181 -8.36 -8.80 -11.42
C LYS A 181 -9.05 -7.48 -11.81
N GLN A 182 -10.31 -7.57 -12.20
CA GLN A 182 -11.03 -6.39 -12.64
C GLN A 182 -12.49 -6.45 -12.19
C ACE B 1 13.61 -13.14 9.12
O ACE B 1 14.58 -12.78 9.77
CH3 ACE B 1 13.62 -14.44 8.36
H1 ACE B 1 12.59 -14.73 8.15
H2 ACE B 1 14.07 -15.20 8.97
H3 ACE B 1 14.16 -14.33 7.42
N LEU B 2 12.46 -12.48 9.11
CA LEU B 2 12.30 -11.23 9.84
C LEU B 2 10.94 -11.17 10.49
N GLU B 3 10.89 -10.82 11.76
CA GLU B 3 9.61 -10.62 12.38
C GLU B 3 9.41 -9.13 12.41
N ALA B 4 8.92 -8.61 11.31
CA ALA B 4 8.68 -7.20 11.19
C ALA B 4 7.29 -6.92 11.69
N LEU B 5 7.14 -5.83 12.38
CA LEU B 5 5.85 -5.52 12.95
C LEU B 5 5.02 -4.59 12.09
N PHE B 6 3.71 -4.77 12.16
CA PHE B 6 2.84 -3.88 11.46
C PHE B 6 3.05 -2.49 11.98
N YTF B 7 3.05 -1.54 11.08
CA YTF B 7 3.21 -0.16 11.46
CB YTF B 7 4.54 0.40 10.91
CG YTF B 7 5.77 -0.28 11.52
CD YTF B 7 7.06 0.26 10.94
OE1 YTF B 7 7.08 0.84 9.87
NE2 YTF B 7 8.16 0.06 11.66
C YTF B 7 2.01 0.65 10.94
CX6 YTF B 7 0.87 0.60 11.98
CX7 YTF B 7 0.01 1.83 11.94
OX8 YTF B 7 0.29 2.76 11.17
OX9 YTF B 7 -0.92 1.92 12.78
CJ1 YTF B 7 -1.87 3.12 12.85
CJ2 YTF B 7 -3.00 3.14 13.86
H YTF B 7 2.94 -1.76 10.14
HA YTF B 7 3.23 -0.12 12.54
HB2 YTF B 7 4.54 0.25 9.84
HB3 YTF B 7 4.59 1.46 11.11
HG2 YTF B 7 5.75 -0.11 12.58
HG3 YTF B 7 5.71 -1.34 11.32
HE22 YTF B 7 9.02 0.38 11.30
HE21 YTF B 7 8.07 -0.40 12.52
H1 YTF B 7 2.31 1.67 10.79
H31 YTF B 7 1.30 0.50 12.96
H3 YTF B 7 0.26 -0.25 11.77
H4 YTF B 7 -2.30 3.29 11.88
H5 YTF B 7 -1.26 3.99 13.09
H7 YTF B 7 -2.63 3.47 14.82
H8 YTF B 7 -3.41 2.14 13.95
H6 YTF B 7 -3.78 3.80 13.51
N GLY A 1 12.65 15.23 -8.73
CA GLY A 1 12.81 14.56 -10.06
C GLY A 1 11.50 14.02 -10.60
N PRO A 2 11.54 13.03 -11.51
CA PRO A 2 10.32 12.46 -12.07
C PRO A 2 9.51 11.72 -11.01
N ASN A 3 10.20 11.16 -10.01
CA ASN A 3 9.54 10.46 -8.92
C ASN A 3 8.66 11.44 -8.14
N THR A 4 9.29 12.52 -7.73
CA THR A 4 8.66 13.58 -6.99
C THR A 4 7.39 14.05 -7.68
N GLU A 5 7.52 14.39 -8.94
CA GLU A 5 6.41 14.86 -9.76
C GLU A 5 5.27 13.84 -9.79
N PHE A 6 5.62 12.61 -10.14
CA PHE A 6 4.66 11.52 -10.24
C PHE A 6 3.95 11.25 -8.91
N ALA A 7 4.74 11.10 -7.85
CA ALA A 7 4.20 10.80 -6.52
C ALA A 7 3.26 11.87 -6.00
N LEU A 8 3.64 13.14 -6.14
CA LEU A 8 2.82 14.25 -5.67
C LEU A 8 1.53 14.37 -6.48
N SER A 9 1.63 14.06 -7.78
CA SER A 9 0.47 14.09 -8.66
C SER A 9 -0.47 12.94 -8.30
N LEU A 10 0.14 11.80 -7.98
CA LEU A 10 -0.60 10.61 -7.58
C LEU A 10 -1.43 10.89 -6.33
N LEU A 11 -0.83 11.61 -5.40
CA LEU A 11 -1.48 11.98 -4.15
C LEU A 11 -2.85 12.60 -4.41
N ARG A 12 -2.81 13.66 -5.20
CA ARG A 12 -3.96 14.46 -5.55
C ARG A 12 -5.04 13.68 -6.30
N LYS A 13 -4.66 12.64 -7.04
CA LYS A 13 -5.65 11.89 -7.81
C LYS A 13 -6.15 10.60 -7.17
N ASN A 14 -5.26 9.64 -6.92
CA ASN A 14 -5.68 8.33 -6.40
C ASN A 14 -5.41 8.09 -4.93
N ILE A 15 -4.71 8.99 -4.27
CA ILE A 15 -4.41 8.77 -2.86
C ILE A 15 -5.45 9.42 -1.98
N MET A 16 -6.02 8.63 -1.08
CA MET A 16 -7.06 9.12 -0.17
C MET A 16 -6.78 8.67 1.24
N THR A 17 -7.17 9.49 2.19
CA THR A 17 -7.00 9.16 3.59
C THR A 17 -8.13 8.26 4.03
N ILE A 18 -7.81 7.01 4.34
CA ILE A 18 -8.81 6.09 4.82
C ILE A 18 -8.76 6.06 6.33
N THR A 19 -9.91 6.13 6.95
CA THR A 19 -9.97 6.11 8.40
C THR A 19 -10.80 4.92 8.87
N THR A 20 -10.09 3.88 9.28
CA THR A 20 -10.70 2.65 9.73
C THR A 20 -10.66 2.48 11.24
N SER A 21 -10.89 1.25 11.66
CA SER A 21 -10.89 0.91 13.08
C SER A 21 -9.54 1.19 13.74
N LYS A 22 -8.48 1.31 12.94
CA LYS A 22 -7.16 1.60 13.48
C LYS A 22 -6.89 3.10 13.44
N GLY A 23 -6.94 3.66 12.23
CA GLY A 23 -6.70 5.08 12.07
C GLY A 23 -6.61 5.54 10.62
N GLU A 24 -5.73 6.49 10.37
CA GLU A 24 -5.56 7.01 9.02
C GLU A 24 -4.58 6.17 8.22
N PHE A 25 -5.06 5.66 7.10
CA PHE A 25 -4.23 4.86 6.22
C PHE A 25 -4.28 5.44 4.83
N THR A 26 -3.31 5.07 4.05
CA THR A 26 -3.24 5.53 2.69
C THR A 26 -4.00 4.59 1.76
N GLY A 27 -5.10 5.08 1.22
CA GLY A 27 -5.87 4.26 0.30
C GLY A 27 -5.32 4.42 -1.09
N LEU A 28 -4.69 3.38 -1.59
CA LEU A 28 -4.09 3.44 -2.90
C LEU A 28 -5.08 3.05 -3.98
N GLY A 29 -5.66 4.06 -4.62
CA GLY A 29 -6.59 3.80 -5.69
C GLY A 29 -5.86 3.28 -6.90
N ILE A 30 -6.23 2.11 -7.39
CA ILE A 30 -5.58 1.53 -8.55
C ILE A 30 -6.34 1.91 -9.81
N HIS A 31 -7.64 1.56 -9.82
CA HIS A 31 -8.51 1.87 -10.96
C HIS A 31 -9.99 1.98 -10.56
N ASP A 32 -10.67 2.90 -11.23
CA ASP A 32 -12.10 3.20 -11.01
C ASP A 32 -12.48 3.33 -9.53
N ARG A 33 -12.79 2.23 -8.86
CA ARG A 33 -13.19 2.32 -7.45
C ARG A 33 -12.47 1.25 -6.64
N VAL A 34 -11.45 0.68 -7.24
CA VAL A 34 -10.65 -0.36 -6.61
C VAL A 34 -9.42 0.23 -5.94
N CYS A 35 -9.40 0.15 -4.62
CA CYS A 35 -8.29 0.66 -3.83
C CYS A 35 -7.63 -0.45 -3.04
N VAL A 36 -6.36 -0.26 -2.73
CA VAL A 36 -5.63 -1.24 -1.94
C VAL A 36 -5.39 -0.68 -0.55
N ILE A 37 -5.67 -1.49 0.45
CA ILE A 37 -5.50 -1.09 1.85
C ILE A 37 -4.99 -2.29 2.66
N PRO A 38 -4.12 -2.06 3.65
CA PRO A 38 -3.63 -3.16 4.47
C PRO A 38 -4.76 -3.88 5.16
N THR A 39 -4.56 -5.16 5.45
CA THR A 39 -5.57 -5.96 6.11
C THR A 39 -5.70 -5.59 7.59
N HIS A 40 -4.58 -5.33 8.24
CA HIS A 40 -4.57 -4.98 9.66
C HIS A 40 -5.27 -3.64 9.92
N ALA A 41 -5.75 -2.98 8.86
CA ALA A 41 -6.44 -1.71 9.00
C ALA A 41 -7.87 -1.92 9.50
N GLN A 42 -8.40 -3.11 9.22
CA GLN A 42 -9.76 -3.51 9.62
C GLN A 42 -10.84 -2.68 8.93
N PRO A 43 -11.06 -2.91 7.62
CA PRO A 43 -12.11 -2.26 6.84
C PRO A 43 -13.41 -3.03 6.98
N GLY A 44 -14.48 -2.36 7.42
CA GLY A 44 -15.75 -3.03 7.63
C GLY A 44 -16.69 -3.00 6.42
N ASP A 45 -17.95 -2.66 6.67
CA ASP A 45 -18.97 -2.59 5.63
C ASP A 45 -18.88 -1.22 4.96
N ASP A 46 -18.76 -0.18 5.77
CA ASP A 46 -18.58 1.16 5.25
C ASP A 46 -17.38 1.76 5.93
N VAL A 47 -16.63 2.56 5.20
CA VAL A 47 -15.43 3.15 5.74
C VAL A 47 -15.48 4.65 5.65
N LEU A 48 -14.75 5.29 6.54
CA LEU A 48 -14.69 6.73 6.56
C LEU A 48 -13.51 7.22 5.74
N VAL A 49 -13.76 7.71 4.54
CA VAL A 49 -12.66 8.22 3.75
C VAL A 49 -12.45 9.69 4.07
N ASN A 50 -11.54 9.95 5.01
CA ASN A 50 -11.23 11.30 5.45
C ASN A 50 -12.40 11.88 6.23
N GLY A 51 -13.34 11.02 6.61
CA GLY A 51 -14.52 11.46 7.35
C GLY A 51 -15.80 11.14 6.62
N GLN A 52 -15.70 11.13 5.30
CA GLN A 52 -16.84 10.81 4.45
C GLN A 52 -17.13 9.33 4.53
N LYS A 53 -18.33 8.98 4.95
CA LYS A 53 -18.69 7.59 5.07
C LYS A 53 -19.16 7.05 3.74
N ILE A 54 -18.39 6.13 3.21
CA ILE A 54 -18.69 5.49 1.96
C ILE A 54 -18.70 4.00 2.19
N ARG A 55 -19.61 3.31 1.54
CA ARG A 55 -19.72 1.89 1.73
C ARG A 55 -18.86 1.11 0.74
N VAL A 56 -18.42 -0.06 1.16
CA VAL A 56 -17.62 -0.91 0.30
C VAL A 56 -18.55 -1.87 -0.44
N LYS A 57 -18.21 -2.20 -1.68
CA LYS A 57 -19.04 -3.11 -2.45
C LYS A 57 -18.59 -4.53 -2.20
N ASP A 58 -17.28 -4.68 -2.16
CA ASP A 58 -16.66 -5.96 -1.90
C ASP A 58 -15.21 -5.76 -1.45
N LYS A 59 -14.85 -6.39 -0.34
CA LYS A 59 -13.50 -6.28 0.15
C LYS A 59 -12.87 -7.65 0.08
N TYR A 60 -11.90 -7.79 -0.79
CA TYR A 60 -11.23 -9.05 -1.00
C TYR A 60 -9.85 -9.05 -0.35
N LYS A 61 -9.74 -9.77 0.75
CA LYS A 61 -8.48 -9.85 1.47
C LYS A 61 -7.48 -10.58 0.62
N LEU A 62 -6.33 -9.95 0.41
CA LEU A 62 -5.32 -10.54 -0.44
C LEU A 62 -4.34 -11.42 0.31
N VAL A 63 -4.55 -12.72 0.14
CA VAL A 63 -3.63 -13.70 0.62
C VAL A 63 -2.98 -14.19 -0.65
N ASP A 64 -1.70 -14.45 -0.64
CA ASP A 64 -1.05 -14.87 -1.88
C ASP A 64 -1.41 -16.30 -2.27
N PRO A 65 -1.70 -16.52 -3.58
CA PRO A 65 -2.05 -17.85 -4.07
C PRO A 65 -1.01 -18.90 -3.69
N GLU A 66 0.11 -18.44 -3.12
CA GLU A 66 1.15 -19.36 -2.67
C GLU A 66 0.74 -19.89 -1.28
N ASN A 67 -0.46 -19.46 -0.87
CA ASN A 67 -1.10 -19.83 0.40
C ASN A 67 -0.46 -19.15 1.60
N ILE A 68 0.17 -18.00 1.36
CA ILE A 68 0.79 -17.21 2.42
C ILE A 68 0.11 -15.85 2.49
N ASN A 69 0.12 -15.22 3.65
CA ASN A 69 -0.51 -13.92 3.80
C ASN A 69 0.18 -12.86 2.95
N LEU A 70 -0.60 -12.05 2.24
CA LEU A 70 -0.05 -10.96 1.45
C LEU A 70 -0.28 -9.67 2.24
N GLU A 71 -1.27 -9.75 3.14
CA GLU A 71 -1.59 -8.65 4.07
C GLU A 71 -2.25 -7.48 3.39
N LEU A 72 -2.69 -7.67 2.15
CA LEU A 72 -3.36 -6.61 1.41
C LEU A 72 -4.84 -6.88 1.31
N THR A 73 -5.61 -5.84 1.07
CA THR A 73 -7.05 -5.98 0.90
C THR A 73 -7.52 -5.17 -0.28
N VAL A 74 -8.13 -5.84 -1.24
CA VAL A 74 -8.67 -5.14 -2.39
C VAL A 74 -9.97 -4.53 -1.97
N LEU A 75 -9.93 -3.24 -1.72
CA LEU A 75 -11.10 -2.53 -1.26
C LEU A 75 -11.84 -1.91 -2.44
N THR A 76 -12.87 -2.61 -2.87
CA THR A 76 -13.69 -2.13 -3.96
C THR A 76 -14.84 -1.34 -3.37
N LEU A 77 -14.62 -0.03 -3.23
CA LEU A 77 -15.61 0.84 -2.64
C LEU A 77 -16.74 1.11 -3.61
N ASP A 78 -17.92 1.40 -3.06
CA ASP A 78 -19.04 1.75 -3.90
C ASP A 78 -18.92 3.24 -4.18
N ARG A 79 -17.99 3.53 -5.08
CA ARG A 79 -17.67 4.90 -5.48
C ARG A 79 -18.20 5.16 -6.89
N ASN A 80 -18.95 6.24 -7.07
CA ASN A 80 -19.47 6.54 -8.38
C ASN A 80 -18.42 7.32 -9.15
N GLU A 81 -17.41 7.78 -8.41
CA GLU A 81 -16.31 8.52 -9.00
C GLU A 81 -15.21 7.55 -9.40
N LYS A 82 -14.90 7.49 -10.67
CA LYS A 82 -13.87 6.59 -11.15
C LYS A 82 -12.53 7.31 -11.22
N PHE A 83 -11.59 6.95 -10.35
CA PHE A 83 -10.30 7.60 -10.34
C PHE A 83 -9.37 7.02 -11.41
N ARG A 84 -8.29 7.75 -11.66
CA ARG A 84 -7.31 7.38 -12.68
C ARG A 84 -6.82 5.94 -12.54
N ASP A 85 -6.91 5.17 -13.62
CA ASP A 85 -6.46 3.78 -13.59
C ASP A 85 -4.94 3.73 -13.80
N ILE A 86 -4.23 3.60 -12.67
CA ILE A 86 -2.77 3.53 -12.67
C ILE A 86 -2.34 2.08 -12.76
N ARG A 87 -3.26 1.29 -13.25
CA ARG A 87 -3.12 -0.16 -13.42
C ARG A 87 -1.88 -0.55 -14.25
N GLY A 88 -1.51 0.28 -15.22
CA GLY A 88 -0.35 -0.04 -16.04
C GLY A 88 0.96 0.34 -15.39
N PHE A 89 0.87 1.04 -14.26
CA PHE A 89 2.06 1.46 -13.53
C PHE A 89 2.39 0.49 -12.41
N ILE A 90 1.60 -0.57 -12.30
CA ILE A 90 1.85 -1.57 -11.28
C ILE A 90 3.01 -2.43 -11.73
N SER A 91 3.97 -2.65 -10.87
CA SER A 91 5.15 -3.41 -11.25
C SER A 91 5.04 -4.91 -10.94
N GLU A 92 4.82 -5.70 -11.99
CA GLU A 92 4.77 -7.15 -11.86
C GLU A 92 6.15 -7.54 -11.38
N ASP A 93 7.11 -7.09 -12.16
CA ASP A 93 8.51 -7.23 -11.84
C ASP A 93 8.92 -5.83 -11.37
N LEU A 94 9.66 -5.74 -10.29
CA LEU A 94 10.01 -4.45 -9.74
C LEU A 94 10.82 -3.59 -10.71
N GLU A 95 11.94 -4.12 -11.19
CA GLU A 95 12.81 -3.38 -12.12
C GLU A 95 12.84 -1.90 -11.76
N GLY A 96 13.52 -1.63 -10.64
CA GLY A 96 13.67 -0.31 -10.11
C GLY A 96 14.04 -0.36 -8.65
N VAL A 97 15.28 -0.06 -8.37
CA VAL A 97 15.77 -0.07 -7.00
C VAL A 97 15.64 1.32 -6.37
N ASP A 98 14.94 2.20 -7.06
CA ASP A 98 14.70 3.57 -6.59
C ASP A 98 13.23 3.76 -6.25
N ALA A 99 12.95 4.06 -4.99
CA ALA A 99 11.58 4.25 -4.55
C ALA A 99 11.46 5.31 -3.46
N THR A 100 10.31 5.93 -3.45
CA THR A 100 9.98 6.95 -2.48
C THR A 100 8.74 6.50 -1.74
N LEU A 101 8.75 6.66 -0.43
CA LEU A 101 7.62 6.27 0.38
C LEU A 101 6.69 7.44 0.58
N VAL A 102 5.57 7.40 -0.13
CA VAL A 102 4.58 8.45 -0.03
C VAL A 102 3.74 8.23 1.21
N VAL A 103 4.03 9.00 2.24
CA VAL A 103 3.32 8.87 3.50
C VAL A 103 2.07 9.75 3.54
N HIS A 104 0.94 9.09 3.46
CA HIS A 104 -0.38 9.74 3.50
C HIS A 104 -1.20 8.99 4.54
N SER A 105 -0.50 8.65 5.62
CA SER A 105 -1.08 7.87 6.72
C SER A 105 -1.28 8.70 7.99
N ASN A 106 -1.43 8.00 9.12
CA ASN A 106 -1.64 8.67 10.39
C ASN A 106 -0.35 9.33 10.91
N ASN A 107 0.79 8.93 10.37
CA ASN A 107 2.08 9.50 10.76
C ASN A 107 2.23 10.85 10.07
N PHE A 108 2.55 10.80 8.77
CA PHE A 108 2.64 12.00 7.95
C PHE A 108 1.62 11.95 6.85
N THR A 109 1.10 13.10 6.46
CA THR A 109 0.16 13.15 5.36
C THR A 109 0.65 14.11 4.26
N ASN A 110 0.74 13.59 3.03
CA ASN A 110 1.19 14.38 1.89
C ASN A 110 2.71 14.49 1.84
N THR A 111 3.35 13.91 2.83
CA THR A 111 4.81 13.93 2.93
C THR A 111 5.45 12.71 2.28
N ILE A 112 6.28 12.96 1.27
CA ILE A 112 6.98 11.89 0.59
C ILE A 112 8.35 11.72 1.20
N LEU A 113 8.67 10.52 1.61
CA LEU A 113 9.96 10.25 2.22
C LEU A 113 10.77 9.36 1.31
N GLU A 114 11.82 9.93 0.75
CA GLU A 114 12.70 9.18 -0.12
C GLU A 114 13.47 8.18 0.71
N VAL A 115 13.36 6.89 0.39
CA VAL A 115 14.06 5.88 1.16
C VAL A 115 15.34 5.48 0.47
N GLY A 116 15.32 5.50 -0.86
CA GLY A 116 16.49 5.13 -1.62
C GLY A 116 16.30 3.80 -2.32
N PRO A 117 16.93 2.74 -1.80
CA PRO A 117 16.83 1.41 -2.41
C PRO A 117 15.60 0.63 -1.97
N VAL A 118 14.86 0.12 -2.96
CA VAL A 118 13.71 -0.72 -2.69
C VAL A 118 14.08 -2.13 -3.10
N THR A 119 14.15 -3.01 -2.10
CA THR A 119 14.55 -4.41 -2.32
C THR A 119 13.58 -5.35 -1.63
N MET A 120 13.60 -6.63 -1.99
CA MET A 120 12.69 -7.58 -1.36
C MET A 120 13.42 -8.47 -0.35
N ALA A 121 12.66 -8.97 0.63
CA ALA A 121 13.24 -9.80 1.67
C ALA A 121 12.60 -11.19 1.65
N GLY A 122 11.67 -11.39 0.72
CA GLY A 122 11.00 -12.68 0.61
C GLY A 122 9.87 -12.85 1.61
N LEU A 123 10.03 -13.81 2.51
CA LEU A 123 9.03 -14.11 3.53
C LEU A 123 9.61 -13.98 4.93
N ILE A 124 8.94 -13.19 5.76
CA ILE A 124 9.34 -13.02 7.16
C ILE A 124 8.11 -13.07 8.04
N ASN A 125 8.26 -12.94 9.34
CA ASN A 125 7.08 -13.00 10.21
C ASN A 125 6.57 -11.61 10.53
N LEU A 126 5.77 -11.06 9.63
CA LEU A 126 5.19 -9.76 9.82
C LEU A 126 4.22 -9.80 11.01
N SER A 127 4.64 -9.22 12.13
CA SER A 127 3.82 -9.23 13.34
C SER A 127 3.61 -10.68 13.81
N SER A 128 4.63 -11.52 13.57
CA SER A 128 4.61 -12.94 13.93
C SER A 128 3.88 -13.78 12.89
N THR A 129 3.19 -13.09 11.97
CA THR A 129 2.45 -13.76 10.89
C THR A 129 3.31 -13.94 9.64
N PRO A 130 3.51 -15.20 9.18
CA PRO A 130 4.30 -15.45 7.99
C PRO A 130 3.72 -14.73 6.79
N THR A 131 4.48 -13.78 6.28
CA THR A 131 4.04 -12.98 5.15
C THR A 131 5.14 -12.85 4.10
N ASN A 132 4.80 -13.02 2.81
CA ASN A 132 5.82 -12.90 1.77
C ASN A 132 5.60 -11.69 0.85
N ARG A 133 6.45 -11.55 -0.15
CA ARG A 133 6.40 -10.40 -1.06
C ARG A 133 6.74 -9.15 -0.25
N MET A 134 7.51 -9.38 0.82
CA MET A 134 7.91 -8.32 1.74
C MET A 134 9.08 -7.50 1.20
N ILE A 135 8.88 -6.19 1.18
CA ILE A 135 9.89 -5.25 0.72
C ILE A 135 10.76 -4.75 1.87
N ARG A 136 12.06 -4.71 1.67
CA ARG A 136 12.95 -4.23 2.72
C ARG A 136 13.70 -2.97 2.30
N TYR A 137 13.68 -1.97 3.17
CA TYR A 137 14.39 -0.73 2.95
C TYR A 137 14.95 -0.25 4.26
N ASP A 138 16.27 -0.27 4.40
CA ASP A 138 16.91 0.17 5.61
C ASP A 138 16.72 1.66 5.76
N TYR A 139 15.84 2.01 6.67
CA TYR A 139 15.48 3.39 6.92
C TYR A 139 14.70 3.48 8.21
N ALA A 140 15.02 4.45 9.04
CA ALA A 140 14.32 4.56 10.31
C ALA A 140 12.87 4.93 10.11
N THR A 141 12.02 3.93 10.25
CA THR A 141 10.59 4.10 10.13
C THR A 141 9.91 3.25 11.19
N LYS A 142 8.80 3.71 11.70
CA LYS A 142 8.11 3.00 12.76
C LYS A 142 6.61 3.06 12.58
N THR A 143 5.95 2.43 13.53
CA THR A 143 4.50 2.41 13.61
C THR A 143 3.91 3.77 13.20
N GLY A 144 2.69 3.76 12.64
CA GLY A 144 2.04 4.99 12.23
C GLY A 144 2.23 5.29 10.77
N GLN A 145 3.33 4.82 10.21
CA GLN A 145 3.62 5.04 8.80
C GLN A 145 2.98 3.96 7.92
N CYS A 146 2.12 3.14 8.54
CA CYS A 146 1.42 2.08 7.82
C CYS A 146 0.50 2.63 6.74
N GLY A 147 0.54 2.01 5.55
CA GLY A 147 -0.28 2.45 4.44
C GLY A 147 0.48 3.25 3.41
N GLY A 148 1.61 3.80 3.82
CA GLY A 148 2.42 4.59 2.92
C GLY A 148 2.66 3.88 1.61
N VAL A 149 2.49 4.58 0.49
CA VAL A 149 2.70 3.96 -0.80
C VAL A 149 4.11 4.15 -1.30
N LEU A 150 4.82 3.03 -1.36
CA LEU A 150 6.20 2.98 -1.83
C LEU A 150 6.15 2.85 -3.32
N CYS A 151 6.55 3.90 -4.01
CA CYS A 151 6.47 3.88 -5.45
C CYS A 151 7.59 4.65 -6.12
N ALA A 152 7.61 4.51 -7.43
CA ALA A 152 8.58 5.18 -8.28
C ALA A 152 7.85 5.85 -9.42
N THR A 153 8.55 6.63 -10.21
CA THR A 153 7.90 7.28 -11.32
C THR A 153 7.48 6.27 -12.38
N GLY A 154 6.18 5.95 -12.41
CA GLY A 154 5.64 5.00 -13.36
C GLY A 154 5.64 3.56 -12.87
N LYS A 155 6.12 3.35 -11.65
CA LYS A 155 6.16 2.01 -11.10
C LYS A 155 5.77 2.02 -9.62
N ILE A 156 4.59 1.48 -9.35
CA ILE A 156 4.07 1.39 -7.99
C ILE A 156 4.52 0.07 -7.39
N PHE A 157 5.40 0.12 -6.39
CA PHE A 157 5.92 -1.10 -5.80
C PHE A 157 4.95 -1.71 -4.78
N GLY A 158 4.45 -0.90 -3.87
CA GLY A 158 3.52 -1.44 -2.88
C GLY A 158 3.19 -0.50 -1.75
N ILE A 159 2.70 -1.07 -0.66
CA ILE A 159 2.32 -0.29 0.51
C ILE A 159 3.06 -0.72 1.76
N HIS A 160 3.38 0.27 2.58
CA HIS A 160 4.06 0.06 3.85
C HIS A 160 3.13 -0.70 4.80
N VAL A 161 3.54 -1.89 5.23
CA VAL A 161 2.69 -2.68 6.12
C VAL A 161 3.31 -2.82 7.51
N GLY A 162 4.62 -2.67 7.58
CA GLY A 162 5.29 -2.77 8.86
C GLY A 162 6.75 -2.40 8.80
N GLY A 163 7.53 -2.98 9.71
CA GLY A 163 8.94 -2.70 9.77
C GLY A 163 9.60 -3.45 10.89
N ASN A 164 10.89 -3.71 10.74
CA ASN A 164 11.62 -4.41 11.75
C ASN A 164 12.86 -3.62 12.16
N GLY A 165 12.79 -3.02 13.34
CA GLY A 165 13.91 -2.23 13.84
C GLY A 165 14.07 -0.94 13.08
N ARG A 166 15.10 -0.88 12.25
CA ARG A 166 15.36 0.31 11.45
C ARG A 166 15.24 0.00 9.98
N GLN A 167 14.53 -1.08 9.69
CA GLN A 167 14.27 -1.51 8.33
C GLN A 167 12.76 -1.60 8.11
N GLY A 168 12.28 -0.78 7.20
CA GLY A 168 10.86 -0.76 6.93
C GLY A 168 10.44 -1.91 6.06
N PHE A 169 9.21 -2.37 6.24
CA PHE A 169 8.75 -3.48 5.45
C PHE A 169 7.41 -3.22 4.80
N SER A 170 7.43 -3.18 3.48
CA SER A 170 6.24 -2.97 2.67
C SER A 170 5.91 -4.27 1.97
N ALA A 171 4.76 -4.30 1.30
CA ALA A 171 4.36 -5.48 0.55
C ALA A 171 4.31 -5.10 -0.93
N GLN A 172 4.91 -5.91 -1.80
CA GLN A 172 4.96 -5.53 -3.20
C GLN A 172 3.74 -5.95 -4.00
N LEU A 173 3.26 -4.99 -4.78
CA LEU A 173 2.09 -5.19 -5.63
C LEU A 173 2.48 -5.80 -6.97
N LYS A 174 2.52 -7.12 -7.05
CA LYS A 174 2.87 -7.75 -8.33
C LYS A 174 1.63 -7.73 -9.24
N LYS A 175 1.75 -6.92 -10.28
CA LYS A 175 0.70 -6.64 -11.28
C LYS A 175 -0.22 -7.82 -11.66
N GLN A 176 0.29 -9.04 -11.71
CA GLN A 176 -0.55 -10.18 -12.12
C GLN A 176 -1.81 -10.36 -11.27
N TYR A 177 -1.78 -9.94 -10.01
CA TYR A 177 -2.94 -10.11 -9.13
C TYR A 177 -4.12 -9.23 -9.54
N PHE A 178 -3.86 -8.20 -10.35
CA PHE A 178 -4.92 -7.33 -10.83
C PHE A 178 -5.36 -7.80 -12.21
N VAL A 179 -4.56 -8.69 -12.78
CA VAL A 179 -4.83 -9.29 -14.09
C VAL A 179 -5.64 -10.55 -13.90
N GLU A 180 -5.21 -11.34 -12.91
CA GLU A 180 -5.85 -12.61 -12.59
C GLU A 180 -7.15 -12.40 -11.82
N LYS A 181 -7.26 -11.28 -11.07
CA LYS A 181 -8.48 -11.05 -10.31
C LYS A 181 -9.61 -10.49 -11.16
N GLN A 182 -10.57 -11.35 -11.40
CA GLN A 182 -11.77 -11.01 -12.15
C GLN A 182 -12.72 -12.21 -12.15
C ACE B 1 13.65 -13.04 11.39
O ACE B 1 14.16 -12.56 12.40
CH3 ACE B 1 13.86 -14.49 11.03
H1 ACE B 1 13.17 -15.09 11.59
H2 ACE B 1 14.88 -14.79 11.27
H3 ACE B 1 13.69 -14.63 9.97
N LEU B 2 12.89 -12.35 10.57
CA LEU B 2 12.59 -10.95 10.87
C LEU B 2 11.15 -10.81 11.28
N GLU B 3 10.91 -10.59 12.54
CA GLU B 3 9.56 -10.39 12.98
C GLU B 3 9.27 -8.90 12.89
N ALA B 4 9.02 -8.48 11.66
CA ALA B 4 8.72 -7.09 11.36
C ALA B 4 7.26 -6.85 11.67
N LEU B 5 6.99 -5.96 12.59
CA LEU B 5 5.65 -5.69 13.04
C LEU B 5 4.88 -4.71 12.17
N PHE B 6 3.55 -4.85 12.16
CA PHE B 6 2.74 -3.91 11.44
C PHE B 6 3.01 -2.53 12.00
N YTF B 7 3.07 -1.55 11.13
CA YTF B 7 3.29 -0.20 11.57
CB YTF B 7 4.63 0.30 11.06
CG YTF B 7 5.80 -0.48 11.65
CD YTF B 7 7.14 -0.01 11.11
OE1 YTF B 7 7.24 0.51 10.01
NE2 YTF B 7 8.20 -0.17 11.91
C YTF B 7 2.12 0.66 11.08
CX6 YTF B 7 1.03 0.68 12.16
CX7 YTF B 7 0.13 1.89 12.09
OX8 YTF B 7 0.33 2.77 11.24
OX9 YTF B 7 -0.76 1.99 12.98
CJ1 YTF B 7 -1.77 3.15 13.09
CJ2 YTF B 7 -2.82 3.13 14.18
H YTF B 7 2.96 -1.73 10.18
HA YTF B 7 3.28 -0.21 12.66
HB2 YTF B 7 4.65 0.18 9.99
HB3 YTF B 7 4.75 1.35 11.30
HG2 YTF B 7 5.80 -0.35 12.73
HG3 YTF B 7 5.69 -1.52 11.42
HE22 YTF B 7 9.08 0.13 11.58
HE21 YTF B 7 8.05 -0.58 12.79
H1 YTF B 7 2.46 1.66 10.89
H31 YTF B 7 1.50 0.68 13.14
H3 YTF B 7 0.42 -0.20 12.06
H4 YTF B 7 -2.28 3.26 12.16
H5 YTF B 7 -1.19 4.06 13.25
H7 YTF B 7 -3.52 3.94 14.03
H8 YTF B 7 -2.33 3.26 15.15
H6 YTF B 7 -3.34 2.18 14.17
N GLY A 1 10.07 17.62 -11.80
CA GLY A 1 10.58 16.50 -12.63
C GLY A 1 9.67 15.27 -12.59
N PRO A 2 10.04 14.20 -13.30
CA PRO A 2 9.23 12.97 -13.38
C PRO A 2 8.79 12.38 -12.04
N ASN A 3 9.74 12.03 -11.17
CA ASN A 3 9.40 11.39 -9.89
C ASN A 3 8.46 12.23 -9.04
N THR A 4 8.76 13.50 -8.88
CA THR A 4 7.95 14.40 -8.07
C THR A 4 6.58 14.66 -8.72
N GLU A 5 6.57 14.88 -10.03
CA GLU A 5 5.33 15.13 -10.74
C GLU A 5 4.41 13.91 -10.62
N PHE A 6 4.96 12.72 -10.79
CA PHE A 6 4.19 11.49 -10.69
C PHE A 6 3.64 11.34 -9.27
N ALA A 7 4.51 11.50 -8.28
CA ALA A 7 4.11 11.37 -6.88
C ALA A 7 2.99 12.35 -6.52
N LEU A 8 3.15 13.61 -6.94
CA LEU A 8 2.15 14.65 -6.68
C LEU A 8 0.82 14.31 -7.35
N SER A 9 0.88 13.83 -8.59
CA SER A 9 -0.32 13.46 -9.34
C SER A 9 -0.97 12.23 -8.72
N LEU A 10 -0.15 11.23 -8.38
CA LEU A 10 -0.63 10.01 -7.74
C LEU A 10 -1.32 10.34 -6.43
N LEU A 11 -0.67 11.19 -5.65
CA LEU A 11 -1.15 11.62 -4.34
C LEU A 11 -2.55 12.24 -4.43
N ARG A 12 -2.73 13.18 -5.36
CA ARG A 12 -4.00 13.90 -5.49
C ARG A 12 -5.11 13.10 -6.18
N LYS A 13 -4.76 12.17 -7.06
CA LYS A 13 -5.79 11.42 -7.78
C LYS A 13 -6.07 10.02 -7.23
N ASN A 14 -5.06 9.34 -6.71
CA ASN A 14 -5.24 7.96 -6.27
C ASN A 14 -4.94 7.69 -4.81
N ILE A 15 -4.35 8.66 -4.12
CA ILE A 15 -4.01 8.43 -2.73
C ILE A 15 -5.08 9.02 -1.82
N MET A 16 -5.76 8.15 -1.09
CA MET A 16 -6.80 8.59 -0.18
C MET A 16 -6.50 8.13 1.23
N THR A 17 -6.88 8.95 2.17
CA THR A 17 -6.69 8.65 3.58
C THR A 17 -7.75 7.66 4.00
N ILE A 18 -7.47 6.38 3.80
CA ILE A 18 -8.43 5.36 4.16
C ILE A 18 -8.43 5.17 5.65
N THR A 19 -9.35 5.87 6.28
CA THR A 19 -9.52 5.83 7.70
C THR A 19 -10.44 4.67 8.04
N THR A 20 -9.80 3.57 8.38
CA THR A 20 -10.49 2.34 8.69
C THR A 20 -10.67 2.15 10.20
N SER A 21 -11.30 1.05 10.55
CA SER A 21 -11.57 0.75 11.96
C SER A 21 -10.33 0.75 12.83
N LYS A 22 -9.21 0.28 12.28
CA LYS A 22 -7.96 0.17 13.02
C LYS A 22 -7.10 1.44 12.95
N GLY A 23 -7.16 2.16 11.83
CA GLY A 23 -6.37 3.38 11.73
C GLY A 23 -6.46 4.10 10.39
N GLU A 24 -5.58 5.08 10.22
CA GLU A 24 -5.52 5.87 8.99
C GLU A 24 -4.46 5.31 8.06
N PHE A 25 -4.91 4.69 6.99
CA PHE A 25 -3.97 4.10 6.05
C PHE A 25 -3.96 4.83 4.73
N THR A 26 -2.87 4.64 4.03
CA THR A 26 -2.72 5.21 2.71
C THR A 26 -3.41 4.27 1.74
N GLY A 27 -4.56 4.70 1.24
CA GLY A 27 -5.29 3.87 0.33
C GLY A 27 -4.90 4.11 -1.10
N LEU A 28 -4.41 3.07 -1.75
CA LEU A 28 -4.00 3.19 -3.13
C LEU A 28 -5.13 2.79 -4.06
N GLY A 29 -5.81 3.79 -4.61
CA GLY A 29 -6.88 3.50 -5.52
C GLY A 29 -6.31 2.90 -6.80
N ILE A 30 -6.51 1.62 -6.98
CA ILE A 30 -5.96 0.93 -8.14
C ILE A 30 -6.73 1.26 -9.41
N HIS A 31 -8.04 1.05 -9.38
CA HIS A 31 -8.87 1.33 -10.55
C HIS A 31 -10.36 1.42 -10.20
N ASP A 32 -11.04 2.32 -10.90
CA ASP A 32 -12.47 2.47 -10.75
C ASP A 32 -12.90 2.69 -9.28
N ARG A 33 -13.27 1.62 -8.57
CA ARG A 33 -13.67 1.78 -7.18
C ARG A 33 -12.99 0.74 -6.31
N VAL A 34 -11.86 0.24 -6.80
CA VAL A 34 -11.03 -0.74 -6.09
C VAL A 34 -9.83 -0.05 -5.48
N CYS A 35 -9.72 -0.12 -4.16
CA CYS A 35 -8.60 0.49 -3.46
C CYS A 35 -7.88 -0.54 -2.63
N VAL A 36 -6.56 -0.44 -2.57
CA VAL A 36 -5.80 -1.40 -1.80
C VAL A 36 -5.21 -0.78 -0.55
N ILE A 37 -5.41 -1.51 0.54
CA ILE A 37 -4.91 -1.16 1.85
C ILE A 37 -4.48 -2.46 2.51
N PRO A 38 -3.72 -2.43 3.60
CA PRO A 38 -3.32 -3.66 4.26
C PRO A 38 -4.51 -4.39 4.86
N THR A 39 -4.29 -5.62 5.30
CA THR A 39 -5.36 -6.41 5.90
C THR A 39 -5.65 -5.94 7.32
N HIS A 40 -4.60 -5.57 8.06
CA HIS A 40 -4.75 -5.11 9.44
C HIS A 40 -5.46 -3.76 9.52
N ALA A 41 -6.00 -3.29 8.41
CA ALA A 41 -6.74 -2.03 8.40
C ALA A 41 -8.11 -2.28 9.03
N GLN A 42 -8.57 -3.52 8.84
CA GLN A 42 -9.85 -4.01 9.37
C GLN A 42 -11.04 -3.23 8.82
N PRO A 43 -11.38 -3.47 7.54
CA PRO A 43 -12.52 -2.83 6.89
C PRO A 43 -13.83 -3.26 7.53
N GLY A 44 -14.68 -2.28 7.83
CA GLY A 44 -15.96 -2.58 8.44
C GLY A 44 -17.06 -2.70 7.40
N ASP A 45 -18.16 -1.99 7.63
CA ASP A 45 -19.28 -2.00 6.71
C ASP A 45 -19.19 -0.78 5.77
N ASP A 46 -18.61 0.28 6.31
CA ASP A 46 -18.33 1.50 5.55
C ASP A 46 -16.90 1.89 5.86
N VAL A 47 -16.27 2.62 4.97
CA VAL A 47 -14.91 3.06 5.22
C VAL A 47 -14.81 4.55 4.97
N LEU A 48 -14.16 5.26 5.88
CA LEU A 48 -14.05 6.71 5.73
C LEU A 48 -12.92 7.08 4.80
N VAL A 49 -13.28 7.48 3.58
CA VAL A 49 -12.31 7.91 2.60
C VAL A 49 -11.94 9.38 2.86
N ASN A 50 -10.88 9.56 3.67
CA ASN A 50 -10.40 10.89 4.08
C ASN A 50 -11.37 11.56 5.05
N GLY A 51 -12.56 10.95 5.21
CA GLY A 51 -13.57 11.48 6.11
C GLY A 51 -14.96 11.08 5.65
N GLN A 52 -15.06 10.86 4.36
CA GLN A 52 -16.30 10.46 3.73
C GLN A 52 -16.58 8.99 4.03
N LYS A 53 -17.63 8.74 4.79
CA LYS A 53 -18.01 7.38 5.12
C LYS A 53 -18.66 6.76 3.89
N ILE A 54 -17.83 6.06 3.11
CA ILE A 54 -18.26 5.44 1.86
C ILE A 54 -18.63 3.97 2.05
N ARG A 55 -19.66 3.54 1.34
CA ARG A 55 -20.16 2.17 1.44
C ARG A 55 -19.15 1.12 0.99
N VAL A 56 -18.98 0.07 1.79
CA VAL A 56 -18.12 -1.02 1.35
C VAL A 56 -18.98 -1.89 0.43
N LYS A 57 -18.69 -1.84 -0.85
CA LYS A 57 -19.46 -2.61 -1.83
C LYS A 57 -19.19 -4.09 -1.62
N ASP A 58 -17.94 -4.39 -1.35
CA ASP A 58 -17.50 -5.73 -1.05
C ASP A 58 -16.06 -5.71 -0.58
N LYS A 59 -15.72 -6.63 0.30
CA LYS A 59 -14.38 -6.69 0.84
C LYS A 59 -13.72 -8.00 0.48
N TYR A 60 -12.45 -7.92 0.13
CA TYR A 60 -11.68 -9.11 -0.25
C TYR A 60 -10.26 -9.02 0.29
N LYS A 61 -9.97 -9.81 1.33
CA LYS A 61 -8.63 -9.83 1.87
C LYS A 61 -7.75 -10.53 0.87
N LEU A 62 -6.58 -9.98 0.61
CA LEU A 62 -5.72 -10.56 -0.39
C LEU A 62 -4.56 -11.34 0.20
N VAL A 63 -4.66 -12.66 0.05
CA VAL A 63 -3.61 -13.56 0.46
C VAL A 63 -3.02 -14.11 -0.83
N ASP A 64 -1.82 -14.65 -0.78
CA ASP A 64 -1.19 -15.16 -1.99
C ASP A 64 -1.72 -16.54 -2.40
N PRO A 65 -1.97 -16.74 -3.70
CA PRO A 65 -2.45 -18.03 -4.21
C PRO A 65 -1.72 -19.24 -3.63
N GLU A 66 -0.48 -19.05 -3.18
CA GLU A 66 0.29 -20.14 -2.57
C GLU A 66 -0.30 -20.48 -1.20
N ASN A 67 -1.22 -19.62 -0.78
CA ASN A 67 -1.86 -19.71 0.54
C ASN A 67 -0.86 -19.32 1.63
N ILE A 68 -0.50 -18.06 1.56
CA ILE A 68 0.40 -17.39 2.48
C ILE A 68 -0.13 -15.98 2.63
N ASN A 69 0.09 -15.35 3.77
CA ASN A 69 -0.42 -13.99 3.92
C ASN A 69 0.28 -13.04 2.97
N LEU A 70 -0.50 -12.17 2.31
CA LEU A 70 0.06 -11.16 1.45
C LEU A 70 -0.14 -9.82 2.17
N GLU A 71 -1.20 -9.79 2.97
CA GLU A 71 -1.51 -8.66 3.85
C GLU A 71 -2.07 -7.46 3.11
N LEU A 72 -2.64 -7.72 1.94
CA LEU A 72 -3.26 -6.70 1.13
C LEU A 72 -4.77 -6.87 1.23
N THR A 73 -5.51 -5.81 0.97
CA THR A 73 -6.96 -5.89 0.99
C THR A 73 -7.52 -5.23 -0.24
N VAL A 74 -8.25 -6.00 -1.02
CA VAL A 74 -8.87 -5.47 -2.20
C VAL A 74 -10.19 -4.90 -1.77
N LEU A 75 -10.16 -3.64 -1.37
CA LEU A 75 -11.33 -2.96 -0.88
C LEU A 75 -12.15 -2.42 -2.02
N THR A 76 -13.29 -3.02 -2.20
CA THR A 76 -14.21 -2.63 -3.23
C THR A 76 -15.28 -1.75 -2.62
N LEU A 77 -15.14 -0.44 -2.83
CA LEU A 77 -16.10 0.49 -2.27
C LEU A 77 -17.13 0.87 -3.32
N ASP A 78 -18.30 1.29 -2.87
CA ASP A 78 -19.31 1.72 -3.80
C ASP A 78 -19.04 3.18 -4.07
N ARG A 79 -18.03 3.40 -4.88
CA ARG A 79 -17.58 4.72 -5.23
C ARG A 79 -18.03 5.07 -6.64
N ASN A 80 -19.05 5.91 -6.74
CA ASN A 80 -19.55 6.32 -8.05
C ASN A 80 -18.53 7.24 -8.70
N GLU A 81 -17.90 8.08 -7.89
CA GLU A 81 -16.86 8.97 -8.39
C GLU A 81 -15.58 8.16 -8.41
N LYS A 82 -15.44 7.40 -9.49
CA LYS A 82 -14.32 6.48 -9.67
C LYS A 82 -12.97 7.16 -9.69
N PHE A 83 -11.96 6.37 -9.31
CA PHE A 83 -10.58 6.82 -9.28
C PHE A 83 -9.89 6.48 -10.59
N ARG A 84 -8.69 7.02 -10.77
CA ARG A 84 -7.90 6.76 -11.96
C ARG A 84 -7.37 5.33 -11.95
N ASP A 85 -7.42 4.63 -13.09
CA ASP A 85 -6.92 3.26 -13.12
C ASP A 85 -5.42 3.24 -13.41
N ILE A 86 -4.64 3.35 -12.32
CA ILE A 86 -3.18 3.38 -12.38
C ILE A 86 -2.62 1.97 -12.39
N ARG A 87 -3.45 0.97 -12.64
CA ARG A 87 -2.99 -0.41 -12.59
C ARG A 87 -1.92 -0.68 -13.66
N GLY A 88 -1.80 0.19 -14.65
CA GLY A 88 -0.78 0.01 -15.67
C GLY A 88 0.62 0.30 -15.15
N PHE A 89 0.69 1.06 -14.05
CA PHE A 89 1.98 1.43 -13.46
C PHE A 89 2.38 0.45 -12.37
N ILE A 90 1.54 -0.55 -12.10
CA ILE A 90 1.86 -1.54 -11.09
C ILE A 90 2.93 -2.46 -11.66
N SER A 91 3.83 -2.90 -10.82
CA SER A 91 4.96 -3.70 -11.28
C SER A 91 4.76 -5.22 -11.27
N GLU A 92 4.95 -5.84 -12.45
CA GLU A 92 4.87 -7.30 -12.54
C GLU A 92 6.20 -7.82 -12.02
N ASP A 93 7.21 -6.99 -12.25
CA ASP A 93 8.57 -7.21 -11.74
C ASP A 93 9.04 -5.84 -11.23
N LEU A 94 9.85 -5.81 -10.21
CA LEU A 94 10.26 -4.54 -9.63
C LEU A 94 11.23 -3.75 -10.53
N GLU A 95 12.34 -4.37 -10.90
CA GLU A 95 13.35 -3.70 -11.73
C GLU A 95 13.51 -2.25 -11.35
N GLY A 96 14.13 -2.03 -10.18
CA GLY A 96 14.35 -0.70 -9.67
C GLY A 96 14.71 -0.71 -8.20
N VAL A 97 16.00 -0.61 -7.92
CA VAL A 97 16.48 -0.61 -6.56
C VAL A 97 16.21 0.71 -5.87
N ASP A 98 15.99 1.75 -6.67
CA ASP A 98 15.71 3.10 -6.15
C ASP A 98 14.20 3.31 -6.03
N ALA A 99 13.74 3.57 -4.82
CA ALA A 99 12.33 3.78 -4.57
C ALA A 99 12.07 5.03 -3.75
N THR A 100 10.87 5.56 -3.93
CA THR A 100 10.43 6.74 -3.22
C THR A 100 9.17 6.41 -2.42
N LEU A 101 9.10 6.89 -1.19
CA LEU A 101 7.97 6.60 -0.33
C LEU A 101 7.08 7.82 -0.13
N VAL A 102 5.78 7.66 -0.39
CA VAL A 102 4.85 8.76 -0.18
C VAL A 102 3.94 8.41 0.98
N VAL A 103 4.08 9.19 2.05
CA VAL A 103 3.32 8.97 3.28
C VAL A 103 2.08 9.86 3.33
N HIS A 104 0.94 9.19 3.48
CA HIS A 104 -0.35 9.84 3.58
C HIS A 104 -1.21 8.93 4.43
N SER A 105 -0.88 8.94 5.72
CA SER A 105 -1.52 8.07 6.69
C SER A 105 -1.72 8.76 8.05
N ASN A 106 -1.70 7.95 9.10
CA ASN A 106 -1.88 8.43 10.46
C ASN A 106 -0.89 9.53 10.85
N ASN A 107 0.42 9.28 10.71
CA ASN A 107 1.43 10.28 11.12
C ASN A 107 1.53 11.45 10.16
N PHE A 108 2.02 11.19 8.95
CA PHE A 108 2.22 12.28 8.00
C PHE A 108 1.38 12.19 6.75
N THR A 109 1.19 13.35 6.14
CA THR A 109 0.43 13.49 4.91
C THR A 109 1.17 14.44 3.94
N ASN A 110 1.04 14.19 2.63
CA ASN A 110 1.71 15.02 1.62
C ASN A 110 3.20 14.92 1.77
N THR A 111 3.63 13.93 2.55
CA THR A 111 5.04 13.72 2.81
C THR A 111 5.68 12.72 1.85
N ILE A 112 6.45 13.28 0.91
CA ILE A 112 7.15 12.50 -0.09
C ILE A 112 8.62 12.40 0.29
N LEU A 113 9.04 11.21 0.63
CA LEU A 113 10.42 10.99 1.04
C LEU A 113 11.10 9.95 0.18
N GLU A 114 12.27 10.27 -0.35
CA GLU A 114 13.00 9.30 -1.13
C GLU A 114 13.81 8.45 -0.17
N VAL A 115 13.59 7.14 -0.22
CA VAL A 115 14.30 6.26 0.67
C VAL A 115 15.60 5.80 0.02
N GLY A 116 15.56 5.68 -1.31
CA GLY A 116 16.75 5.27 -2.03
C GLY A 116 16.72 3.81 -2.41
N PRO A 117 17.79 3.09 -2.14
CA PRO A 117 17.88 1.66 -2.48
C PRO A 117 17.12 0.78 -1.51
N VAL A 118 16.36 -0.15 -2.06
CA VAL A 118 15.60 -1.09 -1.23
C VAL A 118 16.18 -2.49 -1.36
N THR A 119 15.79 -3.37 -0.46
CA THR A 119 16.27 -4.74 -0.47
C THR A 119 15.09 -5.68 -0.30
N MET A 120 15.36 -6.99 -0.26
CA MET A 120 14.28 -7.97 -0.11
C MET A 120 14.40 -8.74 1.20
N ALA A 121 13.27 -9.16 1.74
CA ALA A 121 13.27 -9.92 2.97
C ALA A 121 12.70 -11.31 2.71
N GLY A 122 11.78 -11.38 1.76
CA GLY A 122 11.16 -12.64 1.39
C GLY A 122 9.88 -12.93 2.15
N LEU A 123 9.94 -13.93 3.01
CA LEU A 123 8.81 -14.34 3.83
C LEU A 123 9.23 -14.29 5.30
N ILE A 124 8.66 -13.37 6.06
CA ILE A 124 8.99 -13.24 7.47
C ILE A 124 7.75 -13.19 8.32
N ASN A 125 7.94 -13.16 9.63
CA ASN A 125 6.81 -13.12 10.54
C ASN A 125 6.38 -11.69 10.77
N LEU A 126 5.51 -11.21 9.89
CA LEU A 126 4.98 -9.86 9.98
C LEU A 126 3.95 -9.82 11.10
N SER A 127 4.30 -9.21 12.21
CA SER A 127 3.41 -9.16 13.37
C SER A 127 3.14 -10.59 13.86
N SER A 128 4.17 -11.44 13.77
CA SER A 128 4.09 -12.85 14.16
C SER A 128 3.32 -13.68 13.15
N THR A 129 2.85 -13.02 12.10
CA THR A 129 2.10 -13.67 11.03
C THR A 129 2.98 -13.84 9.78
N PRO A 130 3.30 -15.10 9.39
CA PRO A 130 4.13 -15.36 8.22
C PRO A 130 3.54 -14.72 6.98
N THR A 131 4.24 -13.72 6.48
CA THR A 131 3.80 -12.99 5.30
C THR A 131 4.90 -13.02 4.23
N ASN A 132 4.50 -13.25 2.98
CA ASN A 132 5.46 -13.35 1.88
C ASN A 132 5.52 -12.11 0.99
N ARG A 133 6.60 -12.03 0.20
CA ARG A 133 6.81 -10.92 -0.72
C ARG A 133 7.07 -9.62 0.04
N MET A 134 7.93 -9.71 1.05
CA MET A 134 8.27 -8.57 1.89
C MET A 134 9.49 -7.82 1.38
N ILE A 135 9.33 -6.50 1.20
CA ILE A 135 10.40 -5.62 0.79
C ILE A 135 11.04 -5.05 2.04
N ARG A 136 12.33 -4.79 2.01
CA ARG A 136 13.01 -4.25 3.19
C ARG A 136 13.92 -3.10 2.83
N TYR A 137 13.92 -2.09 3.68
CA TYR A 137 14.79 -0.95 3.50
C TYR A 137 15.15 -0.39 4.86
N ASP A 138 16.40 0.03 5.05
CA ASP A 138 16.78 0.56 6.34
C ASP A 138 16.45 2.04 6.42
N TYR A 139 15.55 2.32 7.35
CA TYR A 139 15.06 3.66 7.60
C TYR A 139 14.16 3.65 8.83
N ALA A 140 14.30 4.65 9.67
CA ALA A 140 13.51 4.71 10.89
C ALA A 140 12.04 4.81 10.56
N THR A 141 11.39 3.66 10.56
CA THR A 141 9.97 3.57 10.29
C THR A 141 9.23 3.26 11.58
N LYS A 142 8.04 3.82 11.72
CA LYS A 142 7.26 3.62 12.93
C LYS A 142 5.80 3.35 12.65
N THR A 143 5.20 2.74 13.64
CA THR A 143 3.77 2.50 13.65
C THR A 143 3.06 3.76 13.13
N GLY A 144 1.88 3.63 12.53
CA GLY A 144 1.17 4.81 12.03
C GLY A 144 1.62 5.19 10.64
N GLN A 145 2.75 4.63 10.21
CA GLN A 145 3.28 4.91 8.87
C GLN A 145 2.93 3.78 7.91
N CYS A 146 2.24 2.73 8.37
CA CYS A 146 1.95 1.63 7.48
C CYS A 146 0.80 1.96 6.53
N GLY A 147 1.01 1.62 5.26
CA GLY A 147 0.06 1.93 4.20
C GLY A 147 0.73 2.80 3.15
N GLY A 148 1.79 3.52 3.58
CA GLY A 148 2.52 4.39 2.67
C GLY A 148 2.89 3.70 1.38
N VAL A 149 2.74 4.42 0.27
CA VAL A 149 3.04 3.85 -1.04
C VAL A 149 4.50 4.02 -1.44
N LEU A 150 5.11 2.89 -1.76
CA LEU A 150 6.49 2.83 -2.20
C LEU A 150 6.48 2.74 -3.71
N CYS A 151 6.89 3.82 -4.37
CA CYS A 151 6.83 3.86 -5.81
C CYS A 151 7.92 4.71 -6.43
N ALA A 152 7.80 4.83 -7.74
CA ALA A 152 8.70 5.63 -8.56
C ALA A 152 7.92 6.16 -9.73
N THR A 153 8.51 7.03 -10.53
CA THR A 153 7.78 7.58 -11.66
C THR A 153 7.36 6.47 -12.63
N GLY A 154 6.05 6.19 -12.66
CA GLY A 154 5.49 5.17 -13.55
C GLY A 154 5.83 3.76 -13.12
N LYS A 155 5.96 3.56 -11.82
CA LYS A 155 6.29 2.23 -11.29
C LYS A 155 5.98 2.15 -9.81
N ILE A 156 5.00 1.31 -9.46
CA ILE A 156 4.62 1.12 -8.08
C ILE A 156 5.15 -0.22 -7.59
N PHE A 157 5.99 -0.19 -6.55
CA PHE A 157 6.56 -1.42 -6.02
C PHE A 157 5.60 -2.07 -5.04
N GLY A 158 4.98 -1.24 -4.22
CA GLY A 158 4.04 -1.73 -3.25
C GLY A 158 3.72 -0.72 -2.17
N ILE A 159 3.29 -1.21 -1.03
CA ILE A 159 2.96 -0.34 0.08
C ILE A 159 3.69 -0.76 1.34
N HIS A 160 4.03 0.22 2.16
CA HIS A 160 4.71 -0.05 3.40
C HIS A 160 3.73 -0.77 4.32
N VAL A 161 4.17 -1.84 4.96
CA VAL A 161 3.26 -2.61 5.79
C VAL A 161 3.69 -2.67 7.25
N GLY A 162 4.99 -2.59 7.50
CA GLY A 162 5.47 -2.62 8.87
C GLY A 162 6.94 -2.33 8.98
N GLY A 163 7.54 -2.81 10.06
CA GLY A 163 8.94 -2.59 10.28
C GLY A 163 9.52 -3.49 11.34
N ASN A 164 10.81 -3.73 11.24
CA ASN A 164 11.50 -4.54 12.19
C ASN A 164 12.81 -3.86 12.57
N GLY A 165 12.94 -3.48 13.83
CA GLY A 165 14.14 -2.79 14.27
C GLY A 165 14.23 -1.40 13.67
N ARG A 166 15.20 -1.18 12.78
CA ARG A 166 15.32 0.11 12.12
C ARG A 166 15.14 -0.06 10.63
N GLN A 167 14.54 -1.18 10.25
CA GLN A 167 14.26 -1.47 8.85
C GLN A 167 12.78 -1.41 8.57
N GLY A 168 12.41 -0.76 7.48
CA GLY A 168 11.02 -0.67 7.12
C GLY A 168 10.66 -1.81 6.19
N PHE A 169 9.50 -2.41 6.40
CA PHE A 169 9.11 -3.51 5.56
C PHE A 169 7.86 -3.17 4.78
N SER A 170 7.91 -3.47 3.49
CA SER A 170 6.79 -3.19 2.60
C SER A 170 6.35 -4.45 1.87
N ALA A 171 5.18 -4.40 1.27
CA ALA A 171 4.65 -5.55 0.53
C ALA A 171 4.72 -5.32 -0.97
N GLN A 172 5.02 -6.37 -1.72
CA GLN A 172 5.12 -6.25 -3.17
C GLN A 172 3.76 -6.31 -3.85
N LEU A 173 3.31 -5.20 -4.40
CA LEU A 173 2.05 -5.18 -5.11
C LEU A 173 2.35 -5.55 -6.56
N LYS A 174 2.24 -6.84 -6.90
CA LYS A 174 2.56 -7.27 -8.25
C LYS A 174 1.38 -7.19 -9.20
N LYS A 175 1.70 -6.65 -10.36
CA LYS A 175 0.80 -6.46 -11.48
C LYS A 175 -0.11 -7.66 -11.73
N GLN A 176 0.47 -8.84 -11.65
CA GLN A 176 -0.22 -10.10 -11.88
C GLN A 176 -1.63 -10.18 -11.27
N TYR A 177 -1.75 -9.76 -10.03
CA TYR A 177 -3.01 -9.84 -9.31
C TYR A 177 -4.03 -8.78 -9.73
N PHE A 178 -3.56 -7.68 -10.29
CA PHE A 178 -4.46 -6.61 -10.68
C PHE A 178 -4.84 -6.71 -12.16
N VAL A 179 -4.12 -7.55 -12.91
CA VAL A 179 -4.45 -7.77 -14.30
C VAL A 179 -5.69 -8.66 -14.35
N GLU A 180 -5.88 -9.41 -13.25
CA GLU A 180 -7.02 -10.29 -13.09
C GLU A 180 -8.27 -9.47 -12.84
N LYS A 181 -8.07 -8.24 -12.42
CA LYS A 181 -9.18 -7.34 -12.16
C LYS A 181 -9.69 -6.76 -13.46
N GLN A 182 -10.96 -7.03 -13.76
CA GLN A 182 -11.57 -6.54 -14.98
C GLN A 182 -12.26 -5.21 -14.74
C ACE B 1 13.81 -13.05 10.58
O ACE B 1 14.53 -12.79 11.53
CH3 ACE B 1 14.02 -14.32 9.78
H1 ACE B 1 14.25 -14.09 8.75
H2 ACE B 1 13.11 -14.89 9.83
H3 ACE B 1 14.83 -14.89 10.22
N LEU B 2 12.71 -12.38 10.30
CA LEU B 2 12.39 -11.16 11.02
C LEU B 2 10.97 -11.19 11.52
N GLU B 3 10.74 -10.52 12.62
CA GLU B 3 9.38 -10.34 13.06
C GLU B 3 9.13 -8.87 12.95
N ALA B 4 8.73 -8.44 11.76
CA ALA B 4 8.45 -7.06 11.53
C ALA B 4 6.99 -6.85 11.82
N LEU B 5 6.71 -5.85 12.60
CA LEU B 5 5.35 -5.59 13.00
C LEU B 5 4.60 -4.69 12.06
N PHE B 6 3.28 -4.83 12.06
CA PHE B 6 2.46 -3.96 11.25
C PHE B 6 2.66 -2.54 11.74
N YTF B 7 2.62 -1.55 10.87
CA YTF B 7 2.80 -0.20 11.34
CB YTF B 7 4.12 0.40 10.86
CG YTF B 7 5.32 -0.21 11.58
CD YTF B 7 6.65 0.28 11.04
OE1 YTF B 7 6.72 0.74 9.91
NE2 YTF B 7 7.71 0.18 11.84
C YTF B 7 1.58 0.72 11.05
CX6 YTF B 7 0.72 0.70 12.31
CX7 YTF B 7 -0.37 1.73 12.32
OX8 YTF B 7 -0.52 2.50 11.37
OX9 YTF B 7 -1.11 1.77 13.34
CJ1 YTF B 7 -2.26 2.76 13.54
CJ2 YTF B 7 -3.07 2.74 14.81
H YTF B 7 2.51 -1.72 9.91
HA YTF B 7 2.86 -0.27 12.42
HB2 YTF B 7 4.21 0.23 9.80
HB3 YTF B 7 4.12 1.47 11.05
HG2 YTF B 7 5.26 0.04 12.63
HG3 YTF B 7 5.29 -1.28 11.47
HE22 YTF B 7 8.58 0.50 11.52
HE21 YTF B 7 7.58 -0.19 12.74
H1 YTF B 7 1.96 1.72 10.91
H31 YTF B 7 1.35 0.88 13.17
H3 YTF B 7 0.26 -0.28 12.40
H4 YTF B 7 -2.96 2.62 12.73
H5 YTF B 7 -1.86 3.76 13.45
H7 YTF B 7 -2.61 2.08 15.54
H8 YTF B 7 -4.08 2.38 14.60
H6 YTF B 7 -3.14 3.73 15.21
N GLY A 1 10.42 18.36 -10.77
CA GLY A 1 11.10 17.08 -10.39
C GLY A 1 10.21 15.89 -10.69
N PRO A 2 10.57 15.07 -11.68
CA PRO A 2 9.74 13.93 -12.11
C PRO A 2 9.33 12.99 -10.99
N ASN A 3 10.17 12.83 -9.97
CA ASN A 3 9.84 11.92 -8.88
C ASN A 3 8.87 12.54 -7.88
N THR A 4 9.21 13.74 -7.46
CA THR A 4 8.42 14.47 -6.48
C THR A 4 7.06 14.90 -7.03
N GLU A 5 7.01 15.38 -8.27
CA GLU A 5 5.75 15.82 -8.84
C GLU A 5 4.86 14.62 -9.18
N PHE A 6 5.46 13.47 -9.51
CA PHE A 6 4.67 12.28 -9.79
C PHE A 6 3.95 11.85 -8.51
N ALA A 7 4.70 11.82 -7.42
CA ALA A 7 4.17 11.44 -6.12
C ALA A 7 2.98 12.32 -5.72
N LEU A 8 3.16 13.63 -5.83
CA LEU A 8 2.11 14.59 -5.48
C LEU A 8 0.88 14.42 -6.35
N SER A 9 1.09 14.25 -7.65
CA SER A 9 0.00 14.08 -8.60
C SER A 9 -0.70 12.73 -8.40
N LEU A 10 0.07 11.69 -8.18
CA LEU A 10 -0.49 10.36 -7.94
C LEU A 10 -1.36 10.37 -6.69
N LEU A 11 -0.86 11.05 -5.67
CA LEU A 11 -1.54 11.18 -4.39
C LEU A 11 -2.95 11.76 -4.54
N ARG A 12 -3.06 12.92 -5.19
CA ARG A 12 -4.34 13.58 -5.36
C ARG A 12 -5.30 12.78 -6.26
N LYS A 13 -4.77 11.95 -7.16
CA LYS A 13 -5.65 11.15 -8.03
C LYS A 13 -6.14 9.86 -7.38
N ASN A 14 -5.22 9.02 -6.91
CA ASN A 14 -5.60 7.70 -6.36
C ASN A 14 -5.26 7.47 -4.90
N ILE A 15 -4.62 8.42 -4.25
CA ILE A 15 -4.27 8.24 -2.84
C ILE A 15 -5.24 8.99 -1.95
N MET A 16 -6.02 8.26 -1.17
CA MET A 16 -6.98 8.89 -0.28
C MET A 16 -6.83 8.40 1.15
N THR A 17 -7.27 9.23 2.06
CA THR A 17 -7.20 8.91 3.47
C THR A 17 -8.41 8.10 3.89
N ILE A 18 -8.19 6.83 4.17
CA ILE A 18 -9.28 5.97 4.59
C ILE A 18 -9.22 5.75 6.08
N THR A 19 -10.19 6.33 6.76
CA THR A 19 -10.28 6.24 8.20
C THR A 19 -11.00 4.98 8.62
N THR A 20 -10.27 4.11 9.27
CA THR A 20 -10.82 2.88 9.79
C THR A 20 -10.93 3.00 11.29
N SER A 21 -11.35 1.96 11.98
CA SER A 21 -11.43 2.05 13.42
C SER A 21 -10.02 1.95 14.01
N LYS A 22 -9.08 1.49 13.18
CA LYS A 22 -7.68 1.37 13.58
C LYS A 22 -7.00 2.72 13.42
N GLY A 23 -7.30 3.40 12.31
CA GLY A 23 -6.74 4.70 12.05
C GLY A 23 -6.91 5.14 10.61
N GLU A 24 -6.20 6.18 10.24
CA GLU A 24 -6.25 6.69 8.89
C GLU A 24 -5.09 6.13 8.10
N PHE A 25 -5.39 5.34 7.09
CA PHE A 25 -4.35 4.75 6.30
C PHE A 25 -4.45 5.17 4.87
N THR A 26 -3.40 4.90 4.17
CA THR A 26 -3.33 5.21 2.77
C THR A 26 -4.19 4.26 1.97
N GLY A 27 -5.32 4.76 1.51
CA GLY A 27 -6.19 3.95 0.70
C GLY A 27 -5.92 4.27 -0.74
N LEU A 28 -5.25 3.38 -1.45
CA LEU A 28 -4.92 3.68 -2.82
C LEU A 28 -5.73 2.89 -3.80
N GLY A 29 -6.29 3.63 -4.75
CA GLY A 29 -7.06 3.01 -5.78
C GLY A 29 -6.12 2.49 -6.84
N ILE A 30 -6.22 1.22 -7.16
CA ILE A 30 -5.33 0.64 -8.14
C ILE A 30 -5.85 0.91 -9.54
N HIS A 31 -7.09 0.48 -9.77
CA HIS A 31 -7.74 0.65 -11.06
C HIS A 31 -9.26 0.57 -10.96
N ASP A 32 -9.93 1.27 -11.86
CA ASP A 32 -11.38 1.23 -11.89
C ASP A 32 -11.98 1.64 -10.55
N ARG A 33 -12.30 0.68 -9.68
CA ARG A 33 -12.82 0.99 -8.36
C ARG A 33 -12.27 0.00 -7.36
N VAL A 34 -11.16 -0.60 -7.78
CA VAL A 34 -10.42 -1.57 -6.98
C VAL A 34 -9.36 -0.85 -6.18
N CYS A 35 -9.59 -0.73 -4.89
CA CYS A 35 -8.65 -0.04 -4.02
C CYS A 35 -8.08 -1.01 -3.01
N VAL A 36 -6.87 -0.74 -2.54
CA VAL A 36 -6.27 -1.60 -1.56
C VAL A 36 -5.91 -0.82 -0.31
N ILE A 37 -6.05 -1.50 0.81
CA ILE A 37 -5.76 -0.94 2.13
C ILE A 37 -5.24 -2.05 3.03
N PRO A 38 -4.23 -1.76 3.86
CA PRO A 38 -3.68 -2.77 4.76
C PRO A 38 -4.76 -3.55 5.48
N THR A 39 -4.48 -4.82 5.71
CA THR A 39 -5.40 -5.73 6.37
C THR A 39 -5.47 -5.50 7.89
N HIS A 40 -4.34 -5.12 8.48
CA HIS A 40 -4.28 -4.86 9.91
C HIS A 40 -5.14 -3.66 10.27
N ALA A 41 -5.59 -2.91 9.26
CA ALA A 41 -6.45 -1.76 9.49
C ALA A 41 -7.89 -2.23 9.74
N GLN A 42 -8.19 -3.42 9.25
CA GLN A 42 -9.51 -4.03 9.40
C GLN A 42 -10.62 -3.04 9.01
N PRO A 43 -10.77 -2.74 7.71
CA PRO A 43 -11.80 -1.82 7.23
C PRO A 43 -13.20 -2.35 7.51
N GLY A 44 -14.04 -1.51 8.11
CA GLY A 44 -15.39 -1.91 8.44
C GLY A 44 -16.29 -1.97 7.22
N ASP A 45 -17.60 -1.84 7.43
CA ASP A 45 -18.55 -1.87 6.33
C ASP A 45 -18.62 -0.52 5.65
N ASP A 46 -18.50 0.53 6.44
CA ASP A 46 -18.50 1.88 5.89
C ASP A 46 -17.36 2.66 6.52
N VAL A 47 -16.47 3.14 5.67
CA VAL A 47 -15.30 3.86 6.12
C VAL A 47 -15.31 5.28 5.63
N LEU A 48 -14.69 6.16 6.41
CA LEU A 48 -14.61 7.56 6.04
C LEU A 48 -13.46 7.79 5.08
N VAL A 49 -13.79 8.02 3.82
CA VAL A 49 -12.78 8.29 2.82
C VAL A 49 -12.57 9.81 2.72
N ASN A 50 -11.63 10.31 3.55
CA ASN A 50 -11.32 11.74 3.61
C ASN A 50 -12.56 12.55 3.98
N GLY A 51 -13.41 12.00 4.85
CA GLY A 51 -14.61 12.70 5.29
C GLY A 51 -15.86 12.23 4.62
N GLN A 52 -15.71 11.49 3.52
CA GLN A 52 -16.84 10.96 2.79
C GLN A 52 -16.95 9.47 3.05
N LYS A 53 -17.96 9.05 3.81
CA LYS A 53 -18.07 7.65 4.09
C LYS A 53 -18.86 6.95 3.00
N ILE A 54 -18.38 5.78 2.67
CA ILE A 54 -18.98 4.94 1.66
C ILE A 54 -19.02 3.53 2.18
N ARG A 55 -20.13 2.84 2.00
CA ARG A 55 -20.20 1.48 2.45
C ARG A 55 -19.62 0.59 1.38
N VAL A 56 -18.69 -0.24 1.77
CA VAL A 56 -17.99 -1.10 0.84
C VAL A 56 -18.91 -2.03 0.07
N LYS A 57 -18.58 -2.23 -1.20
CA LYS A 57 -19.33 -3.13 -2.08
C LYS A 57 -18.95 -4.55 -1.73
N ASP A 58 -17.65 -4.78 -1.67
CA ASP A 58 -17.10 -6.07 -1.30
C ASP A 58 -15.74 -5.88 -0.63
N LYS A 59 -15.63 -6.33 0.60
CA LYS A 59 -14.38 -6.21 1.34
C LYS A 59 -13.65 -7.54 1.23
N TYR A 60 -12.70 -7.57 0.30
CA TYR A 60 -11.93 -8.77 0.00
C TYR A 60 -10.55 -8.74 0.64
N LYS A 61 -10.26 -9.76 1.45
CA LYS A 61 -8.97 -9.87 2.10
C LYS A 61 -8.07 -10.73 1.23
N LEU A 62 -7.09 -10.10 0.61
CA LEU A 62 -6.21 -10.80 -0.32
C LEU A 62 -5.00 -11.46 0.36
N VAL A 63 -4.97 -12.78 0.22
CA VAL A 63 -3.87 -13.57 0.71
C VAL A 63 -3.01 -13.93 -0.50
N ASP A 64 -1.86 -14.53 -0.29
CA ASP A 64 -0.99 -14.91 -1.39
C ASP A 64 -1.57 -16.10 -2.18
N PRO A 65 -1.44 -16.09 -3.50
CA PRO A 65 -1.91 -17.20 -4.32
C PRO A 65 -1.46 -18.55 -3.76
N GLU A 66 -0.30 -18.54 -3.08
CA GLU A 66 0.26 -19.75 -2.47
C GLU A 66 -0.35 -19.98 -1.09
N ASN A 67 -1.37 -19.20 -0.77
CA ASN A 67 -2.05 -19.26 0.53
C ASN A 67 -1.09 -18.88 1.65
N ILE A 68 -0.74 -17.60 1.63
CA ILE A 68 0.15 -16.98 2.59
C ILE A 68 -0.37 -15.57 2.88
N ASN A 69 0.09 -14.93 3.94
CA ASN A 69 -0.36 -13.58 4.24
C ASN A 69 0.19 -12.60 3.19
N LEU A 70 -0.71 -11.96 2.44
CA LEU A 70 -0.33 -10.98 1.42
C LEU A 70 -0.56 -9.61 2.06
N GLU A 71 -1.60 -9.56 2.92
CA GLU A 71 -1.89 -8.38 3.73
C GLU A 71 -2.59 -7.26 2.97
N LEU A 72 -3.11 -7.56 1.79
CA LEU A 72 -3.81 -6.55 1.00
C LEU A 72 -5.30 -6.73 1.08
N THR A 73 -5.96 -5.80 1.73
CA THR A 73 -7.40 -5.85 1.78
C THR A 73 -7.91 -5.08 0.60
N VAL A 74 -8.42 -5.80 -0.37
CA VAL A 74 -8.93 -5.17 -1.56
C VAL A 74 -10.30 -4.59 -1.30
N LEU A 75 -10.30 -3.31 -1.01
CA LEU A 75 -11.53 -2.62 -0.72
C LEU A 75 -12.24 -2.32 -2.01
N THR A 76 -13.15 -3.20 -2.38
CA THR A 76 -13.89 -3.02 -3.59
C THR A 76 -15.06 -2.11 -3.33
N LEU A 77 -14.89 -0.85 -3.69
CA LEU A 77 -15.94 0.12 -3.50
C LEU A 77 -16.59 0.39 -4.82
N ASP A 78 -17.89 0.61 -4.78
CA ASP A 78 -18.69 0.83 -5.97
C ASP A 78 -18.96 2.32 -6.17
N ARG A 79 -18.14 2.95 -7.01
CA ARG A 79 -18.31 4.38 -7.28
C ARG A 79 -18.64 4.60 -8.76
N ASN A 80 -19.39 5.66 -9.05
CA ASN A 80 -19.76 5.97 -10.42
C ASN A 80 -18.63 6.71 -11.11
N GLU A 81 -18.06 7.69 -10.42
CA GLU A 81 -16.91 8.43 -10.94
C GLU A 81 -15.68 7.68 -10.44
N LYS A 82 -15.43 6.55 -11.10
CA LYS A 82 -14.36 5.65 -10.69
C LYS A 82 -12.98 6.24 -10.87
N PHE A 83 -11.99 5.51 -10.36
CA PHE A 83 -10.61 5.96 -10.35
C PHE A 83 -9.76 5.50 -11.53
N ARG A 84 -8.65 6.24 -11.71
CA ARG A 84 -7.70 6.01 -12.78
C ARG A 84 -6.87 4.74 -12.55
N ASP A 85 -6.57 4.05 -13.66
CA ASP A 85 -5.78 2.83 -13.61
C ASP A 85 -4.30 3.14 -13.39
N ILE A 86 -3.83 3.17 -12.15
CA ILE A 86 -2.42 3.42 -11.90
C ILE A 86 -1.71 2.08 -11.89
N ARG A 87 -2.47 1.09 -12.33
CA ARG A 87 -2.00 -0.29 -12.41
C ARG A 87 -0.96 -0.40 -13.52
N GLY A 88 -1.07 0.49 -14.51
CA GLY A 88 -0.12 0.51 -15.60
C GLY A 88 1.25 0.97 -15.11
N PHE A 89 1.25 1.66 -13.96
CA PHE A 89 2.50 2.14 -13.36
C PHE A 89 3.02 1.11 -12.38
N ILE A 90 2.15 0.19 -11.99
CA ILE A 90 2.51 -0.87 -11.06
C ILE A 90 3.42 -1.84 -11.78
N SER A 91 4.61 -2.01 -11.25
CA SER A 91 5.59 -2.88 -11.87
C SER A 91 5.69 -4.24 -11.17
N GLU A 92 5.19 -5.29 -11.85
CA GLU A 92 5.27 -6.63 -11.30
C GLU A 92 6.73 -7.01 -11.24
N ASP A 93 7.47 -6.59 -12.27
CA ASP A 93 8.90 -6.77 -12.28
C ASP A 93 9.46 -5.46 -11.74
N LEU A 94 10.07 -5.49 -10.58
CA LEU A 94 10.53 -4.26 -9.95
C LEU A 94 11.48 -3.46 -10.84
N GLU A 95 12.68 -3.95 -11.02
CA GLU A 95 13.65 -3.24 -11.85
C GLU A 95 13.71 -1.78 -11.40
N GLY A 96 14.23 -1.60 -10.18
CA GLY A 96 14.34 -0.30 -9.57
C GLY A 96 14.75 -0.44 -8.12
N VAL A 97 16.04 -0.39 -7.88
CA VAL A 97 16.57 -0.54 -6.55
C VAL A 97 16.54 0.78 -5.79
N ASP A 98 16.14 1.83 -6.49
CA ASP A 98 16.03 3.15 -5.90
C ASP A 98 14.57 3.57 -5.86
N ALA A 99 14.00 3.63 -4.67
CA ALA A 99 12.60 3.99 -4.54
C ALA A 99 12.35 5.07 -3.51
N THR A 100 11.16 5.62 -3.59
CA THR A 100 10.72 6.67 -2.70
C THR A 100 9.50 6.21 -1.92
N LEU A 101 9.44 6.59 -0.65
CA LEU A 101 8.33 6.20 0.19
C LEU A 101 7.46 7.41 0.51
N VAL A 102 6.20 7.36 0.13
CA VAL A 102 5.30 8.46 0.40
C VAL A 102 4.20 8.02 1.35
N VAL A 103 4.27 8.51 2.58
CA VAL A 103 3.31 8.15 3.62
C VAL A 103 2.13 9.12 3.65
N HIS A 104 0.94 8.54 3.79
CA HIS A 104 -0.30 9.30 3.83
C HIS A 104 -1.23 8.65 4.85
N SER A 105 -0.94 8.89 6.14
CA SER A 105 -1.70 8.30 7.25
C SER A 105 -2.26 9.36 8.22
N ASN A 106 -2.66 8.93 9.43
CA ASN A 106 -3.23 9.86 10.42
C ASN A 106 -2.44 11.16 10.54
N ASN A 107 -1.22 11.05 11.06
CA ASN A 107 -0.37 12.21 11.28
C ASN A 107 0.57 12.47 10.11
N PHE A 108 1.04 11.41 9.49
CA PHE A 108 1.98 11.57 8.39
C PHE A 108 1.28 11.79 7.06
N THR A 109 0.93 13.04 6.83
CA THR A 109 0.29 13.47 5.59
C THR A 109 1.36 13.93 4.58
N ASN A 110 1.35 13.30 3.42
CA ASN A 110 2.32 13.52 2.35
C ASN A 110 3.74 13.73 2.84
N THR A 111 4.25 12.69 3.47
CA THR A 111 5.63 12.64 3.95
C THR A 111 6.43 11.85 2.94
N ILE A 112 7.20 12.58 2.14
CA ILE A 112 8.00 11.99 1.07
C ILE A 112 9.41 11.68 1.52
N LEU A 113 9.71 10.39 1.66
CA LEU A 113 11.03 9.97 2.07
C LEU A 113 11.73 9.22 0.95
N GLU A 114 12.90 9.69 0.55
CA GLU A 114 13.67 8.96 -0.42
C GLU A 114 14.28 7.82 0.34
N VAL A 115 13.80 6.62 0.13
CA VAL A 115 14.29 5.50 0.88
C VAL A 115 15.52 4.90 0.24
N GLY A 116 15.65 5.09 -1.07
CA GLY A 116 16.83 4.61 -1.77
C GLY A 116 16.82 3.13 -2.08
N PRO A 117 17.84 2.41 -1.61
CA PRO A 117 17.99 0.99 -1.90
C PRO A 117 16.92 0.07 -1.31
N VAL A 118 16.20 -0.59 -2.22
CA VAL A 118 15.20 -1.57 -1.84
C VAL A 118 15.72 -2.96 -2.20
N THR A 119 15.29 -3.97 -1.46
CA THR A 119 15.77 -5.34 -1.70
C THR A 119 14.71 -6.37 -1.30
N MET A 120 14.50 -7.38 -2.13
CA MET A 120 13.50 -8.40 -1.83
C MET A 120 13.93 -9.22 -0.63
N ALA A 121 13.08 -9.26 0.41
CA ALA A 121 13.38 -10.04 1.59
C ALA A 121 12.78 -11.42 1.46
N GLY A 122 11.71 -11.51 0.68
CA GLY A 122 11.04 -12.77 0.45
C GLY A 122 9.84 -12.99 1.33
N LEU A 123 9.94 -14.00 2.19
CA LEU A 123 8.86 -14.34 3.10
C LEU A 123 9.36 -14.23 4.53
N ILE A 124 8.74 -13.35 5.31
CA ILE A 124 9.10 -13.14 6.69
C ILE A 124 7.85 -13.12 7.56
N ASN A 125 8.00 -12.76 8.82
CA ASN A 125 6.86 -12.74 9.73
C ASN A 125 6.44 -11.33 10.12
N LEU A 126 5.29 -10.89 9.62
CA LEU A 126 4.77 -9.58 9.97
C LEU A 126 3.94 -9.72 11.26
N SER A 127 4.41 -9.15 12.36
CA SER A 127 3.70 -9.25 13.64
C SER A 127 3.65 -10.70 14.11
N SER A 128 4.43 -11.54 13.43
CA SER A 128 4.56 -12.99 13.69
C SER A 128 3.45 -13.80 13.04
N THR A 129 3.52 -13.79 11.72
CA THR A 129 2.65 -14.55 10.80
C THR A 129 3.35 -14.54 9.45
N PRO A 130 3.49 -15.70 8.79
CA PRO A 130 4.19 -15.77 7.51
C PRO A 130 3.60 -14.88 6.43
N THR A 131 4.34 -13.85 6.11
CA THR A 131 3.95 -12.89 5.07
C THR A 131 4.91 -13.05 3.88
N ASN A 132 4.37 -13.13 2.66
CA ASN A 132 5.20 -13.35 1.49
C ASN A 132 5.29 -12.13 0.54
N ARG A 133 6.33 -12.15 -0.30
CA ARG A 133 6.55 -11.09 -1.27
C ARG A 133 6.85 -9.78 -0.58
N MET A 134 7.70 -9.86 0.44
CA MET A 134 8.11 -8.70 1.21
C MET A 134 9.40 -8.11 0.65
N ILE A 135 9.42 -6.79 0.57
CA ILE A 135 10.59 -6.08 0.09
C ILE A 135 11.10 -5.19 1.21
N ARG A 136 12.41 -5.17 1.36
CA ARG A 136 13.07 -4.42 2.43
C ARG A 136 13.74 -3.15 1.93
N TYR A 137 13.81 -2.14 2.78
CA TYR A 137 14.51 -0.92 2.42
C TYR A 137 15.20 -0.33 3.64
N ASP A 138 16.27 0.38 3.37
CA ASP A 138 17.09 1.01 4.41
C ASP A 138 16.46 2.29 4.93
N TYR A 139 15.80 2.19 6.09
CA TYR A 139 15.14 3.35 6.68
C TYR A 139 14.50 2.99 8.02
N ALA A 140 14.93 3.66 9.07
CA ALA A 140 14.37 3.40 10.39
C ALA A 140 12.97 3.94 10.43
N THR A 141 12.03 3.05 10.69
CA THR A 141 10.64 3.40 10.70
C THR A 141 9.88 2.67 11.80
N LYS A 142 8.81 3.30 12.28
CA LYS A 142 7.98 2.72 13.31
C LYS A 142 6.50 2.88 12.98
N THR A 143 5.66 2.28 13.79
CA THR A 143 4.23 2.37 13.61
C THR A 143 3.80 3.77 13.17
N GLY A 144 2.65 3.86 12.50
CA GLY A 144 2.16 5.14 12.01
C GLY A 144 2.57 5.40 10.58
N GLN A 145 3.72 4.85 10.19
CA GLN A 145 4.23 5.02 8.83
C GLN A 145 3.69 3.98 7.86
N CYS A 146 2.92 3.01 8.35
CA CYS A 146 2.43 1.99 7.43
C CYS A 146 1.26 2.49 6.60
N GLY A 147 1.23 2.02 5.35
CA GLY A 147 0.24 2.46 4.40
C GLY A 147 0.93 3.25 3.30
N GLY A 148 2.10 3.79 3.65
CA GLY A 148 2.88 4.58 2.71
C GLY A 148 3.16 3.83 1.44
N VAL A 149 3.13 4.54 0.33
CA VAL A 149 3.37 3.94 -0.97
C VAL A 149 4.83 3.99 -1.38
N LEU A 150 5.34 2.81 -1.73
CA LEU A 150 6.71 2.68 -2.19
C LEU A 150 6.68 2.78 -3.69
N CYS A 151 7.14 3.90 -4.20
CA CYS A 151 7.09 4.12 -5.63
C CYS A 151 8.23 4.99 -6.11
N ALA A 152 8.16 5.27 -7.38
CA ALA A 152 9.12 6.12 -8.05
C ALA A 152 8.43 6.77 -9.23
N THR A 153 9.09 7.67 -9.91
CA THR A 153 8.45 8.33 -11.01
C THR A 153 8.05 7.35 -12.11
N GLY A 154 6.72 7.24 -12.32
CA GLY A 154 6.19 6.37 -13.37
C GLY A 154 6.05 4.90 -12.99
N LYS A 155 6.37 4.54 -11.76
CA LYS A 155 6.24 3.13 -11.36
C LYS A 155 6.08 2.95 -9.87
N ILE A 156 5.24 1.99 -9.51
CA ILE A 156 4.95 1.65 -8.13
C ILE A 156 5.56 0.28 -7.80
N PHE A 157 6.15 0.15 -6.62
CA PHE A 157 6.77 -1.11 -6.22
C PHE A 157 5.95 -1.85 -5.18
N GLY A 158 5.38 -1.11 -4.24
CA GLY A 158 4.59 -1.72 -3.19
C GLY A 158 4.12 -0.71 -2.16
N ILE A 159 3.60 -1.21 -1.05
CA ILE A 159 3.16 -0.34 0.02
C ILE A 159 3.75 -0.77 1.35
N HIS A 160 4.11 0.22 2.14
CA HIS A 160 4.70 0.01 3.45
C HIS A 160 3.70 -0.66 4.39
N VAL A 161 3.89 -1.93 4.70
CA VAL A 161 2.97 -2.62 5.59
C VAL A 161 3.50 -2.57 7.01
N GLY A 162 4.80 -2.36 7.10
CA GLY A 162 5.44 -2.27 8.39
C GLY A 162 6.93 -2.14 8.27
N GLY A 163 7.61 -2.69 9.24
CA GLY A 163 9.05 -2.64 9.25
C GLY A 163 9.61 -3.41 10.39
N ASN A 164 10.88 -3.70 10.31
CA ASN A 164 11.51 -4.45 11.35
C ASN A 164 12.70 -3.67 11.89
N GLY A 165 12.42 -2.93 12.96
CA GLY A 165 13.44 -2.14 13.61
C GLY A 165 13.91 -0.95 12.78
N ARG A 166 15.11 -1.10 12.23
CA ARG A 166 15.77 -0.06 11.46
C ARG A 166 15.57 -0.24 9.95
N GLN A 167 14.99 -1.39 9.57
CA GLN A 167 14.72 -1.68 8.17
C GLN A 167 13.22 -1.63 7.89
N GLY A 168 12.83 -0.95 6.81
CA GLY A 168 11.42 -0.86 6.46
C GLY A 168 10.98 -2.06 5.65
N PHE A 169 9.72 -2.43 5.77
CA PHE A 169 9.24 -3.58 5.02
C PHE A 169 7.93 -3.31 4.33
N SER A 170 7.96 -3.49 3.02
CA SER A 170 6.81 -3.26 2.18
C SER A 170 6.38 -4.55 1.49
N ALA A 171 5.09 -4.66 1.20
CA ALA A 171 4.59 -5.80 0.48
C ALA A 171 4.63 -5.47 -1.01
N GLN A 172 5.23 -6.34 -1.79
CA GLN A 172 5.34 -6.07 -3.22
C GLN A 172 4.00 -5.99 -3.90
N LEU A 173 3.69 -4.82 -4.48
CA LEU A 173 2.46 -4.67 -5.22
C LEU A 173 2.73 -5.10 -6.64
N LYS A 174 2.62 -6.39 -6.90
CA LYS A 174 2.86 -6.90 -8.23
C LYS A 174 1.57 -6.90 -9.02
N LYS A 175 1.67 -6.41 -10.24
CA LYS A 175 0.55 -6.28 -11.14
C LYS A 175 -0.27 -7.57 -11.28
N GLN A 176 0.34 -8.70 -10.91
CA GLN A 176 -0.32 -10.00 -11.00
C GLN A 176 -1.68 -10.10 -10.30
N TYR A 177 -1.79 -9.55 -9.10
CA TYR A 177 -3.03 -9.68 -8.31
C TYR A 177 -4.13 -8.74 -8.75
N PHE A 178 -3.83 -7.82 -9.64
CA PHE A 178 -4.82 -6.83 -10.04
C PHE A 178 -5.32 -7.03 -11.46
N VAL A 179 -5.04 -8.18 -12.07
CA VAL A 179 -5.47 -8.40 -13.44
C VAL A 179 -6.88 -9.01 -13.56
N GLU A 180 -7.24 -9.99 -12.72
CA GLU A 180 -8.59 -10.58 -12.79
C GLU A 180 -9.58 -9.87 -11.87
N LYS A 181 -9.06 -9.03 -10.99
CA LYS A 181 -9.92 -8.36 -10.01
C LYS A 181 -10.78 -7.27 -10.59
N GLN A 182 -12.02 -7.29 -10.12
CA GLN A 182 -13.03 -6.31 -10.45
C GLN A 182 -13.88 -6.08 -9.20
C ACE B 1 13.62 -12.90 9.37
O ACE B 1 14.46 -12.77 10.25
CH3 ACE B 1 13.59 -14.15 8.52
H1 ACE B 1 13.59 -13.88 7.46
H2 ACE B 1 12.70 -14.69 8.75
H3 ACE B 1 14.45 -14.76 8.74
N LEU B 2 12.48 -12.21 9.36
CA LEU B 2 12.35 -10.98 10.15
C LEU B 2 11.00 -10.95 10.83
N GLU B 3 10.93 -10.32 11.98
CA GLU B 3 9.63 -10.12 12.60
C GLU B 3 9.33 -8.67 12.45
N ALA B 4 8.94 -8.29 11.24
CA ALA B 4 8.62 -6.91 10.98
C ALA B 4 7.21 -6.70 11.43
N LEU B 5 6.96 -5.56 12.03
CA LEU B 5 5.65 -5.30 12.54
C LEU B 5 4.86 -4.32 11.69
N PHE B 6 3.56 -4.55 11.64
CA PHE B 6 2.71 -3.65 10.93
C PHE B 6 2.89 -2.27 11.51
N YTF B 7 2.87 -1.24 10.68
CA YTF B 7 3.09 0.09 11.20
CB YTF B 7 4.42 0.61 10.68
CG YTF B 7 5.61 -0.10 11.34
CD YTF B 7 6.97 0.36 10.83
OE1 YTF B 7 7.08 1.40 10.18
NE2 YTF B 7 8.03 -0.40 11.15
C YTF B 7 1.90 1.04 10.96
CX6 YTF B 7 0.99 0.92 12.19
CX7 YTF B 7 0.01 2.05 12.33
OX8 YTF B 7 -0.01 2.97 11.51
OX9 YTF B 7 -0.76 2.00 13.32
CJ1 YTF B 7 -1.83 3.06 13.66
CJ2 YTF B 7 -2.71 2.89 14.88
H YTF B 7 2.74 -1.37 9.73
HA YTF B 7 3.19 -0.02 12.27
HB2 YTF B 7 4.48 0.44 9.61
HB3 YTF B 7 4.50 1.67 10.87
HG2 YTF B 7 5.57 0.07 12.41
HG3 YTF B 7 5.52 -1.16 11.16
HE22 YTF B 7 8.92 -0.11 10.85
HE21 YTF B 7 7.88 -1.21 11.68
H1 YTF B 7 2.28 2.05 10.92
H31 YTF B 7 1.61 0.90 13.08
H3 YTF B 7 0.44 -0.01 12.11
H4 YTF B 7 -2.48 3.19 12.81
H5 YTF B 7 -1.31 4.01 13.81
H7 YTF B 7 -2.59 1.89 15.27
H8 YTF B 7 -3.74 3.05 14.60
H6 YTF B 7 -2.43 3.60 15.63
N GLY A 1 11.54 17.38 -11.32
CA GLY A 1 11.82 15.91 -11.22
C GLY A 1 10.58 15.07 -11.44
N PRO A 2 10.63 14.11 -12.37
CA PRO A 2 9.48 13.27 -12.70
C PRO A 2 9.01 12.40 -11.51
N ASN A 3 9.92 12.10 -10.59
CA ASN A 3 9.56 11.30 -9.43
C ASN A 3 8.62 12.05 -8.51
N THR A 4 9.04 13.25 -8.11
CA THR A 4 8.24 14.10 -7.25
C THR A 4 6.93 14.49 -7.96
N GLU A 5 7.03 14.68 -9.28
CA GLU A 5 5.86 15.00 -10.10
C GLU A 5 4.87 13.84 -10.02
N PHE A 6 5.38 12.64 -10.29
CA PHE A 6 4.58 11.42 -10.22
C PHE A 6 3.97 11.25 -8.82
N ALA A 7 4.80 11.40 -7.81
CA ALA A 7 4.38 11.28 -6.42
C ALA A 7 3.22 12.24 -6.08
N LEU A 8 3.37 13.51 -6.45
CA LEU A 8 2.36 14.53 -6.18
C LEU A 8 1.04 14.21 -6.88
N SER A 9 1.13 13.79 -8.14
CA SER A 9 -0.06 13.45 -8.93
C SER A 9 -0.69 12.14 -8.43
N LEU A 10 0.15 11.16 -8.08
CA LEU A 10 -0.34 9.89 -7.54
C LEU A 10 -1.11 10.16 -6.26
N LEU A 11 -0.54 11.06 -5.47
CA LEU A 11 -1.10 11.50 -4.21
C LEU A 11 -2.49 12.12 -4.38
N ARG A 12 -2.57 13.14 -5.23
CA ARG A 12 -3.82 13.87 -5.46
C ARG A 12 -4.90 13.09 -6.20
N LYS A 13 -4.53 12.13 -7.07
CA LYS A 13 -5.54 11.41 -7.84
C LYS A 13 -5.85 10.00 -7.34
N ASN A 14 -4.89 9.32 -6.73
CA ASN A 14 -5.13 7.95 -6.31
C ASN A 14 -5.01 7.71 -4.82
N ILE A 15 -4.36 8.61 -4.11
CA ILE A 15 -4.20 8.44 -2.68
C ILE A 15 -5.30 9.15 -1.92
N MET A 16 -6.08 8.37 -1.19
CA MET A 16 -7.17 8.90 -0.39
C MET A 16 -7.00 8.42 1.04
N THR A 17 -7.58 9.15 1.98
CA THR A 17 -7.48 8.74 3.36
C THR A 17 -8.59 7.76 3.67
N ILE A 18 -8.24 6.50 3.80
CA ILE A 18 -9.22 5.49 4.11
C ILE A 18 -9.24 5.28 5.61
N THR A 19 -10.35 5.72 6.19
CA THR A 19 -10.57 5.63 7.62
C THR A 19 -10.82 4.19 8.01
N THR A 20 -9.90 3.63 8.77
CA THR A 20 -10.03 2.27 9.21
C THR A 20 -10.33 2.25 10.69
N SER A 21 -10.14 1.10 11.30
CA SER A 21 -10.38 0.98 12.72
C SER A 21 -9.23 1.58 13.51
N LYS A 22 -8.04 1.54 12.91
CA LYS A 22 -6.84 2.05 13.57
C LYS A 22 -6.58 3.53 13.28
N GLY A 23 -6.94 4.00 12.08
CA GLY A 23 -6.70 5.40 11.77
C GLY A 23 -6.86 5.75 10.30
N GLU A 24 -6.41 6.94 9.95
CA GLU A 24 -6.47 7.41 8.58
C GLU A 24 -5.28 6.84 7.84
N PHE A 25 -5.51 5.98 6.86
CA PHE A 25 -4.38 5.42 6.15
C PHE A 25 -4.42 5.69 4.67
N THR A 26 -3.24 5.58 4.10
CA THR A 26 -3.03 5.81 2.70
C THR A 26 -3.61 4.67 1.89
N GLY A 27 -4.64 4.96 1.12
CA GLY A 27 -5.25 3.95 0.30
C GLY A 27 -5.08 4.25 -1.17
N LEU A 28 -4.62 3.28 -1.93
CA LEU A 28 -4.40 3.49 -3.35
C LEU A 28 -5.60 3.09 -4.18
N GLY A 29 -6.34 4.08 -4.66
CA GLY A 29 -7.44 3.77 -5.54
C GLY A 29 -6.84 3.44 -6.90
N ILE A 30 -6.55 2.16 -7.14
CA ILE A 30 -5.92 1.75 -8.38
C ILE A 30 -6.77 2.12 -9.58
N HIS A 31 -8.04 1.74 -9.52
CA HIS A 31 -8.96 2.03 -10.60
C HIS A 31 -10.41 1.81 -10.24
N ASP A 32 -11.27 2.37 -11.07
CA ASP A 32 -12.70 2.25 -10.91
C ASP A 32 -13.16 2.48 -9.49
N ARG A 33 -13.25 1.41 -8.71
CA ARG A 33 -13.72 1.52 -7.35
C ARG A 33 -12.97 0.57 -6.44
N VAL A 34 -11.80 0.13 -6.90
CA VAL A 34 -10.99 -0.77 -6.09
C VAL A 34 -9.76 -0.06 -5.58
N CYS A 35 -9.67 -0.01 -4.26
CA CYS A 35 -8.57 0.62 -3.57
C CYS A 35 -7.81 -0.40 -2.74
N VAL A 36 -6.50 -0.29 -2.74
CA VAL A 36 -5.68 -1.21 -1.97
C VAL A 36 -5.27 -0.55 -0.66
N ILE A 37 -5.59 -1.22 0.43
CA ILE A 37 -5.27 -0.72 1.77
C ILE A 37 -4.73 -1.85 2.63
N PRO A 38 -4.09 -1.54 3.76
CA PRO A 38 -3.56 -2.57 4.65
C PRO A 38 -4.69 -3.37 5.29
N THR A 39 -4.38 -4.61 5.59
CA THR A 39 -5.32 -5.53 6.21
C THR A 39 -5.39 -5.32 7.71
N HIS A 40 -4.23 -5.14 8.32
CA HIS A 40 -4.13 -4.93 9.76
C HIS A 40 -4.84 -3.64 10.18
N ALA A 41 -5.10 -2.75 9.23
CA ALA A 41 -5.78 -1.50 9.52
C ALA A 41 -7.22 -1.79 9.95
N GLN A 42 -7.69 -2.99 9.61
CA GLN A 42 -9.03 -3.47 9.96
C GLN A 42 -10.16 -2.72 9.27
N PRO A 43 -10.34 -2.97 7.97
CA PRO A 43 -11.42 -2.38 7.17
C PRO A 43 -12.74 -3.09 7.45
N GLY A 44 -13.80 -2.31 7.68
CA GLY A 44 -15.10 -2.91 7.96
C GLY A 44 -15.93 -3.13 6.70
N ASP A 45 -17.25 -3.08 6.85
CA ASP A 45 -18.16 -3.27 5.71
C ASP A 45 -18.71 -1.92 5.28
N ASP A 46 -18.36 -0.93 6.09
CA ASP A 46 -18.72 0.46 5.89
C ASP A 46 -17.48 1.27 6.25
N VAL A 47 -16.83 1.82 5.24
CA VAL A 47 -15.59 2.54 5.43
C VAL A 47 -15.75 4.04 5.17
N LEU A 48 -14.99 4.87 5.87
CA LEU A 48 -15.06 6.29 5.66
C LEU A 48 -13.95 6.73 4.71
N VAL A 49 -14.29 6.99 3.47
CA VAL A 49 -13.31 7.45 2.50
C VAL A 49 -13.23 8.97 2.58
N ASN A 50 -12.13 9.45 3.16
CA ASN A 50 -11.91 10.87 3.38
C ASN A 50 -12.97 11.42 4.34
N GLY A 51 -13.52 10.53 5.17
CA GLY A 51 -14.54 10.92 6.14
C GLY A 51 -15.93 10.51 5.72
N GLN A 52 -16.11 10.20 4.45
CA GLN A 52 -17.41 9.80 3.93
C GLN A 52 -17.66 8.31 4.17
N LYS A 53 -18.52 7.98 5.13
CA LYS A 53 -18.80 6.58 5.41
C LYS A 53 -19.64 6.00 4.29
N ILE A 54 -19.04 5.06 3.58
CA ILE A 54 -19.65 4.45 2.42
C ILE A 54 -19.65 2.92 2.52
N ARG A 55 -20.73 2.30 2.03
CA ARG A 55 -20.86 0.85 2.06
C ARG A 55 -19.82 0.18 1.17
N VAL A 56 -19.31 -0.96 1.62
CA VAL A 56 -18.36 -1.70 0.79
C VAL A 56 -19.13 -2.69 -0.07
N LYS A 57 -18.60 -3.01 -1.25
CA LYS A 57 -19.27 -3.96 -2.13
C LYS A 57 -18.67 -5.33 -1.89
N ASP A 58 -17.35 -5.36 -1.93
CA ASP A 58 -16.60 -6.58 -1.73
C ASP A 58 -15.19 -6.26 -1.31
N LYS A 59 -14.82 -6.62 -0.10
CA LYS A 59 -13.46 -6.42 0.34
C LYS A 59 -12.80 -7.76 0.38
N TYR A 60 -11.62 -7.84 -0.20
CA TYR A 60 -10.90 -9.08 -0.25
C TYR A 60 -9.49 -8.88 0.23
N LYS A 61 -9.16 -9.57 1.30
CA LYS A 61 -7.85 -9.48 1.86
C LYS A 61 -6.93 -10.35 1.04
N LEU A 62 -6.11 -9.74 0.22
CA LEU A 62 -5.23 -10.51 -0.61
C LEU A 62 -4.27 -11.31 0.22
N VAL A 63 -4.48 -12.61 0.22
CA VAL A 63 -3.57 -13.49 0.89
C VAL A 63 -2.59 -13.89 -0.18
N ASP A 64 -1.49 -14.50 0.18
CA ASP A 64 -0.51 -14.86 -0.81
C ASP A 64 -0.76 -16.25 -1.40
N PRO A 65 -0.71 -16.35 -2.74
CA PRO A 65 -0.91 -17.61 -3.46
C PRO A 65 -0.09 -18.78 -2.93
N GLU A 66 0.98 -18.51 -2.17
CA GLU A 66 1.80 -19.59 -1.65
C GLU A 66 1.29 -20.07 -0.27
N ASN A 67 0.01 -19.73 0.01
CA ASN A 67 -0.66 -20.13 1.26
C ASN A 67 -0.24 -19.27 2.44
N ILE A 68 0.39 -18.15 2.13
CA ILE A 68 0.85 -17.19 3.14
C ILE A 68 -0.02 -15.94 3.06
N ASN A 69 0.23 -14.95 3.91
CA ASN A 69 -0.54 -13.72 3.87
C ASN A 69 0.13 -12.69 2.97
N LEU A 70 -0.66 -11.88 2.29
CA LEU A 70 -0.11 -10.85 1.41
C LEU A 70 -0.33 -9.48 2.07
N GLU A 71 -1.32 -9.44 2.95
CA GLU A 71 -1.61 -8.24 3.75
C GLU A 71 -2.17 -7.08 2.93
N LEU A 72 -2.57 -7.37 1.68
CA LEU A 72 -3.13 -6.32 0.80
C LEU A 72 -4.63 -6.47 0.67
N THR A 73 -5.39 -5.53 1.25
CA THR A 73 -6.84 -5.60 1.16
C THR A 73 -7.37 -4.82 -0.04
N VAL A 74 -7.98 -5.53 -0.97
CA VAL A 74 -8.58 -4.89 -2.13
C VAL A 74 -9.98 -4.49 -1.75
N LEU A 75 -10.15 -3.20 -1.55
CA LEU A 75 -11.42 -2.65 -1.14
C LEU A 75 -12.28 -2.24 -2.32
N THR A 76 -13.21 -3.10 -2.69
CA THR A 76 -14.12 -2.79 -3.76
C THR A 76 -15.24 -1.98 -3.12
N LEU A 77 -15.07 -0.67 -3.18
CA LEU A 77 -15.99 0.28 -2.57
C LEU A 77 -17.03 0.76 -3.59
N ASP A 78 -18.19 1.20 -3.13
CA ASP A 78 -19.20 1.64 -4.07
C ASP A 78 -19.06 3.11 -4.42
N ARG A 79 -17.97 3.39 -5.10
CA ARG A 79 -17.65 4.70 -5.61
C ARG A 79 -17.62 4.52 -7.12
N ASN A 80 -18.66 4.94 -7.80
CA ASN A 80 -18.73 4.68 -9.23
C ASN A 80 -18.08 5.80 -10.06
N GLU A 81 -17.69 6.88 -9.40
CA GLU A 81 -16.92 7.92 -10.09
C GLU A 81 -15.50 7.41 -9.92
N LYS A 82 -14.91 6.91 -10.99
CA LYS A 82 -13.61 6.25 -10.87
C LYS A 82 -12.41 7.16 -10.73
N PHE A 83 -11.38 6.54 -10.16
CA PHE A 83 -10.10 7.16 -9.95
C PHE A 83 -9.25 6.92 -11.19
N ARG A 84 -8.15 7.63 -11.30
CA ARG A 84 -7.27 7.46 -12.44
C ARG A 84 -6.69 6.04 -12.46
N ASP A 85 -6.77 5.37 -13.60
CA ASP A 85 -6.25 4.00 -13.72
C ASP A 85 -4.72 3.94 -13.63
N ILE A 86 -4.19 3.68 -12.44
CA ILE A 86 -2.74 3.56 -12.27
C ILE A 86 -2.36 2.10 -12.33
N ARG A 87 -3.20 1.34 -13.02
CA ARG A 87 -3.01 -0.09 -13.14
C ARG A 87 -1.72 -0.44 -13.88
N GLY A 88 -1.38 0.38 -14.87
CA GLY A 88 -0.18 0.15 -15.64
C GLY A 88 1.10 0.57 -14.91
N PHE A 89 0.95 1.30 -13.79
CA PHE A 89 2.12 1.72 -13.04
C PHE A 89 2.46 0.67 -12.00
N ILE A 90 1.47 -0.20 -11.71
CA ILE A 90 1.68 -1.28 -10.78
C ILE A 90 2.63 -2.24 -11.45
N SER A 91 3.66 -2.65 -10.75
CA SER A 91 4.66 -3.49 -11.37
C SER A 91 4.65 -4.94 -10.90
N GLU A 92 4.62 -5.83 -11.89
CA GLU A 92 4.69 -7.26 -11.66
C GLU A 92 6.13 -7.55 -11.32
N ASP A 93 7.01 -6.90 -12.09
CA ASP A 93 8.44 -6.95 -11.88
C ASP A 93 8.85 -5.60 -11.30
N LEU A 94 9.50 -5.61 -10.15
CA LEU A 94 9.90 -4.37 -9.51
C LEU A 94 11.09 -3.71 -10.18
N GLU A 95 12.27 -4.30 -10.01
CA GLU A 95 13.50 -3.73 -10.56
C GLU A 95 13.59 -2.26 -10.18
N GLY A 96 13.87 -2.05 -8.89
CA GLY A 96 13.98 -0.71 -8.34
C GLY A 96 14.71 -0.75 -7.01
N VAL A 97 16.02 -0.76 -7.09
CA VAL A 97 16.87 -0.81 -5.91
C VAL A 97 16.94 0.55 -5.22
N ASP A 98 16.17 1.48 -5.77
CA ASP A 98 16.08 2.84 -5.22
C ASP A 98 14.65 3.34 -5.40
N ALA A 99 13.99 3.65 -4.29
CA ALA A 99 12.61 4.11 -4.37
C ALA A 99 12.31 5.20 -3.37
N THR A 100 11.13 5.74 -3.51
CA THR A 100 10.64 6.80 -2.66
C THR A 100 9.36 6.38 -1.97
N LEU A 101 9.18 6.81 -0.73
CA LEU A 101 8.01 6.45 0.04
C LEU A 101 7.12 7.67 0.26
N VAL A 102 5.86 7.57 -0.15
CA VAL A 102 4.94 8.67 0.05
C VAL A 102 3.87 8.27 1.04
N VAL A 103 3.78 9.00 2.15
CA VAL A 103 2.82 8.70 3.19
C VAL A 103 1.78 9.81 3.33
N HIS A 104 0.53 9.38 3.40
CA HIS A 104 -0.59 10.29 3.57
C HIS A 104 -1.56 9.64 4.53
N SER A 105 -1.18 9.68 5.80
CA SER A 105 -1.97 9.08 6.87
C SER A 105 -2.41 10.14 7.87
N ASN A 106 -2.90 9.72 9.03
CA ASN A 106 -3.33 10.67 10.03
C ASN A 106 -2.16 11.43 10.62
N ASN A 107 -1.05 10.73 10.82
CA ASN A 107 0.14 11.33 11.40
C ASN A 107 1.00 12.01 10.34
N PHE A 108 1.48 11.24 9.37
CA PHE A 108 2.30 11.81 8.30
C PHE A 108 1.44 12.09 7.10
N THR A 109 1.22 13.38 6.85
CA THR A 109 0.39 13.82 5.75
C THR A 109 1.21 14.58 4.67
N ASN A 110 1.22 14.00 3.46
CA ASN A 110 1.93 14.58 2.32
C ASN A 110 3.43 14.46 2.52
N THR A 111 3.79 13.37 3.16
CA THR A 111 5.16 13.03 3.46
C THR A 111 5.84 12.29 2.31
N ILE A 112 6.94 12.83 1.80
CA ILE A 112 7.68 12.19 0.73
C ILE A 112 9.08 11.90 1.22
N LEU A 113 9.35 10.62 1.43
CA LEU A 113 10.63 10.18 1.96
C LEU A 113 11.41 9.34 0.97
N GLU A 114 12.66 9.70 0.75
CA GLU A 114 13.51 8.94 -0.12
C GLU A 114 14.16 7.86 0.73
N VAL A 115 13.70 6.62 0.57
CA VAL A 115 14.20 5.54 1.39
C VAL A 115 15.55 5.02 0.92
N GLY A 116 15.76 4.96 -0.39
CA GLY A 116 17.03 4.51 -0.91
C GLY A 116 17.08 3.04 -1.32
N PRO A 117 18.00 2.27 -0.73
CA PRO A 117 18.19 0.86 -1.07
C PRO A 117 16.98 -0.03 -0.81
N VAL A 118 16.37 -0.46 -1.91
CA VAL A 118 15.22 -1.36 -1.87
C VAL A 118 15.65 -2.75 -2.32
N THR A 119 15.15 -3.77 -1.64
CA THR A 119 15.50 -5.16 -1.94
C THR A 119 14.36 -6.08 -1.52
N MET A 120 14.21 -7.22 -2.18
CA MET A 120 13.14 -8.12 -1.80
C MET A 120 13.60 -8.96 -0.61
N ALA A 121 12.64 -9.37 0.22
CA ALA A 121 12.95 -10.17 1.39
C ALA A 121 12.34 -11.55 1.25
N GLY A 122 11.17 -11.58 0.64
CA GLY A 122 10.47 -12.82 0.42
C GLY A 122 9.34 -13.08 1.40
N LEU A 123 9.65 -13.86 2.43
CA LEU A 123 8.66 -14.24 3.43
C LEU A 123 9.21 -14.06 4.85
N ILE A 124 8.49 -13.31 5.67
CA ILE A 124 8.86 -13.10 7.07
C ILE A 124 7.60 -13.10 7.92
N ASN A 125 7.76 -12.92 9.23
CA ASN A 125 6.60 -12.89 10.11
C ASN A 125 6.24 -11.45 10.45
N LEU A 126 5.32 -10.88 9.69
CA LEU A 126 4.87 -9.52 9.90
C LEU A 126 3.99 -9.47 11.14
N SER A 127 4.58 -9.08 12.27
CA SER A 127 3.87 -9.01 13.54
C SER A 127 3.36 -10.41 13.95
N SER A 128 4.18 -11.41 13.63
CA SER A 128 3.89 -12.81 13.91
C SER A 128 2.91 -13.40 12.92
N THR A 129 2.50 -12.57 11.96
CA THR A 129 1.62 -13.01 10.87
C THR A 129 2.48 -13.16 9.63
N PRO A 130 2.75 -14.41 9.21
CA PRO A 130 3.61 -14.67 8.07
C PRO A 130 3.11 -14.07 6.78
N THR A 131 3.95 -13.24 6.19
CA THR A 131 3.61 -12.59 4.93
C THR A 131 4.65 -12.90 3.88
N ASN A 132 4.20 -13.02 2.65
CA ASN A 132 5.07 -13.32 1.52
C ASN A 132 5.07 -12.17 0.50
N ARG A 133 6.00 -12.20 -0.45
CA ARG A 133 6.11 -11.12 -1.42
C ARG A 133 6.50 -9.84 -0.71
N MET A 134 7.26 -9.99 0.37
CA MET A 134 7.71 -8.85 1.18
C MET A 134 8.93 -8.15 0.60
N ILE A 135 8.80 -6.84 0.51
CA ILE A 135 9.88 -5.99 0.05
C ILE A 135 10.56 -5.40 1.26
N ARG A 136 11.86 -5.27 1.20
CA ARG A 136 12.60 -4.68 2.29
C ARG A 136 13.37 -3.49 1.76
N TYR A 137 13.70 -2.57 2.63
CA TYR A 137 14.49 -1.43 2.23
C TYR A 137 15.19 -0.84 3.43
N ASP A 138 16.41 -0.41 3.20
CA ASP A 138 17.23 0.15 4.24
C ASP A 138 16.84 1.58 4.57
N TYR A 139 16.04 1.71 5.63
CA TYR A 139 15.58 3.01 6.09
C TYR A 139 14.87 2.86 7.43
N ALA A 140 15.19 3.74 8.36
CA ALA A 140 14.58 3.69 9.67
C ALA A 140 13.09 3.98 9.59
N THR A 141 12.31 2.96 9.91
CA THR A 141 10.87 3.08 9.87
C THR A 141 10.26 2.79 11.24
N LYS A 142 9.01 3.22 11.41
CA LYS A 142 8.31 3.05 12.68
C LYS A 142 6.80 3.10 12.48
N THR A 143 6.08 2.39 13.34
CA THR A 143 4.63 2.37 13.28
C THR A 143 4.09 3.75 12.90
N GLY A 144 2.85 3.77 12.39
CA GLY A 144 2.24 5.02 11.97
C GLY A 144 2.58 5.35 10.53
N GLN A 145 3.71 4.84 10.06
CA GLN A 145 4.14 5.08 8.69
C GLN A 145 3.59 4.02 7.73
N CYS A 146 2.84 3.05 8.25
CA CYS A 146 2.31 2.01 7.38
C CYS A 146 1.13 2.54 6.58
N GLY A 147 1.06 2.10 5.32
CA GLY A 147 0.05 2.56 4.39
C GLY A 147 0.72 3.37 3.30
N GLY A 148 1.92 3.84 3.63
CA GLY A 148 2.71 4.62 2.69
C GLY A 148 2.97 3.87 1.41
N VAL A 149 2.98 4.60 0.31
CA VAL A 149 3.20 4.00 -1.00
C VAL A 149 4.66 4.05 -1.40
N LEU A 150 5.21 2.87 -1.71
CA LEU A 150 6.58 2.76 -2.16
C LEU A 150 6.55 2.87 -3.68
N CYS A 151 7.09 3.95 -4.19
CA CYS A 151 7.06 4.16 -5.61
C CYS A 151 8.28 4.90 -6.12
N ALA A 152 8.30 5.06 -7.42
CA ALA A 152 9.35 5.78 -8.12
C ALA A 152 8.75 6.38 -9.37
N THR A 153 9.53 7.12 -10.13
CA THR A 153 8.97 7.73 -11.32
C THR A 153 8.44 6.70 -12.31
N GLY A 154 7.11 6.68 -12.47
CA GLY A 154 6.45 5.78 -13.39
C GLY A 154 6.48 4.32 -12.97
N LYS A 155 6.67 4.07 -11.67
CA LYS A 155 6.72 2.70 -11.18
C LYS A 155 6.27 2.60 -9.72
N ILE A 156 5.24 1.81 -9.49
CA ILE A 156 4.73 1.58 -8.14
C ILE A 156 5.18 0.19 -7.68
N PHE A 157 5.78 0.13 -6.50
CA PHE A 157 6.27 -1.14 -5.99
C PHE A 157 5.24 -1.81 -5.09
N GLY A 158 4.61 -1.01 -4.27
CA GLY A 158 3.60 -1.52 -3.37
C GLY A 158 3.37 -0.58 -2.21
N ILE A 159 2.83 -1.09 -1.12
CA ILE A 159 2.59 -0.24 0.03
C ILE A 159 3.34 -0.74 1.25
N HIS A 160 3.81 0.22 2.03
CA HIS A 160 4.54 -0.06 3.25
C HIS A 160 3.55 -0.56 4.30
N VAL A 161 3.53 -1.88 4.53
CA VAL A 161 2.58 -2.47 5.47
C VAL A 161 3.16 -2.54 6.86
N GLY A 162 4.47 -2.46 6.92
CA GLY A 162 5.16 -2.49 8.18
C GLY A 162 6.63 -2.31 7.97
N GLY A 163 7.39 -2.85 8.88
CA GLY A 163 8.80 -2.74 8.79
C GLY A 163 9.45 -3.35 9.97
N ASN A 164 10.73 -3.53 9.90
CA ASN A 164 11.42 -4.10 11.00
C ASN A 164 12.60 -3.23 11.42
N GLY A 165 12.28 -2.24 12.23
CA GLY A 165 13.26 -1.32 12.75
C GLY A 165 13.95 -0.44 11.73
N ARG A 166 15.03 -0.97 11.15
CA ARG A 166 15.83 -0.21 10.21
C ARG A 166 15.57 -0.61 8.77
N GLN A 167 14.61 -1.50 8.60
CA GLN A 167 14.22 -1.94 7.28
C GLN A 167 12.73 -1.77 7.11
N GLY A 168 12.35 -1.08 6.06
CA GLY A 168 10.94 -0.90 5.81
C GLY A 168 10.40 -2.11 5.11
N PHE A 169 9.19 -2.51 5.42
CA PHE A 169 8.65 -3.68 4.78
C PHE A 169 7.37 -3.37 4.05
N SER A 170 7.50 -3.42 2.75
CA SER A 170 6.41 -3.17 1.85
C SER A 170 5.99 -4.46 1.19
N ALA A 171 4.72 -4.60 0.91
CA ALA A 171 4.23 -5.77 0.23
C ALA A 171 4.21 -5.44 -1.26
N GLN A 172 4.87 -6.25 -2.08
CA GLN A 172 4.92 -5.91 -3.49
C GLN A 172 3.56 -6.06 -4.15
N LEU A 173 3.07 -4.93 -4.61
CA LEU A 173 1.80 -4.86 -5.30
C LEU A 173 2.05 -5.21 -6.75
N LYS A 174 1.90 -6.49 -7.08
CA LYS A 174 2.15 -6.95 -8.43
C LYS A 174 0.95 -6.74 -9.34
N LYS A 175 1.25 -6.39 -10.57
CA LYS A 175 0.23 -6.22 -11.58
C LYS A 175 -0.40 -7.59 -11.84
N GLN A 176 0.33 -8.61 -11.39
CA GLN A 176 -0.07 -10.01 -11.51
C GLN A 176 -1.51 -10.22 -11.05
N TYR A 177 -1.80 -9.71 -9.86
CA TYR A 177 -3.11 -9.84 -9.25
C TYR A 177 -4.16 -9.00 -9.95
N PHE A 178 -3.75 -7.87 -10.52
CA PHE A 178 -4.69 -6.97 -11.16
C PHE A 178 -4.93 -7.27 -12.63
N VAL A 179 -4.28 -8.30 -13.16
CA VAL A 179 -4.53 -8.71 -14.52
C VAL A 179 -5.45 -9.92 -14.45
N GLU A 180 -5.48 -10.53 -13.25
CA GLU A 180 -6.34 -11.68 -12.97
C GLU A 180 -7.66 -11.19 -12.41
N LYS A 181 -7.64 -10.00 -11.79
CA LYS A 181 -8.88 -9.38 -11.30
C LYS A 181 -9.07 -8.06 -12.04
N GLN A 182 -10.19 -7.97 -12.72
CA GLN A 182 -10.54 -6.78 -13.48
C GLN A 182 -12.03 -6.48 -13.35
C ACE B 1 13.48 -12.88 11.38
O ACE B 1 13.87 -12.37 12.43
CH3 ACE B 1 13.79 -14.32 11.08
H1 ACE B 1 14.85 -14.48 11.11
H2 ACE B 1 13.42 -14.58 10.09
H3 ACE B 1 13.32 -14.94 11.82
N LEU B 2 12.56 -12.32 10.62
CA LEU B 2 12.21 -10.93 10.87
C LEU B 2 10.76 -10.79 11.25
N GLU B 3 10.52 -10.33 12.45
CA GLU B 3 9.18 -10.04 12.82
C GLU B 3 8.99 -8.58 12.55
N ALA B 4 8.80 -8.26 11.28
CA ALA B 4 8.59 -6.89 10.92
C ALA B 4 7.21 -6.53 11.41
N LEU B 5 7.10 -5.39 12.02
CA LEU B 5 5.87 -4.94 12.65
C LEU B 5 4.94 -4.13 11.74
N PHE B 6 3.65 -4.47 11.78
CA PHE B 6 2.70 -3.69 11.03
C PHE B 6 2.99 -2.25 11.42
N YTF B 7 3.02 -1.30 10.50
CA YTF B 7 3.33 0.03 10.97
CB YTF B 7 4.58 0.56 10.27
CG YTF B 7 5.84 -0.07 10.88
CD YTF B 7 7.13 0.47 10.27
OE1 YTF B 7 7.14 1.53 9.66
NE2 YTF B 7 8.22 -0.26 10.50
C YTF B 7 2.11 1.00 10.99
CX6 YTF B 7 1.38 0.67 12.29
CX7 YTF B 7 0.33 1.69 12.66
OX8 YTF B 7 0.12 2.66 11.93
OX9 YTF B 7 -0.33 1.49 13.72
CJ1 YTF B 7 -1.42 2.43 14.25
CJ2 YTF B 7 -2.17 2.10 15.55
H YTF B 7 2.85 -1.47 9.57
HA YTF B 7 3.60 -0.10 12.00
HB2 YTF B 7 4.53 0.32 9.23
HB3 YTF B 7 4.63 1.64 10.40
HG2 YTF B 7 5.85 0.11 11.94
HG3 YTF B 7 5.80 -1.13 10.73
HE22 YTF B 7 9.09 0.08 10.13
HE21 YTF B 7 8.15 -1.10 11.00
H1 YTF B 7 2.49 1.99 11.03
H31 YTF B 7 2.11 0.64 13.10
H3 YTF B 7 0.93 -0.30 12.21
H4 YTF B 7 -2.17 2.55 13.48
H5 YTF B 7 -0.97 3.40 14.41
H7 YTF B 7 -2.71 1.17 15.43
H8 YTF B 7 -2.87 2.89 15.76
H6 YTF B 7 -1.46 2.03 16.37
N GLY A 1 11.59 16.02 -8.47
CA GLY A 1 12.05 15.13 -9.57
C GLY A 1 10.96 14.21 -10.10
N PRO A 2 11.26 13.39 -11.10
CA PRO A 2 10.28 12.47 -11.68
C PRO A 2 9.50 11.70 -10.61
N ASN A 3 10.18 11.24 -9.55
CA ASN A 3 9.51 10.50 -8.49
C ASN A 3 8.66 11.42 -7.63
N THR A 4 9.23 12.56 -7.28
CA THR A 4 8.55 13.57 -6.46
C THR A 4 7.23 13.99 -7.08
N GLU A 5 7.28 14.47 -8.32
CA GLU A 5 6.10 14.93 -9.02
C GLU A 5 5.08 13.81 -9.22
N PHE A 6 5.56 12.58 -9.41
CA PHE A 6 4.68 11.44 -9.59
C PHE A 6 3.89 11.15 -8.31
N ALA A 7 4.63 10.99 -7.21
CA ALA A 7 4.05 10.69 -5.91
C ALA A 7 3.15 11.81 -5.40
N LEU A 8 3.56 13.07 -5.55
CA LEU A 8 2.76 14.22 -5.09
C LEU A 8 1.43 14.27 -5.84
N SER A 9 1.48 14.04 -7.15
CA SER A 9 0.27 14.02 -7.97
C SER A 9 -0.56 12.78 -7.64
N LEU A 10 0.12 11.65 -7.50
CA LEU A 10 -0.52 10.39 -7.15
C LEU A 10 -1.31 10.54 -5.85
N LEU A 11 -0.73 11.27 -4.89
CA LEU A 11 -1.35 11.51 -3.60
C LEU A 11 -2.68 12.26 -3.76
N ARG A 12 -2.67 13.29 -4.62
CA ARG A 12 -3.85 14.12 -4.85
C ARG A 12 -4.92 13.41 -5.70
N LYS A 13 -4.48 12.51 -6.58
CA LYS A 13 -5.39 11.82 -7.49
C LYS A 13 -5.89 10.45 -7.00
N ASN A 14 -4.96 9.58 -6.60
CA ASN A 14 -5.32 8.21 -6.21
C ASN A 14 -5.25 7.94 -4.72
N ILE A 15 -4.57 8.78 -3.97
CA ILE A 15 -4.43 8.53 -2.54
C ILE A 15 -5.57 9.13 -1.76
N MET A 16 -6.25 8.27 -1.01
CA MET A 16 -7.36 8.68 -0.17
C MET A 16 -7.10 8.28 1.25
N THR A 17 -7.27 9.25 2.12
CA THR A 17 -7.09 9.02 3.53
C THR A 17 -8.25 8.17 4.03
N ILE A 18 -8.01 6.90 4.26
CA ILE A 18 -9.07 6.01 4.70
C ILE A 18 -9.17 5.97 6.21
N THR A 19 -10.23 6.59 6.69
CA THR A 19 -10.52 6.69 8.11
C THR A 19 -11.17 5.41 8.60
N THR A 20 -10.43 4.65 9.41
CA THR A 20 -10.94 3.40 9.92
C THR A 20 -10.69 3.25 11.43
N SER A 21 -10.95 2.07 11.96
CA SER A 21 -10.81 1.82 13.40
C SER A 21 -9.39 2.00 13.94
N LYS A 22 -8.37 1.79 13.11
CA LYS A 22 -6.99 1.92 13.56
C LYS A 22 -6.45 3.33 13.31
N GLY A 23 -7.27 4.14 12.66
CA GLY A 23 -6.87 5.50 12.33
C GLY A 23 -7.10 5.77 10.86
N GLU A 24 -6.33 6.67 10.28
CA GLU A 24 -6.45 6.95 8.86
C GLU A 24 -5.21 6.46 8.15
N PHE A 25 -5.39 5.70 7.09
CA PHE A 25 -4.26 5.16 6.36
C PHE A 25 -4.22 5.64 4.94
N THR A 26 -3.09 5.39 4.34
CA THR A 26 -2.87 5.72 2.97
C THR A 26 -3.54 4.67 2.09
N GLY A 27 -4.72 5.00 1.60
CA GLY A 27 -5.44 4.08 0.76
C GLY A 27 -5.31 4.52 -0.67
N LEU A 28 -5.06 3.60 -1.59
CA LEU A 28 -4.92 4.03 -2.96
C LEU A 28 -5.91 3.35 -3.88
N GLY A 29 -6.58 4.18 -4.66
CA GLY A 29 -7.53 3.69 -5.62
C GLY A 29 -6.77 3.22 -6.83
N ILE A 30 -6.74 1.92 -7.05
CA ILE A 30 -6.02 1.36 -8.16
C ILE A 30 -6.69 1.74 -9.46
N HIS A 31 -8.02 1.64 -9.46
CA HIS A 31 -8.80 1.95 -10.65
C HIS A 31 -10.31 1.95 -10.35
N ASP A 32 -11.00 2.82 -11.05
CA ASP A 32 -12.46 2.90 -10.96
C ASP A 32 -13.03 3.00 -9.55
N ARG A 33 -13.25 1.84 -8.95
CA ARG A 33 -13.90 1.74 -7.64
C ARG A 33 -13.15 0.80 -6.71
N VAL A 34 -11.97 0.39 -7.14
CA VAL A 34 -11.16 -0.54 -6.38
C VAL A 34 -9.99 0.14 -5.70
N CYS A 35 -10.05 0.15 -4.38
CA CYS A 35 -9.01 0.74 -3.58
C CYS A 35 -8.37 -0.32 -2.71
N VAL A 36 -7.08 -0.24 -2.48
CA VAL A 36 -6.42 -1.20 -1.64
C VAL A 36 -5.91 -0.55 -0.38
N ILE A 37 -5.99 -1.29 0.70
CA ILE A 37 -5.58 -0.81 2.02
C ILE A 37 -5.04 -1.96 2.85
N PRO A 38 -4.02 -1.73 3.71
CA PRO A 38 -3.49 -2.78 4.54
C PRO A 38 -4.59 -3.50 5.31
N THR A 39 -4.40 -4.77 5.57
CA THR A 39 -5.39 -5.57 6.29
C THR A 39 -5.50 -5.18 7.76
N HIS A 40 -4.36 -4.85 8.37
CA HIS A 40 -4.34 -4.47 9.78
C HIS A 40 -5.11 -3.18 10.03
N ALA A 41 -5.54 -2.51 8.97
CA ALA A 41 -6.33 -1.28 9.11
C ALA A 41 -7.72 -1.64 9.63
N GLN A 42 -8.09 -2.89 9.41
CA GLN A 42 -9.38 -3.43 9.85
C GLN A 42 -10.59 -2.64 9.37
N PRO A 43 -10.92 -2.74 8.06
CA PRO A 43 -12.08 -2.05 7.48
C PRO A 43 -13.40 -2.68 7.93
N GLY A 44 -14.36 -1.82 8.30
CA GLY A 44 -15.66 -2.31 8.75
C GLY A 44 -16.66 -2.47 7.61
N ASP A 45 -17.96 -2.51 7.93
CA ASP A 45 -18.98 -2.67 6.91
C ASP A 45 -19.19 -1.37 6.15
N ASP A 46 -18.83 -0.28 6.80
CA ASP A 46 -18.86 1.03 6.19
C ASP A 46 -17.62 1.76 6.66
N VAL A 47 -16.94 2.37 5.73
CA VAL A 47 -15.71 3.04 6.03
C VAL A 47 -15.81 4.51 5.67
N LEU A 48 -15.11 5.33 6.42
CA LEU A 48 -15.12 6.74 6.16
C LEU A 48 -13.90 7.11 5.33
N VAL A 49 -14.10 7.36 4.03
CA VAL A 49 -12.98 7.77 3.20
C VAL A 49 -12.91 9.29 3.12
N ASN A 50 -11.87 9.82 3.77
CA ASN A 50 -11.61 11.24 3.91
C ASN A 50 -12.86 12.06 4.28
N GLY A 51 -13.80 11.41 4.99
CA GLY A 51 -15.00 12.10 5.46
C GLY A 51 -16.27 11.57 4.86
N GLN A 52 -16.14 10.88 3.74
CA GLN A 52 -17.30 10.32 3.07
C GLN A 52 -17.62 8.94 3.61
N LYS A 53 -18.90 8.73 3.91
CA LYS A 53 -19.36 7.46 4.41
C LYS A 53 -19.65 6.54 3.24
N ILE A 54 -18.94 5.43 3.15
CA ILE A 54 -19.15 4.51 2.05
C ILE A 54 -19.13 3.07 2.54
N ARG A 55 -20.25 2.38 2.33
CA ARG A 55 -20.38 0.99 2.75
C ARG A 55 -19.55 0.11 1.84
N VAL A 56 -19.10 -1.01 2.38
CA VAL A 56 -18.30 -1.94 1.60
C VAL A 56 -19.19 -2.70 0.62
N LYS A 57 -18.76 -2.79 -0.64
CA LYS A 57 -19.52 -3.52 -1.66
C LYS A 57 -18.90 -4.90 -1.81
N ASP A 58 -17.58 -4.93 -1.78
CA ASP A 58 -16.82 -6.17 -1.85
C ASP A 58 -15.45 -5.97 -1.20
N LYS A 59 -15.04 -6.91 -0.38
CA LYS A 59 -13.76 -6.82 0.32
C LYS A 59 -13.03 -8.16 0.28
N TYR A 60 -11.90 -8.18 -0.39
CA TYR A 60 -11.11 -9.40 -0.49
C TYR A 60 -9.70 -9.17 0.04
N LYS A 61 -9.31 -10.00 0.99
CA LYS A 61 -7.97 -9.90 1.54
C LYS A 61 -7.01 -10.64 0.65
N LEU A 62 -6.12 -9.91 0.01
CA LEU A 62 -5.19 -10.56 -0.88
C LEU A 62 -4.09 -11.28 -0.12
N VAL A 63 -4.18 -12.59 -0.16
CA VAL A 63 -3.12 -13.41 0.38
C VAL A 63 -2.35 -13.84 -0.84
N ASP A 64 -1.07 -14.05 -0.73
CA ASP A 64 -0.31 -14.45 -1.89
C ASP A 64 -0.70 -15.86 -2.36
N PRO A 65 -0.77 -16.08 -3.69
CA PRO A 65 -1.16 -17.36 -4.26
C PRO A 65 -0.46 -18.56 -3.60
N GLU A 66 0.71 -18.35 -3.01
CA GLU A 66 1.43 -19.45 -2.37
C GLU A 66 0.80 -19.75 -0.98
N ASN A 67 -0.35 -19.13 -0.72
CA ASN A 67 -1.13 -19.31 0.52
C ASN A 67 -0.51 -18.65 1.75
N ILE A 68 0.18 -17.54 1.53
CA ILE A 68 0.79 -16.79 2.62
C ILE A 68 0.20 -15.38 2.62
N ASN A 69 0.21 -14.70 3.76
CA ASN A 69 -0.37 -13.36 3.83
C ASN A 69 0.36 -12.33 2.97
N LEU A 70 -0.40 -11.61 2.15
CA LEU A 70 0.15 -10.56 1.31
C LEU A 70 -0.23 -9.22 1.97
N GLU A 71 -1.30 -9.27 2.77
CA GLU A 71 -1.73 -8.12 3.57
C GLU A 71 -2.46 -7.04 2.76
N LEU A 72 -2.75 -7.31 1.48
CA LEU A 72 -3.45 -6.32 0.65
C LEU A 72 -4.95 -6.52 0.69
N THR A 73 -5.66 -5.63 1.36
CA THR A 73 -7.11 -5.72 1.43
C THR A 73 -7.72 -4.94 0.27
N VAL A 74 -8.35 -5.68 -0.63
CA VAL A 74 -8.99 -5.06 -1.78
C VAL A 74 -10.36 -4.58 -1.35
N LEU A 75 -10.48 -3.28 -1.21
CA LEU A 75 -11.72 -2.68 -0.79
C LEU A 75 -12.45 -2.10 -1.98
N THR A 76 -13.43 -2.85 -2.44
CA THR A 76 -14.23 -2.45 -3.56
C THR A 76 -15.44 -1.67 -3.10
N LEU A 77 -15.39 -0.39 -3.40
CA LEU A 77 -16.45 0.54 -3.05
C LEU A 77 -17.04 1.10 -4.33
N ASP A 78 -18.33 0.91 -4.56
CA ASP A 78 -18.87 1.41 -5.79
C ASP A 78 -18.83 2.92 -5.77
N ARG A 79 -17.83 3.42 -6.48
CA ARG A 79 -17.57 4.84 -6.61
C ARG A 79 -18.06 5.33 -7.98
N ASN A 80 -18.83 6.41 -7.98
CA ASN A 80 -19.35 6.92 -9.23
C ASN A 80 -18.27 7.67 -9.97
N GLU A 81 -17.28 8.17 -9.24
CA GLU A 81 -16.14 8.85 -9.85
C GLU A 81 -15.02 7.83 -9.95
N LYS A 82 -14.56 7.57 -11.17
CA LYS A 82 -13.51 6.57 -11.37
C LYS A 82 -12.14 7.07 -10.91
N PHE A 83 -11.47 6.25 -10.11
CA PHE A 83 -10.13 6.59 -9.66
C PHE A 83 -9.14 6.32 -10.81
N ARG A 84 -8.19 7.22 -11.02
CA ARG A 84 -7.22 7.06 -12.10
C ARG A 84 -6.68 5.63 -12.13
N ASP A 85 -6.66 5.01 -13.32
CA ASP A 85 -6.19 3.62 -13.43
C ASP A 85 -4.66 3.53 -13.39
N ILE A 86 -4.14 3.33 -12.19
CA ILE A 86 -2.70 3.19 -11.98
C ILE A 86 -2.33 1.71 -12.02
N ARG A 87 -3.22 0.93 -12.63
CA ARG A 87 -3.02 -0.53 -12.75
C ARG A 87 -1.75 -0.84 -13.55
N GLY A 88 -1.52 -0.06 -14.60
CA GLY A 88 -0.37 -0.28 -15.45
C GLY A 88 0.95 0.20 -14.85
N PHE A 89 0.89 0.95 -13.75
CA PHE A 89 2.11 1.43 -13.12
C PHE A 89 2.61 0.41 -12.13
N ILE A 90 1.70 -0.46 -11.71
CA ILE A 90 2.05 -1.53 -10.77
C ILE A 90 2.84 -2.58 -11.52
N SER A 91 3.78 -3.20 -10.85
CA SER A 91 4.62 -4.20 -11.51
C SER A 91 4.49 -5.57 -10.83
N GLU A 92 4.44 -6.64 -11.61
CA GLU A 92 4.36 -7.98 -11.03
C GLU A 92 5.75 -8.32 -10.54
N ASP A 93 6.72 -8.00 -11.39
CA ASP A 93 8.11 -8.12 -11.03
C ASP A 93 8.60 -6.67 -10.98
N LEU A 94 9.09 -6.26 -9.83
CA LEU A 94 9.47 -4.89 -9.61
C LEU A 94 10.54 -4.33 -10.57
N GLU A 95 11.75 -4.82 -10.45
CA GLU A 95 12.85 -4.27 -11.25
C GLU A 95 12.91 -2.78 -10.97
N GLY A 96 13.37 -2.51 -9.76
CA GLY A 96 13.51 -1.18 -9.21
C GLY A 96 14.09 -1.30 -7.83
N VAL A 97 15.40 -1.20 -7.76
CA VAL A 97 16.10 -1.35 -6.50
C VAL A 97 16.21 -0.03 -5.76
N ASP A 98 15.60 1.00 -6.34
CA ASP A 98 15.55 2.33 -5.75
C ASP A 98 14.11 2.82 -5.78
N ALA A 99 13.58 3.19 -4.63
CA ALA A 99 12.19 3.62 -4.58
C ALA A 99 11.96 4.77 -3.63
N THR A 100 10.82 5.39 -3.81
CA THR A 100 10.38 6.50 -3.01
C THR A 100 9.12 6.09 -2.25
N LEU A 101 9.00 6.55 -1.01
CA LEU A 101 7.86 6.19 -0.16
C LEU A 101 7.03 7.43 0.17
N VAL A 102 5.74 7.41 -0.17
CA VAL A 102 4.88 8.55 0.12
C VAL A 102 3.74 8.15 1.03
N VAL A 103 3.78 8.68 2.26
CA VAL A 103 2.77 8.37 3.28
C VAL A 103 1.71 9.48 3.36
N HIS A 104 0.48 9.05 3.52
CA HIS A 104 -0.64 9.97 3.67
C HIS A 104 -1.67 9.35 4.62
N SER A 105 -1.18 9.08 5.83
CA SER A 105 -2.00 8.50 6.90
C SER A 105 -2.27 9.56 7.98
N ASN A 106 -2.99 9.23 9.06
CA ASN A 106 -3.27 10.26 10.06
C ASN A 106 -2.00 10.69 10.81
N ASN A 107 -1.12 9.74 11.11
CA ASN A 107 0.10 10.07 11.82
C ASN A 107 1.02 10.86 10.90
N PHE A 108 1.42 10.27 9.78
CA PHE A 108 2.27 10.97 8.82
C PHE A 108 1.44 11.30 7.59
N THR A 109 0.88 12.50 7.62
CA THR A 109 0.03 13.01 6.55
C THR A 109 0.85 13.78 5.51
N ASN A 110 0.97 13.20 4.32
CA ASN A 110 1.73 13.82 3.25
C ASN A 110 3.19 13.91 3.62
N THR A 111 3.82 12.77 3.63
CA THR A 111 5.23 12.65 3.95
C THR A 111 5.91 11.79 2.89
N ILE A 112 6.63 12.46 2.00
CA ILE A 112 7.31 11.77 0.92
C ILE A 112 8.79 11.70 1.19
N LEU A 113 9.25 10.48 1.40
CA LEU A 113 10.64 10.21 1.69
C LEU A 113 11.24 9.24 0.67
N GLU A 114 12.42 9.57 0.18
CA GLU A 114 13.10 8.71 -0.77
C GLU A 114 13.90 7.68 0.01
N VAL A 115 13.40 6.44 0.05
CA VAL A 115 14.05 5.39 0.82
C VAL A 115 15.28 4.83 0.14
N GLY A 116 15.21 4.63 -1.18
CA GLY A 116 16.36 4.11 -1.88
C GLY A 116 16.36 2.62 -2.11
N PRO A 117 17.36 1.91 -1.57
CA PRO A 117 17.53 0.47 -1.76
C PRO A 117 16.37 -0.41 -1.28
N VAL A 118 15.53 -0.82 -2.22
CA VAL A 118 14.43 -1.72 -1.94
C VAL A 118 14.77 -3.06 -2.54
N THR A 119 14.72 -4.09 -1.70
CA THR A 119 15.05 -5.45 -2.10
C THR A 119 14.09 -6.41 -1.39
N MET A 120 13.73 -7.51 -2.02
CA MET A 120 12.81 -8.43 -1.37
C MET A 120 13.52 -9.24 -0.32
N ALA A 121 12.90 -9.37 0.83
CA ALA A 121 13.47 -10.15 1.93
C ALA A 121 13.00 -11.58 1.81
N GLY A 122 11.78 -11.74 1.33
CA GLY A 122 11.21 -13.05 1.15
C GLY A 122 10.05 -13.33 2.07
N LEU A 123 10.23 -14.30 2.94
CA LEU A 123 9.21 -14.71 3.88
C LEU A 123 9.65 -14.43 5.31
N ILE A 124 9.05 -13.40 5.92
CA ILE A 124 9.36 -13.06 7.29
C ILE A 124 8.10 -13.04 8.13
N ASN A 125 8.23 -12.61 9.37
CA ASN A 125 7.09 -12.55 10.26
C ASN A 125 6.73 -11.12 10.59
N LEU A 126 5.78 -10.60 9.84
CA LEU A 126 5.31 -9.23 10.02
C LEU A 126 4.30 -9.19 11.17
N SER A 127 4.72 -8.63 12.30
CA SER A 127 3.85 -8.59 13.46
C SER A 127 3.59 -10.04 13.93
N SER A 128 4.55 -10.91 13.58
CA SER A 128 4.51 -12.34 13.89
C SER A 128 3.75 -13.11 12.82
N THR A 129 3.07 -12.37 11.95
CA THR A 129 2.30 -12.96 10.85
C THR A 129 3.17 -13.19 9.62
N PRO A 130 3.30 -14.46 9.18
CA PRO A 130 4.11 -14.80 8.00
C PRO A 130 3.64 -14.10 6.75
N THR A 131 4.50 -13.26 6.21
CA THR A 131 4.17 -12.52 5.00
C THR A 131 5.12 -12.91 3.87
N ASN A 132 4.55 -13.18 2.70
CA ASN A 132 5.37 -13.58 1.55
C ASN A 132 5.65 -12.41 0.60
N ARG A 133 6.87 -12.39 0.09
CA ARG A 133 7.29 -11.36 -0.84
C ARG A 133 7.30 -9.99 -0.19
N MET A 134 7.89 -9.95 1.00
CA MET A 134 8.02 -8.72 1.78
C MET A 134 9.23 -7.93 1.27
N ILE A 135 9.02 -6.65 1.01
CA ILE A 135 10.08 -5.79 0.51
C ILE A 135 10.85 -5.15 1.65
N ARG A 136 12.16 -5.18 1.53
CA ARG A 136 13.04 -4.61 2.54
C ARG A 136 13.72 -3.34 2.04
N TYR A 137 13.68 -2.28 2.83
CA TYR A 137 14.35 -1.05 2.46
C TYR A 137 15.02 -0.44 3.67
N ASP A 138 16.30 -0.16 3.54
CA ASP A 138 17.07 0.40 4.64
C ASP A 138 16.65 1.83 4.91
N TYR A 139 16.00 2.00 6.04
CA TYR A 139 15.54 3.32 6.47
C TYR A 139 14.84 3.20 7.81
N ALA A 140 15.20 4.06 8.74
CA ALA A 140 14.58 4.02 10.04
C ALA A 140 13.09 4.27 9.88
N THR A 141 12.32 3.21 10.05
CA THR A 141 10.89 3.30 9.89
C THR A 141 10.17 3.09 11.22
N LYS A 142 9.13 3.88 11.41
CA LYS A 142 8.34 3.82 12.63
C LYS A 142 6.85 3.73 12.35
N THR A 143 6.18 3.13 13.29
CA THR A 143 4.73 3.02 13.28
C THR A 143 4.15 4.39 12.84
N GLY A 144 2.95 4.40 12.25
CA GLY A 144 2.36 5.66 11.80
C GLY A 144 2.69 5.96 10.37
N GLN A 145 3.73 5.27 9.89
CA GLN A 145 4.19 5.42 8.51
C GLN A 145 3.57 4.38 7.58
N CYS A 146 2.81 3.45 8.11
CA CYS A 146 2.34 2.42 7.21
C CYS A 146 1.07 2.78 6.45
N GLY A 147 0.99 2.18 5.28
CA GLY A 147 -0.06 2.46 4.32
C GLY A 147 0.56 3.26 3.19
N GLY A 148 1.72 3.88 3.52
CA GLY A 148 2.44 4.67 2.54
C GLY A 148 2.71 3.89 1.27
N VAL A 149 2.72 4.58 0.15
CA VAL A 149 2.94 3.94 -1.14
C VAL A 149 4.40 3.96 -1.60
N LEU A 150 4.90 2.77 -1.89
CA LEU A 150 6.27 2.59 -2.38
C LEU A 150 6.22 2.67 -3.89
N CYS A 151 6.75 3.74 -4.45
CA CYS A 151 6.69 3.93 -5.88
C CYS A 151 7.91 4.62 -6.45
N ALA A 152 7.86 4.80 -7.75
CA ALA A 152 8.91 5.47 -8.50
C ALA A 152 8.29 6.08 -9.74
N THR A 153 9.12 6.60 -10.63
CA THR A 153 8.58 7.22 -11.83
C THR A 153 7.93 6.19 -12.76
N GLY A 154 6.59 6.16 -12.72
CA GLY A 154 5.81 5.25 -13.56
C GLY A 154 5.74 3.82 -13.04
N LYS A 155 6.15 3.61 -11.80
CA LYS A 155 6.10 2.28 -11.23
C LYS A 155 5.66 2.30 -9.78
N ILE A 156 4.83 1.34 -9.43
CA ILE A 156 4.38 1.16 -8.07
C ILE A 156 4.89 -0.21 -7.64
N PHE A 157 5.65 -0.27 -6.55
CA PHE A 157 6.23 -1.52 -6.14
C PHE A 157 5.41 -2.18 -5.05
N GLY A 158 4.78 -1.37 -4.22
CA GLY A 158 3.97 -1.89 -3.15
C GLY A 158 3.59 -0.82 -2.16
N ILE A 159 3.15 -1.25 -0.99
CA ILE A 159 2.77 -0.32 0.04
C ILE A 159 3.47 -0.60 1.34
N HIS A 160 3.80 0.45 2.04
CA HIS A 160 4.45 0.35 3.32
C HIS A 160 3.51 -0.36 4.27
N VAL A 161 3.88 -1.55 4.72
CA VAL A 161 3.02 -2.29 5.62
C VAL A 161 3.53 -2.22 7.03
N GLY A 162 4.84 -2.16 7.15
CA GLY A 162 5.47 -2.06 8.43
C GLY A 162 6.93 -1.80 8.31
N GLY A 163 7.66 -2.33 9.25
CA GLY A 163 9.08 -2.15 9.25
C GLY A 163 9.70 -2.72 10.49
N ASN A 164 11.00 -2.86 10.44
CA ASN A 164 11.71 -3.39 11.56
C ASN A 164 12.91 -2.52 11.87
N GLY A 165 12.69 -1.53 12.72
CA GLY A 165 13.76 -0.62 13.11
C GLY A 165 14.35 0.17 11.96
N ARG A 166 15.52 -0.25 11.50
CA ARG A 166 16.23 0.47 10.43
C ARG A 166 15.94 -0.09 9.04
N GLN A 167 15.05 -1.04 8.94
CA GLN A 167 14.67 -1.59 7.66
C GLN A 167 13.16 -1.64 7.56
N GLY A 168 12.61 -0.86 6.65
CA GLY A 168 11.18 -0.83 6.47
C GLY A 168 10.70 -2.03 5.70
N PHE A 169 9.47 -2.44 5.92
CA PHE A 169 8.98 -3.60 5.21
C PHE A 169 7.67 -3.33 4.52
N SER A 170 7.71 -3.46 3.20
CA SER A 170 6.56 -3.24 2.34
C SER A 170 6.11 -4.55 1.73
N ALA A 171 4.86 -4.59 1.26
CA ALA A 171 4.35 -5.78 0.60
C ALA A 171 4.46 -5.60 -0.90
N GLN A 172 4.99 -6.59 -1.58
CA GLN A 172 5.15 -6.48 -3.02
C GLN A 172 3.79 -6.50 -3.72
N LEU A 173 3.37 -5.33 -4.17
CA LEU A 173 2.11 -5.20 -4.88
C LEU A 173 2.33 -5.62 -6.32
N LYS A 174 2.09 -6.89 -6.59
CA LYS A 174 2.33 -7.46 -7.90
C LYS A 174 1.14 -7.31 -8.84
N LYS A 175 1.38 -6.62 -9.95
CA LYS A 175 0.37 -6.34 -10.95
C LYS A 175 -0.34 -7.59 -11.45
N GLN A 176 0.34 -8.74 -11.48
CA GLN A 176 -0.27 -9.96 -11.99
C GLN A 176 -1.51 -10.38 -11.21
N TYR A 177 -1.68 -9.85 -10.00
CA TYR A 177 -2.85 -10.18 -9.20
C TYR A 177 -4.00 -9.24 -9.55
N PHE A 178 -3.68 -8.14 -10.23
CA PHE A 178 -4.68 -7.14 -10.61
C PHE A 178 -5.05 -7.21 -12.10
N VAL A 179 -4.10 -7.61 -12.94
CA VAL A 179 -4.36 -7.71 -14.37
C VAL A 179 -5.02 -9.06 -14.66
N GLU A 180 -5.15 -9.85 -13.59
CA GLU A 180 -5.78 -11.16 -13.64
C GLU A 180 -7.29 -11.00 -13.72
N LYS A 181 -7.74 -9.86 -13.22
CA LYS A 181 -9.15 -9.49 -13.20
C LYS A 181 -9.36 -8.18 -13.93
N GLN A 182 -10.61 -7.84 -14.17
CA GLN A 182 -10.91 -6.57 -14.76
C GLN A 182 -11.35 -5.62 -13.65
C ACE B 1 14.18 -12.35 10.20
O ACE B 1 14.81 -12.14 11.23
CH3 ACE B 1 14.37 -13.64 9.44
H1 ACE B 1 13.54 -13.77 8.76
H2 ACE B 1 14.40 -14.45 10.14
H3 ACE B 1 15.29 -13.60 8.88
N LEU B 2 13.01 -11.76 9.98
CA LEU B 2 12.67 -10.50 10.63
C LEU B 2 11.26 -10.53 11.20
N GLU B 3 11.08 -9.98 12.38
CA GLU B 3 9.74 -9.83 12.85
C GLU B 3 9.46 -8.37 12.81
N ALA B 4 9.26 -7.87 11.59
CA ALA B 4 8.96 -6.48 11.40
C ALA B 4 7.53 -6.28 11.82
N LEU B 5 7.18 -5.10 12.23
CA LEU B 5 5.84 -4.86 12.71
C LEU B 5 5.03 -3.93 11.83
N PHE B 6 3.72 -4.11 11.87
CA PHE B 6 2.86 -3.23 11.13
C PHE B 6 3.16 -1.83 11.62
N YTF B 7 3.05 -0.86 10.73
CA YTF B 7 3.29 0.50 11.12
CB YTF B 7 4.67 0.97 10.61
CG YTF B 7 5.84 0.23 11.26
CD YTF B 7 7.18 0.61 10.64
OE1 YTF B 7 7.23 1.14 9.54
NE2 YTF B 7 8.27 0.35 11.36
C YTF B 7 2.15 1.45 10.65
CX6 YTF B 7 1.17 1.70 11.77
CX7 YTF B 7 0.35 2.92 11.44
OX8 YTF B 7 0.56 3.51 10.37
OX9 YTF B 7 -0.54 3.28 12.22
CJ1 YTF B 7 -1.39 4.52 11.94
CJ2 YTF B 7 -2.47 4.92 12.90
H YTF B 7 2.82 -1.06 9.80
HA YTF B 7 3.30 0.50 12.21
HB2 YTF B 7 4.70 0.82 9.55
HB3 YTF B 7 4.78 2.03 10.83
HG2 YTF B 7 5.86 0.46 12.32
HG3 YTF B 7 5.70 -0.83 11.13
HE22 YTF B 7 9.14 0.59 10.97
HE21 YTF B 7 8.16 -0.06 12.24
H1 YTF B 7 2.61 2.39 10.35
H31 YTF B 7 1.69 1.89 12.69
H3 YTF B 7 0.52 0.85 11.87
H4 YTF B 7 -1.86 4.39 10.96
H5 YTF B 7 -0.72 5.35 11.87
H7 YTF B 7 -2.03 5.16 13.86
H8 YTF B 7 -3.18 4.11 13.03
H6 YTF B 7 -2.99 5.78 12.51
N GLY A 1 10.16 18.12 -9.42
CA GLY A 1 11.13 16.98 -9.34
C GLY A 1 10.57 15.70 -9.95
N PRO A 2 11.41 14.70 -10.22
CA PRO A 2 10.95 13.45 -10.82
C PRO A 2 9.93 12.71 -9.97
N ASN A 3 10.32 12.33 -8.75
CA ASN A 3 9.43 11.58 -7.87
C ASN A 3 8.23 12.41 -7.43
N THR A 4 8.48 13.66 -7.06
CA THR A 4 7.42 14.54 -6.58
C THR A 4 6.28 14.69 -7.60
N GLU A 5 6.67 14.93 -8.84
CA GLU A 5 5.71 15.10 -9.94
C GLU A 5 4.75 13.91 -10.04
N PHE A 6 5.32 12.71 -10.16
CA PHE A 6 4.55 11.48 -10.30
C PHE A 6 3.70 11.18 -9.07
N ALA A 7 4.30 11.28 -7.89
CA ALA A 7 3.60 10.99 -6.65
C ALA A 7 2.47 11.98 -6.36
N LEU A 8 2.74 13.26 -6.60
CA LEU A 8 1.77 14.33 -6.33
C LEU A 8 0.55 14.25 -7.27
N SER A 9 0.78 13.92 -8.54
CA SER A 9 -0.34 13.81 -9.51
C SER A 9 -1.22 12.59 -9.20
N LEU A 10 -0.57 11.47 -8.86
CA LEU A 10 -1.28 10.23 -8.52
C LEU A 10 -2.02 10.36 -7.17
N LEU A 11 -1.36 11.02 -6.21
CA LEU A 11 -1.91 11.23 -4.86
C LEU A 11 -3.29 11.89 -4.86
N ARG A 12 -3.40 13.06 -5.48
CA ARG A 12 -4.65 13.79 -5.50
C ARG A 12 -5.79 13.02 -6.17
N LYS A 13 -5.48 12.12 -7.11
CA LYS A 13 -6.54 11.37 -7.80
C LYS A 13 -6.90 10.04 -7.12
N ASN A 14 -5.90 9.18 -6.87
CA ASN A 14 -6.18 7.84 -6.32
C ASN A 14 -5.81 7.66 -4.86
N ILE A 15 -5.13 8.62 -4.27
CA ILE A 15 -4.76 8.47 -2.87
C ILE A 15 -5.69 9.27 -1.99
N MET A 16 -6.52 8.56 -1.25
CA MET A 16 -7.47 9.19 -0.36
C MET A 16 -7.27 8.72 1.05
N THR A 17 -7.69 9.56 1.95
CA THR A 17 -7.59 9.28 3.37
C THR A 17 -8.65 8.28 3.78
N ILE A 18 -8.25 7.02 3.91
CA ILE A 18 -9.18 5.99 4.30
C ILE A 18 -9.18 5.80 5.80
N THR A 19 -10.24 6.25 6.43
CA THR A 19 -10.39 6.13 7.87
C THR A 19 -10.77 4.72 8.24
N THR A 20 -9.79 3.95 8.67
CA THR A 20 -10.04 2.58 9.07
C THR A 20 -10.24 2.52 10.57
N SER A 21 -10.43 1.32 11.08
CA SER A 21 -10.64 1.14 12.49
C SER A 21 -9.33 1.29 13.27
N LYS A 22 -8.21 1.25 12.55
CA LYS A 22 -6.91 1.38 13.17
C LYS A 22 -6.29 2.76 12.90
N GLY A 23 -6.93 3.56 12.03
CA GLY A 23 -6.43 4.92 11.75
C GLY A 23 -6.62 5.40 10.32
N GLU A 24 -6.16 6.63 10.05
CA GLU A 24 -6.24 7.20 8.70
C GLU A 24 -5.10 6.61 7.88
N PHE A 25 -5.40 5.95 6.78
CA PHE A 25 -4.33 5.40 5.98
C PHE A 25 -4.39 5.81 4.55
N THR A 26 -3.28 5.59 3.89
CA THR A 26 -3.13 5.92 2.51
C THR A 26 -3.85 4.92 1.62
N GLY A 27 -5.07 5.28 1.25
CA GLY A 27 -5.87 4.41 0.41
C GLY A 27 -5.46 4.58 -1.04
N LEU A 28 -4.72 3.62 -1.55
CA LEU A 28 -4.23 3.70 -2.91
C LEU A 28 -5.22 3.12 -3.91
N GLY A 29 -5.89 4.01 -4.62
CA GLY A 29 -6.81 3.56 -5.62
C GLY A 29 -6.02 2.99 -6.79
N ILE A 30 -6.32 1.78 -7.19
CA ILE A 30 -5.59 1.15 -8.28
C ILE A 30 -6.25 1.46 -9.61
N HIS A 31 -7.56 1.21 -9.66
CA HIS A 31 -8.34 1.45 -10.86
C HIS A 31 -9.84 1.28 -10.63
N ASP A 32 -10.61 2.04 -11.39
CA ASP A 32 -12.07 1.95 -11.35
C ASP A 32 -12.67 2.10 -9.94
N ARG A 33 -12.78 0.99 -9.21
CA ARG A 33 -13.37 1.03 -7.87
C ARG A 33 -12.53 0.21 -6.89
N VAL A 34 -11.31 -0.09 -7.32
CA VAL A 34 -10.39 -0.88 -6.51
C VAL A 34 -9.37 -0.03 -5.79
N CYS A 35 -9.40 -0.13 -4.48
CA CYS A 35 -8.47 0.58 -3.61
C CYS A 35 -7.79 -0.43 -2.71
N VAL A 36 -6.53 -0.19 -2.34
CA VAL A 36 -5.84 -1.15 -1.48
C VAL A 36 -5.54 -0.56 -0.11
N ILE A 37 -5.77 -1.37 0.92
CA ILE A 37 -5.58 -1.00 2.32
C ILE A 37 -5.01 -2.19 3.08
N PRO A 38 -4.08 -1.98 4.05
CA PRO A 38 -3.52 -3.09 4.82
C PRO A 38 -4.60 -3.84 5.59
N THR A 39 -4.39 -5.13 5.76
CA THR A 39 -5.34 -5.98 6.48
C THR A 39 -5.39 -5.63 7.96
N HIS A 40 -4.24 -5.27 8.55
CA HIS A 40 -4.19 -4.92 9.97
C HIS A 40 -4.82 -3.54 10.23
N ALA A 41 -5.23 -2.85 9.17
CA ALA A 41 -5.87 -1.54 9.32
C ALA A 41 -7.34 -1.73 9.67
N GLN A 42 -7.85 -2.92 9.34
CA GLN A 42 -9.23 -3.31 9.59
C GLN A 42 -10.24 -2.41 8.91
N PRO A 43 -10.35 -2.49 7.57
CA PRO A 43 -11.34 -1.72 6.85
C PRO A 43 -12.72 -2.30 7.10
N GLY A 44 -13.65 -1.49 7.56
CA GLY A 44 -14.97 -1.99 7.86
C GLY A 44 -15.83 -2.21 6.63
N ASP A 45 -17.06 -2.70 6.83
CA ASP A 45 -17.96 -2.93 5.72
C ASP A 45 -18.39 -1.58 5.18
N ASP A 46 -18.45 -0.61 6.08
CA ASP A 46 -18.71 0.77 5.73
C ASP A 46 -17.50 1.54 6.20
N VAL A 47 -17.07 2.51 5.43
CA VAL A 47 -15.85 3.22 5.77
C VAL A 47 -15.93 4.68 5.39
N LEU A 48 -15.06 5.50 5.98
CA LEU A 48 -15.07 6.93 5.68
C LEU A 48 -13.99 7.25 4.66
N VAL A 49 -14.38 7.68 3.47
CA VAL A 49 -13.39 8.05 2.48
C VAL A 49 -13.11 9.55 2.60
N ASN A 50 -12.07 9.85 3.40
CA ASN A 50 -11.64 11.22 3.68
C ASN A 50 -12.69 11.98 4.48
N GLY A 51 -13.76 11.30 4.88
CA GLY A 51 -14.82 11.94 5.67
C GLY A 51 -16.22 11.51 5.25
N GLN A 52 -16.37 11.22 3.97
CA GLN A 52 -17.66 10.80 3.43
C GLN A 52 -17.87 9.32 3.67
N LYS A 53 -19.08 8.97 4.09
CA LYS A 53 -19.41 7.58 4.35
C LYS A 53 -19.67 6.83 3.04
N ILE A 54 -19.00 5.71 2.91
CA ILE A 54 -19.13 4.87 1.73
C ILE A 54 -19.01 3.42 2.15
N ARG A 55 -19.58 2.51 1.38
CA ARG A 55 -19.51 1.11 1.75
C ARG A 55 -18.54 0.38 0.83
N VAL A 56 -17.97 -0.70 1.36
CA VAL A 56 -17.11 -1.50 0.53
C VAL A 56 -17.97 -2.63 -0.03
N LYS A 57 -18.07 -2.67 -1.35
CA LYS A 57 -18.89 -3.66 -2.03
C LYS A 57 -18.25 -5.03 -1.95
N ASP A 58 -16.92 -5.04 -1.94
CA ASP A 58 -16.18 -6.28 -1.84
C ASP A 58 -14.87 -6.06 -1.09
N LYS A 59 -14.81 -6.57 0.13
CA LYS A 59 -13.60 -6.46 0.92
C LYS A 59 -12.92 -7.82 0.91
N TYR A 60 -11.97 -7.94 -0.01
CA TYR A 60 -11.25 -9.18 -0.24
C TYR A 60 -9.80 -9.12 0.22
N LYS A 61 -9.44 -10.05 1.10
CA LYS A 61 -8.08 -10.12 1.58
C LYS A 61 -7.20 -10.74 0.51
N LEU A 62 -6.17 -10.03 0.12
CA LEU A 62 -5.25 -10.55 -0.86
C LEU A 62 -4.16 -11.32 -0.12
N VAL A 63 -4.27 -12.65 -0.18
CA VAL A 63 -3.31 -13.51 0.45
C VAL A 63 -2.51 -14.23 -0.62
N ASP A 64 -1.49 -14.95 -0.22
CA ASP A 64 -0.63 -15.65 -1.17
C ASP A 64 -1.28 -16.87 -1.83
N PRO A 65 -1.04 -17.07 -3.14
CA PRO A 65 -1.55 -18.23 -3.86
C PRO A 65 -1.15 -19.54 -3.15
N GLU A 66 -0.03 -19.50 -2.44
CA GLU A 66 0.46 -20.68 -1.72
C GLU A 66 -0.19 -20.74 -0.34
N ASN A 67 -1.18 -19.87 -0.13
CA ASN A 67 -1.91 -19.78 1.13
C ASN A 67 -0.99 -19.35 2.26
N ILE A 68 -0.59 -18.10 2.13
CA ILE A 68 0.25 -17.38 3.07
C ILE A 68 -0.31 -15.98 3.14
N ASN A 69 0.13 -15.15 4.05
CA ASN A 69 -0.43 -13.81 4.12
C ASN A 69 0.31 -12.83 3.20
N LEU A 70 -0.45 -12.01 2.47
CA LEU A 70 0.16 -10.99 1.64
C LEU A 70 -0.14 -9.67 2.33
N GLU A 71 -1.24 -9.68 3.09
CA GLU A 71 -1.61 -8.54 3.93
C GLU A 71 -2.26 -7.41 3.15
N LEU A 72 -2.48 -7.62 1.85
CA LEU A 72 -3.13 -6.60 1.03
C LEU A 72 -4.63 -6.79 1.04
N THR A 73 -5.36 -5.76 1.38
CA THR A 73 -6.81 -5.84 1.37
C THR A 73 -7.37 -5.13 0.17
N VAL A 74 -8.06 -5.87 -0.68
CA VAL A 74 -8.67 -5.29 -1.85
C VAL A 74 -9.97 -4.65 -1.44
N LEU A 75 -9.94 -3.33 -1.33
CA LEU A 75 -11.10 -2.57 -0.90
C LEU A 75 -11.87 -2.05 -2.09
N THR A 76 -12.88 -2.81 -2.48
CA THR A 76 -13.71 -2.45 -3.61
C THR A 76 -14.79 -1.49 -3.17
N LEU A 77 -14.50 -0.20 -3.34
CA LEU A 77 -15.43 0.85 -2.95
C LEU A 77 -16.21 1.37 -4.15
N ASP A 78 -17.53 1.31 -4.11
CA ASP A 78 -18.28 1.85 -5.22
C ASP A 78 -18.36 3.34 -5.07
N ARG A 79 -17.32 3.99 -5.55
CA ARG A 79 -17.18 5.44 -5.50
C ARG A 79 -17.67 6.05 -6.81
N ASN A 80 -18.49 7.09 -6.74
CA ASN A 80 -18.98 7.72 -7.95
C ASN A 80 -17.78 8.14 -8.77
N GLU A 81 -16.80 8.73 -8.08
CA GLU A 81 -15.56 9.12 -8.74
C GLU A 81 -14.75 7.86 -8.99
N LYS A 82 -14.49 7.57 -10.25
CA LYS A 82 -13.77 6.36 -10.60
C LYS A 82 -12.26 6.56 -10.57
N PHE A 83 -11.56 5.62 -9.95
CA PHE A 83 -10.11 5.69 -9.83
C PHE A 83 -9.43 5.52 -11.19
N ARG A 84 -8.42 6.34 -11.44
CA ARG A 84 -7.66 6.29 -12.69
C ARG A 84 -6.76 5.05 -12.69
N ASP A 85 -6.79 4.29 -13.78
CA ASP A 85 -6.02 3.05 -13.88
C ASP A 85 -4.51 3.23 -13.73
N ILE A 86 -3.98 3.24 -12.52
CA ILE A 86 -2.54 3.35 -12.34
C ILE A 86 -2.00 1.94 -12.18
N ARG A 87 -2.84 0.99 -12.60
CA ARG A 87 -2.54 -0.45 -12.50
C ARG A 87 -1.32 -0.86 -13.34
N GLY A 88 -1.06 -0.14 -14.43
CA GLY A 88 0.10 -0.47 -15.26
C GLY A 88 1.40 0.02 -14.68
N PHE A 89 1.32 0.98 -13.75
CA PHE A 89 2.52 1.50 -13.11
C PHE A 89 2.94 0.49 -12.07
N ILE A 90 1.97 -0.31 -11.66
CA ILE A 90 2.22 -1.40 -10.75
C ILE A 90 2.94 -2.41 -11.61
N SER A 91 4.13 -2.81 -11.21
CA SER A 91 4.92 -3.65 -12.08
C SER A 91 5.36 -5.00 -11.51
N GLU A 92 5.23 -6.03 -12.35
CA GLU A 92 5.68 -7.37 -12.00
C GLU A 92 7.18 -7.31 -11.87
N ASP A 93 7.78 -6.60 -12.82
CA ASP A 93 9.20 -6.40 -12.81
C ASP A 93 9.48 -5.17 -11.96
N LEU A 94 10.03 -5.40 -10.77
CA LEU A 94 10.30 -4.30 -9.85
C LEU A 94 11.36 -3.41 -10.47
N GLU A 95 12.61 -3.85 -10.43
CA GLU A 95 13.66 -3.08 -11.10
C GLU A 95 13.62 -1.62 -10.65
N GLY A 96 14.02 -1.43 -9.39
CA GLY A 96 14.04 -0.12 -8.76
C GLY A 96 14.74 -0.20 -7.42
N VAL A 97 16.05 -0.04 -7.45
CA VAL A 97 16.87 -0.11 -6.26
C VAL A 97 16.75 1.17 -5.44
N ASP A 98 15.93 2.08 -5.92
CA ASP A 98 15.69 3.36 -5.25
C ASP A 98 14.21 3.71 -5.33
N ALA A 99 13.57 3.94 -4.19
CA ALA A 99 12.15 4.24 -4.18
C ALA A 99 11.79 5.29 -3.15
N THR A 100 10.55 5.77 -3.26
CA THR A 100 10.02 6.77 -2.36
C THR A 100 8.79 6.23 -1.63
N LEU A 101 8.71 6.48 -0.34
CA LEU A 101 7.60 6.04 0.47
C LEU A 101 6.64 7.22 0.66
N VAL A 102 5.45 7.11 0.10
CA VAL A 102 4.47 8.19 0.17
C VAL A 102 3.54 8.00 1.36
N VAL A 103 3.53 8.97 2.27
CA VAL A 103 2.66 8.86 3.42
C VAL A 103 1.57 9.93 3.42
N HIS A 104 0.35 9.41 3.40
CA HIS A 104 -0.89 10.18 3.47
C HIS A 104 -1.67 9.52 4.57
N SER A 105 -1.19 9.77 5.78
CA SER A 105 -1.71 9.12 6.98
C SER A 105 -2.22 10.12 8.02
N ASN A 106 -2.54 9.58 9.20
CA ASN A 106 -3.01 10.40 10.30
C ASN A 106 -1.86 11.22 10.84
N ASN A 107 -0.67 10.61 10.83
CA ASN A 107 0.53 11.26 11.34
C ASN A 107 0.83 12.54 10.58
N PHE A 108 0.94 12.40 9.26
CA PHE A 108 1.20 13.55 8.40
C PHE A 108 0.53 13.36 7.07
N THR A 109 -0.25 14.36 6.72
CA THR A 109 -0.99 14.34 5.47
C THR A 109 -0.16 14.93 4.32
N ASN A 110 0.21 14.07 3.37
CA ASN A 110 0.98 14.48 2.20
C ASN A 110 2.45 14.71 2.48
N THR A 111 3.15 13.61 2.66
CA THR A 111 4.58 13.62 2.92
C THR A 111 5.23 12.46 2.20
N ILE A 112 6.36 12.71 1.57
CA ILE A 112 7.07 11.66 0.86
C ILE A 112 8.45 11.50 1.44
N LEU A 113 8.86 10.26 1.62
CA LEU A 113 10.16 9.98 2.16
C LEU A 113 10.94 9.11 1.19
N GLU A 114 11.96 9.67 0.54
CA GLU A 114 12.74 8.86 -0.37
C GLU A 114 13.62 7.97 0.48
N VAL A 115 13.29 6.68 0.51
CA VAL A 115 13.99 5.71 1.33
C VAL A 115 15.30 5.24 0.70
N GLY A 116 15.36 5.24 -0.62
CA GLY A 116 16.57 4.85 -1.30
C GLY A 116 16.71 3.36 -1.61
N PRO A 117 17.70 2.70 -1.00
CA PRO A 117 18.02 1.29 -1.27
C PRO A 117 16.89 0.30 -1.00
N VAL A 118 16.33 -0.24 -2.07
CA VAL A 118 15.27 -1.24 -1.97
C VAL A 118 15.84 -2.64 -2.15
N THR A 119 15.41 -3.54 -1.29
CA THR A 119 15.84 -4.94 -1.32
C THR A 119 14.60 -5.82 -1.16
N MET A 120 14.79 -7.12 -1.01
CA MET A 120 13.67 -8.04 -0.83
C MET A 120 13.98 -9.02 0.29
N ALA A 121 12.96 -9.45 1.02
CA ALA A 121 13.17 -10.37 2.13
C ALA A 121 12.50 -11.71 1.88
N GLY A 122 11.62 -11.78 0.89
CA GLY A 122 10.94 -13.01 0.61
C GLY A 122 9.78 -13.25 1.56
N LEU A 123 9.93 -14.27 2.40
CA LEU A 123 8.92 -14.60 3.38
C LEU A 123 9.50 -14.46 4.79
N ILE A 124 8.90 -13.57 5.56
CA ILE A 124 9.32 -13.35 6.94
C ILE A 124 8.07 -13.26 7.80
N ASN A 125 8.26 -13.07 9.08
CA ASN A 125 7.13 -12.95 9.96
C ASN A 125 6.78 -11.49 10.18
N LEU A 126 5.55 -11.14 9.88
CA LEU A 126 5.07 -9.79 10.04
C LEU A 126 4.14 -9.75 11.26
N SER A 127 4.64 -9.21 12.37
CA SER A 127 3.86 -9.19 13.60
C SER A 127 3.63 -10.64 14.04
N SER A 128 4.59 -11.49 13.65
CA SER A 128 4.62 -12.95 13.91
C SER A 128 3.73 -13.72 12.93
N THR A 129 3.10 -13.00 12.01
CA THR A 129 2.26 -13.61 10.97
C THR A 129 3.08 -13.81 9.69
N PRO A 130 3.31 -15.07 9.28
CA PRO A 130 4.07 -15.37 8.06
C PRO A 130 3.54 -14.63 6.85
N THR A 131 4.35 -13.73 6.33
CA THR A 131 4.00 -12.96 5.16
C THR A 131 5.02 -13.19 4.05
N ASN A 132 4.53 -13.50 2.86
CA ASN A 132 5.41 -13.80 1.73
C ASN A 132 5.47 -12.67 0.69
N ARG A 133 6.48 -12.75 -0.16
CA ARG A 133 6.67 -11.76 -1.21
C ARG A 133 6.75 -10.38 -0.60
N MET A 134 7.60 -10.24 0.41
CA MET A 134 7.77 -8.98 1.13
C MET A 134 9.03 -8.25 0.69
N ILE A 135 8.86 -6.95 0.47
CA ILE A 135 9.95 -6.07 0.07
C ILE A 135 10.68 -5.54 1.30
N ARG A 136 11.94 -5.22 1.11
CA ARG A 136 12.78 -4.72 2.19
C ARG A 136 13.50 -3.45 1.74
N TYR A 137 13.80 -2.57 2.67
CA TYR A 137 14.55 -1.40 2.32
C TYR A 137 15.28 -0.83 3.53
N ASP A 138 16.49 -0.33 3.28
CA ASP A 138 17.30 0.22 4.32
C ASP A 138 16.84 1.62 4.68
N TYR A 139 16.09 1.68 5.76
CA TYR A 139 15.54 2.92 6.24
C TYR A 139 14.91 2.67 7.60
N ALA A 140 15.29 3.49 8.58
CA ALA A 140 14.74 3.31 9.90
C ALA A 140 13.27 3.63 9.88
N THR A 141 12.47 2.61 10.07
CA THR A 141 11.03 2.75 10.04
C THR A 141 10.43 2.58 11.41
N LYS A 142 9.24 3.15 11.58
CA LYS A 142 8.53 3.12 12.85
C LYS A 142 7.02 3.00 12.64
N THR A 143 6.38 2.40 13.63
CA THR A 143 4.94 2.27 13.60
C THR A 143 4.34 3.59 13.06
N GLY A 144 3.09 3.55 12.63
CA GLY A 144 2.45 4.76 12.08
C GLY A 144 2.65 4.90 10.58
N GLN A 145 3.76 4.35 10.07
CA GLN A 145 4.08 4.41 8.64
C GLN A 145 3.38 3.32 7.84
N CYS A 146 2.80 2.34 8.52
CA CYS A 146 2.18 1.24 7.80
C CYS A 146 0.88 1.67 7.11
N GLY A 147 0.97 1.69 5.77
CA GLY A 147 -0.13 2.10 4.92
C GLY A 147 0.41 2.98 3.80
N GLY A 148 1.66 3.43 3.98
CA GLY A 148 2.31 4.25 2.99
C GLY A 148 2.60 3.49 1.73
N VAL A 149 2.65 4.19 0.61
CA VAL A 149 2.90 3.55 -0.68
C VAL A 149 4.36 3.65 -1.09
N LEU A 150 4.96 2.50 -1.35
CA LEU A 150 6.34 2.45 -1.80
C LEU A 150 6.33 2.45 -3.31
N CYS A 151 6.77 3.56 -3.87
CA CYS A 151 6.75 3.70 -5.31
C CYS A 151 7.93 4.48 -5.81
N ALA A 152 7.97 4.61 -7.11
CA ALA A 152 8.99 5.35 -7.80
C ALA A 152 8.37 6.08 -8.97
N THR A 153 9.15 6.88 -9.63
CA THR A 153 8.65 7.61 -10.76
C THR A 153 8.44 6.67 -11.95
N GLY A 154 7.20 6.18 -12.09
CA GLY A 154 6.88 5.28 -13.19
C GLY A 154 6.47 3.90 -12.75
N LYS A 155 6.89 3.49 -11.55
CA LYS A 155 6.55 2.17 -11.05
C LYS A 155 6.10 2.19 -9.61
N ILE A 156 5.17 1.30 -9.31
CA ILE A 156 4.66 1.10 -7.96
C ILE A 156 5.19 -0.26 -7.50
N PHE A 157 5.78 -0.33 -6.31
CA PHE A 157 6.33 -1.59 -5.84
C PHE A 157 5.43 -2.29 -4.84
N GLY A 158 4.92 -1.54 -3.88
CA GLY A 158 4.06 -2.10 -2.88
C GLY A 158 3.66 -1.11 -1.82
N ILE A 159 3.04 -1.61 -0.77
CA ILE A 159 2.65 -0.74 0.32
C ILE A 159 3.40 -1.14 1.58
N HIS A 160 3.75 -0.15 2.35
CA HIS A 160 4.48 -0.38 3.57
C HIS A 160 3.53 -0.97 4.62
N VAL A 161 3.79 -2.20 5.03
CA VAL A 161 2.92 -2.87 5.98
C VAL A 161 3.52 -2.91 7.38
N GLY A 162 4.83 -2.77 7.44
CA GLY A 162 5.51 -2.77 8.70
C GLY A 162 6.98 -2.52 8.55
N GLY A 163 7.73 -2.95 9.53
CA GLY A 163 9.15 -2.78 9.48
C GLY A 163 9.82 -3.38 10.67
N ASN A 164 11.12 -3.52 10.57
CA ASN A 164 11.86 -4.07 11.67
C ASN A 164 13.13 -3.26 11.88
N GLY A 165 12.99 -2.19 12.66
CA GLY A 165 14.11 -1.32 12.98
C GLY A 165 14.71 -0.59 11.79
N ARG A 166 15.89 -1.03 11.39
CA ARG A 166 16.65 -0.40 10.31
C ARG A 166 16.12 -0.79 8.94
N GLN A 167 15.33 -1.85 8.85
CA GLN A 167 14.76 -2.27 7.58
C GLN A 167 13.26 -2.07 7.57
N GLY A 168 12.77 -1.39 6.54
CA GLY A 168 11.34 -1.20 6.42
C GLY A 168 10.78 -2.37 5.64
N PHE A 169 9.60 -2.83 5.99
CA PHE A 169 9.07 -3.98 5.29
C PHE A 169 7.76 -3.67 4.61
N SER A 170 7.76 -3.88 3.30
CA SER A 170 6.62 -3.60 2.45
C SER A 170 6.15 -4.86 1.74
N ALA A 171 4.85 -4.92 1.46
CA ALA A 171 4.28 -6.06 0.76
C ALA A 171 4.20 -5.73 -0.73
N GLN A 172 4.58 -6.67 -1.58
CA GLN A 172 4.59 -6.41 -3.00
C GLN A 172 3.22 -6.20 -3.61
N LEU A 173 3.04 -5.06 -4.26
CA LEU A 173 1.83 -4.83 -5.00
C LEU A 173 2.13 -5.33 -6.39
N LYS A 174 1.95 -6.63 -6.60
CA LYS A 174 2.24 -7.22 -7.90
C LYS A 174 1.11 -6.98 -8.86
N LYS A 175 1.45 -6.60 -10.08
CA LYS A 175 0.43 -6.34 -11.08
C LYS A 175 -0.41 -7.59 -11.34
N GLN A 176 0.22 -8.74 -11.16
CA GLN A 176 -0.42 -10.02 -11.36
C GLN A 176 -1.71 -10.17 -10.55
N TYR A 177 -1.76 -9.55 -9.37
CA TYR A 177 -2.93 -9.66 -8.50
C TYR A 177 -4.00 -8.63 -8.82
N PHE A 178 -3.68 -7.64 -9.65
CA PHE A 178 -4.65 -6.62 -10.01
C PHE A 178 -5.07 -6.74 -11.46
N VAL A 179 -4.26 -7.43 -12.26
CA VAL A 179 -4.58 -7.62 -13.67
C VAL A 179 -5.56 -8.79 -13.83
N GLU A 180 -5.82 -9.50 -12.72
CA GLU A 180 -6.75 -10.63 -12.73
C GLU A 180 -8.18 -10.13 -12.83
N LYS A 181 -8.36 -8.85 -12.52
CA LYS A 181 -9.68 -8.22 -12.57
C LYS A 181 -9.88 -7.53 -13.92
N GLN A 182 -10.41 -8.30 -14.87
CA GLN A 182 -10.70 -7.85 -16.23
C GLN A 182 -11.77 -8.77 -16.84
C ACE B 1 14.31 -12.96 9.77
O ACE B 1 15.04 -12.71 10.71
CH3 ACE B 1 14.50 -14.20 8.95
H1 ACE B 1 15.01 -13.96 8.02
H2 ACE B 1 13.55 -14.64 8.74
H3 ACE B 1 15.10 -14.90 9.52
N LEU B 2 13.10 -12.43 9.66
CA LEU B 2 12.74 -11.23 10.42
C LEU B 2 11.33 -11.35 10.95
N GLU B 3 11.09 -10.68 12.06
CA GLU B 3 9.76 -10.57 12.54
C GLU B 3 9.51 -9.11 12.63
N ALA B 4 9.20 -8.55 11.48
CA ALA B 4 8.93 -7.14 11.39
C ALA B 4 7.51 -6.94 11.82
N LEU B 5 7.24 -5.84 12.46
CA LEU B 5 5.91 -5.59 12.97
C LEU B 5 5.07 -4.69 12.11
N PHE B 6 3.75 -4.85 12.22
CA PHE B 6 2.86 -3.97 11.49
C PHE B 6 3.17 -2.57 11.97
N YTF B 7 3.15 -1.58 11.10
CA YTF B 7 3.44 -0.25 11.57
CB YTF B 7 4.73 0.28 10.92
CG YTF B 7 5.98 -0.42 11.49
CD YTF B 7 7.26 0.01 10.82
OE1 YTF B 7 7.27 0.49 9.71
NE2 YTF B 7 8.38 -0.19 11.51
C YTF B 7 2.22 0.71 11.49
CX6 YTF B 7 1.53 0.62 12.85
CX7 YTF B 7 0.52 1.70 13.13
OX8 YTF B 7 0.30 2.57 12.29
OX9 YTF B 7 -0.07 1.63 14.25
CJ1 YTF B 7 -1.12 2.64 14.75
CJ2 YTF B 7 -1.74 2.46 16.12
H YTF B 7 2.95 -1.73 10.15
HA YTF B 7 3.65 -0.37 12.63
HB2 YTF B 7 4.67 0.08 9.87
HB3 YTF B 7 4.82 1.34 11.09
HG2 YTF B 7 6.04 -0.18 12.55
HG3 YTF B 7 5.87 -1.48 11.40
HE22 YTF B 7 9.24 0.07 11.10
HE21 YTF B 7 8.32 -0.57 12.41
H1 YTF B 7 2.60 1.70 11.34
H31 YTF B 7 2.29 0.68 13.63
H3 YTF B 7 1.04 -0.34 12.92
H4 YTF B 7 -1.92 2.68 14.04
H5 YTF B 7 -0.67 3.62 14.76
H7 YTF B 7 -2.52 3.19 16.27
H8 YTF B 7 -0.99 2.58 16.88
H6 YTF B 7 -2.18 1.46 16.20
N GLY A 1 11.41 16.96 -9.28
CA GLY A 1 11.88 15.74 -10.01
C GLY A 1 10.74 14.80 -10.38
N PRO A 2 10.94 13.93 -11.37
CA PRO A 2 9.90 13.01 -11.84
C PRO A 2 9.10 12.31 -10.72
N ASN A 3 9.75 11.53 -9.88
CA ASN A 3 9.07 10.79 -8.81
C ASN A 3 8.26 11.71 -7.90
N THR A 4 8.92 12.75 -7.40
CA THR A 4 8.30 13.71 -6.49
C THR A 4 7.04 14.36 -7.08
N GLU A 5 7.12 14.76 -8.34
CA GLU A 5 6.00 15.41 -9.01
C GLU A 5 4.96 14.39 -9.46
N PHE A 6 5.40 13.17 -9.72
CA PHE A 6 4.48 12.10 -10.08
C PHE A 6 3.60 11.80 -8.86
N ALA A 7 4.26 11.72 -7.71
CA ALA A 7 3.59 11.45 -6.44
C ALA A 7 2.54 12.52 -6.12
N LEU A 8 2.91 13.79 -6.29
CA LEU A 8 2.02 14.93 -6.04
C LEU A 8 0.75 14.79 -6.88
N SER A 9 0.94 14.55 -8.17
CA SER A 9 -0.16 14.40 -9.11
C SER A 9 -0.95 13.11 -8.83
N LEU A 10 -0.22 12.04 -8.50
CA LEU A 10 -0.81 10.75 -8.20
C LEU A 10 -1.73 10.82 -6.97
N LEU A 11 -1.20 11.41 -5.90
CA LEU A 11 -1.91 11.56 -4.63
C LEU A 11 -3.26 12.26 -4.80
N ARG A 12 -3.29 13.33 -5.60
CA ARG A 12 -4.50 14.12 -5.81
C ARG A 12 -5.66 13.38 -6.52
N LYS A 13 -5.37 12.40 -7.38
CA LYS A 13 -6.43 11.68 -8.10
C LYS A 13 -6.49 10.20 -7.75
N ASN A 14 -5.70 9.74 -6.80
CA ASN A 14 -5.67 8.30 -6.52
C ASN A 14 -5.46 7.96 -5.05
N ILE A 15 -4.61 8.71 -4.38
CA ILE A 15 -4.34 8.44 -2.98
C ILE A 15 -5.36 9.13 -2.09
N MET A 16 -6.13 8.33 -1.39
CA MET A 16 -7.18 8.84 -0.53
C MET A 16 -6.94 8.43 0.91
N THR A 17 -7.58 9.13 1.81
CA THR A 17 -7.48 8.85 3.24
C THR A 17 -8.58 7.90 3.66
N ILE A 18 -8.21 6.77 4.25
CA ILE A 18 -9.21 5.83 4.70
C ILE A 18 -9.24 5.72 6.20
N THR A 19 -10.27 6.33 6.77
CA THR A 19 -10.51 6.34 8.20
C THR A 19 -11.09 5.01 8.65
N THR A 20 -10.40 4.37 9.59
CA THR A 20 -10.86 3.10 10.14
C THR A 20 -10.92 3.22 11.65
N SER A 21 -11.18 2.12 12.32
CA SER A 21 -11.24 2.13 13.76
C SER A 21 -9.82 2.05 14.33
N LYS A 22 -8.87 1.80 13.45
CA LYS A 22 -7.46 1.71 13.83
C LYS A 22 -6.80 3.08 13.67
N GLY A 23 -7.12 3.73 12.55
CA GLY A 23 -6.60 5.04 12.24
C GLY A 23 -6.96 5.47 10.84
N GLU A 24 -6.35 6.55 10.36
CA GLU A 24 -6.60 7.00 9.01
C GLU A 24 -5.39 6.66 8.16
N PHE A 25 -5.54 5.67 7.30
CA PHE A 25 -4.44 5.21 6.49
C PHE A 25 -4.48 5.71 5.07
N THR A 26 -3.38 5.43 4.39
CA THR A 26 -3.23 5.79 3.01
C THR A 26 -3.95 4.75 2.15
N GLY A 27 -4.99 5.19 1.47
CA GLY A 27 -5.72 4.29 0.62
C GLY A 27 -5.30 4.46 -0.83
N LEU A 28 -4.65 3.45 -1.36
CA LEU A 28 -4.19 3.49 -2.73
C LEU A 28 -5.21 2.84 -3.64
N GLY A 29 -5.72 3.60 -4.59
CA GLY A 29 -6.68 3.06 -5.51
C GLY A 29 -5.99 2.46 -6.71
N ILE A 30 -6.31 1.23 -7.07
CA ILE A 30 -5.68 0.60 -8.21
C ILE A 30 -6.47 0.88 -9.48
N HIS A 31 -7.76 0.51 -9.48
CA HIS A 31 -8.59 0.74 -10.66
C HIS A 31 -10.11 0.72 -10.37
N ASP A 32 -10.77 1.79 -10.80
CA ASP A 32 -12.23 1.95 -10.70
C ASP A 32 -12.79 1.82 -9.26
N ARG A 33 -12.92 0.60 -8.74
CA ARG A 33 -13.45 0.38 -7.39
C ARG A 33 -12.43 -0.33 -6.51
N VAL A 34 -11.39 -0.82 -7.15
CA VAL A 34 -10.37 -1.60 -6.48
C VAL A 34 -9.35 -0.73 -5.75
N CYS A 35 -9.54 -0.61 -4.45
CA CYS A 35 -8.64 0.16 -3.61
C CYS A 35 -7.94 -0.79 -2.64
N VAL A 36 -6.66 -0.57 -2.37
CA VAL A 36 -5.96 -1.44 -1.47
C VAL A 36 -5.59 -0.74 -0.18
N ILE A 37 -5.78 -1.47 0.92
CA ILE A 37 -5.50 -0.98 2.25
C ILE A 37 -4.91 -2.10 3.10
N PRO A 38 -3.93 -1.83 3.96
CA PRO A 38 -3.32 -2.86 4.79
C PRO A 38 -4.39 -3.70 5.48
N THR A 39 -4.13 -4.98 5.59
CA THR A 39 -5.06 -5.92 6.19
C THR A 39 -5.16 -5.73 7.71
N HIS A 40 -4.05 -5.37 8.36
CA HIS A 40 -4.05 -5.16 9.79
C HIS A 40 -4.93 -3.97 10.19
N ALA A 41 -5.42 -3.22 9.18
CA ALA A 41 -6.31 -2.10 9.45
C ALA A 41 -7.71 -2.61 9.82
N GLN A 42 -8.05 -3.76 9.24
CA GLN A 42 -9.35 -4.40 9.47
C GLN A 42 -10.48 -3.41 9.26
N PRO A 43 -10.76 -3.04 8.00
CA PRO A 43 -11.82 -2.09 7.66
C PRO A 43 -13.19 -2.64 8.03
N GLY A 44 -14.15 -1.74 8.23
CA GLY A 44 -15.50 -2.16 8.59
C GLY A 44 -16.34 -2.42 7.35
N ASP A 45 -17.66 -2.28 7.47
CA ASP A 45 -18.53 -2.47 6.31
C ASP A 45 -18.65 -1.14 5.59
N ASP A 46 -18.26 -0.08 6.30
CA ASP A 46 -18.21 1.25 5.73
C ASP A 46 -16.94 1.93 6.23
N VAL A 47 -16.48 2.91 5.49
CA VAL A 47 -15.27 3.62 5.87
C VAL A 47 -15.44 5.08 5.51
N LEU A 48 -14.63 5.93 6.11
CA LEU A 48 -14.69 7.33 5.79
C LEU A 48 -13.50 7.68 4.92
N VAL A 49 -13.74 7.93 3.65
CA VAL A 49 -12.64 8.29 2.79
C VAL A 49 -12.39 9.79 2.90
N ASN A 50 -11.58 10.15 3.92
CA ASN A 50 -11.23 11.53 4.21
C ASN A 50 -12.41 12.28 4.84
N GLY A 51 -13.57 11.63 4.81
CA GLY A 51 -14.80 12.22 5.36
C GLY A 51 -16.00 11.58 4.72
N GLN A 52 -15.81 11.24 3.45
CA GLN A 52 -16.82 10.59 2.64
C GLN A 52 -17.27 9.27 3.25
N LYS A 53 -18.51 9.25 3.72
CA LYS A 53 -19.12 8.07 4.30
C LYS A 53 -19.48 7.11 3.16
N ILE A 54 -18.61 6.15 2.90
CA ILE A 54 -18.81 5.21 1.81
C ILE A 54 -18.77 3.77 2.32
N ARG A 55 -19.53 2.89 1.70
CA ARG A 55 -19.58 1.51 2.14
C ARG A 55 -18.65 0.63 1.33
N VAL A 56 -18.41 -0.55 1.86
CA VAL A 56 -17.58 -1.53 1.19
C VAL A 56 -18.46 -2.41 0.31
N LYS A 57 -18.18 -2.41 -0.98
CA LYS A 57 -18.98 -3.19 -1.93
C LYS A 57 -18.54 -4.65 -1.89
N ASP A 58 -17.24 -4.84 -1.75
CA ASP A 58 -16.64 -6.16 -1.66
C ASP A 58 -15.27 -6.05 -1.02
N LYS A 59 -15.02 -6.90 -0.05
CA LYS A 59 -13.76 -6.92 0.66
C LYS A 59 -13.02 -8.21 0.35
N TYR A 60 -11.89 -8.08 -0.31
CA TYR A 60 -11.08 -9.21 -0.71
C TYR A 60 -9.71 -9.13 -0.05
N LYS A 61 -9.48 -9.98 0.95
CA LYS A 61 -8.20 -9.99 1.63
C LYS A 61 -7.25 -10.88 0.86
N LEU A 62 -6.26 -10.25 0.23
CA LEU A 62 -5.31 -10.99 -0.57
C LEU A 62 -4.24 -11.70 0.22
N VAL A 63 -4.22 -13.01 0.03
CA VAL A 63 -3.17 -13.85 0.55
C VAL A 63 -2.51 -14.41 -0.70
N ASP A 64 -1.27 -14.79 -0.64
CA ASP A 64 -0.60 -15.28 -1.84
C ASP A 64 -0.81 -16.78 -2.08
N PRO A 65 -0.94 -17.20 -3.35
CA PRO A 65 -1.11 -18.60 -3.68
C PRO A 65 -0.16 -19.51 -2.90
N GLU A 66 0.90 -18.93 -2.31
CA GLU A 66 1.84 -19.71 -1.50
C GLU A 66 1.17 -20.12 -0.17
N ASN A 67 -0.10 -19.73 -0.02
CA ASN A 67 -0.89 -20.01 1.19
C ASN A 67 -0.42 -19.14 2.35
N ILE A 68 0.29 -18.06 2.01
CA ILE A 68 0.80 -17.13 3.01
C ILE A 68 0.20 -15.75 2.83
N ASN A 69 -0.01 -15.05 3.93
CA ASN A 69 -0.60 -13.72 3.90
C ASN A 69 0.13 -12.79 2.92
N LEU A 70 -0.65 -12.05 2.13
CA LEU A 70 -0.09 -11.07 1.20
C LEU A 70 -0.31 -9.69 1.81
N GLU A 71 -1.23 -9.67 2.78
CA GLU A 71 -1.51 -8.46 3.58
C GLU A 71 -2.19 -7.36 2.78
N LEU A 72 -2.70 -7.68 1.60
CA LEU A 72 -3.35 -6.67 0.78
C LEU A 72 -4.86 -6.83 0.78
N THR A 73 -5.53 -5.95 1.51
CA THR A 73 -6.97 -5.97 1.57
C THR A 73 -7.54 -5.13 0.47
N VAL A 74 -8.14 -5.79 -0.50
CA VAL A 74 -8.75 -5.09 -1.60
C VAL A 74 -10.11 -4.64 -1.15
N LEU A 75 -10.24 -3.34 -0.97
CA LEU A 75 -11.48 -2.77 -0.52
C LEU A 75 -12.21 -2.16 -1.68
N THR A 76 -13.17 -2.91 -2.18
CA THR A 76 -13.97 -2.47 -3.30
C THR A 76 -14.94 -1.40 -2.85
N LEU A 77 -14.60 -0.15 -3.16
CA LEU A 77 -15.43 0.97 -2.78
C LEU A 77 -16.19 1.48 -3.99
N ASP A 78 -17.49 1.61 -3.86
CA ASP A 78 -18.31 2.08 -4.98
C ASP A 78 -18.40 3.59 -5.02
N ARG A 79 -17.46 4.19 -5.72
CA ARG A 79 -17.41 5.63 -5.88
C ARG A 79 -18.13 5.99 -7.18
N ASN A 80 -19.00 7.00 -7.15
CA ASN A 80 -19.76 7.39 -8.34
C ASN A 80 -18.82 7.69 -9.49
N GLU A 81 -17.63 8.15 -9.16
CA GLU A 81 -16.62 8.42 -10.17
C GLU A 81 -15.52 7.39 -10.04
N LYS A 82 -15.31 6.62 -11.09
CA LYS A 82 -14.26 5.61 -11.01
C LYS A 82 -12.93 6.31 -10.77
N PHE A 83 -12.18 5.86 -9.76
CA PHE A 83 -10.91 6.51 -9.46
C PHE A 83 -9.81 6.09 -10.43
N ARG A 84 -8.75 6.89 -10.49
CA ARG A 84 -7.65 6.66 -11.43
C ARG A 84 -7.12 5.23 -11.47
N ASP A 85 -7.17 4.68 -12.67
CA ASP A 85 -6.67 3.35 -12.95
C ASP A 85 -5.13 3.38 -13.03
N ILE A 86 -4.45 3.11 -11.93
CA ILE A 86 -3.00 3.09 -11.92
C ILE A 86 -2.55 1.66 -12.10
N ARG A 87 -3.49 0.88 -12.61
CA ARG A 87 -3.32 -0.55 -12.83
C ARG A 87 -2.11 -0.82 -13.74
N GLY A 88 -1.88 0.07 -14.70
CA GLY A 88 -0.75 -0.10 -15.60
C GLY A 88 0.57 0.32 -14.99
N PHE A 89 0.52 1.08 -13.90
CA PHE A 89 1.73 1.51 -13.22
C PHE A 89 2.16 0.45 -12.22
N ILE A 90 1.26 -0.49 -11.95
CA ILE A 90 1.55 -1.58 -11.04
C ILE A 90 2.59 -2.46 -11.69
N SER A 91 3.60 -2.81 -10.94
CA SER A 91 4.69 -3.60 -11.49
C SER A 91 4.57 -5.11 -11.25
N GLU A 92 4.74 -5.86 -12.34
CA GLU A 92 4.79 -7.32 -12.27
C GLU A 92 6.18 -7.60 -11.76
N ASP A 93 7.14 -7.05 -12.50
CA ASP A 93 8.53 -7.07 -12.13
C ASP A 93 8.85 -5.71 -11.54
N LEU A 94 9.48 -5.68 -10.39
CA LEU A 94 9.77 -4.41 -9.74
C LEU A 94 10.98 -3.70 -10.37
N GLU A 95 12.16 -4.28 -10.20
CA GLU A 95 13.39 -3.70 -10.75
C GLU A 95 13.48 -2.20 -10.47
N GLY A 96 13.73 -1.88 -9.21
CA GLY A 96 13.87 -0.50 -8.75
C GLY A 96 14.45 -0.47 -7.35
N VAL A 97 15.76 -0.64 -7.28
CA VAL A 97 16.48 -0.68 -6.02
C VAL A 97 16.57 0.70 -5.36
N ASP A 98 15.79 1.64 -5.88
CA ASP A 98 15.72 2.99 -5.31
C ASP A 98 14.34 3.59 -5.56
N ALA A 99 13.65 3.95 -4.49
CA ALA A 99 12.33 4.51 -4.63
C ALA A 99 12.02 5.48 -3.51
N THR A 100 10.87 6.09 -3.66
CA THR A 100 10.38 7.05 -2.69
C THR A 100 9.06 6.54 -2.14
N LEU A 101 8.80 6.82 -0.89
CA LEU A 101 7.60 6.36 -0.23
C LEU A 101 6.80 7.56 0.26
N VAL A 102 5.56 7.68 -0.19
CA VAL A 102 4.74 8.80 0.20
C VAL A 102 3.59 8.36 1.09
N VAL A 103 3.55 8.93 2.29
CA VAL A 103 2.52 8.60 3.26
C VAL A 103 1.43 9.66 3.27
N HIS A 104 0.20 9.20 3.27
CA HIS A 104 -0.96 10.08 3.33
C HIS A 104 -1.93 9.48 4.33
N SER A 105 -1.52 9.58 5.60
CA SER A 105 -2.28 9.06 6.73
C SER A 105 -2.48 10.16 7.78
N ASN A 106 -3.23 9.90 8.85
CA ASN A 106 -3.43 10.92 9.86
C ASN A 106 -2.15 11.15 10.66
N ASN A 107 -1.26 10.17 10.61
CA ASN A 107 0.02 10.25 11.32
C ASN A 107 1.05 10.99 10.47
N PHE A 108 0.96 10.80 9.16
CA PHE A 108 1.85 11.45 8.20
C PHE A 108 1.04 11.98 7.03
N THR A 109 0.71 13.27 7.08
CA THR A 109 -0.10 13.88 6.05
C THR A 109 0.75 14.45 4.90
N ASN A 110 0.79 13.71 3.79
CA ASN A 110 1.56 14.10 2.62
C ASN A 110 3.02 14.20 2.94
N THR A 111 3.62 13.05 3.16
CA THR A 111 5.01 12.98 3.52
C THR A 111 5.83 12.21 2.48
N ILE A 112 6.69 12.95 1.79
CA ILE A 112 7.56 12.38 0.78
C ILE A 112 8.82 11.90 1.50
N LEU A 113 8.94 10.60 1.65
CA LEU A 113 10.04 9.98 2.38
C LEU A 113 10.88 9.10 1.45
N GLU A 114 12.20 9.33 1.42
CA GLU A 114 13.08 8.54 0.58
C GLU A 114 13.45 7.25 1.29
N VAL A 115 13.26 6.10 0.66
CA VAL A 115 13.60 4.86 1.30
C VAL A 115 14.95 4.33 0.81
N GLY A 116 15.33 4.73 -0.40
CA GLY A 116 16.61 4.31 -0.92
C GLY A 116 16.61 2.89 -1.47
N PRO A 117 17.50 2.03 -0.97
CA PRO A 117 17.63 0.65 -1.46
C PRO A 117 16.39 -0.22 -1.26
N VAL A 118 15.69 -0.44 -2.37
CA VAL A 118 14.51 -1.27 -2.39
C VAL A 118 14.90 -2.67 -2.86
N THR A 119 14.70 -3.65 -2.01
CA THR A 119 15.07 -5.03 -2.31
C THR A 119 13.97 -5.98 -1.83
N MET A 120 14.01 -7.24 -2.24
CA MET A 120 12.98 -8.19 -1.83
C MET A 120 13.52 -9.14 -0.76
N ALA A 121 12.81 -9.22 0.36
CA ALA A 121 13.22 -10.12 1.45
C ALA A 121 12.55 -11.47 1.23
N GLY A 122 11.23 -11.43 0.99
CA GLY A 122 10.50 -12.66 0.71
C GLY A 122 9.53 -13.09 1.79
N LEU A 123 9.83 -14.24 2.38
CA LEU A 123 8.98 -14.82 3.41
C LEU A 123 9.49 -14.48 4.83
N ILE A 124 8.78 -13.61 5.52
CA ILE A 124 9.16 -13.27 6.89
C ILE A 124 7.93 -13.17 7.78
N ASN A 125 8.12 -12.81 9.03
CA ASN A 125 7.00 -12.67 9.95
C ASN A 125 6.66 -11.20 10.15
N LEU A 126 5.38 -10.91 10.14
CA LEU A 126 4.89 -9.56 10.36
C LEU A 126 4.09 -9.58 11.66
N SER A 127 4.65 -9.07 12.75
CA SER A 127 3.96 -9.10 14.03
C SER A 127 3.68 -10.56 14.43
N SER A 128 4.59 -11.45 14.01
CA SER A 128 4.51 -12.90 14.26
C SER A 128 3.55 -13.58 13.29
N THR A 129 3.01 -12.79 12.37
CA THR A 129 2.10 -13.30 11.34
C THR A 129 2.86 -13.51 10.03
N PRO A 130 2.98 -14.77 9.55
CA PRO A 130 3.70 -15.05 8.32
C PRO A 130 3.12 -14.32 7.12
N THR A 131 3.92 -13.43 6.56
CA THR A 131 3.51 -12.66 5.40
C THR A 131 4.60 -12.77 4.34
N ASN A 132 4.18 -12.86 3.07
CA ASN A 132 5.14 -13.06 1.96
C ASN A 132 5.14 -11.89 0.94
N ARG A 133 6.21 -11.84 0.14
CA ARG A 133 6.39 -10.78 -0.87
C ARG A 133 6.85 -9.50 -0.23
N MET A 134 7.46 -9.59 0.95
CA MET A 134 7.89 -8.38 1.64
C MET A 134 9.11 -7.73 1.02
N ILE A 135 8.95 -6.44 0.79
CA ILE A 135 9.98 -5.60 0.21
C ILE A 135 10.79 -4.98 1.34
N ARG A 136 12.11 -5.04 1.21
CA ARG A 136 12.99 -4.48 2.24
C ARG A 136 13.66 -3.20 1.79
N TYR A 137 13.57 -2.17 2.61
CA TYR A 137 14.26 -0.93 2.31
C TYR A 137 14.99 -0.47 3.56
N ASP A 138 16.16 0.11 3.37
CA ASP A 138 16.98 0.56 4.47
C ASP A 138 16.56 1.94 4.97
N TYR A 139 15.79 1.92 6.05
CA TYR A 139 15.31 3.13 6.68
C TYR A 139 14.67 2.81 8.02
N ALA A 140 15.13 3.48 9.06
CA ALA A 140 14.59 3.25 10.38
C ALA A 140 13.12 3.61 10.40
N THR A 141 12.28 2.60 10.53
CA THR A 141 10.84 2.81 10.51
C THR A 141 10.17 2.53 11.86
N LYS A 142 9.06 3.22 12.08
CA LYS A 142 8.28 3.04 13.29
C LYS A 142 6.79 3.15 12.99
N THR A 143 6.04 2.46 13.81
CA THR A 143 4.58 2.44 13.73
C THR A 143 4.00 3.83 13.40
N GLY A 144 2.78 3.84 12.85
CA GLY A 144 2.12 5.11 12.49
C GLY A 144 2.37 5.48 11.04
N GLN A 145 3.43 4.88 10.51
CA GLN A 145 3.85 5.11 9.13
C GLN A 145 3.15 4.15 8.14
N CYS A 146 2.23 3.32 8.65
CA CYS A 146 1.53 2.34 7.78
C CYS A 146 0.64 3.00 6.73
N GLY A 147 0.61 2.39 5.54
CA GLY A 147 -0.20 2.90 4.45
C GLY A 147 0.61 3.61 3.38
N GLY A 148 1.78 4.10 3.75
CA GLY A 148 2.63 4.80 2.80
C GLY A 148 2.84 4.06 1.50
N VAL A 149 2.72 4.79 0.39
CA VAL A 149 2.89 4.21 -0.94
C VAL A 149 4.35 4.23 -1.39
N LEU A 150 4.86 3.07 -1.70
CA LEU A 150 6.23 2.92 -2.19
C LEU A 150 6.19 2.95 -3.70
N CYS A 151 6.68 4.04 -4.28
CA CYS A 151 6.62 4.16 -5.71
C CYS A 151 7.79 4.91 -6.30
N ALA A 152 7.89 4.77 -7.61
CA ALA A 152 8.88 5.45 -8.40
C ALA A 152 8.13 6.13 -9.53
N THR A 153 8.79 6.93 -10.32
CA THR A 153 8.08 7.61 -11.39
C THR A 153 7.59 6.63 -12.46
N GLY A 154 6.27 6.38 -12.46
CA GLY A 154 5.65 5.48 -13.43
C GLY A 154 5.80 4.01 -13.06
N LYS A 155 6.32 3.76 -11.87
CA LYS A 155 6.54 2.40 -11.38
C LYS A 155 6.14 2.30 -9.92
N ILE A 156 5.08 1.54 -9.64
CA ILE A 156 4.62 1.37 -8.27
C ILE A 156 5.03 0.00 -7.73
N PHE A 157 5.55 -0.01 -6.51
CA PHE A 157 6.02 -1.24 -5.88
C PHE A 157 5.00 -1.83 -4.92
N GLY A 158 4.57 -1.01 -3.97
CA GLY A 158 3.60 -1.47 -2.98
C GLY A 158 3.28 -0.45 -1.92
N ILE A 159 2.81 -0.94 -0.78
CA ILE A 159 2.46 -0.05 0.32
C ILE A 159 3.16 -0.44 1.62
N HIS A 160 3.46 0.56 2.44
CA HIS A 160 4.12 0.35 3.71
C HIS A 160 3.23 -0.44 4.65
N VAL A 161 3.69 -1.63 5.02
CA VAL A 161 2.92 -2.50 5.89
C VAL A 161 3.52 -2.49 7.27
N GLY A 162 4.81 -2.25 7.30
CA GLY A 162 5.52 -2.18 8.54
C GLY A 162 6.99 -2.02 8.33
N GLY A 163 7.72 -2.61 9.22
CA GLY A 163 9.15 -2.55 9.13
C GLY A 163 9.77 -3.27 10.28
N ASN A 164 11.05 -3.39 10.23
CA ASN A 164 11.73 -4.07 11.28
C ASN A 164 12.96 -3.27 11.71
N GLY A 165 12.71 -2.34 12.63
CA GLY A 165 13.76 -1.50 13.14
C GLY A 165 14.41 -0.58 12.12
N ARG A 166 15.60 -0.97 11.69
CA ARG A 166 16.40 -0.21 10.74
C ARG A 166 15.98 -0.47 9.30
N GLN A 167 15.15 -1.50 9.12
CA GLN A 167 14.66 -1.86 7.80
C GLN A 167 13.15 -1.61 7.74
N GLY A 168 12.68 -1.21 6.56
CA GLY A 168 11.26 -1.01 6.39
C GLY A 168 10.69 -2.16 5.57
N PHE A 169 9.44 -2.50 5.77
CA PHE A 169 8.90 -3.62 5.03
C PHE A 169 7.55 -3.30 4.41
N SER A 170 7.52 -3.40 3.10
CA SER A 170 6.35 -3.11 2.29
C SER A 170 5.84 -4.38 1.63
N ALA A 171 4.55 -4.43 1.35
CA ALA A 171 3.99 -5.58 0.67
C ALA A 171 4.02 -5.31 -0.81
N GLN A 172 4.44 -6.30 -1.58
CA GLN A 172 4.57 -6.14 -3.02
C GLN A 172 3.23 -6.14 -3.74
N LEU A 173 2.87 -5.00 -4.32
CA LEU A 173 1.66 -4.92 -5.10
C LEU A 173 2.03 -5.43 -6.48
N LYS A 174 2.01 -6.75 -6.63
CA LYS A 174 2.40 -7.38 -7.87
C LYS A 174 1.26 -7.36 -8.89
N LYS A 175 1.53 -6.73 -10.02
CA LYS A 175 0.57 -6.54 -11.10
C LYS A 175 -0.34 -7.75 -11.34
N GLN A 176 0.22 -8.95 -11.28
CA GLN A 176 -0.55 -10.17 -11.56
C GLN A 176 -1.93 -10.23 -10.89
N TYR A 177 -1.97 -9.99 -9.59
CA TYR A 177 -3.22 -10.07 -8.83
C TYR A 177 -4.21 -8.97 -9.17
N PHE A 178 -3.73 -7.89 -9.75
CA PHE A 178 -4.61 -6.78 -10.10
C PHE A 178 -5.03 -6.82 -11.56
N VAL A 179 -4.18 -7.38 -12.41
CA VAL A 179 -4.49 -7.47 -13.82
C VAL A 179 -5.40 -8.66 -14.12
N GLU A 180 -5.42 -9.65 -13.21
CA GLU A 180 -6.28 -10.81 -13.38
C GLU A 180 -7.62 -10.59 -12.66
N LYS A 181 -7.62 -9.71 -11.65
CA LYS A 181 -8.84 -9.37 -10.92
C LYS A 181 -9.62 -8.35 -11.71
N GLN A 182 -10.79 -8.74 -12.19
CA GLN A 182 -11.62 -7.83 -12.97
C GLN A 182 -12.70 -7.22 -12.08
C ACE B 1 14.13 -12.75 9.32
O ACE B 1 15.06 -12.32 10.00
CH3 ACE B 1 14.28 -13.99 8.48
H1 ACE B 1 13.50 -14.02 7.74
H2 ACE B 1 14.19 -14.85 9.13
H3 ACE B 1 15.24 -14.00 8.00
N LEU B 2 12.95 -12.17 9.25
CA LEU B 2 12.66 -10.98 10.04
C LEU B 2 11.29 -11.09 10.66
N GLU B 3 11.09 -10.39 11.74
CA GLU B 3 9.78 -10.29 12.31
C GLU B 3 9.51 -8.83 12.33
N ALA B 4 9.16 -8.32 11.15
CA ALA B 4 8.88 -6.92 11.02
C ALA B 4 7.50 -6.69 11.56
N LEU B 5 7.30 -5.54 12.13
CA LEU B 5 6.02 -5.26 12.74
C LEU B 5 5.14 -4.35 11.91
N PHE B 6 3.85 -4.65 11.95
CA PHE B 6 2.91 -3.82 11.28
C PHE B 6 3.04 -2.41 11.84
N YTF B 7 3.24 -1.45 10.97
CA YTF B 7 3.37 -0.07 11.39
CB YTF B 7 4.68 0.51 10.86
CG YTF B 7 5.92 -0.10 11.49
CD YTF B 7 7.20 0.43 10.86
OE1 YTF B 7 7.19 1.50 10.22
NE2 YTF B 7 8.30 -0.29 11.04
C YTF B 7 2.18 0.74 10.86
CX6 YTF B 7 1.04 0.73 11.89
CX7 YTF B 7 0.29 2.03 11.88
OX8 YTF B 7 0.64 2.92 11.12
OX9 YTF B 7 -0.66 2.16 12.66
CJ1 YTF B 7 -1.49 3.44 12.75
CJ2 YTF B 7 -2.65 3.52 13.73
H YTF B 7 3.30 -1.66 10.01
HA YTF B 7 3.36 -0.06 12.48
HB2 YTF B 7 4.73 0.36 9.80
HB3 YTF B 7 4.70 1.57 11.06
HG2 YTF B 7 5.93 0.11 12.55
HG3 YTF B 7 5.88 -1.16 11.34
HE22 YTF B 7 9.14 0.05 10.66
HE21 YTF B 7 8.23 -1.13 11.54
H1 YTF B 7 2.50 1.74 10.71
H31 YTF B 7 1.45 0.58 12.89
H3 YTF B 7 0.36 -0.07 11.66
H4 YTF B 7 -1.89 3.65 11.77
H5 YTF B 7 -0.83 4.24 13.01
H7 YTF B 7 -3.21 4.43 13.53
H8 YTF B 7 -2.27 3.54 14.73
H6 YTF B 7 -3.30 2.66 13.60
N GLY A 1 10.57 17.73 -9.03
CA GLY A 1 11.15 16.85 -10.09
C GLY A 1 10.21 15.73 -10.51
N PRO A 2 10.68 14.78 -11.32
CA PRO A 2 9.83 13.69 -11.81
C PRO A 2 9.28 12.80 -10.68
N ASN A 3 10.06 12.58 -9.63
CA ASN A 3 9.62 11.73 -8.52
C ASN A 3 8.46 12.37 -7.78
N THR A 4 8.65 13.63 -7.40
CA THR A 4 7.65 14.39 -6.69
C THR A 4 6.45 14.69 -7.59
N GLU A 5 6.73 14.92 -8.87
CA GLU A 5 5.68 15.20 -9.85
C GLU A 5 4.68 14.05 -9.92
N PHE A 6 5.22 12.84 -10.06
CA PHE A 6 4.40 11.63 -10.12
C PHE A 6 3.54 11.51 -8.87
N ALA A 7 4.18 11.66 -7.72
CA ALA A 7 3.51 11.55 -6.44
C ALA A 7 2.39 12.57 -6.27
N LEU A 8 2.66 13.83 -6.59
CA LEU A 8 1.67 14.90 -6.47
C LEU A 8 0.51 14.66 -7.44
N SER A 9 0.83 14.20 -8.65
CA SER A 9 -0.20 13.92 -9.66
C SER A 9 -1.11 12.78 -9.19
N LEU A 10 -0.49 11.74 -8.65
CA LEU A 10 -1.21 10.57 -8.14
C LEU A 10 -2.04 10.94 -6.91
N LEU A 11 -1.41 11.73 -6.03
CA LEU A 11 -2.02 12.19 -4.79
C LEU A 11 -3.41 12.80 -4.97
N ARG A 12 -3.50 13.73 -5.92
CA ARG A 12 -4.74 14.48 -6.17
C ARG A 12 -5.99 13.65 -6.50
N LYS A 13 -5.88 12.58 -7.28
CA LYS A 13 -7.09 11.84 -7.65
C LYS A 13 -7.11 10.38 -7.20
N ASN A 14 -5.97 9.82 -6.83
CA ASN A 14 -5.97 8.40 -6.48
C ASN A 14 -5.40 8.09 -5.09
N ILE A 15 -5.10 9.13 -4.34
CA ILE A 15 -4.60 8.97 -2.99
C ILE A 15 -5.56 9.64 -2.03
N MET A 16 -6.28 8.84 -1.25
CA MET A 16 -7.24 9.40 -0.31
C MET A 16 -6.98 8.91 1.09
N THR A 17 -7.34 9.74 2.04
CA THR A 17 -7.18 9.40 3.43
C THR A 17 -8.27 8.43 3.85
N ILE A 18 -7.95 7.14 3.82
CA ILE A 18 -8.92 6.12 4.21
C ILE A 18 -8.81 5.91 5.70
N THR A 19 -9.78 6.45 6.43
CA THR A 19 -9.79 6.32 7.87
C THR A 19 -10.66 5.17 8.28
N THR A 20 -10.01 4.18 8.84
CA THR A 20 -10.66 2.97 9.28
C THR A 20 -11.01 3.08 10.75
N SER A 21 -11.28 1.94 11.34
CA SER A 21 -11.60 1.91 12.75
C SER A 21 -10.31 1.97 13.56
N LYS A 22 -9.16 1.89 12.88
CA LYS A 22 -7.86 1.98 13.55
C LYS A 22 -7.27 3.38 13.39
N GLY A 23 -7.12 3.83 12.14
CA GLY A 23 -6.56 5.16 11.91
C GLY A 23 -6.62 5.62 10.46
N GLU A 24 -5.83 6.65 10.16
CA GLU A 24 -5.76 7.17 8.81
C GLU A 24 -4.79 6.35 7.99
N PHE A 25 -5.27 5.82 6.88
CA PHE A 25 -4.41 5.05 6.00
C PHE A 25 -4.49 5.60 4.61
N THR A 26 -3.49 5.29 3.83
CA THR A 26 -3.45 5.74 2.47
C THR A 26 -4.11 4.74 1.57
N GLY A 27 -5.28 5.10 1.06
CA GLY A 27 -6.00 4.21 0.18
C GLY A 27 -5.57 4.40 -1.25
N LEU A 28 -4.89 3.41 -1.78
CA LEU A 28 -4.42 3.48 -3.16
C LEU A 28 -5.38 2.75 -4.08
N GLY A 29 -5.92 3.48 -5.04
CA GLY A 29 -6.83 2.87 -5.99
C GLY A 29 -6.06 2.25 -7.15
N ILE A 30 -6.45 1.06 -7.62
CA ILE A 30 -5.76 0.45 -8.74
C ILE A 30 -6.73 0.19 -9.90
N HIS A 31 -7.97 -0.24 -9.59
CA HIS A 31 -8.99 -0.51 -10.62
C HIS A 31 -10.38 0.05 -10.26
N ASP A 32 -10.98 0.81 -11.18
CA ASP A 32 -12.35 1.31 -11.01
C ASP A 32 -12.64 1.86 -9.61
N ARG A 33 -13.15 1.02 -8.70
CA ARG A 33 -13.45 1.47 -7.34
C ARG A 33 -12.79 0.55 -6.34
N VAL A 34 -11.77 -0.14 -6.83
CA VAL A 34 -10.99 -1.08 -6.05
C VAL A 34 -9.72 -0.43 -5.52
N CYS A 35 -9.66 -0.28 -4.22
CA CYS A 35 -8.50 0.30 -3.57
C CYS A 35 -7.89 -0.74 -2.65
N VAL A 36 -6.61 -0.61 -2.34
CA VAL A 36 -6.00 -1.56 -1.44
C VAL A 36 -5.43 -0.86 -0.22
N ILE A 37 -5.62 -1.51 0.92
CA ILE A 37 -5.11 -1.05 2.19
C ILE A 37 -4.68 -2.28 2.96
N PRO A 38 -3.86 -2.15 4.00
CA PRO A 38 -3.43 -3.30 4.78
C PRO A 38 -4.60 -4.02 5.41
N THR A 39 -4.42 -5.32 5.63
CA THR A 39 -5.46 -6.15 6.23
C THR A 39 -5.65 -5.82 7.70
N HIS A 40 -4.56 -5.44 8.36
CA HIS A 40 -4.59 -5.08 9.79
C HIS A 40 -5.12 -3.67 10.01
N ALA A 41 -5.55 -2.99 8.94
CA ALA A 41 -6.07 -1.62 9.05
C ALA A 41 -7.48 -1.57 9.67
N GLN A 42 -8.17 -2.70 9.61
CA GLN A 42 -9.53 -2.83 10.16
C GLN A 42 -10.58 -2.02 9.41
N PRO A 43 -10.94 -2.47 8.20
CA PRO A 43 -11.99 -1.83 7.40
C PRO A 43 -13.34 -2.46 7.74
N GLY A 44 -14.26 -1.66 8.27
CA GLY A 44 -15.56 -2.18 8.64
C GLY A 44 -16.52 -2.26 7.46
N ASP A 45 -17.78 -1.88 7.69
CA ASP A 45 -18.78 -1.88 6.63
C ASP A 45 -18.55 -0.67 5.76
N ASP A 46 -17.92 0.33 6.37
CA ASP A 46 -17.60 1.57 5.70
C ASP A 46 -16.25 2.07 6.18
N VAL A 47 -15.68 2.97 5.42
CA VAL A 47 -14.44 3.60 5.79
C VAL A 47 -14.54 5.05 5.39
N LEU A 48 -13.89 5.92 6.11
CA LEU A 48 -13.95 7.32 5.77
C LEU A 48 -12.95 7.62 4.67
N VAL A 49 -13.43 7.70 3.44
CA VAL A 49 -12.58 7.99 2.31
C VAL A 49 -12.43 9.50 2.14
N ASN A 50 -11.34 10.05 2.68
CA ASN A 50 -11.09 11.48 2.63
C ASN A 50 -12.16 12.26 3.38
N GLY A 51 -12.89 11.56 4.26
CA GLY A 51 -13.93 12.21 5.05
C GLY A 51 -15.32 11.70 4.69
N GLN A 52 -15.42 11.07 3.52
CA GLN A 52 -16.68 10.52 3.05
C GLN A 52 -16.85 9.08 3.50
N LYS A 53 -17.92 8.78 4.21
CA LYS A 53 -18.11 7.40 4.61
C LYS A 53 -18.61 6.63 3.41
N ILE A 54 -17.79 5.71 2.94
CA ILE A 54 -18.13 4.90 1.78
C ILE A 54 -18.22 3.42 2.15
N ARG A 55 -19.38 2.84 1.89
CA ARG A 55 -19.61 1.43 2.22
C ARG A 55 -18.73 0.55 1.37
N VAL A 56 -18.38 -0.62 1.90
CA VAL A 56 -17.56 -1.57 1.17
C VAL A 56 -18.43 -2.58 0.43
N LYS A 57 -18.06 -2.89 -0.81
CA LYS A 57 -18.77 -3.88 -1.61
C LYS A 57 -18.09 -5.21 -1.40
N ASP A 58 -16.79 -5.23 -1.69
CA ASP A 58 -15.96 -6.41 -1.53
C ASP A 58 -14.71 -6.13 -0.70
N LYS A 59 -14.35 -7.07 0.15
CA LYS A 59 -13.14 -6.95 0.94
C LYS A 59 -12.41 -8.29 0.82
N TYR A 60 -11.74 -8.44 -0.32
CA TYR A 60 -11.01 -9.66 -0.64
C TYR A 60 -9.58 -9.61 -0.10
N LYS A 61 -9.18 -10.67 0.57
CA LYS A 61 -7.85 -10.73 1.16
C LYS A 61 -6.84 -11.31 0.19
N LEU A 62 -5.86 -10.50 -0.21
CA LEU A 62 -4.85 -10.99 -1.12
C LEU A 62 -3.76 -11.74 -0.36
N VAL A 63 -3.64 -13.01 -0.73
CA VAL A 63 -2.64 -13.90 -0.15
C VAL A 63 -1.88 -14.57 -1.30
N ASP A 64 -0.68 -15.07 -1.04
CA ASP A 64 0.11 -15.72 -2.07
C ASP A 64 -0.48 -17.09 -2.43
N PRO A 65 -0.40 -17.51 -3.71
CA PRO A 65 -0.92 -18.81 -4.14
C PRO A 65 -0.44 -19.97 -3.25
N GLU A 66 0.65 -19.76 -2.51
CA GLU A 66 1.19 -20.78 -1.62
C GLU A 66 0.43 -20.76 -0.28
N ASN A 67 -0.61 -19.94 -0.23
CA ASN A 67 -1.42 -19.75 0.97
C ASN A 67 -0.56 -19.14 2.06
N ILE A 68 -0.08 -17.95 1.74
CA ILE A 68 0.74 -17.15 2.62
C ILE A 68 0.20 -15.72 2.62
N ASN A 69 0.29 -15.06 3.74
CA ASN A 69 -0.21 -13.70 3.83
C ASN A 69 0.49 -12.75 2.85
N LEU A 70 -0.31 -11.99 2.09
CA LEU A 70 0.24 -10.97 1.20
C LEU A 70 -0.09 -9.65 1.89
N GLU A 71 -1.14 -9.73 2.73
CA GLU A 71 -1.58 -8.62 3.58
C GLU A 71 -2.31 -7.52 2.83
N LEU A 72 -2.66 -7.76 1.56
CA LEU A 72 -3.36 -6.74 0.78
C LEU A 72 -4.86 -6.95 0.82
N THR A 73 -5.58 -5.94 1.29
CA THR A 73 -7.02 -6.01 1.33
C THR A 73 -7.62 -5.30 0.13
N VAL A 74 -8.23 -6.07 -0.74
CA VAL A 74 -8.87 -5.53 -1.91
C VAL A 74 -10.16 -4.91 -1.47
N LEU A 75 -10.10 -3.61 -1.23
CA LEU A 75 -11.24 -2.87 -0.76
C LEU A 75 -12.01 -2.24 -1.89
N THR A 76 -13.12 -2.87 -2.24
CA THR A 76 -13.96 -2.36 -3.30
C THR A 76 -14.97 -1.40 -2.72
N LEU A 77 -14.67 -0.13 -2.87
CA LEU A 77 -15.51 0.92 -2.34
C LEU A 77 -16.78 1.10 -3.16
N ASP A 78 -17.89 1.34 -2.47
CA ASP A 78 -19.14 1.56 -3.14
C ASP A 78 -19.22 3.01 -3.62
N ARG A 79 -18.45 3.32 -4.66
CA ARG A 79 -18.44 4.65 -5.25
C ARG A 79 -18.60 4.54 -6.75
N ASN A 80 -19.50 5.35 -7.32
CA ASN A 80 -19.74 5.31 -8.75
C ASN A 80 -18.67 6.12 -9.46
N GLU A 81 -18.19 7.16 -8.79
CA GLU A 81 -17.12 7.97 -9.34
C GLU A 81 -15.84 7.17 -9.29
N LYS A 82 -15.45 6.56 -10.42
CA LYS A 82 -14.25 5.75 -10.41
C LYS A 82 -13.02 6.60 -10.73
N PHE A 83 -11.90 6.17 -10.18
CA PHE A 83 -10.63 6.88 -10.32
C PHE A 83 -9.82 6.39 -11.51
N ARG A 84 -8.54 6.74 -11.51
CA ARG A 84 -7.63 6.34 -12.57
C ARG A 84 -7.06 4.95 -12.35
N ASP A 85 -7.37 4.02 -13.25
CA ASP A 85 -6.83 2.67 -13.14
C ASP A 85 -5.33 2.75 -13.35
N ILE A 86 -4.57 2.74 -12.28
CA ILE A 86 -3.13 2.85 -12.39
C ILE A 86 -2.45 1.49 -12.48
N ARG A 87 -3.16 0.48 -13.01
CA ARG A 87 -2.59 -0.85 -13.06
C ARG A 87 -1.36 -0.92 -13.99
N GLY A 88 -1.16 0.07 -14.85
CA GLY A 88 0.01 0.06 -15.72
C GLY A 88 1.26 0.53 -14.99
N PHE A 89 1.07 1.20 -13.85
CA PHE A 89 2.17 1.69 -13.04
C PHE A 89 2.54 0.64 -12.01
N ILE A 90 1.64 -0.34 -11.86
CA ILE A 90 1.87 -1.44 -10.94
C ILE A 90 2.81 -2.42 -11.61
N SER A 91 3.89 -2.80 -10.93
CA SER A 91 4.85 -3.70 -11.54
C SER A 91 5.14 -4.93 -10.69
N GLU A 92 5.11 -6.12 -11.32
CA GLU A 92 5.46 -7.33 -10.60
C GLU A 92 6.98 -7.38 -10.61
N ASP A 93 7.54 -6.76 -11.64
CA ASP A 93 8.99 -6.65 -11.75
C ASP A 93 9.41 -5.43 -10.94
N LEU A 94 10.60 -5.45 -10.37
CA LEU A 94 11.09 -4.30 -9.65
C LEU A 94 12.10 -3.61 -10.56
N GLU A 95 13.24 -4.25 -10.79
CA GLU A 95 14.24 -3.71 -11.72
C GLU A 95 14.43 -2.20 -11.58
N GLY A 96 14.36 -1.78 -10.32
CA GLY A 96 14.51 -0.39 -9.91
C GLY A 96 14.43 -0.42 -8.40
N VAL A 97 15.52 -0.90 -7.85
CA VAL A 97 15.63 -1.18 -6.44
C VAL A 97 15.76 0.07 -5.55
N ASP A 98 15.34 1.21 -6.09
CA ASP A 98 15.32 2.47 -5.35
C ASP A 98 13.87 3.00 -5.33
N ALA A 99 13.36 3.37 -4.17
CA ALA A 99 11.97 3.81 -4.11
C ALA A 99 11.75 4.94 -3.12
N THR A 100 10.59 5.56 -3.25
CA THR A 100 10.18 6.64 -2.39
C THR A 100 8.90 6.29 -1.68
N LEU A 101 8.78 6.70 -0.43
CA LEU A 101 7.60 6.40 0.37
C LEU A 101 6.72 7.62 0.54
N VAL A 102 5.53 7.56 -0.04
CA VAL A 102 4.57 8.63 0.08
C VAL A 102 3.63 8.31 1.23
N VAL A 103 3.93 8.88 2.38
CA VAL A 103 3.13 8.64 3.57
C VAL A 103 1.97 9.64 3.64
N HIS A 104 0.77 9.10 3.71
CA HIS A 104 -0.43 9.91 3.80
C HIS A 104 -1.34 9.26 4.81
N SER A 105 -0.70 8.66 5.82
CA SER A 105 -1.40 7.94 6.88
C SER A 105 -1.34 8.67 8.24
N ASN A 106 -1.63 7.93 9.29
CA ASN A 106 -1.70 8.46 10.67
C ASN A 106 -0.46 9.25 11.14
N ASN A 107 0.73 8.64 11.12
CA ASN A 107 1.93 9.32 11.62
C ASN A 107 2.31 10.52 10.75
N PHE A 108 2.28 10.34 9.44
CA PHE A 108 2.61 11.41 8.52
C PHE A 108 1.60 11.54 7.42
N THR A 109 0.77 12.57 7.49
CA THR A 109 -0.22 12.80 6.46
C THR A 109 0.35 13.79 5.43
N ASN A 110 0.72 13.24 4.27
CA ASN A 110 1.30 14.02 3.18
C ASN A 110 2.77 14.29 3.43
N THR A 111 3.54 13.23 3.29
CA THR A 111 4.99 13.28 3.46
C THR A 111 5.66 12.41 2.41
N ILE A 112 6.30 13.06 1.45
CA ILE A 112 6.99 12.37 0.38
C ILE A 112 8.46 12.23 0.76
N LEU A 113 8.81 11.04 1.23
CA LEU A 113 10.16 10.78 1.69
C LEU A 113 10.74 9.56 1.02
N GLU A 114 11.93 9.71 0.45
CA GLU A 114 12.59 8.59 -0.22
C GLU A 114 13.24 7.68 0.81
N VAL A 115 13.20 6.37 0.56
CA VAL A 115 13.76 5.41 1.51
C VAL A 115 15.08 4.84 1.01
N GLY A 116 15.34 4.94 -0.29
CA GLY A 116 16.59 4.45 -0.83
C GLY A 116 16.55 3.02 -1.34
N PRO A 117 17.44 2.17 -0.83
CA PRO A 117 17.57 0.78 -1.29
C PRO A 117 16.46 -0.15 -0.82
N VAL A 118 15.90 -0.83 -1.80
CA VAL A 118 14.84 -1.80 -1.61
C VAL A 118 15.40 -3.22 -1.74
N THR A 119 14.70 -4.18 -1.15
CA THR A 119 15.13 -5.59 -1.22
C THR A 119 13.95 -6.51 -0.92
N MET A 120 13.51 -7.30 -1.89
CA MET A 120 12.41 -8.20 -1.60
C MET A 120 12.96 -9.38 -0.82
N ALA A 121 12.51 -9.52 0.42
CA ALA A 121 12.99 -10.56 1.32
C ALA A 121 12.18 -11.84 1.16
N GLY A 122 11.06 -11.74 0.45
CA GLY A 122 10.23 -12.89 0.23
C GLY A 122 9.34 -13.24 1.40
N LEU A 123 9.52 -14.45 1.91
CA LEU A 123 8.73 -14.95 3.00
C LEU A 123 9.38 -14.71 4.37
N ILE A 124 8.76 -13.86 5.16
CA ILE A 124 9.23 -13.60 6.51
C ILE A 124 8.04 -13.52 7.43
N ASN A 125 8.27 -13.33 8.70
CA ASN A 125 7.18 -13.24 9.64
C ASN A 125 6.83 -11.78 9.86
N LEU A 126 5.56 -11.49 9.70
CA LEU A 126 5.05 -10.15 9.87
C LEU A 126 4.11 -10.15 11.06
N SER A 127 4.57 -9.60 12.19
CA SER A 127 3.77 -9.60 13.40
C SER A 127 3.53 -11.07 13.82
N SER A 128 4.53 -11.91 13.48
CA SER A 128 4.52 -13.35 13.77
C SER A 128 3.71 -14.14 12.74
N THR A 129 3.13 -13.43 11.78
CA THR A 129 2.33 -14.06 10.72
C THR A 129 3.16 -14.18 9.42
N PRO A 130 3.30 -15.41 8.88
CA PRO A 130 4.08 -15.63 7.65
C PRO A 130 3.52 -14.83 6.49
N THR A 131 4.33 -13.91 6.01
CA THR A 131 3.94 -13.04 4.90
C THR A 131 4.99 -13.11 3.78
N ASN A 132 4.53 -13.23 2.54
CA ASN A 132 5.45 -13.36 1.40
C ASN A 132 5.48 -12.11 0.50
N ARG A 133 6.53 -12.03 -0.31
CA ARG A 133 6.71 -10.90 -1.22
C ARG A 133 6.96 -9.63 -0.43
N MET A 134 7.46 -9.81 0.78
CA MET A 134 7.72 -8.67 1.65
C MET A 134 8.92 -7.87 1.19
N ILE A 135 8.69 -6.57 1.08
CA ILE A 135 9.70 -5.63 0.63
C ILE A 135 10.47 -5.03 1.79
N ARG A 136 11.78 -5.13 1.71
CA ARG A 136 12.66 -4.61 2.74
C ARG A 136 13.35 -3.32 2.27
N TYR A 137 13.42 -2.34 3.15
CA TYR A 137 14.13 -1.11 2.86
C TYR A 137 14.75 -0.63 4.14
N ASP A 138 16.08 -0.71 4.24
CA ASP A 138 16.74 -0.32 5.47
C ASP A 138 16.76 1.17 5.62
N TYR A 139 15.79 1.58 6.43
CA TYR A 139 15.53 2.96 6.78
C TYR A 139 14.72 2.93 8.06
N ALA A 140 15.02 3.80 9.00
CA ALA A 140 14.31 3.76 10.27
C ALA A 140 12.90 4.30 10.20
N THR A 141 11.97 3.40 9.84
CA THR A 141 10.56 3.73 9.80
C THR A 141 9.89 3.19 11.05
N LYS A 142 8.71 3.68 11.40
CA LYS A 142 8.02 3.20 12.59
C LYS A 142 6.51 3.08 12.39
N THR A 143 5.94 2.42 13.37
CA THR A 143 4.51 2.24 13.47
C THR A 143 3.79 3.59 13.18
N GLY A 144 2.56 3.53 12.70
CA GLY A 144 1.84 4.77 12.40
C GLY A 144 2.02 5.17 10.96
N GLN A 145 3.06 4.64 10.33
CA GLN A 145 3.34 4.93 8.92
C GLN A 145 2.73 3.87 8.01
N CYS A 146 1.94 2.98 8.58
CA CYS A 146 1.31 1.93 7.79
C CYS A 146 0.35 2.52 6.76
N GLY A 147 0.39 2.00 5.52
CA GLY A 147 -0.49 2.50 4.47
C GLY A 147 0.25 3.37 3.47
N GLY A 148 1.44 3.85 3.84
CA GLY A 148 2.20 4.70 2.94
C GLY A 148 2.48 4.00 1.63
N VAL A 149 2.44 4.74 0.53
CA VAL A 149 2.66 4.15 -0.79
C VAL A 149 4.14 4.21 -1.19
N LEU A 150 4.72 3.03 -1.31
CA LEU A 150 6.11 2.91 -1.72
C LEU A 150 6.15 2.81 -3.22
N CYS A 151 6.58 3.88 -3.84
CA CYS A 151 6.61 3.95 -5.28
C CYS A 151 7.72 4.83 -5.76
N ALA A 152 7.76 4.96 -7.07
CA ALA A 152 8.71 5.79 -7.75
C ALA A 152 8.06 6.31 -9.00
N THR A 153 8.62 7.32 -9.60
CA THR A 153 8.02 7.86 -10.78
C THR A 153 7.97 6.80 -11.89
N GLY A 154 6.76 6.49 -12.36
CA GLY A 154 6.59 5.51 -13.44
C GLY A 154 6.39 4.07 -12.96
N LYS A 155 6.76 3.77 -11.73
CA LYS A 155 6.62 2.40 -11.23
C LYS A 155 6.26 2.39 -9.75
N ILE A 156 5.16 1.70 -9.43
CA ILE A 156 4.69 1.58 -8.06
C ILE A 156 5.08 0.22 -7.52
N PHE A 157 5.59 0.18 -6.30
CA PHE A 157 6.04 -1.10 -5.73
C PHE A 157 5.06 -1.66 -4.72
N GLY A 158 4.97 -1.04 -3.56
CA GLY A 158 4.08 -1.57 -2.54
C GLY A 158 3.54 -0.54 -1.58
N ILE A 159 2.92 -1.04 -0.53
CA ILE A 159 2.37 -0.20 0.51
C ILE A 159 3.04 -0.51 1.84
N HIS A 160 3.31 0.51 2.62
CA HIS A 160 3.95 0.32 3.92
C HIS A 160 3.07 -0.55 4.79
N VAL A 161 3.59 -1.68 5.22
CA VAL A 161 2.82 -2.60 6.03
C VAL A 161 3.43 -2.78 7.40
N GLY A 162 4.73 -2.61 7.50
CA GLY A 162 5.39 -2.73 8.77
C GLY A 162 6.87 -2.40 8.71
N GLY A 163 7.61 -3.01 9.60
CA GLY A 163 9.03 -2.79 9.68
C GLY A 163 9.65 -3.64 10.74
N ASN A 164 10.94 -3.82 10.65
CA ASN A 164 11.64 -4.61 11.64
C ASN A 164 12.92 -3.89 12.06
N GLY A 165 12.90 -3.37 13.28
CA GLY A 165 14.05 -2.66 13.78
C GLY A 165 14.26 -1.31 13.10
N ARG A 166 15.31 -1.23 12.30
CA ARG A 166 15.64 -0.01 11.59
C ARG A 166 15.47 -0.21 10.09
N GLN A 167 14.61 -1.17 9.79
CA GLN A 167 14.28 -1.52 8.42
C GLN A 167 12.78 -1.45 8.23
N GLY A 168 12.34 -0.88 7.14
CA GLY A 168 10.93 -0.80 6.89
C GLY A 168 10.49 -1.96 6.03
N PHE A 169 9.28 -2.44 6.20
CA PHE A 169 8.82 -3.55 5.40
C PHE A 169 7.49 -3.24 4.77
N SER A 170 7.48 -3.34 3.45
CA SER A 170 6.31 -3.07 2.64
C SER A 170 5.85 -4.33 1.92
N ALA A 171 4.58 -4.39 1.57
CA ALA A 171 4.06 -5.52 0.83
C ALA A 171 4.02 -5.15 -0.64
N GLN A 172 4.68 -5.95 -1.47
CA GLN A 172 4.79 -5.64 -2.88
C GLN A 172 3.49 -5.83 -3.66
N LEU A 173 3.09 -4.76 -4.33
CA LEU A 173 1.92 -4.82 -5.18
C LEU A 173 2.38 -5.25 -6.58
N LYS A 174 2.51 -6.55 -6.80
CA LYS A 174 2.92 -7.05 -8.11
C LYS A 174 1.71 -6.99 -9.02
N LYS A 175 1.87 -6.47 -10.22
CA LYS A 175 0.75 -6.31 -11.15
C LYS A 175 -0.03 -7.62 -11.36
N GLN A 176 0.64 -8.75 -11.27
CA GLN A 176 0.00 -10.05 -11.49
C GLN A 176 -1.25 -10.28 -10.61
N TYR A 177 -1.31 -9.68 -9.43
CA TYR A 177 -2.47 -9.86 -8.56
C TYR A 177 -3.69 -9.12 -9.10
N PHE A 178 -3.43 -8.00 -9.75
CA PHE A 178 -4.49 -7.16 -10.27
C PHE A 178 -4.92 -7.57 -11.69
N VAL A 179 -4.11 -8.41 -12.34
CA VAL A 179 -4.45 -8.89 -13.66
C VAL A 179 -5.68 -9.77 -13.58
N GLU A 180 -6.04 -10.14 -12.33
CA GLU A 180 -7.22 -10.96 -12.06
C GLU A 180 -8.49 -10.15 -12.30
N LYS A 181 -8.35 -8.83 -12.19
CA LYS A 181 -9.48 -7.93 -12.37
C LYS A 181 -9.37 -7.10 -13.63
N GLN A 182 -10.47 -6.42 -13.92
CA GLN A 182 -10.56 -5.54 -15.06
C GLN A 182 -10.97 -4.14 -14.60
C ACE B 1 14.20 -12.96 9.21
O ACE B 1 15.09 -12.48 9.91
CH3 ACE B 1 14.43 -14.20 8.37
H1 ACE B 1 13.67 -14.26 7.61
H2 ACE B 1 14.38 -15.07 9.01
H3 ACE B 1 15.41 -14.15 7.91
N LEU B 2 12.97 -12.46 9.16
CA LEU B 2 12.61 -11.28 9.92
C LEU B 2 11.22 -11.44 10.53
N GLU B 3 11.02 -10.83 11.66
CA GLU B 3 9.70 -10.78 12.22
C GLU B 3 9.39 -9.32 12.30
N ALA B 4 9.04 -8.76 11.16
CA ALA B 4 8.73 -7.37 11.08
C ALA B 4 7.31 -7.18 11.54
N LEU B 5 7.06 -6.11 12.22
CA LEU B 5 5.75 -5.86 12.76
C LEU B 5 4.91 -4.92 11.94
N PHE B 6 3.60 -5.08 12.05
CA PHE B 6 2.71 -4.16 11.39
C PHE B 6 2.97 -2.77 11.93
N YTF B 7 3.14 -1.82 11.04
CA YTF B 7 3.35 -0.45 11.47
CB YTF B 7 4.69 0.09 10.96
CG YTF B 7 5.90 -0.59 11.60
CD YTF B 7 7.21 -0.04 11.08
OE1 YTF B 7 7.27 0.49 9.98
NE2 YTF B 7 8.27 -0.17 11.87
C YTF B 7 2.18 0.41 10.94
CX6 YTF B 7 1.05 0.45 11.98
CX7 YTF B 7 0.20 1.69 11.84
OX8 YTF B 7 0.46 2.52 10.98
OX9 YTF B 7 -0.75 1.82 12.65
CJ1 YTF B 7 -1.70 3.04 12.63
CJ2 YTF B 7 -2.83 3.13 13.62
H YTF B 7 3.12 -2.03 10.09
HA YTF B 7 3.33 -0.44 12.56
HB2 YTF B 7 4.73 -0.06 9.90
HB3 YTF B 7 4.75 1.15 11.15
HG2 YTF B 7 5.85 -0.44 12.67
HG3 YTF B 7 5.86 -1.65 11.40
HE22 YTF B 7 9.13 0.17 11.54
HE21 YTF B 7 8.15 -0.61 12.74
H1 YTF B 7 2.54 1.41 10.76
H31 YTF B 7 1.48 0.43 12.97
H3 YTF B 7 0.43 -0.42 11.85
H4 YTF B 7 -2.13 3.13 11.64
H5 YTF B 7 -1.08 3.92 12.80
H7 YTF B 7 -2.93 4.15 13.95
H8 YTF B 7 -2.64 2.49 14.46
H6 YTF B 7 -3.74 2.82 13.14
N GLY A 1 11.61 16.88 -10.81
CA GLY A 1 11.92 15.72 -11.70
C GLY A 1 10.77 14.73 -11.78
N PRO A 2 10.80 13.81 -12.74
CA PRO A 2 9.72 12.83 -12.94
C PRO A 2 9.37 11.98 -11.72
N ASN A 3 10.37 11.55 -10.95
CA ASN A 3 10.11 10.68 -9.80
C ASN A 3 9.24 11.33 -8.73
N THR A 4 9.67 12.49 -8.25
CA THR A 4 8.95 13.18 -7.20
C THR A 4 7.67 13.85 -7.70
N GLU A 5 7.67 14.33 -8.94
CA GLU A 5 6.48 14.97 -9.49
C GLU A 5 5.41 13.93 -9.86
N PHE A 6 5.85 12.69 -10.11
CA PHE A 6 4.92 11.59 -10.40
C PHE A 6 4.06 11.37 -9.16
N ALA A 7 4.73 11.39 -8.01
CA ALA A 7 4.08 11.22 -6.72
C ALA A 7 3.16 12.40 -6.40
N LEU A 8 3.60 13.60 -6.76
CA LEU A 8 2.83 14.82 -6.55
C LEU A 8 1.47 14.71 -7.22
N SER A 9 1.47 14.32 -8.49
CA SER A 9 0.25 14.14 -9.26
C SER A 9 -0.52 12.91 -8.79
N LEU A 10 0.21 11.86 -8.43
CA LEU A 10 -0.39 10.61 -7.97
C LEU A 10 -1.20 10.77 -6.67
N LEU A 11 -0.64 11.49 -5.70
CA LEU A 11 -1.33 11.66 -4.41
C LEU A 11 -2.66 12.40 -4.54
N ARG A 12 -2.76 13.30 -5.53
CA ARG A 12 -3.99 14.07 -5.74
C ARG A 12 -5.08 13.23 -6.42
N LYS A 13 -4.67 12.25 -7.20
CA LYS A 13 -5.60 11.42 -7.96
C LYS A 13 -5.95 10.08 -7.32
N ASN A 14 -4.95 9.35 -6.84
CA ASN A 14 -5.20 8.00 -6.32
C ASN A 14 -4.81 7.78 -4.86
N ILE A 15 -4.44 8.84 -4.15
CA ILE A 15 -4.06 8.68 -2.75
C ILE A 15 -5.16 9.23 -1.86
N MET A 16 -5.91 8.33 -1.24
CA MET A 16 -7.04 8.70 -0.38
C MET A 16 -6.78 8.38 1.08
N THR A 17 -7.34 9.22 1.94
CA THR A 17 -7.22 9.04 3.38
C THR A 17 -8.29 8.08 3.85
N ILE A 18 -7.93 6.84 4.08
CA ILE A 18 -8.91 5.88 4.54
C ILE A 18 -8.84 5.71 6.04
N THR A 19 -9.74 6.39 6.72
CA THR A 19 -9.83 6.30 8.15
C THR A 19 -10.60 5.04 8.47
N THR A 20 -9.83 4.03 8.82
CA THR A 20 -10.38 2.72 9.10
C THR A 20 -10.55 2.52 10.60
N SER A 21 -10.86 1.31 11.02
CA SER A 21 -11.08 1.05 12.42
C SER A 21 -9.78 1.05 13.23
N LYS A 22 -8.66 0.65 12.60
CA LYS A 22 -7.38 0.61 13.31
C LYS A 22 -6.65 1.94 13.21
N GLY A 23 -6.97 2.73 12.19
CA GLY A 23 -6.33 4.02 12.03
C GLY A 23 -6.53 4.64 10.67
N GLU A 24 -5.73 5.65 10.37
CA GLU A 24 -5.80 6.31 9.09
C GLU A 24 -4.75 5.75 8.17
N PHE A 25 -5.21 4.99 7.20
CA PHE A 25 -4.32 4.36 6.25
C PHE A 25 -4.48 5.01 4.91
N THR A 26 -3.52 4.76 4.05
CA THR A 26 -3.55 5.33 2.73
C THR A 26 -4.29 4.41 1.77
N GLY A 27 -5.37 4.90 1.22
CA GLY A 27 -6.14 4.12 0.29
C GLY A 27 -5.61 4.31 -1.11
N LEU A 28 -4.80 3.37 -1.56
CA LEU A 28 -4.21 3.43 -2.89
C LEU A 28 -5.20 2.86 -3.90
N GLY A 29 -5.84 3.76 -4.66
CA GLY A 29 -6.80 3.33 -5.65
C GLY A 29 -6.13 2.78 -6.89
N ILE A 30 -6.40 1.52 -7.23
CA ILE A 30 -5.77 0.92 -8.40
C ILE A 30 -6.51 1.32 -9.66
N HIS A 31 -7.81 1.00 -9.73
CA HIS A 31 -8.62 1.33 -10.90
C HIS A 31 -10.11 1.46 -10.59
N ASP A 32 -10.77 2.33 -11.33
CA ASP A 32 -12.20 2.56 -11.19
C ASP A 32 -12.61 2.84 -9.76
N ARG A 33 -12.97 1.77 -9.04
CA ARG A 33 -13.42 1.95 -7.67
C ARG A 33 -12.83 0.89 -6.73
N VAL A 34 -11.71 0.30 -7.12
CA VAL A 34 -11.06 -0.69 -6.28
C VAL A 34 -9.75 -0.15 -5.76
N CYS A 35 -9.68 -0.09 -4.43
CA CYS A 35 -8.51 0.41 -3.73
C CYS A 35 -7.87 -0.70 -2.93
N VAL A 36 -6.60 -0.54 -2.60
CA VAL A 36 -5.92 -1.52 -1.77
C VAL A 36 -5.60 -0.89 -0.44
N ILE A 37 -5.75 -1.68 0.60
CA ILE A 37 -5.51 -1.22 1.96
C ILE A 37 -5.00 -2.38 2.81
N PRO A 38 -4.05 -2.13 3.71
CA PRO A 38 -3.54 -3.20 4.55
C PRO A 38 -4.69 -3.96 5.19
N THR A 39 -4.53 -5.25 5.33
CA THR A 39 -5.57 -6.09 5.89
C THR A 39 -5.79 -5.82 7.39
N HIS A 40 -4.71 -5.50 8.10
CA HIS A 40 -4.81 -5.21 9.53
C HIS A 40 -5.56 -3.90 9.81
N ALA A 41 -5.88 -3.14 8.76
CA ALA A 41 -6.62 -1.89 8.93
C ALA A 41 -8.05 -2.19 9.41
N GLN A 42 -8.52 -3.38 9.04
CA GLN A 42 -9.85 -3.86 9.41
C GLN A 42 -10.97 -2.95 8.92
N PRO A 43 -11.20 -2.91 7.59
CA PRO A 43 -12.28 -2.14 6.98
C PRO A 43 -13.61 -2.86 7.15
N GLY A 44 -14.69 -2.11 7.30
CA GLY A 44 -15.99 -2.73 7.49
C GLY A 44 -16.93 -2.55 6.31
N ASP A 45 -18.19 -2.32 6.64
CA ASP A 45 -19.25 -2.13 5.66
C ASP A 45 -19.24 -0.71 5.13
N ASP A 46 -18.69 0.19 5.94
CA ASP A 46 -18.56 1.59 5.58
C ASP A 46 -17.21 2.11 6.07
N VAL A 47 -16.55 2.93 5.27
CA VAL A 47 -15.26 3.46 5.66
C VAL A 47 -15.27 4.97 5.61
N LEU A 48 -14.41 5.57 6.42
CA LEU A 48 -14.32 7.01 6.51
C LEU A 48 -13.23 7.57 5.60
N VAL A 49 -13.61 8.12 4.46
CA VAL A 49 -12.62 8.73 3.58
C VAL A 49 -12.36 10.16 4.04
N ASN A 50 -11.40 10.29 4.98
CA ASN A 50 -11.06 11.59 5.56
C ASN A 50 -12.25 12.18 6.31
N GLY A 51 -13.24 11.33 6.60
CA GLY A 51 -14.43 11.75 7.31
C GLY A 51 -15.70 11.48 6.52
N GLN A 52 -15.55 11.40 5.21
CA GLN A 52 -16.66 11.14 4.31
C GLN A 52 -16.87 9.63 4.20
N LYS A 53 -17.95 9.13 4.78
CA LYS A 53 -18.21 7.70 4.70
C LYS A 53 -18.68 7.32 3.32
N ILE A 54 -18.23 6.18 2.88
CA ILE A 54 -18.62 5.63 1.61
C ILE A 54 -18.91 4.15 1.83
N ARG A 55 -19.92 3.62 1.16
CA ARG A 55 -20.27 2.23 1.39
C ARG A 55 -19.40 1.29 0.58
N VAL A 56 -19.03 0.18 1.21
CA VAL A 56 -18.18 -0.83 0.59
C VAL A 56 -18.89 -1.49 -0.58
N LYS A 57 -18.08 -2.01 -1.50
CA LYS A 57 -18.59 -2.71 -2.68
C LYS A 57 -18.21 -4.17 -2.60
N ASP A 58 -16.95 -4.38 -2.25
CA ASP A 58 -16.40 -5.70 -2.11
C ASP A 58 -15.14 -5.65 -1.25
N LYS A 59 -15.04 -6.58 -0.31
CA LYS A 59 -13.88 -6.67 0.56
C LYS A 59 -13.29 -8.06 0.45
N TYR A 60 -12.08 -8.14 -0.06
CA TYR A 60 -11.42 -9.41 -0.25
C TYR A 60 -9.99 -9.37 0.28
N LYS A 61 -9.66 -10.28 1.19
CA LYS A 61 -8.31 -10.34 1.71
C LYS A 61 -7.45 -11.15 0.76
N LEU A 62 -6.52 -10.49 0.12
CA LEU A 62 -5.66 -11.15 -0.84
C LEU A 62 -4.35 -11.55 -0.16
N VAL A 63 -4.15 -12.86 -0.09
CA VAL A 63 -2.95 -13.43 0.50
C VAL A 63 -2.13 -14.08 -0.59
N ASP A 64 -0.99 -14.62 -0.22
CA ASP A 64 -0.10 -15.27 -1.18
C ASP A 64 -0.68 -16.61 -1.68
N PRO A 65 -0.57 -16.85 -2.99
CA PRO A 65 -1.07 -18.09 -3.60
C PRO A 65 -0.63 -19.37 -2.87
N GLU A 66 0.54 -19.32 -2.22
CA GLU A 66 1.05 -20.50 -1.50
C GLU A 66 0.56 -20.50 -0.05
N ASN A 67 -0.52 -19.76 0.19
CA ASN A 67 -1.14 -19.63 1.51
C ASN A 67 -0.18 -19.05 2.52
N ILE A 68 0.22 -17.84 2.22
CA ILE A 68 1.08 -17.02 3.06
C ILE A 68 0.41 -15.67 3.11
N ASN A 69 0.70 -14.86 4.10
CA ASN A 69 0.05 -13.58 4.17
C ASN A 69 0.68 -12.58 3.19
N LEU A 70 -0.16 -11.72 2.61
CA LEU A 70 0.31 -10.71 1.67
C LEU A 70 -0.20 -9.33 2.12
N GLU A 71 -1.41 -9.32 2.68
CA GLU A 71 -2.01 -8.12 3.29
C GLU A 71 -2.75 -7.22 2.30
N LEU A 72 -2.91 -7.67 1.07
CA LEU A 72 -3.61 -6.86 0.09
C LEU A 72 -5.11 -6.96 0.27
N THR A 73 -5.71 -6.05 1.03
CA THR A 73 -7.16 -6.09 1.17
C THR A 73 -7.75 -5.36 -0.01
N VAL A 74 -8.31 -6.15 -0.92
CA VAL A 74 -8.95 -5.59 -2.09
C VAL A 74 -10.22 -4.92 -1.63
N LEU A 75 -10.14 -3.63 -1.41
CA LEU A 75 -11.27 -2.89 -0.92
C LEU A 75 -11.92 -2.11 -2.02
N THR A 76 -12.99 -2.69 -2.52
CA THR A 76 -13.77 -2.08 -3.55
C THR A 76 -14.89 -1.30 -2.89
N LEU A 77 -14.97 -0.03 -3.23
CA LEU A 77 -15.97 0.83 -2.67
C LEU A 77 -16.92 1.26 -3.78
N ASP A 78 -18.16 1.58 -3.44
CA ASP A 78 -19.06 2.02 -4.48
C ASP A 78 -18.80 3.48 -4.74
N ARG A 79 -17.63 3.72 -5.29
CA ARG A 79 -17.16 5.05 -5.64
C ARG A 79 -17.83 5.49 -6.94
N ASN A 80 -18.62 6.55 -6.89
CA ASN A 80 -19.31 7.02 -8.08
C ASN A 80 -18.34 7.75 -9.00
N GLU A 81 -17.63 8.72 -8.42
CA GLU A 81 -16.61 9.45 -9.15
C GLU A 81 -15.38 8.55 -9.15
N LYS A 82 -15.34 7.60 -10.08
CA LYS A 82 -14.26 6.61 -10.10
C LYS A 82 -12.94 7.21 -10.57
N PHE A 83 -11.88 6.80 -9.89
CA PHE A 83 -10.55 7.34 -10.09
C PHE A 83 -9.77 6.76 -11.27
N ARG A 84 -8.54 7.25 -11.41
CA ARG A 84 -7.63 6.87 -12.48
C ARG A 84 -7.11 5.44 -12.35
N ASP A 85 -6.86 4.82 -13.51
CA ASP A 85 -6.32 3.47 -13.56
C ASP A 85 -4.78 3.52 -13.55
N ILE A 86 -4.18 3.37 -12.38
CA ILE A 86 -2.72 3.40 -12.24
C ILE A 86 -2.17 2.00 -12.38
N ARG A 87 -3.02 1.12 -12.89
CA ARG A 87 -2.69 -0.29 -13.02
C ARG A 87 -1.51 -0.54 -13.96
N GLY A 88 -1.30 0.32 -14.95
CA GLY A 88 -0.17 0.14 -15.86
C GLY A 88 1.15 0.53 -15.23
N PHE A 89 1.10 1.28 -14.12
CA PHE A 89 2.31 1.71 -13.43
C PHE A 89 2.66 0.71 -12.35
N ILE A 90 1.67 -0.08 -11.95
CA ILE A 90 1.90 -1.10 -10.94
C ILE A 90 2.77 -2.16 -11.57
N SER A 91 3.89 -2.43 -10.94
CA SER A 91 4.86 -3.34 -11.51
C SER A 91 4.89 -4.73 -10.88
N GLU A 92 4.64 -5.75 -11.73
CA GLU A 92 4.72 -7.11 -11.27
C GLU A 92 6.20 -7.47 -11.24
N ASP A 93 6.93 -6.96 -12.26
CA ASP A 93 8.38 -7.09 -12.28
C ASP A 93 8.88 -5.72 -11.83
N LEU A 94 9.79 -5.68 -10.88
CA LEU A 94 10.22 -4.40 -10.34
C LEU A 94 11.42 -3.76 -11.04
N GLU A 95 12.61 -4.25 -10.73
CA GLU A 95 13.84 -3.67 -11.25
C GLU A 95 13.79 -2.17 -11.02
N GLY A 96 13.91 -1.82 -9.75
CA GLY A 96 13.88 -0.46 -9.27
C GLY A 96 14.46 -0.40 -7.88
N VAL A 97 15.76 -0.26 -7.82
CA VAL A 97 16.49 -0.23 -6.56
C VAL A 97 16.40 1.13 -5.88
N ASP A 98 15.46 1.95 -6.35
CA ASP A 98 15.18 3.26 -5.78
C ASP A 98 13.68 3.52 -5.76
N ALA A 99 13.17 3.98 -4.62
CA ALA A 99 11.76 4.25 -4.51
C ALA A 99 11.50 5.39 -3.56
N THR A 100 10.30 5.88 -3.64
CA THR A 100 9.86 6.97 -2.82
C THR A 100 8.57 6.59 -2.11
N LEU A 101 8.51 6.90 -0.83
CA LEU A 101 7.33 6.55 -0.05
C LEU A 101 6.38 7.73 0.10
N VAL A 102 5.18 7.56 -0.43
CA VAL A 102 4.17 8.58 -0.29
C VAL A 102 3.39 8.31 0.97
N VAL A 103 3.81 8.93 2.06
CA VAL A 103 3.15 8.73 3.33
C VAL A 103 1.93 9.62 3.43
N HIS A 104 0.80 8.98 3.62
CA HIS A 104 -0.47 9.67 3.74
C HIS A 104 -1.31 8.89 4.73
N SER A 105 -0.63 8.47 5.79
CA SER A 105 -1.23 7.69 6.84
C SER A 105 -1.39 8.51 8.11
N ASN A 106 -1.63 7.82 9.21
CA ASN A 106 -1.86 8.45 10.50
C ASN A 106 -0.69 9.31 11.00
N ASN A 107 0.53 8.80 10.97
CA ASN A 107 1.67 9.56 11.51
C ASN A 107 2.21 10.63 10.55
N PHE A 108 1.88 10.56 9.26
CA PHE A 108 2.31 11.59 8.33
C PHE A 108 1.33 11.73 7.18
N THR A 109 0.48 12.75 7.25
CA THR A 109 -0.49 13.00 6.19
C THR A 109 0.11 13.83 5.08
N ASN A 110 0.33 13.21 3.93
CA ASN A 110 0.91 13.90 2.78
C ASN A 110 2.35 14.30 3.03
N THR A 111 3.19 13.30 3.05
CA THR A 111 4.61 13.48 3.27
C THR A 111 5.42 12.56 2.35
N ILE A 112 6.07 13.15 1.37
CA ILE A 112 6.87 12.39 0.42
C ILE A 112 8.23 12.11 1.05
N LEU A 113 8.55 10.82 1.17
CA LEU A 113 9.78 10.37 1.82
C LEU A 113 10.59 9.44 0.92
N GLU A 114 11.78 9.86 0.52
CA GLU A 114 12.63 9.03 -0.32
C GLU A 114 13.21 7.91 0.54
N VAL A 115 13.07 6.66 0.11
CA VAL A 115 13.59 5.54 0.89
C VAL A 115 14.95 5.07 0.40
N GLY A 116 15.24 5.27 -0.88
CA GLY A 116 16.52 4.87 -1.41
C GLY A 116 16.56 3.45 -1.93
N PRO A 117 17.57 2.67 -1.53
CA PRO A 117 17.75 1.29 -2.00
C PRO A 117 16.61 0.37 -1.65
N VAL A 118 15.93 -0.13 -2.69
CA VAL A 118 14.85 -1.06 -2.53
C VAL A 118 15.38 -2.48 -2.61
N THR A 119 15.25 -3.20 -1.52
CA THR A 119 15.72 -4.57 -1.45
C THR A 119 14.57 -5.47 -1.06
N MET A 120 14.77 -6.77 -1.12
CA MET A 120 13.72 -7.69 -0.75
C MET A 120 14.09 -8.50 0.48
N ALA A 121 13.08 -8.95 1.19
CA ALA A 121 13.30 -9.77 2.36
C ALA A 121 12.79 -11.17 2.06
N GLY A 122 11.87 -11.22 1.08
CA GLY A 122 11.29 -12.49 0.67
C GLY A 122 10.17 -12.96 1.58
N LEU A 123 10.46 -14.03 2.31
CA LEU A 123 9.52 -14.64 3.24
C LEU A 123 9.98 -14.39 4.68
N ILE A 124 9.23 -13.57 5.41
CA ILE A 124 9.55 -13.27 6.80
C ILE A 124 8.27 -13.24 7.61
N ASN A 125 8.38 -12.92 8.89
CA ASN A 125 7.20 -12.86 9.71
C ASN A 125 6.78 -11.42 9.94
N LEU A 126 5.52 -11.15 9.66
CA LEU A 126 4.94 -9.84 9.86
C LEU A 126 4.00 -9.92 11.07
N SER A 127 4.45 -9.34 12.19
CA SER A 127 3.69 -9.40 13.44
C SER A 127 3.52 -10.87 13.88
N SER A 128 4.52 -11.69 13.52
CA SER A 128 4.57 -13.12 13.84
C SER A 128 3.81 -13.97 12.83
N THR A 129 3.24 -13.33 11.82
CA THR A 129 2.53 -14.03 10.75
C THR A 129 3.33 -13.94 9.44
N PRO A 130 3.80 -15.09 8.93
CA PRO A 130 4.62 -15.14 7.72
C PRO A 130 4.01 -14.42 6.54
N THR A 131 4.81 -13.53 5.96
CA THR A 131 4.41 -12.78 4.78
C THR A 131 5.45 -12.99 3.68
N ASN A 132 4.98 -13.02 2.44
CA ASN A 132 5.87 -13.22 1.31
C ASN A 132 5.88 -11.99 0.38
N ARG A 133 6.92 -11.89 -0.45
CA ARG A 133 7.06 -10.76 -1.36
C ARG A 133 7.28 -9.47 -0.56
N MET A 134 7.95 -9.60 0.58
CA MET A 134 8.22 -8.46 1.46
C MET A 134 9.36 -7.58 0.95
N ILE A 135 9.06 -6.28 0.84
CA ILE A 135 10.05 -5.31 0.42
C ILE A 135 10.84 -4.85 1.63
N ARG A 136 12.11 -4.56 1.44
CA ARG A 136 12.95 -4.14 2.54
C ARG A 136 13.77 -2.92 2.17
N TYR A 137 13.80 -1.95 3.08
CA TYR A 137 14.60 -0.76 2.89
C TYR A 137 14.98 -0.20 4.24
N ASP A 138 16.13 0.44 4.33
CA ASP A 138 16.54 0.97 5.60
C ASP A 138 16.20 2.44 5.73
N TYR A 139 15.38 2.69 6.73
CA TYR A 139 14.91 4.01 7.09
C TYR A 139 14.11 3.86 8.36
N ALA A 140 14.40 4.66 9.35
CA ALA A 140 13.69 4.54 10.61
C ALA A 140 12.25 4.97 10.46
N THR A 141 11.41 3.98 10.26
CA THR A 141 9.99 4.20 10.12
C THR A 141 9.28 3.42 11.23
N LYS A 142 8.28 4.04 11.83
CA LYS A 142 7.58 3.44 12.95
C LYS A 142 6.11 3.21 12.69
N THR A 143 5.54 2.47 13.61
CA THR A 143 4.12 2.20 13.64
C THR A 143 3.37 3.50 13.27
N GLY A 144 2.16 3.41 12.73
CA GLY A 144 1.43 4.62 12.35
C GLY A 144 1.78 5.03 10.92
N GLN A 145 2.93 4.55 10.45
CA GLN A 145 3.39 4.84 9.09
C GLN A 145 2.90 3.81 8.08
N CYS A 146 2.28 2.74 8.56
CA CYS A 146 1.84 1.71 7.63
C CYS A 146 0.61 2.17 6.85
N GLY A 147 0.67 1.93 5.55
CA GLY A 147 -0.38 2.35 4.63
C GLY A 147 0.22 3.20 3.51
N GLY A 148 1.37 3.80 3.80
CA GLY A 148 2.05 4.63 2.82
C GLY A 148 2.32 3.89 1.53
N VAL A 149 2.32 4.60 0.42
CA VAL A 149 2.55 3.99 -0.89
C VAL A 149 3.97 4.18 -1.38
N LEU A 150 4.62 3.04 -1.62
CA LEU A 150 5.99 3.02 -2.12
C LEU A 150 5.97 2.97 -3.63
N CYS A 151 6.45 4.04 -4.25
CA CYS A 151 6.44 4.11 -5.69
C CYS A 151 7.59 4.93 -6.25
N ALA A 152 7.73 4.84 -7.56
CA ALA A 152 8.73 5.58 -8.30
C ALA A 152 8.13 5.98 -9.63
N THR A 153 8.80 6.83 -10.38
CA THR A 153 8.24 7.25 -11.64
C THR A 153 8.06 6.10 -12.61
N GLY A 154 6.80 5.68 -12.80
CA GLY A 154 6.49 4.59 -13.71
C GLY A 154 6.43 3.23 -13.04
N LYS A 155 6.90 3.16 -11.81
CA LYS A 155 6.90 1.91 -11.09
C LYS A 155 6.28 2.02 -9.71
N ILE A 156 5.08 1.48 -9.56
CA ILE A 156 4.44 1.45 -8.27
C ILE A 156 4.76 0.10 -7.65
N PHE A 157 5.49 0.13 -6.55
CA PHE A 157 5.92 -1.10 -5.91
C PHE A 157 4.83 -1.70 -5.03
N GLY A 158 4.49 -0.99 -3.98
CA GLY A 158 3.47 -1.47 -3.08
C GLY A 158 3.16 -0.51 -1.96
N ILE A 159 2.65 -1.04 -0.88
CA ILE A 159 2.31 -0.23 0.26
C ILE A 159 3.11 -0.64 1.48
N HIS A 160 3.48 0.35 2.27
CA HIS A 160 4.22 0.12 3.48
C HIS A 160 3.29 -0.57 4.46
N VAL A 161 3.62 -1.79 4.82
CA VAL A 161 2.75 -2.57 5.69
C VAL A 161 3.27 -2.65 7.11
N GLY A 162 4.58 -2.52 7.26
CA GLY A 162 5.16 -2.56 8.58
C GLY A 162 6.63 -2.20 8.57
N GLY A 163 7.32 -2.69 9.57
CA GLY A 163 8.72 -2.44 9.68
C GLY A 163 9.33 -3.19 10.81
N ASN A 164 10.64 -3.32 10.78
CA ASN A 164 11.33 -4.02 11.81
C ASN A 164 12.58 -3.22 12.20
N GLY A 165 12.46 -2.46 13.28
CA GLY A 165 13.57 -1.64 13.72
C GLY A 165 13.76 -0.43 12.81
N ARG A 166 14.93 -0.30 12.18
CA ARG A 166 15.15 0.82 11.29
C ARG A 166 15.03 0.41 9.83
N GLN A 167 14.42 -0.75 9.63
CA GLN A 167 14.16 -1.25 8.28
C GLN A 167 12.67 -1.25 8.03
N GLY A 168 12.26 -0.58 6.97
CA GLY A 168 10.84 -0.54 6.67
C GLY A 168 10.44 -1.70 5.80
N PHE A 169 9.30 -2.29 6.08
CA PHE A 169 8.88 -3.42 5.30
C PHE A 169 7.56 -3.13 4.60
N SER A 170 7.64 -3.17 3.28
CA SER A 170 6.50 -2.91 2.43
C SER A 170 6.06 -4.19 1.72
N ALA A 171 4.78 -4.25 1.35
CA ALA A 171 4.27 -5.43 0.67
C ALA A 171 4.15 -5.15 -0.82
N GLN A 172 4.57 -6.12 -1.63
CA GLN A 172 4.56 -5.93 -3.08
C GLN A 172 3.19 -6.05 -3.70
N LEU A 173 2.75 -4.94 -4.28
CA LEU A 173 1.49 -4.92 -5.00
C LEU A 173 1.81 -5.27 -6.44
N LYS A 174 1.83 -6.56 -6.78
CA LYS A 174 2.13 -6.94 -8.15
C LYS A 174 0.90 -6.79 -9.04
N LYS A 175 1.07 -6.05 -10.11
CA LYS A 175 0.01 -5.79 -11.07
C LYS A 175 -0.80 -7.05 -11.39
N GLN A 176 -0.10 -8.15 -11.58
CA GLN A 176 -0.72 -9.43 -11.95
C GLN A 176 -1.77 -9.94 -10.96
N TYR A 177 -1.72 -9.51 -9.70
CA TYR A 177 -2.70 -9.97 -8.71
C TYR A 177 -4.06 -9.29 -8.91
N PHE A 178 -4.05 -8.11 -9.49
CA PHE A 178 -5.27 -7.35 -9.71
C PHE A 178 -5.95 -7.79 -11.01
N VAL A 179 -5.37 -8.79 -11.64
CA VAL A 179 -5.92 -9.34 -12.87
C VAL A 179 -6.83 -10.52 -12.57
N GLU A 180 -6.90 -10.88 -11.28
CA GLU A 180 -7.78 -11.96 -10.83
C GLU A 180 -9.19 -11.43 -10.75
N LYS A 181 -9.34 -10.31 -10.06
CA LYS A 181 -10.64 -9.65 -9.94
C LYS A 181 -11.02 -9.04 -11.27
N GLN A 182 -12.26 -9.20 -11.66
CA GLN A 182 -12.73 -8.65 -12.93
C GLN A 182 -13.58 -7.41 -12.69
C ACE B 1 14.37 -12.48 9.72
O ACE B 1 15.10 -12.10 10.64
CH3 ACE B 1 14.70 -13.73 8.94
H1 ACE B 1 15.77 -13.83 8.84
H2 ACE B 1 14.25 -13.68 7.95
H3 ACE B 1 14.30 -14.58 9.47
N LEU B 2 13.16 -11.99 9.52
CA LEU B 2 12.72 -10.80 10.25
C LEU B 2 11.32 -10.99 10.80
N GLU B 3 11.07 -10.36 11.91
CA GLU B 3 9.73 -10.32 12.41
C GLU B 3 9.39 -8.87 12.46
N ALA B 4 8.93 -8.37 11.32
CA ALA B 4 8.58 -6.98 11.22
C ALA B 4 7.12 -6.87 11.59
N LEU B 5 6.78 -5.76 12.20
CA LEU B 5 5.45 -5.57 12.68
C LEU B 5 4.59 -4.67 11.81
N PHE B 6 3.28 -4.91 11.85
CA PHE B 6 2.36 -4.05 11.14
C PHE B 6 2.58 -2.64 11.66
N YTF B 7 2.53 -1.62 10.81
CA YTF B 7 2.72 -0.30 11.32
CB YTF B 7 4.00 0.35 10.76
CG YTF B 7 5.27 -0.25 11.40
CD YTF B 7 6.56 0.31 10.84
OE1 YTF B 7 6.58 0.84 9.74
NE2 YTF B 7 7.65 0.21 11.60
C YTF B 7 1.45 0.59 11.19
CX6 YTF B 7 0.61 0.28 12.43
CX7 YTF B 7 -0.46 1.29 12.76
OX8 YTF B 7 -0.59 2.30 12.05
OX9 YTF B 7 -1.15 1.05 13.77
CJ1 YTF B 7 -2.30 1.95 14.30
CJ2 YTF B 7 -3.06 1.52 15.55
H YTF B 7 2.41 -1.77 9.85
HA YTF B 7 2.87 -0.42 12.38
HB2 YTF B 7 4.03 0.18 9.70
HB3 YTF B 7 3.99 1.42 10.96
HG2 YTF B 7 5.24 -0.07 12.47
HG3 YTF B 7 5.27 -1.32 11.25
HE22 YTF B 7 8.50 0.55 11.25
HE21 YTF B 7 7.56 -0.20 12.49
H1 YTF B 7 1.76 1.62 11.22
H31 YTF B 7 1.27 0.22 13.28
H3 YTF B 7 0.14 -0.69 12.28
H4 YTF B 7 -3.02 2.08 13.52
H5 YTF B 7 -1.89 2.92 14.52
H7 YTF B 7 -4.07 1.26 15.27
H8 YTF B 7 -3.08 2.33 16.25
H6 YTF B 7 -2.58 0.66 16.00
N GLY A 1 11.26 18.15 -8.83
CA GLY A 1 11.90 16.87 -9.31
C GLY A 1 10.90 15.98 -10.01
N PRO A 2 11.30 15.36 -11.13
CA PRO A 2 10.41 14.50 -11.92
C PRO A 2 9.85 13.31 -11.15
N ASN A 3 10.63 12.74 -10.24
CA ASN A 3 10.17 11.60 -9.47
C ASN A 3 9.10 12.03 -8.49
N THR A 4 9.40 13.12 -7.80
CA THR A 4 8.48 13.69 -6.83
C THR A 4 7.19 14.14 -7.50
N GLU A 5 7.29 14.61 -8.73
CA GLU A 5 6.11 15.06 -9.49
C GLU A 5 5.11 13.92 -9.68
N PHE A 6 5.59 12.75 -10.11
CA PHE A 6 4.71 11.61 -10.32
C PHE A 6 4.05 11.22 -9.01
N ALA A 7 4.84 11.18 -7.95
CA ALA A 7 4.35 10.84 -6.62
C ALA A 7 3.26 11.82 -6.18
N LEU A 8 3.53 13.11 -6.37
CA LEU A 8 2.60 14.17 -6.01
C LEU A 8 1.33 14.09 -6.85
N SER A 9 1.50 13.78 -8.14
CA SER A 9 0.38 13.66 -9.06
C SER A 9 -0.50 12.44 -8.72
N LEU A 10 0.14 11.30 -8.51
CA LEU A 10 -0.59 10.08 -8.14
C LEU A 10 -1.34 10.30 -6.83
N LEU A 11 -0.67 11.00 -5.93
CA LEU A 11 -1.19 11.33 -4.61
C LEU A 11 -2.53 12.06 -4.69
N ARG A 12 -2.59 13.09 -5.52
CA ARG A 12 -3.80 13.90 -5.68
C ARG A 12 -4.90 13.17 -6.44
N LYS A 13 -4.52 12.28 -7.34
CA LYS A 13 -5.48 11.59 -8.20
C LYS A 13 -6.04 10.27 -7.65
N ASN A 14 -5.19 9.36 -7.19
CA ASN A 14 -5.69 8.06 -6.73
C ASN A 14 -5.42 7.77 -5.26
N ILE A 15 -4.78 8.68 -4.56
CA ILE A 15 -4.50 8.45 -3.15
C ILE A 15 -5.41 9.32 -2.29
N MET A 16 -6.17 8.67 -1.41
CA MET A 16 -7.06 9.38 -0.53
C MET A 16 -6.94 8.86 0.88
N THR A 17 -7.48 9.63 1.78
CA THR A 17 -7.49 9.30 3.18
C THR A 17 -8.53 8.24 3.46
N ILE A 18 -8.09 7.03 3.80
CA ILE A 18 -9.04 5.99 4.13
C ILE A 18 -9.07 5.81 5.62
N THR A 19 -10.17 6.20 6.20
CA THR A 19 -10.35 6.12 7.63
C THR A 19 -10.91 4.76 8.01
N THR A 20 -10.08 4.00 8.71
CA THR A 20 -10.47 2.66 9.12
C THR A 20 -10.39 2.51 10.65
N SER A 21 -10.55 1.29 11.12
CA SER A 21 -10.56 1.03 12.56
C SER A 21 -9.30 1.52 13.28
N LYS A 22 -8.15 1.41 12.66
CA LYS A 22 -6.88 1.82 13.29
C LYS A 22 -6.52 3.27 13.01
N GLY A 23 -7.36 3.98 12.26
CA GLY A 23 -7.08 5.37 11.97
C GLY A 23 -7.13 5.70 10.49
N GLU A 24 -6.49 6.80 10.13
CA GLU A 24 -6.46 7.24 8.74
C GLU A 24 -5.26 6.66 8.00
N PHE A 25 -5.53 5.95 6.92
CA PHE A 25 -4.49 5.33 6.13
C PHE A 25 -4.38 5.95 4.76
N THR A 26 -3.40 5.45 4.04
CA THR A 26 -3.16 5.83 2.67
C THR A 26 -3.92 4.89 1.75
N GLY A 27 -4.99 5.38 1.16
CA GLY A 27 -5.77 4.55 0.28
C GLY A 27 -5.33 4.71 -1.15
N LEU A 28 -4.74 3.67 -1.72
CA LEU A 28 -4.25 3.73 -3.08
C LEU A 28 -5.28 3.17 -4.05
N GLY A 29 -5.95 4.07 -4.75
CA GLY A 29 -6.90 3.62 -5.75
C GLY A 29 -6.14 3.03 -6.91
N ILE A 30 -6.47 1.81 -7.27
CA ILE A 30 -5.77 1.14 -8.35
C ILE A 30 -6.45 1.41 -9.69
N HIS A 31 -7.76 1.27 -9.69
CA HIS A 31 -8.57 1.48 -10.89
C HIS A 31 -10.06 1.45 -10.58
N ASP A 32 -10.81 2.20 -11.38
CA ASP A 32 -12.26 2.20 -11.26
C ASP A 32 -12.79 2.32 -9.82
N ARG A 33 -13.09 1.20 -9.17
CA ARG A 33 -13.64 1.24 -7.80
C ARG A 33 -12.80 0.37 -6.87
N VAL A 34 -11.59 0.07 -7.29
CA VAL A 34 -10.68 -0.75 -6.51
C VAL A 34 -9.60 0.08 -5.84
N CYS A 35 -9.54 -0.05 -4.53
CA CYS A 35 -8.57 0.65 -3.72
C CYS A 35 -7.88 -0.34 -2.80
N VAL A 36 -6.58 -0.17 -2.59
CA VAL A 36 -5.86 -1.06 -1.71
C VAL A 36 -5.73 -0.42 -0.34
N ILE A 37 -5.98 -1.22 0.68
CA ILE A 37 -5.91 -0.78 2.06
C ILE A 37 -5.31 -1.89 2.91
N PRO A 38 -4.40 -1.57 3.85
CA PRO A 38 -3.81 -2.60 4.68
C PRO A 38 -4.86 -3.49 5.30
N THR A 39 -4.49 -4.71 5.57
CA THR A 39 -5.39 -5.70 6.13
C THR A 39 -5.57 -5.49 7.65
N HIS A 40 -4.52 -5.07 8.34
CA HIS A 40 -4.60 -4.83 9.78
C HIS A 40 -5.41 -3.57 10.09
N ALA A 41 -5.97 -2.96 9.05
CA ALA A 41 -6.80 -1.76 9.19
C ALA A 41 -8.18 -2.18 9.68
N GLN A 42 -8.51 -3.43 9.38
CA GLN A 42 -9.80 -4.04 9.74
C GLN A 42 -10.99 -3.28 9.19
N PRO A 43 -11.18 -3.31 7.87
CA PRO A 43 -12.33 -2.69 7.21
C PRO A 43 -13.55 -3.58 7.38
N GLY A 44 -14.73 -3.00 7.38
CA GLY A 44 -15.94 -3.80 7.54
C GLY A 44 -16.75 -3.88 6.26
N ASP A 45 -18.06 -3.70 6.40
CA ASP A 45 -18.96 -3.73 5.26
C ASP A 45 -19.25 -2.30 4.85
N ASP A 46 -18.80 -1.41 5.72
CA ASP A 46 -18.94 0.02 5.56
C ASP A 46 -17.61 0.65 5.95
N VAL A 47 -17.03 1.44 5.04
CA VAL A 47 -15.75 2.03 5.31
C VAL A 47 -15.84 3.54 5.26
N LEU A 48 -14.76 4.20 5.65
CA LEU A 48 -14.74 5.66 5.66
C LEU A 48 -13.72 6.22 4.69
N VAL A 49 -14.16 7.05 3.75
CA VAL A 49 -13.25 7.69 2.82
C VAL A 49 -13.13 9.16 3.23
N ASN A 50 -12.06 9.45 3.97
CA ASN A 50 -11.82 10.79 4.53
C ASN A 50 -13.02 11.22 5.37
N GLY A 51 -13.32 10.39 6.39
CA GLY A 51 -14.43 10.66 7.31
C GLY A 51 -15.80 10.30 6.72
N GLN A 52 -15.98 10.54 5.44
CA GLN A 52 -17.25 10.25 4.76
C GLN A 52 -17.40 8.74 4.59
N LYS A 53 -18.43 8.15 5.19
CA LYS A 53 -18.63 6.70 5.13
C LYS A 53 -19.26 6.27 3.82
N ILE A 54 -18.86 5.08 3.37
CA ILE A 54 -19.35 4.51 2.13
C ILE A 54 -19.47 2.99 2.27
N ARG A 55 -20.45 2.41 1.61
CA ARG A 55 -20.67 0.96 1.67
C ARG A 55 -19.70 0.24 0.73
N VAL A 56 -19.25 -0.95 1.12
CA VAL A 56 -18.33 -1.70 0.28
C VAL A 56 -19.07 -2.65 -0.67
N LYS A 57 -18.46 -2.91 -1.83
CA LYS A 57 -19.03 -3.79 -2.85
C LYS A 57 -18.44 -5.18 -2.67
N ASP A 58 -17.13 -5.22 -2.75
CA ASP A 58 -16.38 -6.45 -2.61
C ASP A 58 -15.05 -6.19 -1.93
N LYS A 59 -14.88 -6.80 -0.77
CA LYS A 59 -13.65 -6.68 0.02
C LYS A 59 -12.90 -8.00 -0.08
N TYR A 60 -11.73 -7.96 -0.68
CA TYR A 60 -10.95 -9.17 -0.89
C TYR A 60 -9.57 -9.09 -0.25
N LYS A 61 -9.32 -9.98 0.71
CA LYS A 61 -8.02 -10.03 1.35
C LYS A 61 -7.07 -10.71 0.41
N LEU A 62 -6.16 -9.95 -0.14
CA LEU A 62 -5.20 -10.48 -1.08
C LEU A 62 -4.01 -11.07 -0.36
N VAL A 63 -3.91 -12.38 -0.51
CA VAL A 63 -2.83 -13.15 0.07
C VAL A 63 -2.11 -13.90 -1.04
N ASP A 64 -0.97 -14.46 -0.72
CA ASP A 64 -0.20 -15.22 -1.69
C ASP A 64 -0.97 -16.47 -2.14
N PRO A 65 -0.85 -16.87 -3.43
CA PRO A 65 -1.54 -18.04 -3.95
C PRO A 65 -1.32 -19.31 -3.11
N GLU A 66 -0.27 -19.34 -2.29
CA GLU A 66 -0.02 -20.50 -1.44
C GLU A 66 -0.60 -20.25 -0.05
N ASN A 67 -1.47 -19.24 0.00
CA ASN A 67 -2.17 -18.81 1.20
C ASN A 67 -1.24 -18.36 2.31
N ILE A 68 -0.55 -17.29 2.01
CA ILE A 68 0.35 -16.60 2.91
C ILE A 68 -0.03 -15.15 2.82
N ASN A 69 0.00 -14.44 3.91
CA ASN A 69 -0.46 -13.06 3.91
C ASN A 69 0.38 -12.11 3.06
N LEU A 70 -0.31 -11.37 2.16
CA LEU A 70 0.34 -10.35 1.36
C LEU A 70 0.04 -9.04 2.08
N GLU A 71 -1.11 -9.04 2.75
CA GLU A 71 -1.53 -7.91 3.58
C GLU A 71 -2.26 -6.85 2.75
N LEU A 72 -2.54 -7.17 1.49
CA LEU A 72 -3.25 -6.25 0.60
C LEU A 72 -4.75 -6.50 0.67
N THR A 73 -5.49 -5.61 1.30
CA THR A 73 -6.94 -5.77 1.30
C THR A 73 -7.46 -5.02 0.10
N VAL A 74 -7.86 -5.78 -0.90
CA VAL A 74 -8.38 -5.19 -2.12
C VAL A 74 -9.80 -4.75 -1.86
N LEU A 75 -9.94 -3.48 -1.62
CA LEU A 75 -11.22 -2.90 -1.31
C LEU A 75 -11.92 -2.40 -2.55
N THR A 76 -12.86 -3.20 -3.00
CA THR A 76 -13.65 -2.86 -4.14
C THR A 76 -14.93 -2.20 -3.66
N LEU A 77 -14.94 -0.89 -3.68
CA LEU A 77 -16.08 -0.12 -3.23
C LEU A 77 -16.57 0.78 -4.36
N ASP A 78 -17.87 0.71 -4.66
CA ASP A 78 -18.39 1.50 -5.76
C ASP A 78 -18.48 2.96 -5.39
N ARG A 79 -17.37 3.64 -5.60
CA ARG A 79 -17.27 5.06 -5.36
C ARG A 79 -17.88 5.79 -6.56
N ASN A 80 -18.61 6.88 -6.34
CA ASN A 80 -19.18 7.59 -7.46
C ASN A 80 -18.05 8.23 -8.24
N GLU A 81 -17.06 8.74 -7.51
CA GLU A 81 -15.86 9.32 -8.13
C GLU A 81 -14.86 8.19 -8.27
N LYS A 82 -14.82 7.60 -9.45
CA LYS A 82 -13.96 6.46 -9.70
C LYS A 82 -12.51 6.84 -9.95
N PHE A 83 -11.62 5.91 -9.64
CA PHE A 83 -10.18 6.11 -9.75
C PHE A 83 -9.64 5.81 -11.14
N ARG A 84 -8.46 6.37 -11.44
CA ARG A 84 -7.81 6.15 -12.72
C ARG A 84 -7.25 4.74 -12.77
N ASP A 85 -7.06 4.21 -13.97
CA ASP A 85 -6.49 2.88 -14.11
C ASP A 85 -4.97 2.98 -14.00
N ILE A 86 -4.44 3.33 -12.83
CA ILE A 86 -3.00 3.44 -12.68
C ILE A 86 -2.33 2.06 -12.60
N ARG A 87 -3.11 1.01 -12.92
CA ARG A 87 -2.59 -0.37 -12.91
C ARG A 87 -1.40 -0.51 -13.86
N GLY A 88 -1.33 0.33 -14.89
CA GLY A 88 -0.23 0.27 -15.84
C GLY A 88 1.09 0.72 -15.24
N PHE A 89 1.02 1.43 -14.12
CA PHE A 89 2.22 1.91 -13.45
C PHE A 89 2.63 0.95 -12.34
N ILE A 90 1.79 -0.08 -12.15
CA ILE A 90 2.07 -1.10 -11.15
C ILE A 90 3.03 -2.08 -11.75
N SER A 91 4.06 -2.40 -10.99
CA SER A 91 5.15 -3.24 -11.47
C SER A 91 4.98 -4.74 -11.20
N GLU A 92 5.03 -5.51 -12.29
CA GLU A 92 5.02 -6.95 -12.17
C GLU A 92 6.39 -7.30 -11.62
N ASP A 93 7.41 -6.98 -12.41
CA ASP A 93 8.78 -7.11 -11.95
C ASP A 93 9.12 -5.76 -11.38
N LEU A 94 9.74 -5.70 -10.23
CA LEU A 94 10.03 -4.40 -9.63
C LEU A 94 10.90 -3.54 -10.56
N GLU A 95 12.04 -4.06 -10.98
CA GLU A 95 12.94 -3.34 -11.90
C GLU A 95 13.13 -1.91 -11.44
N GLY A 96 13.89 -1.76 -10.36
CA GLY A 96 14.17 -0.49 -9.75
C GLY A 96 14.51 -0.70 -8.29
N VAL A 97 15.80 -0.82 -8.02
CA VAL A 97 16.27 -1.09 -6.66
C VAL A 97 16.26 0.17 -5.80
N ASP A 98 15.73 1.26 -6.35
CA ASP A 98 15.62 2.53 -5.62
C ASP A 98 14.15 2.91 -5.49
N ALA A 99 13.70 3.16 -4.26
CA ALA A 99 12.30 3.47 -4.04
C ALA A 99 12.09 4.72 -3.20
N THR A 100 10.89 5.24 -3.35
CA THR A 100 10.44 6.42 -2.62
C THR A 100 9.15 6.06 -1.89
N LEU A 101 9.01 6.53 -0.65
CA LEU A 101 7.83 6.21 0.15
C LEU A 101 6.91 7.42 0.32
N VAL A 102 5.69 7.29 -0.19
CA VAL A 102 4.70 8.35 -0.08
C VAL A 102 3.68 7.99 0.98
N VAL A 103 3.77 8.66 2.13
CA VAL A 103 2.86 8.38 3.22
C VAL A 103 1.78 9.46 3.33
N HIS A 104 0.54 9.03 3.25
CA HIS A 104 -0.62 9.91 3.38
C HIS A 104 -1.50 9.31 4.44
N SER A 105 -1.08 9.50 5.69
CA SER A 105 -1.78 8.94 6.84
C SER A 105 -2.23 10.03 7.83
N ASN A 106 -2.71 9.61 9.01
CA ASN A 106 -3.21 10.55 10.00
C ASN A 106 -2.18 11.64 10.39
N ASN A 107 -0.94 11.27 10.69
CA ASN A 107 0.07 12.28 11.08
C ASN A 107 0.94 12.62 9.87
N PHE A 108 1.56 11.61 9.29
CA PHE A 108 2.40 11.83 8.12
C PHE A 108 1.52 11.94 6.89
N THR A 109 1.12 13.16 6.59
CA THR A 109 0.26 13.40 5.45
C THR A 109 1.02 14.06 4.29
N ASN A 110 1.11 13.32 3.18
CA ASN A 110 1.80 13.77 1.98
C ASN A 110 3.30 13.81 2.20
N THR A 111 3.76 12.96 3.09
CA THR A 111 5.18 12.86 3.38
C THR A 111 5.86 11.93 2.39
N ILE A 112 6.69 12.51 1.56
CA ILE A 112 7.41 11.75 0.55
C ILE A 112 8.83 11.49 1.05
N LEU A 113 9.04 10.29 1.57
CA LEU A 113 10.34 9.92 2.12
C LEU A 113 11.17 9.17 1.09
N GLU A 114 12.45 9.50 0.99
CA GLU A 114 13.31 8.79 0.08
C GLU A 114 14.06 7.74 0.90
N VAL A 115 13.79 6.47 0.60
CA VAL A 115 14.40 5.38 1.35
C VAL A 115 15.61 4.83 0.63
N GLY A 116 15.71 5.09 -0.66
CA GLY A 116 16.84 4.63 -1.43
C GLY A 116 16.71 3.18 -1.89
N PRO A 117 17.79 2.40 -1.75
CA PRO A 117 17.83 1.00 -2.18
C PRO A 117 16.92 0.08 -1.37
N VAL A 118 16.31 -0.86 -2.07
CA VAL A 118 15.43 -1.85 -1.45
C VAL A 118 16.00 -3.26 -1.64
N THR A 119 15.36 -4.21 -0.96
CA THR A 119 15.76 -5.62 -1.02
C THR A 119 14.53 -6.49 -0.84
N MET A 120 14.57 -7.73 -1.30
CA MET A 120 13.44 -8.63 -1.09
C MET A 120 13.74 -9.55 0.09
N ALA A 121 12.82 -9.63 1.04
CA ALA A 121 13.03 -10.47 2.21
C ALA A 121 12.34 -11.82 2.04
N GLY A 122 11.42 -11.88 1.09
CA GLY A 122 10.69 -13.11 0.86
C GLY A 122 9.55 -13.31 1.84
N LEU A 123 9.64 -14.40 2.60
CA LEU A 123 8.63 -14.74 3.59
C LEU A 123 9.17 -14.50 5.00
N ILE A 124 8.49 -13.63 5.74
CA ILE A 124 8.85 -13.34 7.11
C ILE A 124 7.58 -13.20 7.91
N ASN A 125 7.68 -12.65 9.10
CA ASN A 125 6.49 -12.47 9.91
C ASN A 125 6.23 -11.01 10.19
N LEU A 126 4.99 -10.60 9.96
CA LEU A 126 4.58 -9.24 10.24
C LEU A 126 3.64 -9.29 11.44
N SER A 127 4.10 -8.81 12.60
CA SER A 127 3.28 -8.88 13.79
C SER A 127 2.98 -10.36 14.11
N SER A 128 3.93 -11.22 13.72
CA SER A 128 3.88 -12.68 13.90
C SER A 128 3.09 -13.38 12.81
N THR A 129 2.40 -12.61 11.97
CA THR A 129 1.62 -13.16 10.85
C THR A 129 2.56 -13.44 9.67
N PRO A 130 2.57 -14.68 9.12
CA PRO A 130 3.44 -15.02 7.99
C PRO A 130 3.08 -14.24 6.74
N THR A 131 4.01 -13.43 6.28
CA THR A 131 3.81 -12.62 5.09
C THR A 131 4.85 -12.97 4.03
N ASN A 132 4.43 -12.96 2.76
CA ASN A 132 5.35 -13.27 1.66
C ASN A 132 5.49 -12.09 0.69
N ARG A 133 6.51 -12.14 -0.14
CA ARG A 133 6.76 -11.09 -1.10
C ARG A 133 7.03 -9.78 -0.39
N MET A 134 7.69 -9.88 0.76
CA MET A 134 8.01 -8.71 1.58
C MET A 134 9.23 -7.96 1.06
N ILE A 135 9.12 -6.64 1.05
CA ILE A 135 10.21 -5.77 0.65
C ILE A 135 10.95 -5.31 1.89
N ARG A 136 12.27 -5.38 1.82
CA ARG A 136 13.11 -5.02 2.95
C ARG A 136 14.04 -3.89 2.58
N TYR A 137 14.02 -2.82 3.33
CA TYR A 137 14.92 -1.73 3.05
C TYR A 137 15.41 -1.09 4.34
N ASP A 138 16.69 -0.76 4.34
CA ASP A 138 17.31 -0.17 5.50
C ASP A 138 17.02 1.32 5.58
N TYR A 139 16.00 1.61 6.36
CA TYR A 139 15.56 2.98 6.61
C TYR A 139 14.63 2.94 7.80
N ALA A 140 14.85 3.83 8.75
CA ALA A 140 14.05 3.83 9.94
C ALA A 140 12.63 4.29 9.74
N THR A 141 11.80 3.36 9.30
CA THR A 141 10.38 3.62 9.13
C THR A 141 9.73 3.28 10.46
N LYS A 142 8.76 4.07 10.88
CA LYS A 142 8.17 3.82 12.17
C LYS A 142 6.66 3.71 12.15
N THR A 143 6.20 3.05 13.18
CA THR A 143 4.80 2.87 13.45
C THR A 143 4.05 4.18 13.10
N GLY A 144 2.78 4.08 12.70
CA GLY A 144 2.02 5.25 12.31
C GLY A 144 2.14 5.50 10.81
N GLN A 145 3.26 5.05 10.24
CA GLN A 145 3.53 5.21 8.81
C GLN A 145 3.08 4.01 7.98
N CYS A 146 2.37 3.04 8.57
CA CYS A 146 1.96 1.87 7.78
C CYS A 146 0.74 2.19 6.93
N GLY A 147 0.89 1.94 5.64
CA GLY A 147 -0.16 2.21 4.65
C GLY A 147 0.41 3.04 3.51
N GLY A 148 1.58 3.63 3.75
CA GLY A 148 2.23 4.46 2.75
C GLY A 148 2.53 3.70 1.47
N VAL A 149 2.57 4.42 0.36
CA VAL A 149 2.83 3.80 -0.93
C VAL A 149 4.28 3.93 -1.35
N LEU A 150 4.92 2.77 -1.52
CA LEU A 150 6.30 2.72 -1.95
C LEU A 150 6.32 2.75 -3.46
N CYS A 151 6.78 3.85 -4.02
CA CYS A 151 6.75 3.99 -5.46
C CYS A 151 7.83 4.91 -5.99
N ALA A 152 7.70 5.22 -7.27
CA ALA A 152 8.60 6.11 -7.98
C ALA A 152 7.98 6.50 -9.31
N THR A 153 8.65 7.34 -10.09
CA THR A 153 8.09 7.77 -11.35
C THR A 153 7.70 6.59 -12.26
N GLY A 154 6.38 6.36 -12.41
CA GLY A 154 5.88 5.27 -13.25
C GLY A 154 6.36 3.93 -12.77
N LYS A 155 6.58 3.85 -11.47
CA LYS A 155 7.09 2.65 -10.85
C LYS A 155 6.50 2.44 -9.46
N ILE A 156 5.41 1.70 -9.39
CA ILE A 156 4.78 1.42 -8.11
C ILE A 156 5.32 0.08 -7.59
N PHE A 157 5.91 0.10 -6.41
CA PHE A 157 6.48 -1.11 -5.83
C PHE A 157 5.45 -1.80 -4.96
N GLY A 158 4.79 -1.01 -4.11
CA GLY A 158 3.80 -1.56 -3.23
C GLY A 158 3.43 -0.64 -2.09
N ILE A 159 2.96 -1.23 -1.01
CA ILE A 159 2.58 -0.46 0.16
C ILE A 159 3.40 -0.86 1.37
N HIS A 160 3.65 0.10 2.22
CA HIS A 160 4.40 -0.11 3.43
C HIS A 160 3.48 -0.74 4.47
N VAL A 161 3.77 -1.98 4.86
CA VAL A 161 2.90 -2.67 5.81
C VAL A 161 3.42 -2.57 7.24
N GLY A 162 4.72 -2.44 7.37
CA GLY A 162 5.31 -2.33 8.67
C GLY A 162 6.79 -2.11 8.61
N GLY A 163 7.46 -2.55 9.64
CA GLY A 163 8.89 -2.39 9.70
C GLY A 163 9.47 -3.10 10.86
N ASN A 164 10.77 -3.24 10.86
CA ASN A 164 11.43 -3.91 11.94
C ASN A 164 12.68 -3.15 12.36
N GLY A 165 12.52 -2.31 13.36
CA GLY A 165 13.62 -1.52 13.89
C GLY A 165 14.12 -0.43 12.94
N ARG A 166 15.17 -0.75 12.19
CA ARG A 166 15.78 0.20 11.27
C ARG A 166 15.50 -0.19 9.84
N GLN A 167 14.62 -1.16 9.68
CA GLN A 167 14.26 -1.62 8.37
C GLN A 167 12.77 -1.47 8.12
N GLY A 168 12.44 -0.98 6.94
CA GLY A 168 11.05 -0.83 6.60
C GLY A 168 10.59 -2.02 5.81
N PHE A 169 9.39 -2.51 6.07
CA PHE A 169 8.91 -3.66 5.35
C PHE A 169 7.64 -3.35 4.62
N SER A 170 7.70 -3.54 3.31
CA SER A 170 6.58 -3.26 2.42
C SER A 170 6.17 -4.51 1.67
N ALA A 171 5.01 -4.45 1.02
CA ALA A 171 4.51 -5.58 0.27
C ALA A 171 4.60 -5.30 -1.23
N GLN A 172 4.91 -6.31 -2.02
CA GLN A 172 5.04 -6.13 -3.45
C GLN A 172 3.69 -6.06 -4.14
N LEU A 173 3.39 -4.92 -4.74
CA LEU A 173 2.16 -4.79 -5.49
C LEU A 173 2.46 -5.10 -6.94
N LYS A 174 2.42 -6.38 -7.28
CA LYS A 174 2.70 -6.82 -8.63
C LYS A 174 1.50 -6.53 -9.53
N LYS A 175 1.77 -6.21 -10.80
CA LYS A 175 0.70 -5.89 -11.74
C LYS A 175 -0.32 -7.05 -11.89
N GLN A 176 0.16 -8.28 -11.73
CA GLN A 176 -0.67 -9.49 -11.88
C GLN A 176 -1.97 -9.46 -11.06
N TYR A 177 -1.93 -9.01 -9.81
CA TYR A 177 -3.12 -9.02 -8.94
C TYR A 177 -4.24 -8.13 -9.46
N PHE A 178 -3.87 -6.98 -9.98
CA PHE A 178 -4.84 -5.99 -10.40
C PHE A 178 -5.25 -6.09 -11.87
N VAL A 179 -4.42 -6.71 -12.69
CA VAL A 179 -4.75 -6.84 -14.09
C VAL A 179 -5.68 -8.04 -14.31
N GLU A 180 -5.78 -8.91 -13.30
CA GLU A 180 -6.63 -10.09 -13.37
C GLU A 180 -7.95 -9.91 -12.60
N LYS A 181 -8.06 -8.82 -11.83
CA LYS A 181 -9.29 -8.58 -11.08
C LYS A 181 -10.09 -7.39 -11.59
N GLN A 182 -11.11 -7.72 -12.38
CA GLN A 182 -12.04 -6.73 -12.92
C GLN A 182 -13.26 -7.44 -13.49
C ACE B 1 13.37 -13.12 10.04
O ACE B 1 14.28 -12.81 10.79
CH3 ACE B 1 13.44 -14.37 9.20
H1 ACE B 1 13.66 -14.11 8.17
H2 ACE B 1 12.47 -14.85 9.23
H3 ACE B 1 14.19 -15.03 9.59
N LEU B 2 12.31 -12.35 9.81
CA LEU B 2 12.09 -11.13 10.57
C LEU B 2 10.69 -11.13 11.13
N GLU B 3 10.52 -10.49 12.26
CA GLU B 3 9.18 -10.32 12.75
C GLU B 3 8.98 -8.84 12.80
N ALA B 4 8.75 -8.28 11.62
CA ALA B 4 8.54 -6.87 11.51
C ALA B 4 7.12 -6.61 11.94
N LEU B 5 6.86 -5.43 12.39
CA LEU B 5 5.54 -5.13 12.89
C LEU B 5 4.73 -4.18 12.03
N PHE B 6 3.44 -4.44 11.94
CA PHE B 6 2.56 -3.55 11.22
C PHE B 6 2.71 -2.18 11.84
N YTF B 7 2.82 -1.15 11.02
CA YTF B 7 3.04 0.17 11.56
CB YTF B 7 4.30 0.74 10.93
CG YTF B 7 5.56 0.05 11.49
CD YTF B 7 6.86 0.52 10.83
OE1 YTF B 7 6.85 1.02 9.71
NE2 YTF B 7 7.99 0.32 11.51
C YTF B 7 1.81 1.12 11.47
CX6 YTF B 7 1.02 0.95 12.79
CX7 YTF B 7 0.10 2.10 13.11
OX8 YTF B 7 0.01 3.07 12.35
OX9 YTF B 7 -0.56 2.02 14.18
CJ1 YTF B 7 -1.55 3.09 14.70
CJ2 YTF B 7 -2.29 2.87 16.02
H YTF B 7 2.76 -1.27 10.05
HA YTF B 7 3.24 0.03 12.61
HB2 YTF B 7 4.26 0.57 9.86
HB3 YTF B 7 4.36 1.80 11.12
HG2 YTF B 7 5.63 0.28 12.55
HG3 YTF B 7 5.47 -1.01 11.36
HE22 YTF B 7 8.84 0.59 11.11
HE21 YTF B 7 7.92 -0.09 12.42
H1 YTF B 7 2.17 2.12 11.41
H31 YTF B 7 1.73 0.87 13.59
H3 YTF B 7 0.45 0.05 12.73
H4 YTF B 7 -2.30 3.25 13.95
H5 YTF B 7 -1.00 4.01 14.82
H7 YTF B 7 -1.98 3.63 16.72
H8 YTF B 7 -2.06 1.90 16.41
H6 YTF B 7 -3.35 2.97 15.84
N GLY A 1 11.69 16.47 -9.00
CA GLY A 1 12.03 15.84 -10.31
C GLY A 1 10.98 14.85 -10.77
N PRO A 2 11.24 14.10 -11.86
CA PRO A 2 10.29 13.13 -12.38
C PRO A 2 9.62 12.30 -11.27
N ASN A 3 10.44 11.73 -10.39
CA ASN A 3 9.95 10.90 -9.30
C ASN A 3 9.06 11.72 -8.36
N THR A 4 9.62 12.85 -7.96
CA THR A 4 8.96 13.78 -7.04
C THR A 4 7.60 14.26 -7.56
N GLU A 5 7.56 14.78 -8.79
CA GLU A 5 6.31 15.28 -9.35
C GLU A 5 5.36 14.14 -9.69
N PHE A 6 5.90 12.95 -9.99
CA PHE A 6 5.04 11.80 -10.27
C PHE A 6 4.28 11.44 -9.00
N ALA A 7 5.01 11.40 -7.90
CA ALA A 7 4.43 11.12 -6.60
C ALA A 7 3.33 12.15 -6.30
N LEU A 8 3.65 13.40 -6.57
CA LEU A 8 2.73 14.52 -6.38
C LEU A 8 1.47 14.33 -7.22
N SER A 9 1.66 13.89 -8.47
CA SER A 9 0.55 13.66 -9.40
C SER A 9 -0.28 12.45 -8.98
N LEU A 10 0.40 11.44 -8.45
CA LEU A 10 -0.26 10.21 -8.01
C LEU A 10 -1.11 10.41 -6.75
N LEU A 11 -0.55 11.08 -5.74
CA LEU A 11 -1.24 11.26 -4.47
C LEU A 11 -2.52 12.11 -4.57
N ARG A 12 -2.60 13.00 -5.56
CA ARG A 12 -3.78 13.87 -5.68
C ARG A 12 -5.05 13.12 -6.10
N LYS A 13 -4.98 12.31 -7.16
CA LYS A 13 -6.15 11.60 -7.66
C LYS A 13 -6.24 10.13 -7.23
N ASN A 14 -5.12 9.51 -6.91
CA ASN A 14 -5.15 8.09 -6.57
C ASN A 14 -4.91 7.82 -5.10
N ILE A 15 -4.63 8.86 -4.33
CA ILE A 15 -4.40 8.68 -2.92
C ILE A 15 -5.47 9.36 -2.10
N MET A 16 -6.22 8.55 -1.36
CA MET A 16 -7.29 9.06 -0.52
C MET A 16 -7.01 8.67 0.92
N THR A 17 -7.22 9.60 1.84
CA THR A 17 -7.02 9.28 3.24
C THR A 17 -8.22 8.48 3.71
N ILE A 18 -8.04 7.17 3.85
CA ILE A 18 -9.13 6.30 4.26
C ILE A 18 -9.19 6.18 5.77
N THR A 19 -10.14 6.89 6.33
CA THR A 19 -10.37 6.86 7.76
C THR A 19 -10.99 5.52 8.09
N THR A 20 -10.13 4.63 8.59
CA THR A 20 -10.54 3.28 8.91
C THR A 20 -10.62 3.05 10.42
N SER A 21 -11.06 1.86 10.79
CA SER A 21 -11.23 1.50 12.19
C SER A 21 -9.95 1.67 13.02
N LYS A 22 -8.81 1.18 12.53
CA LYS A 22 -7.56 1.26 13.29
C LYS A 22 -6.77 2.54 13.01
N GLY A 23 -7.31 3.42 12.18
CA GLY A 23 -6.63 4.67 11.88
C GLY A 23 -6.91 5.17 10.49
N GLU A 24 -6.25 6.26 10.11
CA GLU A 24 -6.44 6.81 8.79
C GLU A 24 -5.25 6.40 7.92
N PHE A 25 -5.52 5.56 6.94
CA PHE A 25 -4.47 5.04 6.10
C PHE A 25 -4.48 5.64 4.71
N THR A 26 -3.36 5.47 4.04
CA THR A 26 -3.20 5.94 2.68
C THR A 26 -3.84 4.93 1.74
N GLY A 27 -4.99 5.29 1.18
CA GLY A 27 -5.67 4.38 0.28
C GLY A 27 -5.26 4.60 -1.15
N LEU A 28 -4.64 3.60 -1.75
CA LEU A 28 -4.18 3.72 -3.13
C LEU A 28 -5.23 3.16 -4.08
N GLY A 29 -5.87 4.04 -4.82
CA GLY A 29 -6.86 3.61 -5.79
C GLY A 29 -6.19 2.99 -6.98
N ILE A 30 -6.29 1.68 -7.11
CA ILE A 30 -5.64 0.97 -8.20
C ILE A 30 -6.39 1.16 -9.51
N HIS A 31 -7.67 0.82 -9.50
CA HIS A 31 -8.50 0.94 -10.70
C HIS A 31 -9.99 0.90 -10.38
N ASP A 32 -10.74 1.75 -11.07
CA ASP A 32 -12.18 1.82 -10.91
C ASP A 32 -12.63 2.09 -9.48
N ARG A 33 -12.92 1.04 -8.72
CA ARG A 33 -13.37 1.18 -7.34
C ARG A 33 -12.50 0.36 -6.42
N VAL A 34 -11.43 -0.17 -6.98
CA VAL A 34 -10.52 -0.99 -6.24
C VAL A 34 -9.38 -0.19 -5.66
N CYS A 35 -9.36 -0.11 -4.35
CA CYS A 35 -8.30 0.58 -3.64
C CYS A 35 -7.66 -0.39 -2.66
N VAL A 36 -6.36 -0.31 -2.49
CA VAL A 36 -5.70 -1.21 -1.58
C VAL A 36 -5.49 -0.57 -0.23
N ILE A 37 -5.76 -1.36 0.80
CA ILE A 37 -5.63 -0.94 2.18
C ILE A 37 -5.16 -2.12 3.00
N PRO A 38 -4.25 -1.91 3.96
CA PRO A 38 -3.75 -3.01 4.78
C PRO A 38 -4.86 -3.78 5.47
N THR A 39 -4.66 -5.08 5.60
CA THR A 39 -5.62 -5.96 6.24
C THR A 39 -5.75 -5.59 7.73
N HIS A 40 -4.63 -5.23 8.34
CA HIS A 40 -4.61 -4.85 9.75
C HIS A 40 -5.25 -3.48 10.02
N ALA A 41 -5.85 -2.88 8.98
CA ALA A 41 -6.53 -1.58 9.14
C ALA A 41 -7.96 -1.80 9.62
N GLN A 42 -8.44 -3.02 9.42
CA GLN A 42 -9.79 -3.43 9.77
C GLN A 42 -10.84 -2.70 8.96
N PRO A 43 -10.96 -2.98 7.66
CA PRO A 43 -11.97 -2.37 6.82
C PRO A 43 -13.33 -2.94 7.19
N GLY A 44 -14.17 -2.11 7.78
CA GLY A 44 -15.49 -2.56 8.22
C GLY A 44 -16.48 -2.68 7.08
N ASP A 45 -17.72 -2.32 7.38
CA ASP A 45 -18.80 -2.36 6.43
C ASP A 45 -18.94 -1.00 5.75
N ASP A 46 -18.55 0.01 6.50
CA ASP A 46 -18.58 1.39 6.06
C ASP A 46 -17.28 2.09 6.47
N VAL A 47 -16.66 2.80 5.56
CA VAL A 47 -15.43 3.50 5.89
C VAL A 47 -15.55 4.95 5.47
N LEU A 48 -14.80 5.81 6.15
CA LEU A 48 -14.86 7.24 5.85
C LEU A 48 -13.72 7.64 4.93
N VAL A 49 -14.02 7.85 3.64
CA VAL A 49 -13.00 8.29 2.70
C VAL A 49 -12.81 9.80 2.83
N ASN A 50 -11.79 10.18 3.63
CA ASN A 50 -11.47 11.58 3.92
C ASN A 50 -12.59 12.25 4.71
N GLY A 51 -13.53 11.43 5.19
CA GLY A 51 -14.64 11.96 5.97
C GLY A 51 -15.98 11.47 5.47
N GLN A 52 -16.05 11.19 4.18
CA GLN A 52 -17.28 10.72 3.55
C GLN A 52 -17.49 9.24 3.83
N LYS A 53 -18.59 8.93 4.51
CA LYS A 53 -18.93 7.56 4.85
C LYS A 53 -19.38 6.79 3.63
N ILE A 54 -18.54 5.90 3.15
CA ILE A 54 -18.85 5.10 1.98
C ILE A 54 -18.87 3.62 2.33
N ARG A 55 -19.97 2.96 2.01
CA ARG A 55 -20.10 1.55 2.31
C ARG A 55 -19.31 0.72 1.32
N VAL A 56 -18.77 -0.39 1.80
CA VAL A 56 -17.96 -1.24 0.94
C VAL A 56 -18.81 -2.17 0.10
N LYS A 57 -18.41 -2.33 -1.16
CA LYS A 57 -19.11 -3.21 -2.08
C LYS A 57 -18.60 -4.62 -1.88
N ASP A 58 -17.28 -4.72 -1.80
CA ASP A 58 -16.59 -5.98 -1.59
C ASP A 58 -15.18 -5.75 -1.05
N LYS A 59 -14.74 -6.63 -0.18
CA LYS A 59 -13.41 -6.53 0.41
C LYS A 59 -12.77 -7.90 0.41
N TYR A 60 -11.73 -8.05 -0.38
CA TYR A 60 -11.04 -9.32 -0.52
C TYR A 60 -9.64 -9.25 0.04
N LYS A 61 -9.32 -10.21 0.90
CA LYS A 61 -8.01 -10.27 1.49
C LYS A 61 -7.06 -10.90 0.49
N LEU A 62 -6.16 -10.09 -0.02
CA LEU A 62 -5.20 -10.54 -1.00
C LEU A 62 -4.03 -11.26 -0.36
N VAL A 63 -3.96 -12.55 -0.69
CA VAL A 63 -2.89 -13.41 -0.21
C VAL A 63 -2.09 -13.89 -1.40
N ASP A 64 -0.94 -14.49 -1.17
CA ASP A 64 -0.12 -14.98 -2.26
C ASP A 64 -0.51 -16.41 -2.65
N PRO A 65 -0.46 -16.74 -3.96
CA PRO A 65 -0.85 -18.07 -4.44
C PRO A 65 -0.13 -19.21 -3.73
N GLU A 66 0.96 -18.91 -3.02
CA GLU A 66 1.68 -19.93 -2.29
C GLU A 66 0.96 -20.20 -0.96
N ASN A 67 -0.23 -19.57 -0.83
CA ASN A 67 -1.08 -19.70 0.35
C ASN A 67 -0.44 -19.05 1.55
N ILE A 68 0.17 -17.90 1.30
CA ILE A 68 0.82 -17.08 2.32
C ILE A 68 0.19 -15.69 2.31
N ASN A 69 0.17 -15.03 3.45
CA ASN A 69 -0.43 -13.71 3.56
C ASN A 69 0.32 -12.64 2.75
N LEU A 70 -0.43 -11.77 2.06
CA LEU A 70 0.18 -10.66 1.36
C LEU A 70 -0.16 -9.43 2.21
N GLU A 71 -1.29 -9.55 2.91
CA GLU A 71 -1.76 -8.53 3.83
C GLU A 71 -2.46 -7.38 3.15
N LEU A 72 -2.73 -7.49 1.85
CA LEU A 72 -3.44 -6.42 1.15
C LEU A 72 -4.91 -6.72 1.11
N THR A 73 -5.72 -5.74 1.43
CA THR A 73 -7.14 -5.90 1.34
C THR A 73 -7.67 -5.16 0.13
N VAL A 74 -8.19 -5.91 -0.81
CA VAL A 74 -8.76 -5.33 -2.00
C VAL A 74 -10.08 -4.70 -1.63
N LEU A 75 -10.04 -3.40 -1.37
CA LEU A 75 -11.21 -2.68 -0.95
C LEU A 75 -11.96 -2.07 -2.12
N THR A 76 -13.05 -2.69 -2.48
CA THR A 76 -13.88 -2.21 -3.56
C THR A 76 -14.98 -1.35 -2.95
N LEU A 77 -14.80 -0.05 -3.02
CA LEU A 77 -15.74 0.88 -2.44
C LEU A 77 -16.77 1.34 -3.46
N ASP A 78 -17.91 1.77 -2.96
CA ASP A 78 -18.96 2.29 -3.80
C ASP A 78 -18.65 3.75 -4.08
N ARG A 79 -18.16 4.01 -5.27
CA ARG A 79 -17.75 5.34 -5.68
C ARG A 79 -18.35 5.72 -7.04
N ASN A 80 -18.73 7.00 -7.19
CA ASN A 80 -19.28 7.45 -8.46
C ASN A 80 -18.12 7.87 -9.35
N GLU A 81 -17.35 8.83 -8.88
CA GLU A 81 -16.16 9.26 -9.59
C GLU A 81 -15.10 8.22 -9.31
N LYS A 82 -15.02 7.21 -10.15
CA LYS A 82 -14.10 6.12 -9.90
C LYS A 82 -12.65 6.51 -10.04
N PHE A 83 -11.79 5.66 -9.50
CA PHE A 83 -10.36 5.89 -9.46
C PHE A 83 -9.64 5.61 -10.77
N ARG A 84 -8.61 6.41 -11.01
CA ARG A 84 -7.78 6.29 -12.18
C ARG A 84 -7.06 4.93 -12.21
N ASP A 85 -7.12 4.23 -13.33
CA ASP A 85 -6.47 2.92 -13.45
C ASP A 85 -4.95 3.05 -13.46
N ILE A 86 -4.32 3.19 -12.31
CA ILE A 86 -2.87 3.31 -12.29
C ILE A 86 -2.22 1.93 -12.23
N ARG A 87 -2.98 0.90 -12.62
CA ARG A 87 -2.45 -0.47 -12.59
C ARG A 87 -1.36 -0.67 -13.64
N GLY A 88 -1.23 0.26 -14.59
CA GLY A 88 -0.19 0.17 -15.59
C GLY A 88 1.14 0.67 -15.04
N PHE A 89 1.04 1.46 -13.96
CA PHE A 89 2.22 2.00 -13.30
C PHE A 89 2.71 1.00 -12.27
N ILE A 90 1.87 -0.01 -12.03
CA ILE A 90 2.22 -1.07 -11.10
C ILE A 90 3.03 -2.10 -11.86
N SER A 91 4.14 -2.50 -11.30
CA SER A 91 5.02 -3.43 -11.97
C SER A 91 4.96 -4.85 -11.40
N GLU A 92 4.87 -5.85 -12.29
CA GLU A 92 4.87 -7.22 -11.84
C GLU A 92 6.33 -7.61 -11.62
N ASP A 93 7.19 -6.88 -12.32
CA ASP A 93 8.64 -6.95 -12.14
C ASP A 93 9.07 -5.51 -11.93
N LEU A 94 9.50 -5.23 -10.73
CA LEU A 94 9.84 -3.88 -10.32
C LEU A 94 10.83 -3.17 -11.24
N GLU A 95 12.04 -3.66 -11.32
CA GLU A 95 13.06 -2.98 -12.12
C GLU A 95 13.26 -1.60 -11.52
N GLY A 96 13.83 -1.59 -10.33
CA GLY A 96 14.06 -0.40 -9.57
C GLY A 96 14.53 -0.71 -8.17
N VAL A 97 15.83 -0.65 -8.00
CA VAL A 97 16.45 -0.93 -6.71
C VAL A 97 16.50 0.33 -5.86
N ASP A 98 15.67 1.29 -6.27
CA ASP A 98 15.54 2.60 -5.59
C ASP A 98 14.08 3.03 -5.56
N ALA A 99 13.59 3.47 -4.40
CA ALA A 99 12.20 3.88 -4.31
C ALA A 99 11.96 4.98 -3.30
N THR A 100 10.74 5.48 -3.34
CA THR A 100 10.29 6.52 -2.46
C THR A 100 8.98 6.10 -1.79
N LEU A 101 8.84 6.45 -0.53
CA LEU A 101 7.67 6.08 0.27
C LEU A 101 6.83 7.33 0.59
N VAL A 102 5.64 7.44 0.01
CA VAL A 102 4.79 8.60 0.24
C VAL A 102 3.66 8.25 1.20
N VAL A 103 3.41 9.15 2.14
CA VAL A 103 2.36 8.94 3.14
C VAL A 103 1.34 10.07 3.13
N HIS A 104 0.07 9.70 3.16
CA HIS A 104 -1.03 10.63 3.19
C HIS A 104 -2.08 10.11 4.18
N SER A 105 -1.56 9.67 5.33
CA SER A 105 -2.34 9.09 6.41
C SER A 105 -2.38 10.05 7.60
N ASN A 106 -2.80 9.58 8.79
CA ASN A 106 -2.82 10.48 9.93
C ASN A 106 -1.45 10.57 10.57
N ASN A 107 -0.57 9.59 10.30
CA ASN A 107 0.80 9.66 10.84
C ASN A 107 1.53 10.82 10.19
N PHE A 108 1.46 10.87 8.86
CA PHE A 108 2.02 11.96 8.08
C PHE A 108 1.05 12.30 6.98
N THR A 109 0.46 13.48 7.02
CA THR A 109 -0.52 13.87 6.01
C THR A 109 0.12 14.62 4.83
N ASN A 110 0.39 13.85 3.78
CA ASN A 110 1.02 14.38 2.58
C ASN A 110 2.49 14.67 2.79
N THR A 111 3.25 13.59 2.93
CA THR A 111 4.68 13.65 3.15
C THR A 111 5.38 12.64 2.25
N ILE A 112 6.47 13.06 1.64
CA ILE A 112 7.23 12.19 0.77
C ILE A 112 8.55 11.81 1.42
N LEU A 113 8.71 10.52 1.69
CA LEU A 113 9.92 10.00 2.35
C LEU A 113 10.75 9.16 1.39
N GLU A 114 11.93 9.64 1.03
CA GLU A 114 12.80 8.88 0.17
C GLU A 114 13.51 7.80 0.99
N VAL A 115 13.32 6.54 0.63
CA VAL A 115 13.94 5.46 1.39
C VAL A 115 15.23 5.01 0.72
N GLY A 116 15.31 5.22 -0.59
CA GLY A 116 16.50 4.83 -1.32
C GLY A 116 16.45 3.41 -1.82
N PRO A 117 17.49 2.62 -1.55
CA PRO A 117 17.57 1.24 -2.00
C PRO A 117 16.46 0.36 -1.42
N VAL A 118 15.80 -0.38 -2.29
CA VAL A 118 14.76 -1.30 -1.88
C VAL A 118 15.14 -2.69 -2.34
N THR A 119 15.06 -3.66 -1.46
CA THR A 119 15.43 -5.02 -1.77
C THR A 119 14.28 -5.98 -1.52
N MET A 120 14.17 -7.01 -2.35
CA MET A 120 13.12 -7.99 -2.17
C MET A 120 13.55 -8.98 -1.10
N ALA A 121 12.85 -8.98 0.02
CA ALA A 121 13.19 -9.89 1.11
C ALA A 121 12.53 -11.23 0.88
N GLY A 122 11.23 -11.19 0.62
CA GLY A 122 10.49 -12.41 0.36
C GLY A 122 9.54 -12.79 1.49
N LEU A 123 9.77 -13.97 2.04
CA LEU A 123 8.95 -14.51 3.11
C LEU A 123 9.51 -14.23 4.51
N ILE A 124 8.77 -13.49 5.31
CA ILE A 124 9.15 -13.22 6.70
C ILE A 124 7.90 -13.29 7.57
N ASN A 125 8.04 -12.96 8.84
CA ASN A 125 6.89 -13.05 9.74
C ASN A 125 6.43 -11.69 10.24
N LEU A 126 5.32 -11.20 9.69
CA LEU A 126 4.75 -9.92 10.09
C LEU A 126 3.95 -10.08 11.41
N SER A 127 4.43 -9.45 12.49
CA SER A 127 3.75 -9.54 13.78
C SER A 127 3.48 -11.01 14.16
N SER A 128 4.38 -11.89 13.72
CA SER A 128 4.23 -13.33 13.93
C SER A 128 3.10 -13.85 13.08
N THR A 129 3.29 -13.71 11.78
CA THR A 129 2.35 -14.14 10.75
C THR A 129 3.10 -14.25 9.43
N PRO A 130 3.23 -15.46 8.87
CA PRO A 130 3.95 -15.65 7.64
C PRO A 130 3.38 -14.82 6.52
N THR A 131 4.16 -13.84 6.10
CA THR A 131 3.78 -12.93 5.05
C THR A 131 4.86 -12.94 3.98
N ASN A 132 4.45 -13.14 2.73
CA ASN A 132 5.40 -13.24 1.63
C ASN A 132 5.42 -12.03 0.72
N ARG A 133 6.48 -11.91 -0.07
CA ARG A 133 6.57 -10.83 -1.02
C ARG A 133 6.79 -9.48 -0.36
N MET A 134 7.55 -9.48 0.74
CA MET A 134 7.85 -8.25 1.49
C MET A 134 9.08 -7.54 0.94
N ILE A 135 9.00 -6.21 0.87
CA ILE A 135 10.11 -5.39 0.38
C ILE A 135 10.88 -4.84 1.58
N ARG A 136 12.20 -4.92 1.50
CA ARG A 136 13.05 -4.48 2.59
C ARG A 136 13.87 -3.24 2.22
N TYR A 137 13.76 -2.19 3.04
CA TYR A 137 14.52 -0.96 2.81
C TYR A 137 15.07 -0.45 4.13
N ASP A 138 16.38 -0.24 4.17
CA ASP A 138 17.03 0.25 5.39
C ASP A 138 16.74 1.71 5.60
N TYR A 139 15.78 1.93 6.48
CA TYR A 139 15.31 3.24 6.86
C TYR A 139 14.47 3.04 8.11
N ALA A 140 14.75 3.79 9.16
CA ALA A 140 14.03 3.59 10.39
C ALA A 140 12.61 4.09 10.35
N THR A 141 11.71 3.20 9.97
CA THR A 141 10.31 3.51 9.92
C THR A 141 9.70 3.15 11.26
N LYS A 142 8.53 3.68 11.54
CA LYS A 142 7.87 3.41 12.81
C LYS A 142 6.42 3.04 12.62
N THR A 143 5.96 2.23 13.54
CA THR A 143 4.58 1.84 13.57
C THR A 143 3.72 3.09 13.32
N GLY A 144 2.51 2.92 12.79
CA GLY A 144 1.65 4.07 12.51
C GLY A 144 1.80 4.55 11.07
N GLN A 145 3.00 4.40 10.52
CA GLN A 145 3.30 4.84 9.15
C GLN A 145 2.76 3.86 8.11
N CYS A 146 1.95 2.91 8.56
CA CYS A 146 1.39 1.92 7.66
C CYS A 146 0.43 2.54 6.64
N GLY A 147 0.50 2.05 5.39
CA GLY A 147 -0.34 2.57 4.34
C GLY A 147 0.44 3.39 3.33
N GLY A 148 1.65 3.78 3.70
CA GLY A 148 2.48 4.56 2.80
C GLY A 148 2.70 3.84 1.49
N VAL A 149 2.77 4.59 0.40
CA VAL A 149 2.96 4.00 -0.92
C VAL A 149 4.42 4.06 -1.38
N LEU A 150 4.96 2.90 -1.66
CA LEU A 150 6.33 2.77 -2.14
C LEU A 150 6.31 2.83 -3.66
N CYS A 151 6.80 3.91 -4.21
CA CYS A 151 6.77 4.09 -5.63
C CYS A 151 7.91 4.96 -6.15
N ALA A 152 7.92 5.11 -7.47
CA ALA A 152 8.91 5.92 -8.16
C ALA A 152 8.30 6.42 -9.45
N THR A 153 9.04 7.20 -10.22
CA THR A 153 8.49 7.73 -11.44
C THR A 153 8.07 6.63 -12.43
N GLY A 154 6.74 6.38 -12.50
CA GLY A 154 6.20 5.39 -13.42
C GLY A 154 6.18 3.97 -12.89
N LYS A 155 6.67 3.76 -11.69
CA LYS A 155 6.71 2.42 -11.14
C LYS A 155 6.26 2.37 -9.68
N ILE A 156 5.20 1.63 -9.43
CA ILE A 156 4.69 1.44 -8.09
C ILE A 156 5.21 0.09 -7.59
N PHE A 157 5.88 0.09 -6.46
CA PHE A 157 6.46 -1.14 -5.94
C PHE A 157 5.54 -1.83 -4.93
N GLY A 158 4.81 -1.04 -4.15
CA GLY A 158 3.90 -1.58 -3.16
C GLY A 158 3.53 -0.58 -2.09
N ILE A 159 2.99 -1.07 -0.98
CA ILE A 159 2.62 -0.17 0.12
C ILE A 159 3.17 -0.66 1.46
N HIS A 160 3.38 0.31 2.34
CA HIS A 160 3.93 0.07 3.67
C HIS A 160 3.01 -0.83 4.50
N VAL A 161 3.56 -1.95 4.97
CA VAL A 161 2.79 -2.90 5.77
C VAL A 161 3.33 -2.99 7.18
N GLY A 162 4.63 -2.79 7.33
CA GLY A 162 5.24 -2.82 8.63
C GLY A 162 6.70 -2.43 8.59
N GLY A 163 7.48 -3.06 9.46
CA GLY A 163 8.88 -2.77 9.52
C GLY A 163 9.56 -3.61 10.56
N ASN A 164 10.85 -3.77 10.42
CA ASN A 164 11.58 -4.56 11.39
C ASN A 164 12.82 -3.82 11.87
N GLY A 165 12.62 -3.00 12.88
CA GLY A 165 13.72 -2.24 13.46
C GLY A 165 14.25 -1.12 12.60
N ARG A 166 15.37 -1.39 11.93
CA ARG A 166 16.04 -0.39 11.09
C ARG A 166 15.60 -0.49 9.64
N GLN A 167 14.75 -1.45 9.36
CA GLN A 167 14.29 -1.65 8.00
C GLN A 167 12.77 -1.55 7.91
N GLY A 168 12.30 -0.78 6.96
CA GLY A 168 10.87 -0.66 6.77
C GLY A 168 10.39 -1.80 5.90
N PHE A 169 9.16 -2.24 6.06
CA PHE A 169 8.70 -3.33 5.25
C PHE A 169 7.39 -3.06 4.55
N SER A 170 7.48 -3.00 3.22
CA SER A 170 6.33 -2.80 2.36
C SER A 170 6.03 -4.09 1.63
N ALA A 171 4.82 -4.24 1.13
CA ALA A 171 4.49 -5.44 0.39
C ALA A 171 4.63 -5.18 -1.10
N GLN A 172 5.30 -6.08 -1.79
CA GLN A 172 5.51 -5.93 -3.21
C GLN A 172 4.21 -6.14 -3.97
N LEU A 173 3.65 -5.05 -4.49
CA LEU A 173 2.41 -5.14 -5.22
C LEU A 173 2.67 -5.48 -6.67
N LYS A 174 2.62 -6.76 -7.01
CA LYS A 174 2.84 -7.17 -8.38
C LYS A 174 1.56 -6.98 -9.18
N LYS A 175 1.69 -6.25 -10.26
CA LYS A 175 0.58 -5.95 -11.15
C LYS A 175 -0.34 -7.15 -11.36
N GLN A 176 0.25 -8.31 -11.49
CA GLN A 176 -0.48 -9.55 -11.72
C GLN A 176 -1.68 -9.76 -10.77
N TYR A 177 -1.44 -9.53 -9.50
CA TYR A 177 -2.44 -9.79 -8.47
C TYR A 177 -3.69 -8.91 -8.58
N PHE A 178 -3.62 -7.82 -9.32
CA PHE A 178 -4.79 -6.95 -9.47
C PHE A 178 -5.70 -7.47 -10.58
N VAL A 179 -5.12 -8.25 -11.48
CA VAL A 179 -5.87 -8.86 -12.57
C VAL A 179 -6.21 -10.29 -12.14
N GLU A 180 -5.33 -10.85 -11.31
CA GLU A 180 -5.47 -12.19 -10.78
C GLU A 180 -6.69 -12.27 -9.86
N LYS A 181 -6.87 -11.26 -9.01
CA LYS A 181 -8.00 -11.24 -8.10
C LYS A 181 -9.28 -11.10 -8.92
N GLN A 182 -10.30 -11.87 -8.59
CA GLN A 182 -11.56 -11.82 -9.33
C GLN A 182 -12.76 -11.71 -8.40
C ACE B 1 13.30 -13.60 10.45
O ACE B 1 14.11 -13.24 11.31
CH3 ACE B 1 13.33 -15.00 9.90
H1 ACE B 1 13.91 -15.62 10.55
H2 ACE B 1 13.77 -14.99 8.91
H3 ACE B 1 12.32 -15.37 9.84
N LEU B 2 12.51 -12.74 9.83
CA LEU B 2 12.38 -11.38 10.31
C LEU B 2 10.99 -11.14 10.87
N GLU B 3 10.88 -10.91 12.16
CA GLU B 3 9.57 -10.61 12.67
C GLU B 3 9.36 -9.12 12.52
N ALA B 4 9.03 -8.72 11.31
CA ALA B 4 8.75 -7.34 11.04
C ALA B 4 7.33 -7.11 11.46
N LEU B 5 7.12 -6.15 12.32
CA LEU B 5 5.81 -5.90 12.85
C LEU B 5 4.96 -4.99 11.99
N PHE B 6 3.66 -5.24 12.01
CA PHE B 6 2.77 -4.38 11.32
C PHE B 6 2.90 -2.99 11.90
N YTF B 7 3.08 -2.03 11.04
CA YTF B 7 3.17 -0.66 11.44
CB YTF B 7 4.47 -0.04 10.91
CG YTF B 7 5.73 -0.65 11.53
CD YTF B 7 7.00 -0.04 10.97
OE1 YTF B 7 7.01 0.49 9.86
NE2 YTF B 7 8.08 -0.10 11.74
C YTF B 7 1.92 0.03 10.89
CX6 YTF B 7 0.66 -0.56 11.54
CX7 YTF B 7 -0.05 0.33 12.53
OX8 YTF B 7 0.38 1.47 12.79
OX9 YTF B 7 -1.07 -0.18 13.08
CJ1 YTF B 7 -1.98 0.51 14.11
CJ2 YTF B 7 -3.19 -0.25 14.63
H YTF B 7 3.13 -2.24 10.08
HA YTF B 7 3.16 -0.62 12.53
HB2 YTF B 7 4.50 -0.20 9.85
HB3 YTF B 7 4.47 1.02 11.10
HG2 YTF B 7 5.70 -0.48 12.59
HG3 YTF B 7 5.74 -1.71 11.33
HE22 YTF B 7 8.92 0.28 11.39
HE21 YTF B 7 7.99 -0.53 12.62
H1 YTF B 7 1.99 1.09 11.06
H31 YTF B 7 0.95 -1.46 12.06
H3 YTF B 7 -0.04 -0.82 10.77
H4 YTF B 7 -2.33 1.45 13.71
H5 YTF B 7 -1.38 0.74 14.99
H7 YTF B 7 -3.77 -0.61 13.79
H8 YTF B 7 -3.80 0.40 15.23
H6 YTF B 7 -2.87 -1.09 15.23
N GLY A 1 10.22 17.26 -9.50
CA GLY A 1 10.76 16.49 -10.65
C GLY A 1 9.92 15.27 -10.99
N PRO A 2 10.34 14.49 -12.00
CA PRO A 2 9.60 13.30 -12.44
C PRO A 2 9.03 12.46 -11.30
N ASN A 3 9.83 12.14 -10.28
CA ASN A 3 9.36 11.33 -9.16
C ASN A 3 8.36 12.11 -8.31
N THR A 4 8.67 13.38 -8.11
CA THR A 4 7.83 14.29 -7.34
C THR A 4 6.47 14.50 -8.01
N GLU A 5 6.51 14.83 -9.29
CA GLU A 5 5.30 15.08 -10.04
C GLU A 5 4.41 13.85 -10.05
N PHE A 6 5.03 12.67 -10.05
CA PHE A 6 4.28 11.42 -10.05
C PHE A 6 3.57 11.23 -8.70
N ALA A 7 4.36 11.21 -7.64
CA ALA A 7 3.85 10.99 -6.29
C ALA A 7 2.89 12.09 -5.81
N LEU A 8 3.22 13.36 -6.06
CA LEU A 8 2.38 14.45 -5.58
C LEU A 8 1.05 14.53 -6.34
N SER A 9 1.05 14.18 -7.63
CA SER A 9 -0.19 14.17 -8.40
C SER A 9 -0.96 12.90 -8.07
N LEU A 10 -0.22 11.82 -7.84
CA LEU A 10 -0.81 10.54 -7.47
C LEU A 10 -1.64 10.73 -6.20
N LEU A 11 -1.13 11.60 -5.33
CA LEU A 11 -1.79 11.91 -4.07
C LEU A 11 -3.23 12.38 -4.28
N ARG A 12 -3.41 13.47 -5.02
CA ARG A 12 -4.74 14.03 -5.25
C ARG A 12 -5.59 13.18 -6.20
N LYS A 13 -4.96 12.43 -7.11
CA LYS A 13 -5.74 11.60 -8.05
C LYS A 13 -6.18 10.27 -7.46
N ASN A 14 -5.28 9.55 -6.77
CA ASN A 14 -5.59 8.21 -6.28
C ASN A 14 -5.47 7.99 -4.78
N ILE A 15 -4.99 8.97 -4.05
CA ILE A 15 -4.82 8.78 -2.62
C ILE A 15 -5.80 9.61 -1.82
N MET A 16 -6.60 8.91 -1.01
CA MET A 16 -7.56 9.59 -0.16
C MET A 16 -7.39 9.11 1.26
N THR A 17 -7.64 10.01 2.18
CA THR A 17 -7.53 9.70 3.59
C THR A 17 -8.55 8.66 3.98
N ILE A 18 -8.07 7.46 4.28
CA ILE A 18 -8.93 6.38 4.68
C ILE A 18 -9.02 6.31 6.19
N THR A 19 -10.15 6.74 6.71
CA THR A 19 -10.36 6.73 8.15
C THR A 19 -11.04 5.44 8.54
N THR A 20 -10.22 4.48 8.96
CA THR A 20 -10.69 3.17 9.36
C THR A 20 -10.73 3.02 10.87
N SER A 21 -10.95 1.81 11.33
CA SER A 21 -11.04 1.53 12.75
C SER A 21 -9.70 1.73 13.45
N LYS A 22 -8.60 1.47 12.74
CA LYS A 22 -7.29 1.66 13.33
C LYS A 22 -6.85 3.11 13.23
N GLY A 23 -7.22 3.79 12.14
CA GLY A 23 -6.87 5.20 12.02
C GLY A 23 -6.86 5.74 10.60
N GLU A 24 -6.02 6.74 10.40
CA GLU A 24 -5.88 7.40 9.12
C GLU A 24 -4.89 6.67 8.25
N PHE A 25 -5.33 6.20 7.09
CA PHE A 25 -4.44 5.48 6.21
C PHE A 25 -4.40 6.05 4.82
N THR A 26 -3.33 5.71 4.15
CA THR A 26 -3.12 6.07 2.78
C THR A 26 -3.93 5.12 1.90
N GLY A 27 -5.08 5.58 1.44
CA GLY A 27 -5.90 4.74 0.60
C GLY A 27 -5.56 4.93 -0.85
N LEU A 28 -4.98 3.91 -1.46
CA LEU A 28 -4.57 4.02 -2.85
C LEU A 28 -5.56 3.32 -3.78
N GLY A 29 -6.34 4.13 -4.49
CA GLY A 29 -7.26 3.58 -5.45
C GLY A 29 -6.48 3.12 -6.66
N ILE A 30 -6.50 1.82 -6.93
CA ILE A 30 -5.73 1.29 -8.03
C ILE A 30 -6.47 1.42 -9.35
N HIS A 31 -7.64 0.80 -9.42
CA HIS A 31 -8.44 0.82 -10.64
C HIS A 31 -9.94 0.85 -10.35
N ASP A 32 -10.68 1.42 -11.28
CA ASP A 32 -12.13 1.51 -11.19
C ASP A 32 -12.60 1.95 -9.80
N ARG A 33 -12.88 0.99 -8.93
CA ARG A 33 -13.37 1.31 -7.60
C ARG A 33 -12.75 0.35 -6.59
N VAL A 34 -11.58 -0.14 -6.96
CA VAL A 34 -10.81 -1.07 -6.14
C VAL A 34 -9.63 -0.34 -5.55
N CYS A 35 -9.59 -0.29 -4.23
CA CYS A 35 -8.53 0.40 -3.53
C CYS A 35 -7.73 -0.57 -2.67
N VAL A 36 -6.44 -0.34 -2.55
CA VAL A 36 -5.63 -1.19 -1.72
C VAL A 36 -5.47 -0.55 -0.35
N ILE A 37 -5.89 -1.30 0.66
CA ILE A 37 -5.86 -0.84 2.03
C ILE A 37 -5.30 -1.92 2.94
N PRO A 38 -4.50 -1.54 3.93
CA PRO A 38 -3.93 -2.49 4.88
C PRO A 38 -5.04 -3.24 5.58
N THR A 39 -4.81 -4.50 5.84
CA THR A 39 -5.81 -5.31 6.51
C THR A 39 -5.90 -4.95 7.99
N HIS A 40 -4.77 -4.55 8.57
CA HIS A 40 -4.73 -4.15 9.97
C HIS A 40 -5.42 -2.79 10.17
N ALA A 41 -5.80 -2.14 9.07
CA ALA A 41 -6.50 -0.85 9.15
C ALA A 41 -7.90 -1.10 9.69
N GLN A 42 -8.39 -2.29 9.39
CA GLN A 42 -9.71 -2.76 9.84
C GLN A 42 -10.89 -2.01 9.23
N PRO A 43 -11.14 -2.23 7.93
CA PRO A 43 -12.29 -1.68 7.23
C PRO A 43 -13.44 -2.66 7.36
N GLY A 44 -14.54 -2.25 7.98
CA GLY A 44 -15.66 -3.15 8.17
C GLY A 44 -16.61 -3.20 6.99
N ASP A 45 -17.81 -2.67 7.20
CA ASP A 45 -18.83 -2.66 6.16
C ASP A 45 -18.78 -1.32 5.44
N ASP A 46 -18.49 -0.29 6.21
CA ASP A 46 -18.38 1.06 5.68
C ASP A 46 -16.96 1.56 5.88
N VAL A 47 -16.52 2.40 4.97
CA VAL A 47 -15.20 2.97 5.07
C VAL A 47 -15.27 4.46 4.86
N LEU A 48 -14.78 5.22 5.82
CA LEU A 48 -14.79 6.65 5.70
C LEU A 48 -13.72 7.06 4.71
N VAL A 49 -14.10 7.10 3.43
CA VAL A 49 -13.18 7.51 2.39
C VAL A 49 -13.17 9.05 2.31
N ASN A 50 -12.15 9.65 2.95
CA ASN A 50 -12.04 11.09 2.99
C ASN A 50 -13.20 11.70 3.77
N GLY A 51 -13.82 10.88 4.64
CA GLY A 51 -14.92 11.34 5.48
C GLY A 51 -16.28 10.91 4.97
N GLN A 52 -16.32 10.32 3.78
CA GLN A 52 -17.59 9.87 3.21
C GLN A 52 -17.86 8.41 3.53
N LYS A 53 -19.07 8.15 4.02
CA LYS A 53 -19.46 6.79 4.35
C LYS A 53 -19.74 6.00 3.07
N ILE A 54 -18.69 5.40 2.53
CA ILE A 54 -18.82 4.58 1.34
C ILE A 54 -18.79 3.14 1.78
N ARG A 55 -19.66 2.29 1.26
CA ARG A 55 -19.67 0.94 1.76
C ARG A 55 -18.95 -0.06 0.88
N VAL A 56 -18.52 -1.10 1.55
CA VAL A 56 -17.77 -2.18 0.96
C VAL A 56 -18.64 -3.05 0.06
N LYS A 57 -18.11 -3.35 -1.13
CA LYS A 57 -18.76 -4.23 -2.07
C LYS A 57 -18.07 -5.58 -1.96
N ASP A 58 -16.74 -5.58 -2.14
CA ASP A 58 -15.94 -6.79 -1.99
C ASP A 58 -14.77 -6.53 -1.05
N LYS A 59 -14.78 -7.24 0.07
CA LYS A 59 -13.73 -7.14 1.08
C LYS A 59 -12.89 -8.41 1.01
N TYR A 60 -11.84 -8.35 0.22
CA TYR A 60 -10.96 -9.50 0.04
C TYR A 60 -9.59 -9.22 0.62
N LYS A 61 -9.14 -10.06 1.54
CA LYS A 61 -7.82 -9.88 2.09
C LYS A 61 -6.86 -10.58 1.17
N LEU A 62 -6.16 -9.82 0.38
CA LEU A 62 -5.27 -10.41 -0.57
C LEU A 62 -4.07 -11.06 0.09
N VAL A 63 -4.08 -12.37 -0.10
CA VAL A 63 -3.01 -13.23 0.31
C VAL A 63 -2.48 -13.76 -1.00
N ASP A 64 -1.22 -14.15 -1.05
CA ASP A 64 -0.71 -14.65 -2.31
C ASP A 64 -1.23 -16.06 -2.60
N PRO A 65 -1.59 -16.36 -3.86
CA PRO A 65 -2.06 -17.69 -4.22
C PRO A 65 -1.21 -18.80 -3.59
N GLU A 66 -0.01 -18.44 -3.15
CA GLU A 66 0.89 -19.38 -2.50
C GLU A 66 0.31 -19.77 -1.14
N ASN A 67 -0.85 -19.17 -0.83
CA ASN A 67 -1.58 -19.41 0.41
C ASN A 67 -0.88 -18.79 1.61
N ILE A 68 -0.18 -17.69 1.37
CA ILE A 68 0.50 -16.95 2.43
C ILE A 68 0.03 -15.50 2.43
N ASN A 69 -0.09 -14.96 3.63
CA ASN A 69 -0.59 -13.60 3.84
C ASN A 69 0.23 -12.49 3.17
N LEU A 70 -0.47 -11.43 2.72
CA LEU A 70 0.18 -10.25 2.08
C LEU A 70 -0.28 -8.96 2.81
N GLU A 71 -1.50 -8.98 3.34
CA GLU A 71 -2.07 -7.83 4.09
C GLU A 71 -2.74 -6.84 3.17
N LEU A 72 -2.82 -7.16 1.89
CA LEU A 72 -3.40 -6.25 0.93
C LEU A 72 -4.89 -6.43 0.82
N THR A 73 -5.66 -5.60 1.51
CA THR A 73 -7.09 -5.69 1.42
C THR A 73 -7.53 -5.08 0.10
N VAL A 74 -7.86 -5.95 -0.84
CA VAL A 74 -8.36 -5.51 -2.13
C VAL A 74 -9.78 -5.12 -1.91
N LEU A 75 -9.94 -3.87 -1.54
CA LEU A 75 -11.25 -3.36 -1.19
C LEU A 75 -11.96 -2.71 -2.34
N THR A 76 -13.05 -3.34 -2.72
CA THR A 76 -13.88 -2.85 -3.76
C THR A 76 -15.04 -2.10 -3.15
N LEU A 77 -15.04 -0.79 -3.31
CA LEU A 77 -16.10 0.04 -2.77
C LEU A 77 -17.15 0.25 -3.86
N ASP A 78 -18.41 0.45 -3.49
CA ASP A 78 -19.39 0.68 -4.53
C ASP A 78 -19.38 2.14 -4.92
N ARG A 79 -18.49 2.43 -5.86
CA ARG A 79 -18.32 3.78 -6.37
C ARG A 79 -18.97 3.93 -7.73
N ASN A 80 -19.48 5.13 -7.99
CA ASN A 80 -20.02 5.44 -9.29
C ASN A 80 -18.90 6.17 -9.98
N GLU A 81 -18.41 7.18 -9.25
CA GLU A 81 -17.28 7.96 -9.67
C GLU A 81 -16.04 7.10 -9.42
N LYS A 82 -15.36 6.71 -10.48
CA LYS A 82 -14.20 5.84 -10.32
C LYS A 82 -12.95 6.63 -10.03
N PHE A 83 -11.87 5.90 -9.89
CA PHE A 83 -10.58 6.48 -9.64
C PHE A 83 -9.75 6.38 -10.91
N ARG A 84 -8.68 7.13 -11.00
CA ARG A 84 -7.84 7.06 -12.16
C ARG A 84 -7.16 5.68 -12.19
N ASP A 85 -7.42 4.88 -13.22
CA ASP A 85 -6.87 3.52 -13.27
C ASP A 85 -5.35 3.53 -13.44
N ILE A 86 -4.63 3.49 -12.32
CA ILE A 86 -3.17 3.51 -12.35
C ILE A 86 -2.63 2.08 -12.40
N ARG A 87 -3.48 1.14 -12.82
CA ARG A 87 -3.08 -0.25 -12.88
C ARG A 87 -1.93 -0.48 -13.87
N GLY A 88 -1.76 0.44 -14.82
CA GLY A 88 -0.67 0.31 -15.79
C GLY A 88 0.66 0.76 -15.23
N PHE A 89 0.63 1.55 -14.15
CA PHE A 89 1.84 2.04 -13.53
C PHE A 89 2.35 1.05 -12.51
N ILE A 90 1.61 -0.03 -12.34
CA ILE A 90 2.01 -1.07 -11.44
C ILE A 90 2.94 -1.98 -12.18
N SER A 91 4.12 -2.18 -11.63
CA SER A 91 5.12 -3.01 -12.29
C SER A 91 4.91 -4.48 -11.97
N GLU A 92 4.88 -5.31 -13.02
CA GLU A 92 4.75 -6.75 -12.81
C GLU A 92 6.05 -7.17 -12.14
N ASP A 93 7.15 -6.85 -12.81
CA ASP A 93 8.47 -7.07 -12.27
C ASP A 93 8.92 -5.74 -11.67
N LEU A 94 9.44 -5.78 -10.46
CA LEU A 94 9.84 -4.56 -9.79
C LEU A 94 10.82 -3.71 -10.60
N GLU A 95 12.06 -4.21 -10.73
CA GLU A 95 13.12 -3.47 -11.45
C GLU A 95 13.21 -2.05 -10.94
N GLY A 96 13.72 -1.94 -9.72
CA GLY A 96 13.88 -0.66 -9.02
C GLY A 96 14.42 -0.89 -7.62
N VAL A 97 15.73 -0.92 -7.51
CA VAL A 97 16.39 -1.15 -6.23
C VAL A 97 16.41 0.13 -5.42
N ASP A 98 15.88 1.18 -6.02
CA ASP A 98 15.78 2.49 -5.37
C ASP A 98 14.34 2.97 -5.49
N ALA A 99 13.66 3.10 -4.37
CA ALA A 99 12.29 3.55 -4.40
C ALA A 99 12.06 4.71 -3.47
N THR A 100 10.94 5.34 -3.67
CA THR A 100 10.55 6.48 -2.88
C THR A 100 9.25 6.17 -2.16
N LEU A 101 9.15 6.61 -0.93
CA LEU A 101 7.97 6.35 -0.13
C LEU A 101 7.15 7.60 0.10
N VAL A 102 5.88 7.55 -0.26
CA VAL A 102 5.01 8.68 -0.05
C VAL A 102 3.89 8.25 0.88
N VAL A 103 3.92 8.80 2.10
CA VAL A 103 2.96 8.46 3.13
C VAL A 103 1.89 9.52 3.32
N HIS A 104 0.66 9.06 3.48
CA HIS A 104 -0.48 9.95 3.71
C HIS A 104 -1.31 9.32 4.81
N SER A 105 -0.59 8.82 5.82
CA SER A 105 -1.20 8.15 6.97
C SER A 105 -1.16 9.01 8.24
N ASN A 106 -1.63 8.43 9.33
CA ASN A 106 -1.75 9.11 10.63
C ASN A 106 -0.53 9.94 11.05
N ASN A 107 0.66 9.35 11.16
CA ASN A 107 1.83 10.11 11.62
C ASN A 107 2.44 10.96 10.49
N PHE A 108 2.65 10.39 9.32
CA PHE A 108 3.19 11.16 8.21
C PHE A 108 2.11 11.37 7.16
N THR A 109 1.44 12.51 7.25
CA THR A 109 0.39 12.86 6.30
C THR A 109 0.95 13.77 5.21
N ASN A 110 1.18 13.20 4.03
CA ASN A 110 1.76 13.92 2.91
C ASN A 110 3.24 14.17 3.16
N THR A 111 3.98 13.07 3.06
CA THR A 111 5.42 13.07 3.26
C THR A 111 6.10 12.17 2.24
N ILE A 112 7.04 12.73 1.51
CA ILE A 112 7.77 11.98 0.50
C ILE A 112 9.23 11.84 0.93
N LEU A 113 9.70 10.60 0.96
CA LEU A 113 11.06 10.28 1.42
C LEU A 113 11.65 9.16 0.59
N GLU A 114 12.85 9.35 0.03
CA GLU A 114 13.46 8.29 -0.75
C GLU A 114 14.10 7.29 0.19
N VAL A 115 13.48 6.11 0.30
CA VAL A 115 13.97 5.08 1.21
C VAL A 115 15.22 4.42 0.66
N GLY A 116 15.31 4.33 -0.66
CA GLY A 116 16.50 3.78 -1.27
C GLY A 116 16.48 2.30 -1.58
N PRO A 117 17.38 1.54 -0.97
CA PRO A 117 17.54 0.11 -1.25
C PRO A 117 16.31 -0.76 -1.02
N VAL A 118 15.75 -1.17 -2.14
CA VAL A 118 14.61 -2.07 -2.16
C VAL A 118 15.13 -3.47 -2.35
N THR A 119 14.88 -4.32 -1.39
CA THR A 119 15.35 -5.69 -1.42
C THR A 119 14.24 -6.62 -0.95
N MET A 120 14.11 -7.79 -1.57
CA MET A 120 13.07 -8.71 -1.16
C MET A 120 13.55 -9.50 0.05
N ALA A 121 12.73 -9.55 1.09
CA ALA A 121 13.08 -10.26 2.31
C ALA A 121 12.52 -11.67 2.27
N GLY A 122 11.55 -11.90 1.39
CA GLY A 122 10.94 -13.21 1.26
C GLY A 122 9.89 -13.49 2.31
N LEU A 123 10.02 -14.66 2.95
CA LEU A 123 9.09 -15.10 3.99
C LEU A 123 9.59 -14.69 5.37
N ILE A 124 8.88 -13.78 6.00
CA ILE A 124 9.22 -13.32 7.35
C ILE A 124 7.95 -13.25 8.18
N ASN A 125 8.04 -12.76 9.39
CA ASN A 125 6.85 -12.68 10.24
C ASN A 125 6.39 -11.24 10.41
N LEU A 126 5.29 -10.90 9.75
CA LEU A 126 4.70 -9.58 9.89
C LEU A 126 3.84 -9.59 11.16
N SER A 127 4.27 -8.86 12.20
CA SER A 127 3.56 -8.84 13.47
C SER A 127 3.41 -10.27 14.04
N SER A 128 4.46 -11.08 13.85
CA SER A 128 4.52 -12.47 14.33
C SER A 128 3.72 -13.43 13.47
N THR A 129 3.27 -12.96 12.31
CA THR A 129 2.52 -13.80 11.37
C THR A 129 3.27 -13.93 10.04
N PRO A 130 3.64 -15.17 9.67
CA PRO A 130 4.38 -15.42 8.44
C PRO A 130 3.72 -14.85 7.20
N THR A 131 4.42 -13.91 6.59
CA THR A 131 3.98 -13.29 5.35
C THR A 131 5.08 -13.45 4.32
N ASN A 132 4.72 -13.62 3.05
CA ASN A 132 5.76 -13.80 2.04
C ASN A 132 5.85 -12.63 1.07
N ARG A 133 6.97 -12.59 0.37
CA ARG A 133 7.20 -11.58 -0.63
C ARG A 133 7.13 -10.18 -0.05
N MET A 134 7.72 -10.06 1.14
CA MET A 134 7.80 -8.79 1.85
C MET A 134 8.90 -7.93 1.22
N ILE A 135 8.54 -6.71 0.87
CA ILE A 135 9.50 -5.79 0.28
C ILE A 135 10.22 -5.04 1.39
N ARG A 136 11.53 -5.20 1.39
CA ARG A 136 12.34 -4.57 2.42
C ARG A 136 13.10 -3.36 1.90
N TYR A 137 12.91 -2.22 2.55
CA TYR A 137 13.70 -1.06 2.20
C TYR A 137 14.51 -0.72 3.44
N ASP A 138 15.82 -0.82 3.30
CA ASP A 138 16.71 -0.61 4.41
C ASP A 138 16.79 0.85 4.81
N TYR A 139 15.89 1.19 5.73
CA TYR A 139 15.78 2.52 6.27
C TYR A 139 14.90 2.47 7.50
N ALA A 140 15.33 3.08 8.57
CA ALA A 140 14.57 3.05 9.80
C ALA A 140 13.26 3.80 9.65
N THR A 141 12.21 3.03 9.43
CA THR A 141 10.87 3.56 9.29
C THR A 141 10.01 2.88 10.35
N LYS A 142 9.24 3.66 11.10
CA LYS A 142 8.48 3.09 12.20
C LYS A 142 6.97 3.31 12.13
N THR A 143 6.35 2.76 13.14
CA THR A 143 4.92 2.83 13.38
C THR A 143 4.35 4.22 13.02
N GLY A 144 3.08 4.26 12.61
CA GLY A 144 2.47 5.54 12.26
C GLY A 144 2.63 5.85 10.79
N GLN A 145 3.60 5.20 10.15
CA GLN A 145 3.84 5.42 8.73
C GLN A 145 3.29 4.29 7.86
N CYS A 146 2.56 3.31 8.41
CA CYS A 146 2.10 2.24 7.53
C CYS A 146 0.88 2.66 6.73
N GLY A 147 0.87 2.22 5.48
CA GLY A 147 -0.15 2.59 4.51
C GLY A 147 0.48 3.37 3.37
N GLY A 148 1.68 3.90 3.62
CA GLY A 148 2.40 4.68 2.62
C GLY A 148 2.65 3.90 1.35
N VAL A 149 2.71 4.62 0.23
CA VAL A 149 2.93 4.02 -1.08
C VAL A 149 4.40 4.04 -1.48
N LEU A 150 4.92 2.85 -1.77
CA LEU A 150 6.30 2.70 -2.22
C LEU A 150 6.30 2.72 -3.72
N CYS A 151 6.82 3.80 -4.28
CA CYS A 151 6.81 3.94 -5.71
C CYS A 151 8.04 4.66 -6.22
N ALA A 152 8.04 4.82 -7.53
CA ALA A 152 9.10 5.51 -8.23
C ALA A 152 8.48 6.18 -9.45
N THR A 153 9.25 6.87 -10.24
CA THR A 153 8.65 7.52 -11.40
C THR A 153 8.11 6.50 -12.39
N GLY A 154 6.79 6.55 -12.59
CA GLY A 154 6.12 5.65 -13.53
C GLY A 154 6.05 4.20 -13.08
N LYS A 155 6.21 3.95 -11.79
CA LYS A 155 6.15 2.58 -11.31
C LYS A 155 5.85 2.50 -9.82
N ILE A 156 5.00 1.54 -9.46
CA ILE A 156 4.62 1.28 -8.08
C ILE A 156 5.16 -0.09 -7.66
N PHE A 157 5.74 -0.19 -6.48
CA PHE A 157 6.30 -1.47 -6.04
C PHE A 157 5.43 -2.14 -5.00
N GLY A 158 4.88 -1.35 -4.09
CA GLY A 158 4.03 -1.88 -3.05
C GLY A 158 3.61 -0.82 -2.05
N ILE A 159 2.99 -1.25 -0.96
CA ILE A 159 2.57 -0.32 0.06
C ILE A 159 3.11 -0.71 1.43
N HIS A 160 3.47 0.30 2.18
CA HIS A 160 4.03 0.14 3.53
C HIS A 160 3.04 -0.55 4.46
N VAL A 161 3.34 -1.78 4.88
CA VAL A 161 2.45 -2.48 5.79
C VAL A 161 3.02 -2.48 7.19
N GLY A 162 4.33 -2.36 7.28
CA GLY A 162 5.00 -2.31 8.55
C GLY A 162 6.48 -2.03 8.43
N GLY A 163 7.22 -2.62 9.32
CA GLY A 163 8.65 -2.44 9.32
C GLY A 163 9.29 -3.12 10.49
N ASN A 164 10.58 -3.28 10.41
CA ASN A 164 11.30 -3.92 11.49
C ASN A 164 12.60 -3.18 11.79
N GLY A 165 12.55 -2.37 12.84
CA GLY A 165 13.73 -1.63 13.25
C GLY A 165 14.28 -0.67 12.20
N ARG A 166 15.47 -1.01 11.64
CA ARG A 166 16.13 -0.17 10.65
C ARG A 166 15.75 -0.57 9.24
N GLN A 167 14.65 -1.30 9.14
CA GLN A 167 14.16 -1.77 7.85
C GLN A 167 12.66 -1.55 7.74
N GLY A 168 12.23 -0.92 6.66
CA GLY A 168 10.81 -0.74 6.46
C GLY A 168 10.27 -1.91 5.68
N PHE A 169 9.05 -2.33 5.96
CA PHE A 169 8.54 -3.48 5.25
C PHE A 169 7.21 -3.22 4.61
N SER A 170 7.17 -3.50 3.31
CA SER A 170 5.99 -3.34 2.51
C SER A 170 5.66 -4.66 1.83
N ALA A 171 4.49 -4.73 1.22
CA ALA A 171 4.08 -5.93 0.51
C ALA A 171 4.13 -5.63 -0.98
N GLN A 172 4.60 -6.59 -1.77
CA GLN A 172 4.74 -6.36 -3.20
C GLN A 172 3.42 -6.26 -3.94
N LEU A 173 3.18 -5.10 -4.55
CA LEU A 173 2.01 -4.91 -5.37
C LEU A 173 2.46 -5.11 -6.81
N LYS A 174 2.66 -6.38 -7.18
CA LYS A 174 3.08 -6.70 -8.54
C LYS A 174 1.85 -6.75 -9.45
N LYS A 175 2.01 -6.26 -10.66
CA LYS A 175 0.90 -6.20 -11.61
C LYS A 175 0.16 -7.53 -11.75
N GLN A 176 0.83 -8.64 -11.42
CA GLN A 176 0.24 -9.98 -11.52
C GLN A 176 -1.09 -10.12 -10.75
N TYR A 177 -1.31 -9.26 -9.76
CA TYR A 177 -2.52 -9.34 -8.93
C TYR A 177 -3.62 -8.38 -9.39
N PHE A 178 -3.29 -7.38 -10.19
CA PHE A 178 -4.28 -6.36 -10.53
C PHE A 178 -4.82 -6.36 -11.96
N VAL A 179 -4.29 -7.19 -12.86
CA VAL A 179 -4.84 -7.24 -14.22
C VAL A 179 -5.94 -8.27 -14.24
N GLU A 180 -5.90 -9.13 -13.21
CA GLU A 180 -6.85 -10.21 -13.01
C GLU A 180 -8.29 -9.73 -12.91
N LYS A 181 -8.54 -8.85 -11.94
CA LYS A 181 -9.88 -8.34 -11.70
C LYS A 181 -10.18 -7.04 -12.44
N GLN A 182 -11.29 -7.07 -13.16
CA GLN A 182 -11.79 -5.90 -13.88
C GLN A 182 -13.31 -5.94 -13.92
C ACE B 1 14.06 -12.34 10.05
O ACE B 1 14.74 -12.01 11.02
CH3 ACE B 1 14.34 -13.65 9.36
H1 ACE B 1 14.75 -14.35 10.07
H2 ACE B 1 15.04 -13.50 8.55
H3 ACE B 1 13.41 -14.04 8.97
N LEU B 2 12.87 -11.83 9.81
CA LEU B 2 12.48 -10.58 10.44
C LEU B 2 11.07 -10.65 10.99
N GLU B 3 10.87 -10.10 12.17
CA GLU B 3 9.54 -9.98 12.68
C GLU B 3 9.22 -8.52 12.56
N ALA B 4 8.66 -8.15 11.42
CA ALA B 4 8.34 -6.78 11.17
C ALA B 4 6.88 -6.56 11.51
N LEU B 5 6.66 -5.58 12.35
CA LEU B 5 5.34 -5.27 12.82
C LEU B 5 4.58 -4.32 11.92
N PHE B 6 3.26 -4.34 12.05
CA PHE B 6 2.44 -3.41 11.30
C PHE B 6 2.81 -2.03 11.77
N YTF B 7 2.77 -1.04 10.90
CA YTF B 7 3.12 0.27 11.34
CB YTF B 7 4.46 0.69 10.76
CG YTF B 7 5.63 -0.10 11.37
CD YTF B 7 6.98 0.28 10.80
OE1 YTF B 7 7.07 0.81 9.70
NE2 YTF B 7 8.05 0.00 11.56
C YTF B 7 2.00 1.32 11.07
CX6 YTF B 7 1.20 1.48 12.35
CX7 YTF B 7 0.38 2.73 12.36
OX8 YTF B 7 0.41 3.48 11.39
OX9 YTF B 7 -0.32 2.97 13.36
CJ1 YTF B 7 -1.20 4.22 13.48
CJ2 YTF B 7 -2.03 4.44 14.73
H YTF B 7 2.52 -1.20 9.96
HA YTF B 7 3.23 0.20 12.41
HB2 YTF B 7 4.46 0.51 9.69
HB3 YTF B 7 4.64 1.74 10.94
HG2 YTF B 7 5.64 0.09 12.44
HG3 YTF B 7 5.46 -1.15 11.20
HE22 YTF B 7 8.94 0.23 11.19
HE21 YTF B 7 7.90 -0.40 12.43
H1 YTF B 7 2.48 2.26 10.85
H31 YTF B 7 1.87 1.52 13.20
H3 YTF B 7 0.54 0.63 12.47
H4 YTF B 7 -1.89 4.22 12.65
H5 YTF B 7 -0.56 5.07 13.38
H7 YTF B 7 -1.73 5.37 15.18
H8 YTF B 7 -1.87 3.63 15.42
H6 YTF B 7 -3.07 4.49 14.44
#